data_9IN6
#
_entry.id   9IN6
#
_cell.length_a   1.00
_cell.length_b   1.00
_cell.length_c   1.00
_cell.angle_alpha   90.00
_cell.angle_beta   90.00
_cell.angle_gamma   90.00
#
_symmetry.space_group_name_H-M   'P 1'
#
loop_
_entity.id
_entity.type
_entity.pdbx_description
1 polymer 'major capsid of VP1'
2 polymer 'SHP of VP1'
#
loop_
_entity_poly.entity_id
_entity_poly.type
_entity_poly.pdbx_seq_one_letter_code
_entity_poly.pdbx_strand_id
1 'polypeptide(L)'
;MATIAGLRGTGDWGNQERPTDFRETILWMEPNGQAPLQALMSKMSSQPTTDPEFSWWEEKLTHNRLEVKTEAAAGVTTLA
VDTDQAWACVKGDILMVESVGGLWANEILKVVEDPTAGNALKVARGFAGTTAAVIPAGTFIIAIGTSFAEGSLAPKSATR
NPVKLNNFCQIFKKSYEITKTADATKARTGSALANDKKRRMFDYYRDVEMAFIYGRKSETVGENGKPERTTGGLLNFITT
NRTQFGTGAGKTELTEDSLIDFFANVFNYDGQGAGNQRIAFVGNTALTKINKLARNSPSTRINFDKQVTQVYGMNFTRWV
LPQGEIFFKTHPLFNVHPELSKAMMVLNPKGIKERVLRATKPENDIQQVGQDSIKGQWIGEFGLEVNHEETMAFAGGIA
;
M,N,O,P,Q,R,T
2 'polypeptide(L)'
;MLVHYGKLSDMPTVVDVNTTMGTDVPEDLLEIYVGCYAADGKTPAAGTGVLTFHGSWNGVHKRLIGTVDLAAAGEVIAYN
PPLMFGGCKKLFVSYTGVGTQIVDVYVHRGE
;
c
#
# COMPACT_ATOMS: atom_id res chain seq x y z
N ALA A 2 -76.42 -48.48 4.42
CA ALA A 2 -76.37 -49.46 3.34
C ALA A 2 -75.54 -50.67 3.73
N THR A 3 -75.13 -51.45 2.74
CA THR A 3 -74.26 -52.59 2.94
C THR A 3 -72.92 -52.32 2.26
N ILE A 4 -71.85 -52.75 2.91
CA ILE A 4 -70.49 -52.47 2.45
C ILE A 4 -69.94 -53.74 1.82
N ALA A 5 -69.52 -53.65 0.57
CA ALA A 5 -68.87 -54.76 -0.12
C ALA A 5 -67.36 -54.57 -0.04
N GLY A 6 -66.64 -55.66 0.23
CA GLY A 6 -65.21 -55.58 0.37
C GLY A 6 -64.80 -55.11 1.75
N LEU A 7 -63.52 -54.77 1.87
CA LEU A 7 -62.98 -54.34 3.15
C LEU A 7 -63.54 -52.98 3.53
N ARG A 8 -63.61 -52.74 4.84
CA ARG A 8 -64.17 -51.50 5.37
C ARG A 8 -63.05 -50.53 5.74
N GLY A 9 -63.16 -49.30 5.25
CA GLY A 9 -62.25 -48.24 5.62
C GLY A 9 -63.02 -47.02 6.10
N THR A 10 -62.27 -45.98 6.45
CA THR A 10 -62.90 -44.73 6.85
C THR A 10 -63.72 -44.19 5.70
N GLY A 11 -64.84 -43.56 6.03
CA GLY A 11 -65.80 -43.18 5.02
C GLY A 11 -66.86 -44.21 4.75
N ASP A 12 -66.77 -45.39 5.37
CA ASP A 12 -67.80 -46.40 5.29
C ASP A 12 -68.78 -46.36 6.46
N TRP A 13 -68.50 -45.59 7.50
CA TRP A 13 -69.51 -45.41 8.53
C TRP A 13 -70.66 -44.56 8.00
N GLY A 14 -71.76 -44.60 8.73
CA GLY A 14 -72.89 -43.75 8.43
C GLY A 14 -72.71 -42.37 8.98
N ASN A 15 -73.77 -41.58 8.86
CA ASN A 15 -73.73 -40.20 9.34
C ASN A 15 -73.55 -40.15 10.85
N GLN A 16 -72.65 -39.27 11.30
CA GLN A 16 -72.36 -38.96 12.69
C GLN A 16 -71.72 -40.12 13.46
N GLU A 17 -71.50 -41.27 12.84
CA GLU A 17 -70.82 -42.35 13.54
C GLU A 17 -69.37 -42.00 13.82
N ARG A 18 -68.73 -41.32 12.89
CA ARG A 18 -67.32 -40.99 13.00
C ARG A 18 -67.15 -39.51 13.25
N PRO A 19 -66.77 -39.10 14.45
CA PRO A 19 -66.30 -37.73 14.65
C PRO A 19 -64.82 -37.62 14.30
N THR A 20 -64.41 -36.41 13.97
CA THR A 20 -63.01 -36.18 13.69
C THR A 20 -62.31 -35.77 14.98
N ASP A 21 -61.04 -35.38 14.90
CA ASP A 21 -60.27 -34.97 16.05
C ASP A 21 -60.36 -33.46 16.20
N PHE A 22 -60.63 -33.00 17.42
CA PHE A 22 -60.78 -31.59 17.70
C PHE A 22 -59.92 -31.19 18.89
N ARG A 23 -59.40 -29.97 18.84
CA ARG A 23 -58.68 -29.39 19.97
C ARG A 23 -59.66 -28.49 20.72
N GLU A 24 -60.07 -28.93 21.90
CA GLU A 24 -61.16 -28.29 22.63
C GLU A 24 -60.65 -27.11 23.44
N THR A 25 -60.35 -26.03 22.72
CA THR A 25 -59.93 -24.77 23.33
C THR A 25 -59.87 -23.72 22.23
N ILE A 26 -59.63 -22.48 22.65
CA ILE A 26 -59.44 -21.37 21.72
C ILE A 26 -58.07 -20.77 21.98
N LEU A 27 -57.30 -20.56 20.92
CA LEU A 27 -56.00 -19.94 21.01
C LEU A 27 -56.14 -18.46 20.72
N TRP A 28 -55.80 -17.62 21.70
CA TRP A 28 -56.05 -16.19 21.62
C TRP A 28 -54.85 -15.43 21.09
N MET A 29 -55.13 -14.32 20.42
CA MET A 29 -54.13 -13.42 19.87
C MET A 29 -54.33 -12.06 20.52
N GLU A 30 -53.25 -11.46 21.01
CA GLU A 30 -53.38 -10.13 21.58
C GLU A 30 -52.36 -9.19 20.93
N PRO A 31 -52.66 -7.89 20.91
CA PRO A 31 -51.67 -6.93 20.43
C PRO A 31 -50.40 -6.98 21.26
N ASN A 32 -49.26 -6.77 20.60
CA ASN A 32 -47.96 -6.91 21.21
C ASN A 32 -47.23 -5.58 21.20
N GLY A 33 -46.68 -5.19 22.34
CA GLY A 33 -45.94 -3.95 22.45
C GLY A 33 -45.18 -3.91 23.75
N GLN A 34 -44.30 -2.91 23.86
CA GLN A 34 -43.46 -2.80 25.05
C GLN A 34 -44.25 -2.30 26.25
N ALA A 35 -45.12 -1.32 26.04
CA ALA A 35 -45.93 -0.77 27.10
C ALA A 35 -47.10 -1.70 27.43
N PRO A 36 -47.75 -1.51 28.57
CA PRO A 36 -49.01 -2.22 28.83
C PRO A 36 -50.05 -1.83 27.81
N LEU A 37 -51.04 -2.72 27.64
CA LEU A 37 -52.07 -2.49 26.62
C LEU A 37 -52.80 -1.18 26.87
N GLN A 38 -53.10 -0.88 28.14
CA GLN A 38 -53.73 0.38 28.51
C GLN A 38 -52.65 1.33 29.00
N ALA A 39 -51.78 1.72 28.07
CA ALA A 39 -50.52 2.35 28.43
C ALA A 39 -50.72 3.72 29.06
N LEU A 40 -51.51 4.58 28.40
CA LEU A 40 -51.70 5.93 28.92
C LEU A 40 -52.34 5.90 30.30
N MET A 41 -53.30 5.01 30.51
CA MET A 41 -53.99 4.93 31.80
C MET A 41 -53.07 4.45 32.90
N SER A 42 -51.90 3.91 32.57
CA SER A 42 -50.97 3.39 33.56
C SER A 42 -49.89 4.38 33.94
N LYS A 43 -49.88 5.58 33.35
CA LYS A 43 -48.91 6.60 33.68
C LYS A 43 -49.52 7.78 34.42
N MET A 44 -50.80 7.71 34.76
CA MET A 44 -51.50 8.82 35.40
C MET A 44 -52.01 8.37 36.77
N SER A 45 -52.05 9.32 37.69
CA SER A 45 -52.64 9.08 39.00
C SER A 45 -54.14 9.36 38.96
N SER A 46 -54.81 9.04 40.05
CA SER A 46 -56.26 9.20 40.16
C SER A 46 -56.59 10.19 41.26
N GLN A 47 -57.78 10.77 41.17
CA GLN A 47 -58.25 11.71 42.17
C GLN A 47 -59.76 11.85 42.09
N PRO A 48 -60.47 11.75 43.21
CA PRO A 48 -61.92 11.84 43.17
C PRO A 48 -62.40 13.23 42.78
N THR A 49 -63.64 13.28 42.29
CA THR A 49 -64.28 14.52 41.91
C THR A 49 -65.68 14.56 42.49
N THR A 50 -66.14 15.76 42.84
CA THR A 50 -67.45 15.95 43.42
C THR A 50 -68.47 16.50 42.43
N ASP A 51 -68.14 16.55 41.15
CA ASP A 51 -69.02 17.12 40.15
C ASP A 51 -68.65 16.55 38.79
N PRO A 52 -69.58 16.53 37.84
CA PRO A 52 -69.22 16.15 36.47
C PRO A 52 -68.31 17.15 35.77
N GLU A 53 -67.95 18.25 36.40
CA GLU A 53 -67.08 19.26 35.79
C GLU A 53 -66.05 19.71 36.82
N PHE A 54 -64.83 20.00 36.35
CA PHE A 54 -63.75 20.42 37.23
C PHE A 54 -62.86 21.43 36.50
N SER A 55 -62.22 22.30 37.29
CA SER A 55 -61.46 23.41 36.73
C SER A 55 -60.17 23.61 37.51
N TRP A 56 -59.20 24.27 36.86
CA TRP A 56 -57.92 24.58 37.48
C TRP A 56 -57.34 25.83 36.83
N TRP A 57 -56.34 26.42 37.48
CA TRP A 57 -55.76 27.69 37.05
C TRP A 57 -54.25 27.56 36.84
N GLU A 58 -53.74 28.30 35.86
CA GLU A 58 -52.32 28.28 35.52
C GLU A 58 -51.84 29.70 35.23
N GLU A 59 -50.56 29.94 35.50
CA GLU A 59 -49.95 31.24 35.26
C GLU A 59 -48.46 31.07 35.02
N LYS A 60 -47.87 31.97 34.23
CA LYS A 60 -46.45 31.95 33.94
C LYS A 60 -45.83 33.32 34.18
N LEU A 61 -44.52 33.32 34.40
CA LEU A 61 -43.74 34.53 34.61
C LEU A 61 -42.75 34.67 33.47
N THR A 62 -42.78 35.81 32.77
CA THR A 62 -41.98 36.00 31.58
C THR A 62 -41.53 37.44 31.49
N HIS A 63 -40.97 37.82 30.35
CA HIS A 63 -40.56 39.18 30.09
C HIS A 63 -41.76 40.09 29.91
N ASN A 64 -41.53 41.39 30.00
CA ASN A 64 -42.54 42.41 29.73
C ASN A 64 -42.24 42.99 28.36
N ARG A 65 -42.90 42.45 27.34
CA ARG A 65 -42.57 42.74 25.96
C ARG A 65 -43.76 43.39 25.25
N LEU A 66 -43.47 44.42 24.47
CA LEU A 66 -44.48 45.19 23.75
C LEU A 66 -44.16 45.22 22.28
N GLU A 67 -45.18 45.46 21.45
CA GLU A 67 -45.02 45.54 20.01
C GLU A 67 -45.62 46.84 19.50
N VAL A 68 -44.85 47.55 18.68
CA VAL A 68 -45.32 48.77 18.04
C VAL A 68 -46.20 48.39 16.84
N LYS A 69 -47.17 49.25 16.53
CA LYS A 69 -48.09 48.99 15.44
C LYS A 69 -48.06 50.04 14.33
N THR A 70 -47.52 51.22 14.59
CA THR A 70 -47.49 52.28 13.59
C THR A 70 -46.07 52.81 13.45
N GLU A 71 -45.79 53.33 12.26
CA GLU A 71 -44.45 53.85 11.98
C GLU A 71 -44.18 55.06 12.87
N ALA A 72 -43.04 55.07 13.53
CA ALA A 72 -42.67 56.13 14.47
C ALA A 72 -41.37 56.76 14.02
N ALA A 73 -41.43 58.02 13.62
CA ALA A 73 -40.23 58.74 13.25
C ALA A 73 -39.50 59.21 14.49
N ALA A 74 -38.22 59.55 14.32
CA ALA A 74 -37.45 60.12 15.42
C ALA A 74 -38.04 61.47 15.80
N GLY A 75 -38.12 61.72 17.10
CA GLY A 75 -38.71 62.95 17.60
C GLY A 75 -40.20 62.87 17.90
N VAL A 76 -40.84 61.74 17.62
CA VAL A 76 -42.24 61.54 17.94
C VAL A 76 -42.32 60.88 19.31
N THR A 77 -42.94 61.56 20.27
CA THR A 77 -42.92 61.14 21.65
C THR A 77 -44.12 60.29 22.05
N THR A 78 -44.99 59.94 21.12
CA THR A 78 -46.15 59.10 21.41
C THR A 78 -46.15 57.90 20.48
N LEU A 79 -46.31 56.71 21.07
CA LEU A 79 -46.24 55.46 20.32
C LEU A 79 -47.56 54.71 20.46
N ALA A 80 -47.83 53.85 19.47
CA ALA A 80 -49.03 53.02 19.47
C ALA A 80 -48.61 51.56 19.56
N VAL A 81 -49.27 50.82 20.45
CA VAL A 81 -48.96 49.43 20.71
C VAL A 81 -50.23 48.60 20.52
N ASP A 82 -50.12 47.30 20.77
CA ASP A 82 -51.27 46.43 20.66
C ASP A 82 -52.25 46.69 21.80
N THR A 83 -53.39 45.99 21.74
CA THR A 83 -54.46 46.22 22.70
C THR A 83 -54.03 45.83 24.11
N ASP A 84 -54.26 46.73 25.06
CA ASP A 84 -54.03 46.51 26.48
C ASP A 84 -52.57 46.24 26.81
N GLN A 85 -51.65 46.51 25.89
CA GLN A 85 -50.24 46.30 26.20
C GLN A 85 -49.61 47.45 26.96
N ALA A 86 -50.26 48.62 26.96
CA ALA A 86 -49.73 49.77 27.68
C ALA A 86 -50.08 49.74 29.17
N TRP A 87 -51.01 48.90 29.59
CA TRP A 87 -51.39 48.86 30.99
C TRP A 87 -50.30 48.29 31.88
N ALA A 88 -49.28 47.64 31.32
CA ALA A 88 -48.26 46.96 32.08
C ALA A 88 -47.03 47.81 32.34
N CYS A 89 -47.06 49.07 31.94
CA CYS A 89 -45.92 49.97 32.12
C CYS A 89 -46.36 51.21 32.88
N VAL A 90 -45.51 51.68 33.80
CA VAL A 90 -45.77 52.88 34.58
C VAL A 90 -44.60 53.82 34.40
N LYS A 91 -44.78 55.05 34.89
CA LYS A 91 -43.74 56.06 34.77
C LYS A 91 -42.47 55.60 35.48
N GLY A 92 -41.34 55.78 34.79
CA GLY A 92 -40.06 55.36 35.32
C GLY A 92 -39.53 54.07 34.73
N ASP A 93 -40.22 53.47 33.78
CA ASP A 93 -39.74 52.25 33.15
C ASP A 93 -38.78 52.55 32.02
N ILE A 94 -37.77 51.70 31.86
CA ILE A 94 -36.78 51.83 30.81
C ILE A 94 -37.04 50.76 29.76
N LEU A 95 -37.18 51.18 28.51
CA LEU A 95 -37.48 50.27 27.41
C LEU A 95 -36.39 50.38 26.35
N MET A 96 -36.18 49.28 25.63
CA MET A 96 -35.17 49.23 24.58
C MET A 96 -35.79 48.72 23.29
N VAL A 97 -35.29 49.23 22.18
CA VAL A 97 -35.69 48.76 20.86
C VAL A 97 -34.93 47.49 20.53
N GLU A 98 -35.65 46.45 20.14
CA GLU A 98 -35.04 45.16 19.88
C GLU A 98 -34.47 45.09 18.47
N SER A 99 -33.62 44.08 18.25
CA SER A 99 -33.10 43.75 16.94
C SER A 99 -32.66 42.30 16.96
N VAL A 100 -32.39 41.75 15.78
CA VAL A 100 -32.12 40.33 15.65
C VAL A 100 -30.84 39.95 16.40
N GLY A 101 -30.87 38.80 17.06
CA GLY A 101 -29.74 38.34 17.84
C GLY A 101 -29.58 39.17 19.10
N GLY A 102 -28.43 38.98 19.75
CA GLY A 102 -28.03 39.81 20.87
C GLY A 102 -27.54 41.15 20.39
N LEU A 103 -26.55 41.70 21.10
CA LEU A 103 -26.00 43.01 20.80
C LEU A 103 -27.10 44.04 20.62
N TRP A 104 -27.81 44.29 21.71
CA TRP A 104 -28.82 45.33 21.75
C TRP A 104 -28.14 46.62 22.18
N ALA A 105 -27.57 47.31 21.21
CA ALA A 105 -26.96 48.62 21.41
C ALA A 105 -27.83 49.70 20.76
N ASN A 106 -29.13 49.56 20.88
CA ASN A 106 -30.09 50.37 20.18
C ASN A 106 -30.58 51.51 21.06
N GLU A 107 -31.58 52.23 20.58
CA GLU A 107 -32.13 53.36 21.31
C GLU A 107 -32.85 52.90 22.57
N ILE A 108 -32.79 53.74 23.60
CA ILE A 108 -33.42 53.46 24.89
C ILE A 108 -34.47 54.52 25.14
N LEU A 109 -35.65 54.09 25.58
CA LEU A 109 -36.78 54.98 25.86
C LEU A 109 -37.09 54.95 27.35
N LYS A 110 -37.71 56.02 27.84
CA LYS A 110 -38.19 56.09 29.21
C LYS A 110 -39.62 56.59 29.20
N VAL A 111 -40.49 55.91 29.96
CA VAL A 111 -41.88 56.32 30.10
C VAL A 111 -41.94 57.50 31.05
N VAL A 112 -42.53 58.60 30.59
CA VAL A 112 -42.54 59.85 31.35
C VAL A 112 -43.91 60.24 31.84
N GLU A 113 -44.92 59.38 31.68
CA GLU A 113 -46.27 59.74 32.08
C GLU A 113 -47.12 58.47 32.10
N ASP A 114 -47.91 58.31 33.17
CA ASP A 114 -48.69 57.09 33.33
C ASP A 114 -49.71 56.96 32.21
N PRO A 115 -49.80 55.81 31.54
CA PRO A 115 -50.74 55.67 30.42
C PRO A 115 -52.18 55.86 30.87
N THR A 116 -52.97 56.49 30.02
CA THR A 116 -54.41 56.62 30.23
C THR A 116 -55.21 55.79 29.24
N ALA A 117 -54.56 55.19 28.24
CA ALA A 117 -55.21 54.31 27.29
C ALA A 117 -54.39 53.05 27.15
N GLY A 118 -55.04 51.96 26.75
CA GLY A 118 -54.36 50.69 26.67
C GLY A 118 -53.47 50.49 25.48
N ASN A 119 -53.45 51.43 24.53
CA ASN A 119 -52.64 51.29 23.33
C ASN A 119 -51.84 52.56 23.01
N ALA A 120 -51.53 53.37 24.01
CA ALA A 120 -50.77 54.58 23.79
C ALA A 120 -49.71 54.73 24.88
N LEU A 121 -48.55 55.26 24.50
CA LEU A 121 -47.45 55.45 25.43
C LEU A 121 -46.76 56.78 25.13
N LYS A 122 -46.40 57.49 26.19
CA LYS A 122 -45.64 58.74 26.09
C LYS A 122 -44.24 58.49 26.62
N VAL A 123 -43.24 58.74 25.78
CA VAL A 123 -41.86 58.36 26.10
C VAL A 123 -40.93 59.52 25.82
N ALA A 124 -39.74 59.45 26.42
CA ALA A 124 -38.63 60.34 26.10
C ALA A 124 -37.65 59.56 25.24
N ARG A 125 -37.30 60.12 24.09
CA ARG A 125 -36.48 59.44 23.10
C ARG A 125 -35.03 59.85 23.24
N GLY A 126 -34.13 58.91 22.93
CA GLY A 126 -32.72 59.16 23.10
C GLY A 126 -32.27 59.18 24.54
N PHE A 127 -32.96 58.47 25.42
CA PHE A 127 -32.62 58.46 26.83
C PHE A 127 -31.26 57.83 27.07
N ALA A 128 -30.59 58.28 28.13
CA ALA A 128 -29.28 57.76 28.53
C ALA A 128 -28.22 57.95 27.45
N GLY A 129 -28.32 59.03 26.68
CA GLY A 129 -27.28 59.36 25.73
C GLY A 129 -27.31 58.57 24.44
N THR A 130 -28.32 57.72 24.23
CA THR A 130 -28.42 56.99 22.98
C THR A 130 -28.90 57.92 21.87
N THR A 131 -28.96 57.37 20.65
CA THR A 131 -29.34 58.14 19.48
C THR A 131 -30.75 57.78 19.07
N ALA A 132 -31.61 58.78 18.95
CA ALA A 132 -32.97 58.55 18.48
C ALA A 132 -32.96 58.12 17.02
N ALA A 133 -33.77 57.11 16.72
CA ALA A 133 -33.80 56.56 15.37
C ALA A 133 -35.23 56.17 15.03
N VAL A 134 -35.47 55.93 13.75
CA VAL A 134 -36.81 55.60 13.29
C VAL A 134 -37.20 54.21 13.76
N ILE A 135 -38.40 54.09 14.32
CA ILE A 135 -38.92 52.81 14.80
C ILE A 135 -39.87 52.27 13.74
N PRO A 136 -39.55 51.16 13.08
CA PRO A 136 -40.44 50.61 12.05
C PRO A 136 -41.78 50.13 12.57
N ALA A 137 -42.61 49.62 11.67
CA ALA A 137 -43.99 49.32 12.01
C ALA A 137 -44.10 48.19 13.04
N GLY A 138 -43.41 47.08 12.80
CA GLY A 138 -43.60 45.91 13.62
C GLY A 138 -42.54 45.66 14.68
N THR A 139 -41.79 46.69 15.02
CA THR A 139 -40.66 46.51 15.94
C THR A 139 -41.15 46.20 17.35
N PHE A 140 -40.42 45.31 18.03
CA PHE A 140 -40.71 44.97 19.41
C PHE A 140 -39.93 45.86 20.37
N ILE A 141 -40.44 45.94 21.60
CA ILE A 141 -39.87 46.77 22.64
C ILE A 141 -39.92 46.00 23.95
N ILE A 142 -38.81 46.01 24.70
CA ILE A 142 -38.70 45.22 25.92
C ILE A 142 -38.23 46.13 27.06
N ALA A 143 -38.64 45.78 28.27
CA ALA A 143 -38.31 46.56 29.46
C ALA A 143 -37.03 46.03 30.09
N ILE A 144 -36.12 46.95 30.44
CA ILE A 144 -34.80 46.56 30.92
C ILE A 144 -34.47 47.18 32.27
N GLY A 145 -35.46 47.68 32.98
CA GLY A 145 -35.20 48.15 34.33
C GLY A 145 -36.05 49.37 34.66
N THR A 146 -35.57 50.11 35.65
CA THR A 146 -36.29 51.24 36.24
C THR A 146 -35.30 52.29 36.70
N SER A 147 -35.65 53.56 36.50
CA SER A 147 -34.78 54.67 36.85
C SER A 147 -35.58 55.74 37.59
N PHE A 148 -34.95 56.34 38.61
CA PHE A 148 -35.59 57.38 39.41
C PHE A 148 -34.57 58.41 39.83
N ALA A 149 -35.05 59.63 40.05
CA ALA A 149 -34.20 60.70 40.55
C ALA A 149 -34.13 60.66 42.07
N GLU A 150 -33.20 61.43 42.62
CA GLU A 150 -33.03 61.48 44.07
C GLU A 150 -34.22 62.16 44.73
N GLY A 151 -34.63 61.63 45.88
CA GLY A 151 -35.70 62.22 46.65
C GLY A 151 -37.00 62.32 45.89
N SER A 152 -37.36 61.28 45.15
CA SER A 152 -38.55 61.27 44.31
C SER A 152 -39.64 60.45 45.00
N LEU A 153 -40.75 60.28 44.28
CA LEU A 153 -41.92 59.59 44.81
C LEU A 153 -41.97 58.15 44.33
N ALA A 154 -42.77 57.35 45.03
CA ALA A 154 -42.93 55.95 44.68
C ALA A 154 -43.76 55.81 43.41
N PRO A 155 -43.52 54.76 42.63
CA PRO A 155 -44.23 54.58 41.36
C PRO A 155 -45.64 54.04 41.57
N LYS A 156 -46.30 53.77 40.45
CA LYS A 156 -47.61 53.15 40.41
C LYS A 156 -47.46 51.64 40.31
N SER A 157 -48.57 50.93 40.51
CA SER A 157 -48.56 49.47 40.54
C SER A 157 -49.42 48.89 39.42
N ALA A 158 -49.20 47.60 39.15
CA ALA A 158 -49.93 46.87 38.14
C ALA A 158 -49.76 45.37 38.40
N THR A 159 -50.77 44.59 37.98
CA THR A 159 -50.75 43.14 38.18
C THR A 159 -51.43 42.47 36.99
N ARG A 160 -51.62 41.16 37.11
CA ARG A 160 -52.23 40.33 36.07
C ARG A 160 -53.04 39.23 36.73
N ASN A 161 -53.64 38.37 35.90
CA ASN A 161 -54.54 37.33 36.36
C ASN A 161 -54.17 35.99 35.72
N PRO A 162 -54.52 34.87 36.37
CA PRO A 162 -54.25 33.56 35.79
C PRO A 162 -55.22 33.17 34.69
N VAL A 163 -55.11 31.93 34.18
CA VAL A 163 -55.94 31.41 33.11
C VAL A 163 -56.63 30.15 33.59
N LYS A 164 -57.89 29.96 33.20
CA LYS A 164 -58.71 28.86 33.67
C LYS A 164 -58.94 27.83 32.57
N LEU A 165 -58.96 26.56 32.97
CA LEU A 165 -59.26 25.45 32.07
C LEU A 165 -60.21 24.48 32.79
N ASN A 166 -60.96 23.72 32.00
CA ASN A 166 -61.92 22.78 32.58
C ASN A 166 -62.12 21.59 31.65
N ASN A 167 -62.83 20.58 32.15
CA ASN A 167 -63.13 19.37 31.40
C ASN A 167 -64.37 18.72 31.99
N PHE A 168 -64.83 17.65 31.34
CA PHE A 168 -66.05 16.95 31.72
C PHE A 168 -65.77 15.48 32.01
N CYS A 169 -66.79 14.80 32.53
CA CYS A 169 -66.78 13.36 32.72
C CYS A 169 -67.73 12.69 31.72
N GLN A 170 -67.42 11.45 31.39
CA GLN A 170 -68.16 10.69 30.38
C GLN A 170 -68.56 9.34 30.95
N ILE A 171 -69.74 8.86 30.54
CA ILE A 171 -70.29 7.60 31.01
C ILE A 171 -70.05 6.53 29.96
N PHE A 172 -69.42 5.42 30.36
CA PHE A 172 -69.16 4.29 29.50
C PHE A 172 -69.98 3.09 29.96
N LYS A 173 -70.48 2.32 29.00
CA LYS A 173 -71.27 1.13 29.30
C LYS A 173 -70.98 0.04 28.28
N LYS A 174 -71.09 -1.21 28.72
CA LYS A 174 -70.85 -2.38 27.88
C LYS A 174 -71.58 -3.57 28.48
N SER A 175 -72.23 -4.36 27.63
CA SER A 175 -73.12 -5.40 28.11
C SER A 175 -72.89 -6.71 27.35
N TYR A 176 -73.29 -7.80 27.99
CA TYR A 176 -73.27 -9.14 27.39
C TYR A 176 -74.56 -9.86 27.75
N GLU A 177 -74.97 -10.80 26.90
CA GLU A 177 -76.23 -11.49 27.11
C GLU A 177 -76.18 -12.89 26.52
N ILE A 178 -76.93 -13.81 27.14
CA ILE A 178 -77.00 -15.20 26.69
C ILE A 178 -78.30 -15.82 27.20
N THR A 179 -78.87 -16.73 26.43
CA THR A 179 -80.05 -17.46 26.86
C THR A 179 -79.66 -18.57 27.82
N LYS A 180 -80.60 -18.95 28.70
CA LYS A 180 -80.32 -20.00 29.65
C LYS A 180 -80.21 -21.36 28.98
N THR A 181 -80.89 -21.57 27.85
CA THR A 181 -80.69 -22.81 27.11
C THR A 181 -79.26 -22.93 26.62
N ALA A 182 -78.70 -21.84 26.10
CA ALA A 182 -77.32 -21.88 25.63
C ALA A 182 -76.35 -21.97 26.79
N ASP A 183 -76.71 -21.42 27.95
CA ASP A 183 -75.84 -21.55 29.12
C ASP A 183 -75.77 -22.99 29.61
N ALA A 184 -76.80 -23.78 29.36
CA ALA A 184 -76.84 -25.17 29.82
C ALA A 184 -76.41 -26.16 28.74
N THR A 185 -75.99 -25.68 27.58
CA THR A 185 -75.58 -26.54 26.47
C THR A 185 -74.06 -26.60 26.43
N LYS A 186 -73.52 -27.81 26.30
CA LYS A 186 -72.07 -28.00 26.26
C LYS A 186 -71.53 -27.74 24.87
N ALA A 187 -70.37 -27.09 24.80
CA ALA A 187 -69.73 -26.76 23.53
C ALA A 187 -68.26 -27.12 23.59
N ARG A 188 -67.68 -27.35 22.41
CA ARG A 188 -66.29 -27.77 22.33
C ARG A 188 -65.33 -26.65 22.70
N THR A 189 -65.71 -25.40 22.46
CA THR A 189 -64.85 -24.25 22.72
C THR A 189 -65.05 -23.66 24.11
N GLY A 190 -65.46 -24.46 25.07
CA GLY A 190 -65.63 -23.99 26.43
C GLY A 190 -66.96 -23.29 26.65
N SER A 191 -67.14 -22.80 27.86
CA SER A 191 -68.37 -22.11 28.23
C SER A 191 -68.52 -20.82 27.45
N ALA A 192 -69.70 -20.61 26.87
CA ALA A 192 -69.90 -19.44 26.03
C ALA A 192 -70.00 -18.16 26.84
N LEU A 193 -70.62 -18.24 28.02
CA LEU A 193 -70.77 -17.03 28.85
C LEU A 193 -69.41 -16.50 29.30
N ALA A 194 -68.50 -17.40 29.67
CA ALA A 194 -67.16 -16.96 30.05
C ALA A 194 -66.42 -16.34 28.88
N ASN A 195 -66.58 -16.90 27.68
CA ASN A 195 -65.92 -16.35 26.51
C ASN A 195 -66.44 -14.96 26.17
N ASP A 196 -67.76 -14.77 26.29
CA ASP A 196 -68.33 -13.47 25.97
C ASP A 196 -67.84 -12.39 26.93
N LYS A 197 -67.73 -12.72 28.21
CA LYS A 197 -67.21 -11.75 29.16
C LYS A 197 -65.75 -11.41 28.90
N LYS A 198 -64.98 -12.36 28.36
CA LYS A 198 -63.60 -12.07 28.02
C LYS A 198 -63.50 -11.03 26.91
N ARG A 199 -64.38 -11.11 25.92
CA ARG A 199 -64.33 -10.16 24.82
C ARG A 199 -64.80 -8.77 25.23
N ARG A 200 -65.86 -8.69 26.03
CA ARG A 200 -66.44 -7.40 26.36
C ARG A 200 -65.55 -6.61 27.32
N MET A 201 -64.84 -7.29 28.22
CA MET A 201 -63.77 -6.61 28.97
C MET A 201 -62.79 -5.94 28.04
N PHE A 202 -62.32 -6.65 27.02
CA PHE A 202 -61.36 -6.08 26.10
C PHE A 202 -61.96 -4.88 25.39
N ASP A 203 -63.21 -4.99 24.95
CA ASP A 203 -63.86 -3.89 24.26
C ASP A 203 -63.96 -2.67 25.16
N TYR A 204 -64.39 -2.87 26.40
CA TYR A 204 -64.54 -1.76 27.34
C TYR A 204 -63.20 -1.08 27.61
N TYR A 205 -62.16 -1.87 27.88
CA TYR A 205 -60.86 -1.30 28.20
C TYR A 205 -60.25 -0.59 27.00
N ARG A 206 -60.45 -1.13 25.80
CA ARG A 206 -59.98 -0.46 24.61
C ARG A 206 -60.71 0.86 24.39
N ASP A 207 -62.03 0.87 24.63
CA ASP A 207 -62.80 2.09 24.45
C ASP A 207 -62.36 3.17 25.41
N VAL A 208 -62.12 2.82 26.67
CA VAL A 208 -61.72 3.83 27.64
C VAL A 208 -60.39 4.45 27.25
N GLU A 209 -59.43 3.63 26.82
CA GLU A 209 -58.11 4.15 26.48
C GLU A 209 -58.16 5.03 25.23
N MET A 210 -58.89 4.61 24.21
CA MET A 210 -58.93 5.39 22.98
C MET A 210 -59.67 6.72 23.15
N ALA A 211 -60.66 6.76 24.03
CA ALA A 211 -61.37 8.01 24.27
C ALA A 211 -60.47 9.05 24.93
N PHE A 212 -59.50 8.61 25.73
CA PHE A 212 -58.62 9.54 26.42
C PHE A 212 -57.53 10.09 25.53
N ILE A 213 -57.46 9.66 24.27
CA ILE A 213 -56.50 10.19 23.31
C ILE A 213 -57.17 11.04 22.25
N TYR A 214 -58.31 10.59 21.73
CA TYR A 214 -58.94 11.23 20.58
C TYR A 214 -60.32 11.80 20.88
N GLY A 215 -60.71 11.89 22.15
CA GLY A 215 -62.01 12.43 22.48
C GLY A 215 -62.05 13.95 22.37
N ARG A 216 -63.27 14.47 22.30
CA ARG A 216 -63.50 15.90 22.24
C ARG A 216 -64.51 16.31 23.31
N LYS A 217 -64.30 17.49 23.88
CA LYS A 217 -65.10 17.97 24.99
C LYS A 217 -66.36 18.67 24.48
N SER A 218 -67.51 18.23 24.98
CA SER A 218 -68.78 18.81 24.57
C SER A 218 -69.86 18.43 25.58
N GLU A 219 -71.03 19.02 25.40
CA GLU A 219 -72.18 18.74 26.25
C GLU A 219 -73.45 19.10 25.49
N THR A 220 -74.42 18.18 25.48
CA THR A 220 -75.70 18.42 24.82
C THR A 220 -76.80 17.80 25.67
N VAL A 221 -77.98 17.68 25.08
CA VAL A 221 -79.16 17.14 25.75
C VAL A 221 -79.45 15.76 25.18
N GLY A 222 -79.66 14.80 26.06
CA GLY A 222 -79.98 13.46 25.64
C GLY A 222 -81.41 13.34 25.13
N GLU A 223 -81.73 12.15 24.62
CA GLU A 223 -83.08 11.93 24.10
C GLU A 223 -84.12 11.96 25.19
N ASN A 224 -83.74 11.68 26.44
CA ASN A 224 -84.66 11.74 27.55
C ASN A 224 -84.69 13.09 28.24
N GLY A 225 -83.87 14.04 27.79
CA GLY A 225 -83.84 15.36 28.37
C GLY A 225 -82.74 15.61 29.38
N LYS A 226 -81.90 14.67 29.62
CA LYS A 226 -80.85 14.85 30.61
C LYS A 226 -79.52 15.11 29.92
N PRO A 227 -78.58 15.78 30.60
CA PRO A 227 -77.33 16.17 29.93
C PRO A 227 -76.49 14.97 29.51
N GLU A 228 -75.79 15.14 28.39
CA GLU A 228 -74.86 14.15 27.87
C GLU A 228 -73.51 14.82 27.67
N ARG A 229 -72.47 14.30 28.32
CA ARG A 229 -71.16 14.91 28.33
C ARG A 229 -70.12 13.98 27.76
N THR A 230 -69.16 14.54 27.03
CA THR A 230 -68.03 13.80 26.48
C THR A 230 -66.74 14.46 26.93
N THR A 231 -65.80 13.65 27.40
CA THR A 231 -64.52 14.18 27.87
C THR A 231 -63.58 14.42 26.69
N GLY A 232 -62.55 15.23 26.94
CA GLY A 232 -61.54 15.53 25.94
C GLY A 232 -60.25 14.80 26.24
N GLY A 233 -59.56 14.37 25.18
CA GLY A 233 -58.32 13.64 25.31
C GLY A 233 -57.10 14.54 25.25
N LEU A 234 -55.94 13.90 25.09
CA LEU A 234 -54.69 14.66 25.02
C LEU A 234 -54.65 15.57 23.81
N LEU A 235 -55.09 15.07 22.64
CA LEU A 235 -54.95 15.86 21.43
C LEU A 235 -55.74 17.15 21.49
N ASN A 236 -56.84 17.16 22.25
CA ASN A 236 -57.58 18.40 22.43
C ASN A 236 -56.77 19.43 23.20
N PHE A 237 -56.11 19.01 24.26
CA PHE A 237 -55.36 19.95 25.09
C PHE A 237 -54.09 20.42 24.39
N ILE A 238 -53.34 19.50 23.78
CA ILE A 238 -52.08 19.84 23.14
C ILE A 238 -52.37 20.66 21.89
N THR A 239 -52.02 21.92 21.92
CA THR A 239 -52.36 22.81 20.82
C THR A 239 -51.14 23.48 20.18
N THR A 240 -50.17 23.91 20.98
CA THR A 240 -49.04 24.63 20.40
C THR A 240 -48.04 23.70 19.74
N ASN A 241 -47.78 22.53 20.33
CA ASN A 241 -46.80 21.60 19.80
C ASN A 241 -47.47 20.50 18.98
N ARG A 242 -48.10 20.91 17.89
CA ARG A 242 -48.74 20.01 16.95
C ARG A 242 -48.01 20.09 15.61
N THR A 243 -47.78 18.94 14.99
CA THR A 243 -47.17 18.93 13.67
C THR A 243 -47.47 17.62 12.97
N GLN A 244 -47.78 17.70 11.68
CA GLN A 244 -47.95 16.54 10.84
C GLN A 244 -46.80 16.49 9.84
N PHE A 245 -45.97 15.47 9.96
CA PHE A 245 -44.82 15.31 9.08
C PHE A 245 -45.28 14.63 7.79
N GLY A 246 -44.89 15.20 6.66
CA GLY A 246 -45.26 14.63 5.38
C GLY A 246 -44.74 15.50 4.26
N THR A 247 -44.81 14.94 3.05
CA THR A 247 -44.34 15.63 1.87
C THR A 247 -45.44 16.41 1.16
N GLY A 248 -46.69 16.27 1.58
CA GLY A 248 -47.78 16.92 0.90
C GLY A 248 -47.89 18.40 1.25
N ALA A 249 -48.97 18.99 0.78
CA ALA A 249 -49.25 20.39 1.10
C ALA A 249 -49.62 20.53 2.58
N GLY A 250 -49.09 21.58 3.21
CA GLY A 250 -49.40 21.84 4.60
C GLY A 250 -48.72 20.96 5.61
N LYS A 251 -47.74 20.17 5.20
CA LYS A 251 -47.03 19.25 6.07
C LYS A 251 -45.55 19.60 6.12
N THR A 252 -44.94 19.41 7.28
CA THR A 252 -43.50 19.59 7.41
C THR A 252 -42.77 18.34 6.91
N GLU A 253 -41.69 18.56 6.18
CA GLU A 253 -40.90 17.44 5.67
C GLU A 253 -39.92 16.96 6.73
N LEU A 254 -39.90 15.65 6.96
CA LEU A 254 -39.21 15.08 8.12
C LEU A 254 -37.73 14.87 7.81
N THR A 255 -36.87 15.54 8.57
CA THR A 255 -35.43 15.29 8.54
C THR A 255 -34.93 15.22 9.98
N GLU A 256 -33.65 14.86 10.12
CA GLU A 256 -33.06 14.77 11.45
C GLU A 256 -33.06 16.12 12.15
N ASP A 257 -32.83 17.20 11.39
CA ASP A 257 -32.90 18.53 11.99
C ASP A 257 -34.32 18.89 12.41
N SER A 258 -35.31 18.55 11.59
CA SER A 258 -36.69 18.87 11.92
C SER A 258 -37.13 18.17 13.19
N LEU A 259 -36.70 16.92 13.39
CA LEU A 259 -37.07 16.19 14.59
C LEU A 259 -36.52 16.85 15.83
N ILE A 260 -35.26 17.31 15.78
CA ILE A 260 -34.66 17.96 16.94
C ILE A 260 -35.38 19.28 17.23
N ASP A 261 -35.72 20.03 16.19
CA ASP A 261 -36.47 21.27 16.39
C ASP A 261 -37.81 21.00 17.03
N PHE A 262 -38.48 19.93 16.60
CA PHE A 262 -39.77 19.57 17.17
C PHE A 262 -39.64 19.21 18.65
N PHE A 263 -38.59 18.47 18.99
CA PHE A 263 -38.39 18.05 20.38
C PHE A 263 -38.06 19.23 21.28
N ALA A 264 -37.34 20.22 20.77
CA ALA A 264 -36.72 21.23 21.63
C ALA A 264 -37.71 22.22 22.23
N ASN A 265 -38.97 22.20 21.80
CA ASN A 265 -39.93 23.20 22.27
C ASN A 265 -40.60 22.84 23.59
N VAL A 266 -40.29 21.69 24.19
CA VAL A 266 -40.98 21.26 25.39
C VAL A 266 -40.18 21.49 26.67
N PHE A 267 -39.01 22.13 26.57
CA PHE A 267 -38.12 22.26 27.72
C PHE A 267 -37.92 23.70 28.16
N ASN A 268 -38.70 24.64 27.66
CA ASN A 268 -38.44 26.05 27.97
C ASN A 268 -38.89 26.44 29.36
N TYR A 269 -39.98 25.87 29.86
CA TYR A 269 -40.50 26.20 31.18
C TYR A 269 -40.47 24.95 32.05
N ASP A 270 -40.09 25.12 33.32
CA ASP A 270 -39.86 23.97 34.19
C ASP A 270 -41.17 23.32 34.61
N GLY A 271 -42.16 24.11 35.00
CA GLY A 271 -43.42 23.55 35.43
C GLY A 271 -43.35 22.90 36.81
N GLN A 272 -44.25 21.94 37.03
CA GLN A 272 -44.41 21.32 38.35
C GLN A 272 -43.49 20.11 38.50
N GLY A 273 -42.19 20.37 38.38
CA GLY A 273 -41.22 19.31 38.52
C GLY A 273 -41.14 18.37 37.33
N ALA A 274 -41.42 18.86 36.13
CA ALA A 274 -41.27 18.03 34.94
C ALA A 274 -39.82 17.65 34.72
N GLY A 275 -38.90 18.58 34.92
CA GLY A 275 -37.49 18.28 34.75
C GLY A 275 -37.06 18.28 33.30
N ASN A 276 -36.03 17.49 33.01
CA ASN A 276 -35.42 17.46 31.69
C ASN A 276 -35.55 16.10 31.01
N GLN A 277 -36.58 15.31 31.36
CA GLN A 277 -36.82 14.02 30.76
C GLN A 277 -38.27 13.91 30.35
N ARG A 278 -38.53 13.18 29.28
CA ARG A 278 -39.88 12.95 28.79
C ARG A 278 -40.01 11.51 28.35
N ILE A 279 -41.25 11.03 28.29
CA ILE A 279 -41.58 9.69 27.82
C ILE A 279 -42.40 9.85 26.54
N ALA A 280 -42.03 9.09 25.52
CA ALA A 280 -42.73 9.13 24.23
C ALA A 280 -43.31 7.76 23.93
N PHE A 281 -44.58 7.74 23.54
CA PHE A 281 -45.26 6.52 23.09
C PHE A 281 -45.34 6.57 21.58
N VAL A 282 -44.84 5.52 20.92
CA VAL A 282 -44.75 5.49 19.47
C VAL A 282 -45.27 4.15 18.97
N GLY A 283 -45.57 4.10 17.67
CA GLY A 283 -45.82 2.84 16.99
C GLY A 283 -44.53 2.24 16.45
N ASN A 284 -44.68 1.04 15.88
CA ASN A 284 -43.51 0.36 15.33
C ASN A 284 -42.92 1.11 14.15
N THR A 285 -43.77 1.60 13.25
CA THR A 285 -43.27 2.30 12.07
C THR A 285 -42.52 3.57 12.44
N ALA A 286 -43.06 4.33 13.40
CA ALA A 286 -42.37 5.53 13.85
C ALA A 286 -41.02 5.20 14.46
N LEU A 287 -40.96 4.14 15.27
CA LEU A 287 -39.70 3.77 15.90
C LEU A 287 -38.67 3.36 14.85
N THR A 288 -39.06 2.57 13.85
CA THR A 288 -38.10 2.18 12.83
C THR A 288 -37.64 3.37 12.01
N LYS A 289 -38.56 4.31 11.72
CA LYS A 289 -38.16 5.49 10.98
C LYS A 289 -37.18 6.35 11.77
N ILE A 290 -37.39 6.47 13.09
CA ILE A 290 -36.46 7.21 13.92
C ILE A 290 -35.09 6.54 13.93
N ASN A 291 -35.07 5.22 14.05
CA ASN A 291 -33.80 4.50 14.00
C ASN A 291 -33.09 4.71 12.66
N LYS A 292 -33.86 4.73 11.57
CA LYS A 292 -33.26 4.93 10.26
C LYS A 292 -32.73 6.35 10.11
N LEU A 293 -33.41 7.33 10.71
CA LEU A 293 -32.87 8.69 10.73
C LEU A 293 -31.55 8.74 11.45
N ALA A 294 -31.44 8.05 12.59
CA ALA A 294 -30.17 8.01 13.30
C ALA A 294 -29.10 7.30 12.49
N ARG A 295 -29.49 6.24 11.77
CA ARG A 295 -28.51 5.41 11.07
C ARG A 295 -27.97 6.08 9.81
N ASN A 296 -28.78 6.89 9.15
CA ASN A 296 -28.40 7.48 7.88
C ASN A 296 -27.79 8.87 8.03
N SER A 297 -27.49 9.30 9.25
CA SER A 297 -26.84 10.58 9.44
C SER A 297 -25.46 10.54 8.80
N PRO A 298 -25.00 11.64 8.20
CA PRO A 298 -23.74 11.59 7.44
C PRO A 298 -22.52 11.26 8.28
N SER A 299 -22.58 11.47 9.59
CA SER A 299 -21.40 11.35 10.45
C SER A 299 -21.48 10.19 11.42
N THR A 300 -22.24 9.14 11.10
CA THR A 300 -22.37 7.97 11.96
C THR A 300 -21.83 6.75 11.23
N ARG A 301 -21.20 5.85 12.00
CA ARG A 301 -20.53 4.69 11.44
C ARG A 301 -20.82 3.46 12.28
N ILE A 302 -20.89 2.32 11.61
CA ILE A 302 -21.01 1.01 12.26
C ILE A 302 -19.75 0.23 11.91
N ASN A 303 -19.02 -0.22 12.92
CA ASN A 303 -17.66 -0.69 12.75
C ASN A 303 -17.56 -2.20 12.96
N PHE A 304 -16.78 -2.83 12.09
CA PHE A 304 -16.35 -4.22 12.24
C PHE A 304 -14.84 -4.27 12.13
N ASP A 305 -14.21 -5.14 12.92
CA ASP A 305 -12.76 -5.16 12.98
C ASP A 305 -12.15 -5.51 11.62
N LYS A 306 -12.34 -6.75 11.17
CA LYS A 306 -11.81 -7.14 9.86
C LYS A 306 -12.83 -7.81 8.97
N GLN A 307 -14.03 -8.08 9.47
CA GLN A 307 -15.03 -8.86 8.78
C GLN A 307 -16.33 -8.79 9.58
N VAL A 308 -17.45 -8.72 8.88
CA VAL A 308 -18.74 -8.61 9.56
C VAL A 308 -19.06 -9.95 10.19
N THR A 309 -19.31 -9.95 11.50
CA THR A 309 -19.53 -11.19 12.23
C THR A 309 -20.57 -11.01 13.33
N GLN A 310 -21.42 -12.03 13.44
CA GLN A 310 -22.21 -12.36 14.63
C GLN A 310 -23.42 -11.48 14.89
N VAL A 311 -23.51 -10.31 14.26
CA VAL A 311 -24.68 -9.45 14.49
C VAL A 311 -24.67 -8.28 13.52
N TYR A 312 -25.85 -7.74 13.23
CA TYR A 312 -25.99 -6.47 12.53
C TYR A 312 -27.41 -5.95 12.73
N GLY A 313 -27.56 -4.64 12.81
CA GLY A 313 -28.87 -4.05 12.88
C GLY A 313 -28.86 -2.77 13.69
N MET A 314 -30.01 -2.44 14.26
CA MET A 314 -30.21 -1.19 14.98
C MET A 314 -31.36 -1.32 15.96
N ASN A 315 -31.09 -1.01 17.23
CA ASN A 315 -32.12 -1.03 18.27
C ASN A 315 -31.69 -0.08 19.39
N PHE A 316 -32.23 1.13 19.39
CA PHE A 316 -31.95 2.08 20.46
C PHE A 316 -33.21 2.84 20.80
N THR A 317 -33.33 3.25 22.07
CA THR A 317 -34.56 3.84 22.57
C THR A 317 -34.36 5.14 23.34
N ARG A 318 -33.17 5.74 23.28
CA ARG A 318 -32.92 7.03 23.92
C ARG A 318 -32.40 8.03 22.90
N TRP A 319 -32.96 9.22 22.93
CA TRP A 319 -32.46 10.35 22.14
C TRP A 319 -32.04 11.44 23.08
N VAL A 320 -30.82 11.95 22.90
CA VAL A 320 -30.26 12.97 23.78
C VAL A 320 -30.02 14.23 22.98
N LEU A 321 -30.49 15.35 23.50
CA LEU A 321 -30.31 16.67 22.92
C LEU A 321 -29.87 17.61 24.03
N PRO A 322 -29.31 18.77 23.66
CA PRO A 322 -28.73 19.65 24.71
C PRO A 322 -29.71 20.03 25.80
N GLN A 323 -30.99 20.18 25.48
CA GLN A 323 -31.98 20.55 26.50
C GLN A 323 -32.31 19.38 27.42
N GLY A 324 -32.45 18.18 26.87
CA GLY A 324 -32.85 17.04 27.68
C GLY A 324 -32.71 15.71 26.97
N GLU A 325 -33.63 14.78 27.23
CA GLU A 325 -33.60 13.48 26.57
C GLU A 325 -35.01 12.93 26.46
N ILE A 326 -35.19 12.00 25.54
CA ILE A 326 -36.48 11.38 25.25
C ILE A 326 -36.34 9.87 25.38
N PHE A 327 -37.34 9.24 25.97
CA PHE A 327 -37.40 7.78 26.07
C PHE A 327 -38.57 7.27 25.23
N PHE A 328 -38.33 6.22 24.47
CA PHE A 328 -39.31 5.69 23.52
C PHE A 328 -39.83 4.35 24.01
N LYS A 329 -41.14 4.16 23.95
CA LYS A 329 -41.78 2.88 24.17
C LYS A 329 -42.90 2.73 23.15
N THR A 330 -43.23 1.48 22.83
CA THR A 330 -44.23 1.19 21.81
C THR A 330 -45.57 0.89 22.45
N HIS A 331 -46.63 1.50 21.91
CA HIS A 331 -47.98 1.30 22.40
C HIS A 331 -48.60 0.11 21.69
N PRO A 332 -49.07 -0.91 22.41
CA PRO A 332 -49.65 -2.08 21.73
C PRO A 332 -50.83 -1.74 20.83
N LEU A 333 -51.68 -0.80 21.24
CA LEU A 333 -52.82 -0.45 20.40
C LEU A 333 -52.38 0.28 19.14
N PHE A 334 -51.21 0.92 19.16
CA PHE A 334 -50.71 1.59 17.97
C PHE A 334 -50.12 0.61 16.97
N ASN A 335 -49.53 -0.48 17.45
CA ASN A 335 -48.81 -1.39 16.56
C ASN A 335 -49.75 -2.11 15.61
N VAL A 336 -50.95 -2.47 16.08
CA VAL A 336 -51.86 -3.29 15.28
C VAL A 336 -52.69 -2.48 14.30
N HIS A 337 -52.50 -1.17 14.24
CA HIS A 337 -53.24 -0.34 13.30
C HIS A 337 -52.30 0.27 12.29
N PRO A 338 -52.66 0.27 11.01
CA PRO A 338 -51.74 0.77 9.98
C PRO A 338 -51.41 2.25 10.14
N GLU A 339 -52.43 3.10 10.24
CA GLU A 339 -52.18 4.53 10.31
C GLU A 339 -51.71 4.96 11.69
N LEU A 340 -52.23 4.33 12.75
CA LEU A 340 -51.81 4.69 14.09
C LEU A 340 -50.36 4.33 14.36
N SER A 341 -49.75 3.47 13.54
CA SER A 341 -48.38 3.07 13.78
C SER A 341 -47.41 4.22 13.55
N LYS A 342 -47.78 5.19 12.73
CA LYS A 342 -46.93 6.37 12.49
C LYS A 342 -47.31 7.53 13.40
N ALA A 343 -47.39 7.27 14.70
CA ALA A 343 -47.81 8.29 15.65
C ALA A 343 -46.83 8.35 16.81
N MET A 344 -46.59 9.55 17.31
CA MET A 344 -45.72 9.74 18.47
C MET A 344 -46.31 10.83 19.35
N MET A 345 -46.55 10.50 20.61
CA MET A 345 -47.02 11.47 21.59
C MET A 345 -46.04 11.51 22.75
N VAL A 346 -45.42 12.67 22.97
CA VAL A 346 -44.47 12.87 24.05
C VAL A 346 -45.18 13.62 25.16
N LEU A 347 -45.03 13.13 26.39
CA LEU A 347 -45.88 13.60 27.47
C LEU A 347 -45.12 13.56 28.78
N ASN A 348 -45.54 14.42 29.71
CA ASN A 348 -44.96 14.49 31.04
C ASN A 348 -45.91 13.81 32.02
N PRO A 349 -45.57 12.63 32.55
CA PRO A 349 -46.55 11.87 33.34
C PRO A 349 -47.03 12.60 34.58
N LYS A 350 -46.20 13.45 35.17
CA LYS A 350 -46.58 14.09 36.43
C LYS A 350 -47.66 15.15 36.24
N GLY A 351 -47.89 15.60 35.01
CA GLY A 351 -48.90 16.60 34.73
C GLY A 351 -50.23 16.05 34.24
N ILE A 352 -50.49 14.75 34.39
CA ILE A 352 -51.71 14.12 33.91
C ILE A 352 -52.38 13.42 35.07
N LYS A 353 -53.69 13.61 35.21
CA LYS A 353 -54.46 12.97 36.26
C LYS A 353 -55.80 12.49 35.69
N GLU A 354 -56.38 11.51 36.38
CA GLU A 354 -57.70 10.99 36.04
C GLU A 354 -58.67 11.34 37.16
N ARG A 355 -59.78 11.98 36.80
CA ARG A 355 -60.77 12.44 37.75
C ARG A 355 -62.00 11.55 37.66
N VAL A 356 -62.34 10.91 38.77
CA VAL A 356 -63.39 9.88 38.80
C VAL A 356 -64.57 10.38 39.62
N LEU A 357 -65.76 10.26 39.06
CA LEU A 357 -67.00 10.47 39.79
C LEU A 357 -67.61 9.16 40.28
N ARG A 358 -67.67 8.16 39.41
CA ARG A 358 -68.15 6.83 39.77
C ARG A 358 -67.22 5.81 39.15
N ALA A 359 -66.57 5.01 40.00
CA ALA A 359 -65.58 4.05 39.52
C ALA A 359 -66.26 2.91 38.76
N THR A 360 -65.49 2.25 37.90
CA THR A 360 -66.01 1.12 37.15
C THR A 360 -66.41 0.00 38.09
N LYS A 361 -67.59 -0.59 37.84
CA LYS A 361 -68.07 -1.68 38.64
C LYS A 361 -69.04 -2.52 37.83
N PRO A 362 -69.09 -3.84 38.06
CA PRO A 362 -70.06 -4.67 37.36
C PRO A 362 -71.48 -4.43 37.85
N GLU A 363 -72.44 -4.74 36.99
CA GLU A 363 -73.85 -4.67 37.33
C GLU A 363 -74.54 -5.88 36.72
N ASN A 364 -75.25 -6.64 37.56
CA ASN A 364 -75.77 -7.94 37.17
C ASN A 364 -77.30 -7.96 37.22
N ASP A 365 -77.87 -8.99 36.59
CA ASP A 365 -79.31 -9.24 36.57
C ASP A 365 -80.08 -8.04 36.03
N ILE A 366 -79.75 -7.66 34.81
CA ILE A 366 -80.40 -6.53 34.15
C ILE A 366 -81.22 -6.97 32.95
N GLN A 367 -81.56 -8.24 32.86
CA GLN A 367 -82.48 -8.70 31.83
C GLN A 367 -83.91 -8.29 32.19
N GLN A 368 -84.80 -8.40 31.20
CA GLN A 368 -86.19 -8.07 31.43
C GLN A 368 -86.81 -9.03 32.43
N VAL A 369 -87.79 -8.54 33.18
CA VAL A 369 -88.44 -9.36 34.20
C VAL A 369 -89.17 -10.51 33.52
N GLY A 370 -88.98 -11.71 34.05
CA GLY A 370 -89.61 -12.89 33.49
C GLY A 370 -88.95 -13.44 32.26
N GLN A 371 -87.86 -12.85 31.79
CA GLN A 371 -87.19 -13.31 30.58
C GLN A 371 -86.21 -14.42 30.92
N ASP A 372 -86.13 -15.42 30.03
CA ASP A 372 -85.31 -16.61 30.25
C ASP A 372 -83.92 -16.41 29.68
N SER A 373 -83.16 -15.52 30.33
CA SER A 373 -81.83 -15.19 29.84
C SER A 373 -81.02 -14.56 30.97
N ILE A 374 -79.77 -14.26 30.67
CA ILE A 374 -78.82 -13.66 31.62
C ILE A 374 -78.19 -12.44 30.96
N LYS A 375 -78.12 -11.34 31.70
CA LYS A 375 -77.52 -10.12 31.19
C LYS A 375 -76.64 -9.49 32.26
N GLY A 376 -75.55 -8.86 31.81
CA GLY A 376 -74.62 -8.20 32.70
C GLY A 376 -74.08 -6.95 32.04
N GLN A 377 -73.33 -6.16 32.81
CA GLN A 377 -72.92 -4.84 32.35
C GLN A 377 -71.68 -4.39 33.10
N TRP A 378 -70.97 -3.42 32.51
CA TRP A 378 -69.92 -2.67 33.18
C TRP A 378 -70.19 -1.19 32.93
N ILE A 379 -70.01 -0.37 33.96
CA ILE A 379 -70.37 1.05 33.88
C ILE A 379 -69.42 1.88 34.73
N GLY A 380 -68.98 3.01 34.18
CA GLY A 380 -68.10 3.92 34.89
C GLY A 380 -68.25 5.34 34.37
N GLU A 381 -67.75 6.29 35.15
CA GLU A 381 -67.87 7.71 34.83
C GLU A 381 -66.65 8.46 35.34
N PHE A 382 -65.89 9.05 34.42
CA PHE A 382 -64.64 9.73 34.77
C PHE A 382 -64.16 10.57 33.60
N GLY A 383 -63.15 11.41 33.87
CA GLY A 383 -62.61 12.31 32.87
C GLY A 383 -61.10 12.49 32.95
N LEU A 384 -60.56 13.49 32.26
CA LEU A 384 -59.13 13.70 32.15
C LEU A 384 -58.74 15.13 32.50
N GLU A 385 -57.60 15.30 33.17
CA GLU A 385 -57.05 16.60 33.50
C GLU A 385 -55.59 16.67 33.05
N VAL A 386 -55.24 17.73 32.35
CA VAL A 386 -53.89 17.92 31.81
C VAL A 386 -53.39 19.28 32.23
N ASN A 387 -52.14 19.34 32.71
CA ASN A 387 -51.54 20.58 33.19
C ASN A 387 -50.30 20.93 32.38
N HIS A 388 -50.09 22.22 32.16
CA HIS A 388 -48.89 22.76 31.54
C HIS A 388 -48.69 22.17 30.13
N GLU A 389 -49.64 22.52 29.26
CA GLU A 389 -49.71 21.92 27.94
C GLU A 389 -48.43 22.09 27.14
N GLU A 390 -47.68 23.17 27.36
CA GLU A 390 -46.49 23.44 26.54
C GLU A 390 -45.37 22.45 26.78
N THR A 391 -45.47 21.60 27.80
CA THR A 391 -44.45 20.60 28.07
C THR A 391 -44.72 19.29 27.36
N MET A 392 -45.69 19.25 26.45
CA MET A 392 -46.08 18.03 25.76
C MET A 392 -46.20 18.32 24.27
N ALA A 393 -46.09 17.26 23.47
CA ALA A 393 -46.20 17.42 22.03
C ALA A 393 -46.80 16.18 21.41
N PHE A 394 -47.38 16.35 20.23
CA PHE A 394 -48.02 15.27 19.50
C PHE A 394 -47.63 15.38 18.04
N ALA A 395 -47.24 14.27 17.43
CA ALA A 395 -46.84 14.25 16.03
C ALA A 395 -47.51 13.09 15.32
N GLY A 396 -47.71 13.27 14.01
CA GLY A 396 -48.25 12.22 13.18
C GLY A 396 -47.52 12.18 11.85
N GLY A 397 -47.61 11.00 11.22
CA GLY A 397 -46.99 10.83 9.92
C GLY A 397 -45.49 10.65 9.93
N ILE A 398 -44.93 10.13 11.02
CA ILE A 398 -43.50 9.87 11.07
C ILE A 398 -43.13 8.86 9.99
N ALA A 399 -43.88 7.77 9.90
CA ALA A 399 -43.75 6.80 8.82
C ALA A 399 -42.33 6.30 8.63
N ALA B 2 -2.73 -68.28 -28.01
CA ALA B 2 -2.00 -68.42 -26.76
C ALA B 2 -0.49 -68.34 -27.00
N THR B 3 -0.12 -68.07 -28.24
CA THR B 3 1.28 -67.97 -28.65
C THR B 3 1.65 -66.51 -28.86
N ILE B 4 2.71 -66.07 -28.19
CA ILE B 4 3.22 -64.72 -28.32
C ILE B 4 4.60 -64.78 -28.96
N ALA B 5 4.80 -64.02 -30.02
CA ALA B 5 6.08 -63.94 -30.70
C ALA B 5 6.74 -62.62 -30.36
N GLY B 6 7.96 -62.68 -29.85
CA GLY B 6 8.70 -61.47 -29.53
C GLY B 6 8.44 -60.92 -28.15
N LEU B 7 8.43 -59.59 -28.04
CA LEU B 7 8.30 -58.93 -26.76
C LEU B 7 6.89 -59.12 -26.18
N ARG B 8 6.82 -59.38 -24.88
CA ARG B 8 5.55 -59.51 -24.17
C ARG B 8 5.20 -58.20 -23.50
N GLY B 9 3.99 -57.72 -23.73
CA GLY B 9 3.54 -56.47 -23.14
C GLY B 9 2.29 -56.64 -22.30
N THR B 10 1.66 -55.54 -21.91
CA THR B 10 0.46 -55.62 -21.09
C THR B 10 -0.75 -56.07 -21.90
N GLY B 11 -0.69 -55.93 -23.21
CA GLY B 11 -1.81 -56.33 -24.04
C GLY B 11 -1.77 -57.77 -24.50
N ASP B 12 -0.86 -58.57 -23.97
CA ASP B 12 -0.62 -59.92 -24.47
C ASP B 12 -1.19 -61.01 -23.58
N TRP B 13 -1.74 -60.68 -22.41
CA TRP B 13 -2.41 -61.70 -21.63
C TRP B 13 -3.72 -62.12 -22.29
N GLY B 14 -4.24 -63.26 -21.85
CA GLY B 14 -5.52 -63.75 -22.31
C GLY B 14 -6.67 -63.06 -21.60
N ASN B 15 -7.87 -63.54 -21.91
CA ASN B 15 -9.08 -62.92 -21.38
C ASN B 15 -9.16 -63.11 -19.86
N GLN B 16 -9.54 -62.04 -19.16
CA GLN B 16 -9.77 -62.01 -17.72
C GLN B 16 -8.53 -62.30 -16.89
N GLU B 17 -7.38 -62.49 -17.53
CA GLU B 17 -6.17 -62.80 -16.80
C GLU B 17 -5.46 -61.57 -16.25
N ARG B 18 -5.82 -60.38 -16.72
CA ARG B 18 -5.26 -59.13 -16.23
C ARG B 18 -6.35 -58.29 -15.61
N PRO B 19 -6.52 -58.28 -14.29
CA PRO B 19 -7.51 -57.40 -13.67
C PRO B 19 -6.94 -56.01 -13.47
N THR B 20 -7.74 -55.00 -13.82
CA THR B 20 -7.36 -53.62 -13.61
C THR B 20 -7.43 -53.29 -12.12
N ASP B 21 -6.64 -52.30 -11.69
CA ASP B 21 -6.69 -51.83 -10.31
C ASP B 21 -8.02 -51.16 -10.04
N PHE B 22 -8.62 -51.47 -8.89
CA PHE B 22 -9.90 -50.90 -8.49
C PHE B 22 -9.87 -50.49 -7.03
N ARG B 23 -10.57 -49.41 -6.72
CA ARG B 23 -10.82 -49.00 -5.33
C ARG B 23 -12.17 -49.57 -4.92
N GLU B 24 -12.15 -50.56 -4.04
CA GLU B 24 -13.34 -51.36 -3.75
C GLU B 24 -14.17 -50.71 -2.64
N THR B 25 -14.86 -49.65 -3.02
CA THR B 25 -15.83 -48.99 -2.16
C THR B 25 -16.58 -47.96 -2.99
N ILE B 26 -17.58 -47.34 -2.38
CA ILE B 26 -18.32 -46.24 -2.98
C ILE B 26 -18.08 -44.99 -2.15
N LEU B 27 -17.67 -43.91 -2.80
CA LEU B 27 -17.46 -42.63 -2.13
C LEU B 27 -18.74 -41.82 -2.23
N TRP B 28 -19.44 -41.66 -1.12
CA TRP B 28 -20.71 -40.98 -1.09
C TRP B 28 -20.52 -39.49 -0.88
N MET B 29 -21.47 -38.70 -1.37
CA MET B 29 -21.46 -37.26 -1.17
C MET B 29 -22.89 -36.80 -0.91
N GLU B 30 -23.06 -35.94 0.07
CA GLU B 30 -24.38 -35.58 0.60
C GLU B 30 -24.52 -34.08 0.68
N PRO B 31 -25.76 -33.57 0.75
CA PRO B 31 -25.97 -32.13 0.87
C PRO B 31 -25.32 -31.57 2.13
N ASN B 32 -24.81 -30.36 2.02
CA ASN B 32 -24.10 -29.69 3.11
C ASN B 32 -24.91 -28.49 3.59
N GLY B 33 -25.02 -28.34 4.90
CA GLY B 33 -25.75 -27.22 5.47
C GLY B 33 -25.56 -27.17 6.96
N GLN B 34 -25.94 -26.02 7.54
CA GLN B 34 -25.84 -25.86 8.99
C GLN B 34 -26.94 -26.64 9.72
N ALA B 35 -28.16 -26.58 9.22
CA ALA B 35 -29.26 -27.31 9.81
C ALA B 35 -29.16 -28.80 9.48
N PRO B 36 -29.84 -29.66 10.24
CA PRO B 36 -29.89 -31.07 9.87
C PRO B 36 -30.63 -31.26 8.54
N LEU B 37 -30.58 -32.49 8.05
CA LEU B 37 -31.21 -32.80 6.77
C LEU B 37 -32.72 -32.56 6.83
N GLN B 38 -33.35 -32.94 7.94
CA GLN B 38 -34.77 -32.72 8.15
C GLN B 38 -34.92 -31.54 9.10
N ALA B 39 -34.85 -30.33 8.55
CA ALA B 39 -34.81 -29.13 9.38
C ALA B 39 -36.15 -28.88 10.06
N LEU B 40 -37.26 -28.99 9.33
CA LEU B 40 -38.56 -28.82 9.97
C LEU B 40 -38.81 -29.91 10.99
N MET B 41 -38.45 -31.16 10.67
CA MET B 41 -38.74 -32.26 11.56
C MET B 41 -38.12 -32.03 12.94
N SER B 42 -36.93 -31.43 12.97
CA SER B 42 -36.26 -31.19 14.24
C SER B 42 -36.97 -30.13 15.06
N LYS B 43 -37.50 -29.10 14.40
CA LYS B 43 -38.08 -27.99 15.15
C LYS B 43 -39.46 -28.33 15.70
N MET B 44 -40.19 -29.22 15.05
CA MET B 44 -41.56 -29.48 15.44
C MET B 44 -41.61 -30.27 16.75
N SER B 45 -42.77 -30.21 17.40
CA SER B 45 -43.13 -31.15 18.45
C SER B 45 -44.14 -32.14 17.89
N SER B 46 -44.39 -33.19 18.66
CA SER B 46 -45.26 -34.27 18.22
C SER B 46 -46.45 -34.42 19.16
N GLN B 47 -47.57 -34.89 18.61
CA GLN B 47 -48.75 -35.15 19.38
C GLN B 47 -49.65 -36.11 18.61
N PRO B 48 -50.15 -37.17 19.24
CA PRO B 48 -50.96 -38.15 18.52
C PRO B 48 -52.32 -37.59 18.12
N THR B 49 -52.89 -38.21 17.09
CA THR B 49 -54.26 -37.93 16.66
C THR B 49 -55.03 -39.23 16.59
N THR B 50 -56.35 -39.14 16.76
CA THR B 50 -57.21 -40.30 16.72
C THR B 50 -58.06 -40.36 15.46
N ASP B 51 -57.72 -39.59 14.44
CA ASP B 51 -58.52 -39.55 13.21
C ASP B 51 -57.63 -39.04 12.09
N PRO B 52 -57.91 -39.44 10.84
CA PRO B 52 -57.16 -38.86 9.72
C PRO B 52 -57.35 -37.36 9.56
N GLU B 53 -58.38 -36.78 10.15
CA GLU B 53 -58.66 -35.35 10.04
C GLU B 53 -58.69 -34.73 11.43
N PHE B 54 -58.03 -33.59 11.59
CA PHE B 54 -57.97 -32.89 12.87
C PHE B 54 -58.22 -31.41 12.64
N SER B 55 -58.61 -30.71 13.69
CA SER B 55 -59.00 -29.32 13.56
C SER B 55 -58.82 -28.58 14.87
N TRP B 56 -58.75 -27.25 14.78
CA TRP B 56 -58.53 -26.39 15.93
C TRP B 56 -59.16 -25.03 15.66
N TRP B 57 -59.09 -24.14 16.66
CA TRP B 57 -59.76 -22.85 16.61
C TRP B 57 -58.81 -21.73 17.03
N GLU B 58 -59.07 -20.54 16.50
CA GLU B 58 -58.25 -19.37 16.79
C GLU B 58 -59.09 -18.10 16.74
N GLU B 59 -58.69 -17.11 17.53
CA GLU B 59 -59.37 -15.82 17.54
C GLU B 59 -58.39 -14.74 17.96
N LYS B 60 -58.68 -13.51 17.55
CA LYS B 60 -57.82 -12.38 17.82
C LYS B 60 -58.65 -11.22 18.38
N LEU B 61 -58.00 -10.41 19.21
CA LEU B 61 -58.61 -9.23 19.81
C LEU B 61 -57.94 -8.00 19.24
N THR B 62 -58.74 -7.08 18.70
CA THR B 62 -58.18 -5.94 17.98
C THR B 62 -59.21 -4.81 17.95
N HIS B 63 -58.97 -3.83 17.09
CA HIS B 63 -59.83 -2.66 16.96
C HIS B 63 -61.15 -3.04 16.29
N ASN B 64 -62.13 -2.17 16.46
CA ASN B 64 -63.42 -2.28 15.76
C ASN B 64 -63.42 -1.24 14.65
N ARG B 65 -63.21 -1.69 13.42
CA ARG B 65 -62.96 -0.82 12.29
C ARG B 65 -63.95 -1.11 11.18
N LEU B 66 -64.57 -0.06 10.64
CA LEU B 66 -65.56 -0.18 9.58
C LEU B 66 -65.09 0.57 8.35
N GLU B 67 -65.60 0.17 7.19
CA GLU B 67 -65.27 0.81 5.93
C GLU B 67 -66.53 1.33 5.26
N VAL B 68 -66.49 2.61 4.85
CA VAL B 68 -67.60 3.20 4.10
C VAL B 68 -67.48 2.79 2.64
N LYS B 69 -68.63 2.55 2.00
CA LYS B 69 -68.64 2.07 0.63
C LYS B 69 -69.14 3.10 -0.39
N THR B 70 -70.02 4.01 -0.01
CA THR B 70 -70.52 5.02 -0.93
C THR B 70 -70.27 6.40 -0.37
N GLU B 71 -70.11 7.37 -1.28
CA GLU B 71 -69.87 8.75 -0.88
C GLU B 71 -71.02 9.27 -0.02
N ALA B 72 -70.68 9.92 1.08
CA ALA B 72 -71.65 10.49 2.00
C ALA B 72 -71.41 11.99 2.09
N ALA B 73 -72.37 12.77 1.59
CA ALA B 73 -72.29 14.21 1.73
C ALA B 73 -72.57 14.60 3.18
N ALA B 74 -72.15 15.80 3.55
CA ALA B 74 -72.43 16.30 4.88
C ALA B 74 -73.94 16.43 5.07
N GLY B 75 -74.43 15.97 6.22
CA GLY B 75 -75.85 15.97 6.50
C GLY B 75 -76.57 14.69 6.15
N VAL B 76 -75.91 13.73 5.53
CA VAL B 76 -76.53 12.44 5.22
C VAL B 76 -76.42 11.55 6.45
N THR B 77 -77.55 11.10 6.97
CA THR B 77 -77.58 10.43 8.26
C THR B 77 -77.51 8.91 8.16
N THR B 78 -77.49 8.33 6.96
CA THR B 78 -77.39 6.89 6.79
C THR B 78 -76.10 6.56 6.05
N LEU B 79 -75.37 5.57 6.54
CA LEU B 79 -74.07 5.20 6.01
C LEU B 79 -74.11 3.77 5.49
N ALA B 80 -73.54 3.57 4.31
CA ALA B 80 -73.43 2.24 3.72
C ALA B 80 -72.03 1.69 3.97
N VAL B 81 -71.96 0.52 4.60
CA VAL B 81 -70.71 -0.08 5.00
C VAL B 81 -70.60 -1.46 4.35
N ASP B 82 -69.49 -2.13 4.61
CA ASP B 82 -69.25 -3.44 4.03
C ASP B 82 -70.13 -4.49 4.70
N THR B 83 -70.20 -5.66 4.06
CA THR B 83 -71.13 -6.70 4.47
C THR B 83 -70.89 -7.13 5.91
N ASP B 84 -71.97 -7.19 6.69
CA ASP B 84 -72.00 -7.67 8.06
C ASP B 84 -71.19 -6.81 9.02
N GLN B 85 -70.63 -5.69 8.57
CA GLN B 85 -69.83 -4.87 9.46
C GLN B 85 -70.67 -4.06 10.43
N ALA B 86 -71.94 -3.85 10.13
CA ALA B 86 -72.78 -3.00 10.98
C ALA B 86 -73.25 -3.70 12.24
N TRP B 87 -73.23 -5.04 12.28
CA TRP B 87 -73.73 -5.76 13.44
C TRP B 87 -72.89 -5.53 14.69
N ALA B 88 -71.65 -5.07 14.54
CA ALA B 88 -70.76 -4.90 15.67
C ALA B 88 -70.97 -3.58 16.40
N CYS B 89 -71.88 -2.73 15.94
CA CYS B 89 -72.10 -1.42 16.54
C CYS B 89 -73.48 -1.36 17.19
N VAL B 90 -73.54 -0.68 18.33
CA VAL B 90 -74.75 -0.55 19.12
C VAL B 90 -74.99 0.92 19.41
N LYS B 91 -76.24 1.29 19.62
CA LYS B 91 -76.57 2.68 19.94
C LYS B 91 -75.73 3.18 21.10
N GLY B 92 -75.17 4.37 20.95
CA GLY B 92 -74.28 4.93 21.94
C GLY B 92 -72.81 4.80 21.63
N ASP B 93 -72.45 4.17 20.52
CA ASP B 93 -71.06 4.03 20.12
C ASP B 93 -70.59 5.32 19.45
N ILE B 94 -69.35 5.68 19.72
CA ILE B 94 -68.74 6.90 19.18
C ILE B 94 -67.72 6.48 18.13
N LEU B 95 -67.91 6.97 16.91
CA LEU B 95 -67.03 6.66 15.79
C LEU B 95 -66.40 7.93 15.27
N MET B 96 -65.17 7.83 14.77
CA MET B 96 -64.42 8.98 14.31
C MET B 96 -63.73 8.64 13.00
N VAL B 97 -63.83 9.56 12.03
CA VAL B 97 -63.33 9.32 10.68
C VAL B 97 -61.82 9.46 10.67
N GLU B 98 -61.13 8.41 10.23
CA GLU B 98 -59.67 8.40 10.27
C GLU B 98 -59.09 8.97 8.99
N SER B 99 -57.82 9.37 9.07
CA SER B 99 -57.12 9.97 7.95
C SER B 99 -55.67 9.54 7.99
N VAL B 100 -54.97 9.80 6.87
CA VAL B 100 -53.58 9.37 6.76
C VAL B 100 -52.74 10.02 7.84
N GLY B 101 -51.73 9.29 8.32
CA GLY B 101 -51.02 9.71 9.50
C GLY B 101 -51.75 9.31 10.76
N GLY B 102 -51.11 9.54 11.89
CA GLY B 102 -51.71 9.13 13.15
C GLY B 102 -52.49 10.21 13.86
N LEU B 103 -52.30 11.46 13.47
CA LEU B 103 -52.93 12.60 14.15
C LEU B 103 -54.32 12.77 13.59
N TRP B 104 -55.34 12.48 14.40
CA TRP B 104 -56.72 12.46 13.96
C TRP B 104 -57.50 13.53 14.72
N ALA B 105 -57.91 14.58 14.00
CA ALA B 105 -58.80 15.61 14.53
C ALA B 105 -59.94 15.85 13.57
N ASN B 106 -60.56 14.78 13.10
CA ASN B 106 -61.59 14.83 12.07
C ASN B 106 -62.98 14.77 12.69
N GLU B 107 -63.98 14.59 11.84
CA GLU B 107 -65.37 14.53 12.28
C GLU B 107 -65.61 13.30 13.16
N ILE B 108 -66.54 13.44 14.10
CA ILE B 108 -66.90 12.40 15.05
C ILE B 108 -68.38 12.09 14.88
N LEU B 109 -68.72 10.81 14.80
CA LEU B 109 -70.08 10.35 14.59
C LEU B 109 -70.59 9.64 15.84
N LYS B 110 -71.91 9.49 15.92
CA LYS B 110 -72.53 8.72 16.99
C LYS B 110 -73.67 7.88 16.43
N VAL B 111 -73.73 6.62 16.85
CA VAL B 111 -74.80 5.73 16.43
C VAL B 111 -76.03 6.02 17.27
N VAL B 112 -77.16 6.26 16.60
CA VAL B 112 -78.38 6.67 17.30
C VAL B 112 -79.36 5.51 17.42
N GLU B 113 -79.32 4.60 16.47
CA GLU B 113 -80.28 3.50 16.42
C GLU B 113 -79.55 2.17 16.26
N ASP B 114 -80.09 1.15 16.90
CA ASP B 114 -79.55 -0.20 16.75
C ASP B 114 -79.74 -0.66 15.31
N PRO B 115 -78.69 -1.14 14.65
CA PRO B 115 -78.82 -1.53 13.24
C PRO B 115 -79.83 -2.64 13.05
N THR B 116 -80.56 -2.57 11.94
CA THR B 116 -81.47 -3.63 11.53
C THR B 116 -80.97 -4.39 10.31
N ALA B 117 -79.96 -3.88 9.62
CA ALA B 117 -79.36 -4.55 8.47
C ALA B 117 -77.86 -4.61 8.68
N GLY B 118 -77.22 -5.56 8.00
CA GLY B 118 -75.79 -5.76 8.19
C GLY B 118 -74.91 -4.76 7.51
N ASN B 119 -75.47 -3.86 6.68
CA ASN B 119 -74.65 -2.93 5.91
C ASN B 119 -75.20 -1.51 5.95
N ALA B 120 -75.93 -1.13 6.99
CA ALA B 120 -76.47 0.21 7.12
C ALA B 120 -76.31 0.71 8.54
N LEU B 121 -76.02 2.00 8.67
CA LEU B 121 -75.91 2.64 9.97
C LEU B 121 -76.63 3.97 9.94
N LYS B 122 -77.24 4.35 11.06
CA LYS B 122 -77.83 5.67 11.22
C LYS B 122 -77.02 6.43 12.27
N VAL B 123 -76.50 7.60 11.88
CA VAL B 123 -75.57 8.33 12.70
C VAL B 123 -75.96 9.80 12.78
N ALA B 124 -75.46 10.46 13.81
CA ALA B 124 -75.55 11.90 13.94
C ALA B 124 -74.21 12.51 13.56
N ARG B 125 -74.23 13.43 12.60
CA ARG B 125 -73.00 14.00 12.07
C ARG B 125 -72.60 15.26 12.83
N GLY B 126 -71.31 15.52 12.87
CA GLY B 126 -70.79 16.65 13.59
C GLY B 126 -70.97 16.57 15.09
N PHE B 127 -70.88 15.37 15.65
CA PHE B 127 -71.07 15.21 17.09
C PHE B 127 -69.91 15.83 17.85
N ALA B 128 -70.18 16.13 19.12
CA ALA B 128 -69.17 16.64 20.05
C ALA B 128 -68.56 17.96 19.59
N GLY B 129 -69.31 18.73 18.82
CA GLY B 129 -68.84 20.02 18.36
C GLY B 129 -67.96 19.99 17.14
N THR B 130 -67.63 18.81 16.62
CA THR B 130 -66.83 18.73 15.42
C THR B 130 -67.67 19.16 14.21
N THR B 131 -66.98 19.42 13.11
CA THR B 131 -67.62 19.90 11.89
C THR B 131 -67.78 18.77 10.88
N ALA B 132 -68.94 18.72 10.24
CA ALA B 132 -69.23 17.68 9.26
C ALA B 132 -68.49 17.96 7.95
N ALA B 133 -68.27 16.91 7.18
CA ALA B 133 -67.57 17.03 5.91
C ALA B 133 -67.95 15.84 5.05
N VAL B 134 -67.61 15.94 3.77
CA VAL B 134 -67.88 14.85 2.83
C VAL B 134 -67.02 13.65 3.20
N ILE B 135 -67.65 12.47 3.23
CA ILE B 135 -66.95 11.22 3.53
C ILE B 135 -66.75 10.48 2.21
N PRO B 136 -65.52 10.33 1.74
CA PRO B 136 -65.30 9.65 0.45
C PRO B 136 -65.65 8.18 0.51
N ALA B 137 -65.74 7.58 -0.67
CA ALA B 137 -66.27 6.22 -0.79
C ALA B 137 -65.30 5.18 -0.27
N GLY B 138 -64.06 5.54 0.03
CA GLY B 138 -63.09 4.58 0.47
C GLY B 138 -62.62 4.68 1.91
N THR B 139 -63.08 5.65 2.67
CA THR B 139 -62.53 5.93 3.98
C THR B 139 -62.96 4.91 5.02
N PHE B 140 -62.14 4.77 6.05
CA PHE B 140 -62.39 3.86 7.16
C PHE B 140 -62.95 4.64 8.36
N ILE B 141 -63.67 3.91 9.20
CA ILE B 141 -64.26 4.45 10.42
C ILE B 141 -63.87 3.55 11.58
N ILE B 142 -63.49 4.16 12.69
CA ILE B 142 -63.04 3.40 13.86
C ILE B 142 -63.80 3.87 15.09
N ALA B 143 -63.89 2.99 16.08
CA ALA B 143 -64.64 3.26 17.30
C ALA B 143 -63.71 3.71 18.42
N ILE B 144 -64.12 4.74 19.14
CA ILE B 144 -63.29 5.34 20.19
C ILE B 144 -64.00 5.51 21.51
N GLY B 145 -65.15 4.87 21.72
CA GLY B 145 -65.77 4.91 23.02
C GLY B 145 -67.28 4.87 22.91
N THR B 146 -67.91 4.96 24.08
CA THR B 146 -69.37 4.98 24.18
C THR B 146 -69.79 6.15 25.07
N SER B 147 -70.95 6.69 24.79
CA SER B 147 -71.48 7.83 25.53
C SER B 147 -72.96 7.65 25.81
N PHE B 148 -73.37 7.94 27.03
CA PHE B 148 -74.75 7.82 27.45
C PHE B 148 -75.13 9.03 28.27
N ALA B 149 -76.41 9.35 28.28
CA ALA B 149 -76.93 10.43 29.11
C ALA B 149 -77.24 9.91 30.51
N GLU B 150 -77.51 10.84 31.42
CA GLU B 150 -77.81 10.48 32.79
C GLU B 150 -79.14 9.73 32.87
N GLY B 151 -79.20 8.73 33.73
CA GLY B 151 -80.44 7.99 33.95
C GLY B 151 -80.96 7.29 32.72
N SER B 152 -80.08 6.58 32.01
CA SER B 152 -80.44 5.86 30.79
C SER B 152 -80.40 4.36 31.04
N LEU B 153 -80.99 3.61 30.11
CA LEU B 153 -81.01 2.16 30.18
C LEU B 153 -79.69 1.57 29.70
N ALA B 154 -79.47 0.31 30.02
CA ALA B 154 -78.27 -0.40 29.60
C ALA B 154 -78.32 -0.67 28.09
N PRO B 155 -77.16 -0.72 27.43
CA PRO B 155 -77.15 -0.90 25.99
C PRO B 155 -77.37 -2.35 25.57
N LYS B 156 -77.72 -2.50 24.30
CA LYS B 156 -77.83 -3.82 23.68
C LYS B 156 -76.44 -4.40 23.45
N SER B 157 -76.34 -5.73 23.46
CA SER B 157 -75.06 -6.41 23.40
C SER B 157 -74.80 -7.02 22.01
N ALA B 158 -73.56 -7.44 21.81
CA ALA B 158 -73.14 -8.09 20.58
C ALA B 158 -71.95 -9.00 20.90
N THR B 159 -71.67 -9.93 19.99
CA THR B 159 -70.61 -10.91 20.21
C THR B 159 -70.07 -11.38 18.87
N ARG B 160 -69.23 -12.42 18.89
CA ARG B 160 -68.57 -12.91 17.70
C ARG B 160 -68.04 -14.32 17.97
N ASN B 161 -67.46 -14.93 16.96
CA ASN B 161 -67.06 -16.33 16.97
C ASN B 161 -65.62 -16.49 16.47
N PRO B 162 -64.96 -17.58 16.83
CA PRO B 162 -63.61 -17.85 16.32
C PRO B 162 -63.66 -18.36 14.87
N VAL B 163 -62.48 -18.68 14.35
CA VAL B 163 -62.35 -19.29 13.04
C VAL B 163 -61.73 -20.67 13.19
N LYS B 164 -62.04 -21.54 12.23
CA LYS B 164 -61.65 -22.94 12.30
C LYS B 164 -60.66 -23.28 11.18
N LEU B 165 -59.75 -24.19 11.49
CA LEU B 165 -58.76 -24.67 10.53
C LEU B 165 -58.66 -26.19 10.66
N ASN B 166 -58.21 -26.85 9.60
CA ASN B 166 -58.11 -28.30 9.62
C ASN B 166 -57.07 -28.77 8.63
N ASN B 167 -56.67 -30.04 8.76
CA ASN B 167 -55.66 -30.64 7.91
C ASN B 167 -55.87 -32.15 7.90
N PHE B 168 -55.19 -32.81 6.95
CA PHE B 168 -55.33 -34.25 6.74
C PHE B 168 -54.02 -34.97 7.05
N CYS B 169 -54.09 -36.30 6.99
CA CYS B 169 -52.93 -37.16 7.14
C CYS B 169 -52.66 -37.90 5.85
N GLN B 170 -51.38 -38.10 5.56
CA GLN B 170 -50.93 -38.72 4.32
C GLN B 170 -50.25 -40.05 4.64
N ILE B 171 -50.16 -40.92 3.63
CA ILE B 171 -49.50 -42.21 3.76
C ILE B 171 -48.29 -42.24 2.83
N PHE B 172 -47.14 -42.65 3.38
CA PHE B 172 -45.88 -42.70 2.64
C PHE B 172 -45.35 -44.12 2.62
N LYS B 173 -44.81 -44.55 1.48
CA LYS B 173 -44.21 -45.87 1.34
C LYS B 173 -43.03 -45.83 0.36
N LYS B 174 -41.92 -46.48 0.75
CA LYS B 174 -40.83 -46.76 -0.17
C LYS B 174 -40.39 -48.21 0.04
N SER B 175 -39.94 -48.86 -1.02
CA SER B 175 -39.60 -50.27 -0.96
C SER B 175 -38.32 -50.58 -1.73
N TYR B 176 -37.75 -51.73 -1.42
CA TYR B 176 -36.55 -52.24 -2.08
C TYR B 176 -36.72 -53.73 -2.28
N GLU B 177 -36.04 -54.28 -3.30
CA GLU B 177 -36.16 -55.71 -3.60
C GLU B 177 -34.90 -56.22 -4.28
N ILE B 178 -34.56 -57.48 -4.00
CA ILE B 178 -33.37 -58.12 -4.56
C ILE B 178 -33.57 -59.63 -4.54
N THR B 179 -32.98 -60.31 -5.53
CA THR B 179 -33.01 -61.75 -5.58
C THR B 179 -32.02 -62.35 -4.58
N LYS B 180 -32.34 -63.56 -4.10
CA LYS B 180 -31.45 -64.19 -3.13
C LYS B 180 -30.15 -64.64 -3.77
N THR B 181 -30.14 -64.86 -5.09
CA THR B 181 -28.89 -65.16 -5.78
C THR B 181 -27.97 -63.94 -5.77
N ALA B 182 -28.50 -62.77 -6.15
CA ALA B 182 -27.69 -61.56 -6.14
C ALA B 182 -27.33 -61.14 -4.72
N ASP B 183 -28.13 -61.54 -3.74
CA ASP B 183 -27.80 -61.24 -2.35
C ASP B 183 -26.54 -61.97 -1.89
N ALA B 184 -26.33 -63.20 -2.36
CA ALA B 184 -25.19 -64.00 -1.94
C ALA B 184 -23.96 -63.80 -2.82
N THR B 185 -24.03 -62.93 -3.81
CA THR B 185 -22.92 -62.71 -4.73
C THR B 185 -21.99 -61.62 -4.18
N LYS B 186 -20.73 -61.68 -4.58
CA LYS B 186 -19.72 -60.72 -4.17
C LYS B 186 -19.67 -59.59 -5.19
N ALA B 187 -19.56 -58.36 -4.70
CA ALA B 187 -19.42 -57.20 -5.57
C ALA B 187 -18.32 -56.30 -5.03
N ARG B 188 -17.61 -55.64 -5.96
CA ARG B 188 -16.55 -54.72 -5.55
C ARG B 188 -17.12 -53.54 -4.78
N THR B 189 -18.30 -53.05 -5.19
CA THR B 189 -18.89 -51.88 -4.55
C THR B 189 -19.50 -52.20 -3.19
N GLY B 190 -19.60 -53.46 -2.83
CA GLY B 190 -20.12 -53.86 -1.53
C GLY B 190 -21.43 -54.61 -1.67
N SER B 191 -22.05 -54.86 -0.52
CA SER B 191 -23.31 -55.58 -0.51
C SER B 191 -24.42 -54.71 -1.11
N ALA B 192 -25.15 -55.29 -2.07
CA ALA B 192 -26.17 -54.51 -2.78
C ALA B 192 -27.37 -54.22 -1.89
N LEU B 193 -27.71 -55.13 -0.98
CA LEU B 193 -28.88 -54.93 -0.13
C LEU B 193 -28.70 -53.70 0.77
N ALA B 194 -27.52 -53.57 1.38
CA ALA B 194 -27.29 -52.45 2.29
C ALA B 194 -27.32 -51.12 1.57
N ASN B 195 -26.70 -51.04 0.39
CA ASN B 195 -26.70 -49.79 -0.37
C ASN B 195 -28.12 -49.41 -0.78
N ASP B 196 -28.91 -50.40 -1.21
CA ASP B 196 -30.28 -50.12 -1.60
C ASP B 196 -31.09 -49.61 -0.41
N LYS B 197 -30.90 -50.21 0.78
CA LYS B 197 -31.61 -49.73 1.95
C LYS B 197 -31.21 -48.30 2.28
N LYS B 198 -29.92 -47.97 2.15
CA LYS B 198 -29.47 -46.61 2.40
C LYS B 198 -30.13 -45.62 1.43
N ARG B 199 -30.14 -45.96 0.14
CA ARG B 199 -30.74 -45.08 -0.84
C ARG B 199 -32.22 -44.87 -0.58
N ARG B 200 -32.94 -45.95 -0.25
CA ARG B 200 -34.38 -45.82 -0.06
C ARG B 200 -34.70 -45.07 1.22
N MET B 201 -33.91 -45.26 2.28
CA MET B 201 -34.06 -44.44 3.46
C MET B 201 -33.91 -42.95 3.14
N PHE B 202 -32.87 -42.61 2.38
CA PHE B 202 -32.67 -41.21 2.04
C PHE B 202 -33.85 -40.66 1.24
N ASP B 203 -34.34 -41.45 0.27
CA ASP B 203 -35.48 -40.99 -0.53
C ASP B 203 -36.71 -40.78 0.33
N TYR B 204 -36.97 -41.69 1.26
CA TYR B 204 -38.13 -41.58 2.13
C TYR B 204 -38.07 -40.30 2.96
N TYR B 205 -36.93 -40.04 3.59
CA TYR B 205 -36.81 -38.85 4.43
C TYR B 205 -36.94 -37.58 3.61
N ARG B 206 -36.28 -37.53 2.44
CA ARG B 206 -36.38 -36.35 1.60
C ARG B 206 -37.80 -36.10 1.16
N ASP B 207 -38.53 -37.17 0.80
CA ASP B 207 -39.92 -37.00 0.38
C ASP B 207 -40.76 -36.46 1.51
N VAL B 208 -40.57 -36.97 2.73
CA VAL B 208 -41.36 -36.47 3.85
C VAL B 208 -41.11 -34.98 4.06
N GLU B 209 -39.85 -34.57 4.07
CA GLU B 209 -39.53 -33.17 4.31
C GLU B 209 -40.11 -32.27 3.21
N MET B 210 -39.93 -32.66 1.95
CA MET B 210 -40.43 -31.83 0.86
C MET B 210 -41.94 -31.76 0.88
N ALA B 211 -42.63 -32.86 1.21
CA ALA B 211 -44.08 -32.82 1.31
C ALA B 211 -44.53 -31.88 2.39
N PHE B 212 -43.85 -31.91 3.55
CA PHE B 212 -44.22 -30.97 4.61
C PHE B 212 -43.92 -29.53 4.24
N ILE B 213 -42.99 -29.30 3.31
CA ILE B 213 -42.73 -27.92 2.89
C ILE B 213 -43.79 -27.45 1.90
N TYR B 214 -44.03 -28.21 0.84
CA TYR B 214 -44.76 -27.72 -0.34
C TYR B 214 -46.06 -28.46 -0.62
N GLY B 215 -46.56 -29.27 0.32
CA GLY B 215 -47.74 -30.06 0.03
C GLY B 215 -49.01 -29.23 -0.01
N ARG B 216 -50.05 -29.83 -0.60
CA ARG B 216 -51.37 -29.21 -0.67
C ARG B 216 -52.41 -30.16 -0.08
N LYS B 217 -53.43 -29.59 0.53
CA LYS B 217 -54.50 -30.37 1.14
C LYS B 217 -55.50 -30.82 0.07
N SER B 218 -55.93 -32.07 0.18
CA SER B 218 -56.86 -32.64 -0.80
C SER B 218 -57.41 -33.94 -0.26
N GLU B 219 -58.48 -34.42 -0.91
CA GLU B 219 -59.08 -35.70 -0.60
C GLU B 219 -59.83 -36.19 -1.83
N THR B 220 -59.67 -37.47 -2.15
CA THR B 220 -60.31 -38.05 -3.32
C THR B 220 -60.58 -39.53 -3.04
N VAL B 221 -60.89 -40.28 -4.09
CA VAL B 221 -61.20 -41.70 -3.99
C VAL B 221 -60.15 -42.47 -4.78
N GLY B 222 -59.56 -43.47 -4.14
CA GLY B 222 -58.51 -44.25 -4.76
C GLY B 222 -59.05 -45.21 -5.79
N GLU B 223 -58.12 -45.92 -6.44
CA GLU B 223 -58.52 -46.88 -7.47
C GLU B 223 -59.22 -48.08 -6.87
N ASN B 224 -58.96 -48.39 -5.59
CA ASN B 224 -59.70 -49.46 -4.93
C ASN B 224 -60.99 -48.98 -4.30
N GLY B 225 -61.29 -47.68 -4.37
CA GLY B 225 -62.50 -47.13 -3.81
C GLY B 225 -62.36 -46.53 -2.43
N LYS B 226 -61.22 -46.65 -1.81
CA LYS B 226 -61.03 -46.11 -0.48
C LYS B 226 -60.48 -44.68 -0.55
N PRO B 227 -60.68 -43.87 0.49
CA PRO B 227 -60.24 -42.48 0.43
C PRO B 227 -58.73 -42.33 0.33
N GLU B 228 -58.32 -41.27 -0.34
CA GLU B 228 -56.90 -40.93 -0.52
C GLU B 228 -56.71 -39.47 -0.14
N ARG B 229 -55.76 -39.20 0.75
CA ARG B 229 -55.59 -37.89 1.35
C ARG B 229 -54.16 -37.40 1.21
N THR B 230 -54.00 -36.11 0.93
CA THR B 230 -52.71 -35.44 0.90
C THR B 230 -52.72 -34.30 1.91
N THR B 231 -51.64 -34.16 2.66
CA THR B 231 -51.57 -33.13 3.68
C THR B 231 -51.05 -31.82 3.08
N GLY B 232 -51.50 -30.70 3.68
CA GLY B 232 -51.05 -29.39 3.27
C GLY B 232 -49.77 -29.00 4.00
N GLY B 233 -48.88 -28.32 3.28
CA GLY B 233 -47.58 -27.98 3.82
C GLY B 233 -47.53 -26.62 4.48
N LEU B 234 -46.31 -26.22 4.83
CA LEU B 234 -46.10 -24.95 5.51
C LEU B 234 -46.49 -23.77 4.64
N LEU B 235 -46.15 -23.81 3.36
CA LEU B 235 -46.49 -22.71 2.46
C LEU B 235 -47.99 -22.54 2.30
N ASN B 236 -48.74 -23.63 2.37
CA ASN B 236 -50.19 -23.56 2.20
C ASN B 236 -50.82 -22.74 3.31
N PHE B 237 -50.32 -22.85 4.53
CA PHE B 237 -50.87 -22.10 5.65
C PHE B 237 -50.43 -20.65 5.64
N ILE B 238 -49.27 -20.34 5.08
CA ILE B 238 -48.77 -18.97 5.03
C ILE B 238 -49.52 -18.23 3.93
N THR B 239 -50.39 -17.32 4.31
CA THR B 239 -51.22 -16.59 3.35
C THR B 239 -51.03 -15.09 3.42
N THR B 240 -50.73 -14.54 4.61
CA THR B 240 -50.59 -13.10 4.75
C THR B 240 -49.19 -12.65 4.37
N ASN B 241 -48.18 -13.21 5.03
CA ASN B 241 -46.81 -12.71 4.90
C ASN B 241 -46.02 -13.57 3.91
N ARG B 242 -46.38 -13.46 2.64
CA ARG B 242 -45.63 -14.08 1.57
C ARG B 242 -45.36 -13.05 0.49
N THR B 243 -44.13 -13.02 -0.02
CA THR B 243 -43.73 -12.02 -1.00
C THR B 243 -42.68 -12.60 -1.92
N GLN B 244 -42.56 -12.02 -3.10
CA GLN B 244 -41.58 -12.42 -4.10
C GLN B 244 -40.75 -11.21 -4.50
N PHE B 245 -39.44 -11.36 -4.49
CA PHE B 245 -38.54 -10.29 -4.86
C PHE B 245 -38.07 -10.47 -6.31
N GLY B 246 -37.71 -9.38 -6.93
CA GLY B 246 -37.26 -9.41 -8.31
C GLY B 246 -37.57 -8.11 -9.00
N THR B 247 -37.29 -8.09 -10.30
CA THR B 247 -37.44 -6.89 -11.12
C THR B 247 -38.69 -6.90 -11.99
N GLY B 248 -39.31 -8.06 -12.19
CA GLY B 248 -40.48 -8.16 -13.03
C GLY B 248 -41.72 -7.61 -12.37
N ALA B 249 -42.81 -7.63 -13.13
CA ALA B 249 -44.10 -7.17 -12.60
C ALA B 249 -44.59 -8.12 -11.52
N GLY B 250 -45.15 -7.55 -10.45
CA GLY B 250 -45.57 -8.33 -9.32
C GLY B 250 -44.48 -8.70 -8.35
N LYS B 251 -43.25 -8.24 -8.57
CA LYS B 251 -42.13 -8.49 -7.68
C LYS B 251 -41.60 -7.17 -7.16
N THR B 252 -41.14 -7.20 -5.92
CA THR B 252 -40.63 -6.01 -5.24
C THR B 252 -39.11 -6.02 -5.24
N GLU B 253 -38.52 -4.87 -5.54
CA GLU B 253 -37.06 -4.77 -5.50
C GLU B 253 -36.55 -5.01 -4.09
N LEU B 254 -35.44 -5.72 -3.99
CA LEU B 254 -34.85 -6.05 -2.71
C LEU B 254 -33.83 -5.00 -2.32
N THR B 255 -34.10 -4.30 -1.23
CA THR B 255 -33.16 -3.39 -0.60
C THR B 255 -33.14 -3.67 0.88
N GLU B 256 -32.28 -2.95 1.61
CA GLU B 256 -32.23 -3.11 3.06
C GLU B 256 -33.56 -2.71 3.69
N ASP B 257 -34.17 -1.61 3.21
CA ASP B 257 -35.45 -1.18 3.73
C ASP B 257 -36.55 -2.19 3.43
N SER B 258 -36.56 -2.74 2.21
CA SER B 258 -37.57 -3.73 1.86
C SER B 258 -37.46 -4.96 2.75
N LEU B 259 -36.23 -5.42 2.99
CA LEU B 259 -36.03 -6.56 3.87
C LEU B 259 -36.49 -6.26 5.29
N ILE B 260 -36.19 -5.05 5.77
CA ILE B 260 -36.62 -4.67 7.12
C ILE B 260 -38.13 -4.67 7.22
N ASP B 261 -38.80 -4.10 6.22
CA ASP B 261 -40.26 -4.06 6.24
C ASP B 261 -40.85 -5.46 6.14
N PHE B 262 -40.23 -6.34 5.36
CA PHE B 262 -40.67 -7.73 5.30
C PHE B 262 -40.54 -8.41 6.65
N PHE B 263 -39.44 -8.15 7.36
CA PHE B 263 -39.24 -8.78 8.67
C PHE B 263 -40.18 -8.21 9.73
N ALA B 264 -40.59 -6.94 9.58
CA ALA B 264 -41.27 -6.26 10.67
C ALA B 264 -42.68 -6.78 10.90
N ASN B 265 -43.31 -7.38 9.88
CA ASN B 265 -44.73 -7.71 9.97
C ASN B 265 -45.00 -8.81 10.99
N VAL B 266 -44.02 -9.68 11.25
CA VAL B 266 -44.27 -10.89 12.05
C VAL B 266 -44.26 -10.63 13.55
N PHE B 267 -44.18 -9.38 13.99
CA PHE B 267 -44.04 -9.08 15.40
C PHE B 267 -45.21 -8.29 15.98
N ASN B 268 -46.29 -8.12 15.23
CA ASN B 268 -47.37 -7.25 15.69
C ASN B 268 -48.20 -7.90 16.79
N TYR B 269 -48.46 -9.20 16.68
CA TYR B 269 -49.29 -9.91 17.65
C TYR B 269 -48.42 -10.85 18.47
N ASP B 270 -48.81 -11.03 19.73
CA ASP B 270 -47.96 -11.79 20.65
C ASP B 270 -48.01 -13.28 20.36
N GLY B 271 -49.18 -13.81 20.03
CA GLY B 271 -49.29 -15.24 19.85
C GLY B 271 -49.27 -15.97 21.18
N GLN B 272 -48.98 -17.27 21.11
CA GLN B 272 -48.93 -18.13 22.28
C GLN B 272 -47.48 -18.20 22.76
N GLY B 273 -47.03 -17.12 23.39
CA GLY B 273 -45.67 -17.06 23.87
C GLY B 273 -44.62 -17.08 22.77
N ALA B 274 -44.91 -16.47 21.62
CA ALA B 274 -43.93 -16.43 20.54
C ALA B 274 -42.71 -15.63 20.95
N GLY B 275 -42.90 -14.53 21.65
CA GLY B 275 -41.78 -13.70 22.06
C GLY B 275 -41.33 -12.77 20.96
N ASN B 276 -40.06 -12.39 21.04
CA ASN B 276 -39.47 -11.44 20.11
C ASN B 276 -38.27 -12.03 19.37
N GLN B 277 -38.34 -13.33 19.07
CA GLN B 277 -37.29 -14.01 18.34
C GLN B 277 -37.91 -14.94 17.29
N ARG B 278 -37.19 -15.14 16.21
CA ARG B 278 -37.63 -16.03 15.14
C ARG B 278 -36.43 -16.79 14.60
N ILE B 279 -36.71 -17.94 14.01
CA ILE B 279 -35.71 -18.77 13.35
C ILE B 279 -36.05 -18.83 11.87
N ALA B 280 -35.04 -18.73 11.03
CA ALA B 280 -35.24 -18.70 9.59
C ALA B 280 -34.33 -19.70 8.90
N PHE B 281 -34.87 -20.37 7.88
CA PHE B 281 -34.12 -21.33 7.07
C PHE B 281 -33.97 -20.76 5.67
N VAL B 282 -32.73 -20.67 5.18
CA VAL B 282 -32.42 -20.03 3.93
C VAL B 282 -31.49 -20.92 3.12
N GLY B 283 -31.29 -20.54 1.86
CA GLY B 283 -30.29 -21.15 1.02
C GLY B 283 -29.00 -20.35 1.03
N ASN B 284 -27.98 -20.93 0.40
CA ASN B 284 -26.67 -20.26 0.36
C ASN B 284 -26.75 -18.93 -0.37
N THR B 285 -27.46 -18.88 -1.49
CA THR B 285 -27.57 -17.65 -2.27
C THR B 285 -28.25 -16.55 -1.46
N ALA B 286 -29.35 -16.89 -0.78
CA ALA B 286 -30.06 -15.90 0.01
C ALA B 286 -29.19 -15.36 1.14
N LEU B 287 -28.49 -16.24 1.85
CA LEU B 287 -27.65 -15.79 2.95
C LEU B 287 -26.50 -14.92 2.44
N THR B 288 -25.91 -15.29 1.30
CA THR B 288 -24.88 -14.44 0.72
C THR B 288 -25.42 -13.06 0.36
N LYS B 289 -26.61 -13.02 -0.23
CA LYS B 289 -27.19 -11.72 -0.58
C LYS B 289 -27.48 -10.89 0.67
N ILE B 290 -27.98 -11.54 1.72
CA ILE B 290 -28.24 -10.84 2.97
C ILE B 290 -26.96 -10.23 3.52
N ASN B 291 -25.87 -11.01 3.49
CA ASN B 291 -24.60 -10.47 3.96
C ASN B 291 -24.15 -9.30 3.09
N LYS B 292 -24.36 -9.38 1.77
CA LYS B 292 -23.94 -8.29 0.90
C LYS B 292 -24.74 -7.02 1.15
N LEU B 293 -26.01 -7.15 1.56
CA LEU B 293 -26.80 -5.96 1.83
C LEU B 293 -26.24 -5.18 3.02
N ALA B 294 -25.80 -5.89 4.06
CA ALA B 294 -25.21 -5.21 5.21
C ALA B 294 -23.90 -4.54 4.84
N ARG B 295 -23.06 -5.24 4.07
CA ARG B 295 -21.75 -4.69 3.71
C ARG B 295 -21.88 -3.47 2.82
N ASN B 296 -22.91 -3.41 1.98
CA ASN B 296 -23.07 -2.31 1.04
C ASN B 296 -23.79 -1.11 1.64
N SER B 297 -24.20 -1.17 2.91
CA SER B 297 -24.82 -0.03 3.54
C SER B 297 -23.81 1.11 3.69
N PRO B 298 -24.22 2.35 3.48
CA PRO B 298 -23.25 3.46 3.49
C PRO B 298 -22.57 3.68 4.83
N SER B 299 -23.15 3.20 5.92
CA SER B 299 -22.61 3.44 7.25
C SER B 299 -21.74 2.30 7.78
N THR B 300 -21.47 1.28 6.98
CA THR B 300 -20.68 0.15 7.42
C THR B 300 -19.21 0.37 7.12
N ARG B 301 -18.35 -0.03 8.05
CA ARG B 301 -16.91 0.13 7.90
C ARG B 301 -16.21 -1.14 8.36
N ILE B 302 -15.06 -1.42 7.74
CA ILE B 302 -14.19 -2.52 8.13
C ILE B 302 -12.79 -1.94 8.34
N ASN B 303 -12.20 -2.21 9.50
CA ASN B 303 -11.09 -1.43 10.01
C ASN B 303 -9.82 -2.27 10.20
N PHE B 304 -8.91 -2.18 9.25
CA PHE B 304 -7.57 -2.73 9.43
C PHE B 304 -6.70 -1.70 10.13
N ASP B 305 -5.83 -2.16 11.03
CA ASP B 305 -5.03 -1.22 11.80
C ASP B 305 -4.09 -0.40 10.93
N LYS B 306 -3.05 -1.04 10.40
CA LYS B 306 -2.09 -0.33 9.56
C LYS B 306 -1.90 -0.98 8.20
N GLN B 307 -2.45 -2.17 7.99
CA GLN B 307 -2.22 -2.92 6.77
C GLN B 307 -3.29 -4.00 6.68
N VAL B 308 -3.72 -4.30 5.45
CA VAL B 308 -4.61 -5.42 5.21
C VAL B 308 -3.79 -6.69 5.37
N THR B 309 -3.88 -7.33 6.53
CA THR B 309 -2.81 -8.24 6.91
C THR B 309 -3.20 -9.70 7.06
N GLN B 310 -4.36 -10.03 7.62
CA GLN B 310 -4.56 -11.44 7.89
C GLN B 310 -5.83 -12.03 7.31
N VAL B 311 -6.97 -11.33 7.40
CA VAL B 311 -8.24 -11.88 6.94
C VAL B 311 -9.08 -10.78 6.29
N TYR B 312 -10.13 -11.22 5.62
CA TYR B 312 -11.12 -10.34 5.01
C TYR B 312 -12.30 -11.18 4.58
N GLY B 313 -13.50 -10.63 4.72
CA GLY B 313 -14.67 -11.34 4.28
C GLY B 313 -15.91 -10.85 5.00
N MET B 314 -16.89 -11.75 5.08
CA MET B 314 -18.22 -11.42 5.55
C MET B 314 -18.95 -12.70 5.98
N ASN B 315 -19.31 -12.77 7.26
CA ASN B 315 -19.99 -13.95 7.81
C ASN B 315 -20.70 -13.56 9.09
N PHE B 316 -22.02 -13.34 9.01
CA PHE B 316 -22.82 -13.08 10.19
C PHE B 316 -24.19 -13.70 10.01
N THR B 317 -24.79 -14.15 11.12
CA THR B 317 -25.99 -14.95 11.08
C THR B 317 -27.13 -14.44 11.95
N ARG B 318 -27.06 -13.20 12.44
CA ARG B 318 -28.13 -12.66 13.27
C ARG B 318 -28.43 -11.22 12.89
N TRP B 319 -29.72 -10.91 12.74
CA TRP B 319 -30.18 -9.59 12.35
C TRP B 319 -31.02 -9.00 13.48
N VAL B 320 -30.79 -7.74 13.79
CA VAL B 320 -31.47 -7.06 14.89
C VAL B 320 -32.26 -5.89 14.34
N LEU B 321 -33.53 -5.81 14.71
CA LEU B 321 -34.41 -4.71 14.36
C LEU B 321 -35.18 -4.32 15.61
N PRO B 322 -35.76 -3.11 15.64
CA PRO B 322 -36.36 -2.63 16.90
C PRO B 322 -37.43 -3.54 17.47
N GLN B 323 -38.08 -4.36 16.63
CA GLN B 323 -39.12 -5.24 17.13
C GLN B 323 -38.55 -6.49 17.78
N GLY B 324 -37.65 -7.17 17.08
CA GLY B 324 -37.12 -8.43 17.58
C GLY B 324 -35.81 -8.79 16.91
N GLU B 325 -35.56 -10.09 16.80
CA GLU B 325 -34.31 -10.60 16.25
C GLU B 325 -34.61 -11.76 15.30
N ILE B 326 -33.67 -12.00 14.39
CA ILE B 326 -33.78 -13.07 13.41
C ILE B 326 -32.51 -13.89 13.45
N PHE B 327 -32.65 -15.22 13.50
CA PHE B 327 -31.53 -16.13 13.45
C PHE B 327 -31.59 -16.91 12.14
N PHE B 328 -30.43 -17.08 11.50
CA PHE B 328 -30.35 -17.69 10.17
C PHE B 328 -29.63 -19.02 10.23
N LYS B 329 -30.18 -20.00 9.52
CA LYS B 329 -29.54 -21.30 9.33
C LYS B 329 -29.79 -21.76 7.91
N THR B 330 -28.85 -22.51 7.36
CA THR B 330 -28.92 -22.94 5.97
C THR B 330 -29.53 -24.33 5.89
N HIS B 331 -30.50 -24.50 4.99
CA HIS B 331 -31.15 -25.79 4.80
C HIS B 331 -30.36 -26.64 3.83
N PRO B 332 -29.93 -27.84 4.20
CA PRO B 332 -29.14 -28.66 3.27
C PRO B 332 -29.85 -28.97 1.97
N LEU B 333 -31.16 -29.21 2.01
CA LEU B 333 -31.87 -29.48 0.77
C LEU B 333 -32.02 -28.24 -0.10
N PHE B 334 -32.06 -27.07 0.53
CA PHE B 334 -32.13 -25.83 -0.24
C PHE B 334 -30.83 -25.56 -0.98
N ASN B 335 -29.69 -25.87 -0.34
CA ASN B 335 -28.39 -25.53 -0.93
C ASN B 335 -28.16 -26.27 -2.24
N VAL B 336 -28.68 -27.49 -2.35
CA VAL B 336 -28.41 -28.30 -3.54
C VAL B 336 -29.13 -27.75 -4.76
N HIS B 337 -30.38 -27.38 -4.60
CA HIS B 337 -31.16 -26.96 -5.76
C HIS B 337 -30.74 -25.56 -6.21
N PRO B 338 -30.65 -25.32 -7.52
CA PRO B 338 -30.32 -23.97 -7.99
C PRO B 338 -31.36 -22.92 -7.63
N GLU B 339 -32.63 -23.28 -7.60
CA GLU B 339 -33.70 -22.32 -7.34
C GLU B 339 -34.14 -22.27 -5.90
N LEU B 340 -34.05 -23.39 -5.18
CA LEU B 340 -34.41 -23.39 -3.77
C LEU B 340 -33.39 -22.68 -2.91
N SER B 341 -32.19 -22.42 -3.43
CA SER B 341 -31.19 -21.65 -2.70
C SER B 341 -31.58 -20.19 -2.55
N LYS B 342 -32.59 -19.74 -3.26
CA LYS B 342 -33.06 -18.36 -3.21
C LYS B 342 -34.35 -18.22 -2.42
N ALA B 343 -34.50 -18.98 -1.34
CA ALA B 343 -35.76 -19.03 -0.62
C ALA B 343 -35.54 -18.78 0.86
N MET B 344 -36.57 -18.22 1.50
CA MET B 344 -36.57 -17.94 2.92
C MET B 344 -37.88 -18.40 3.55
N MET B 345 -37.79 -18.92 4.77
CA MET B 345 -38.95 -19.16 5.59
C MET B 345 -38.64 -18.74 7.02
N VAL B 346 -39.57 -18.02 7.65
CA VAL B 346 -39.42 -17.52 9.01
C VAL B 346 -40.43 -18.25 9.88
N LEU B 347 -39.97 -18.78 11.00
CA LEU B 347 -40.75 -19.75 11.76
C LEU B 347 -40.91 -19.34 13.22
N ASN B 348 -41.99 -19.81 13.82
CA ASN B 348 -42.17 -19.79 15.27
C ASN B 348 -42.32 -21.24 15.73
N PRO B 349 -41.29 -21.84 16.30
CA PRO B 349 -41.34 -23.28 16.60
C PRO B 349 -42.48 -23.68 17.52
N LYS B 350 -42.89 -22.81 18.44
CA LYS B 350 -43.97 -23.15 19.35
C LYS B 350 -45.29 -23.33 18.62
N GLY B 351 -45.44 -22.79 17.42
CA GLY B 351 -46.67 -22.86 16.67
C GLY B 351 -46.73 -23.92 15.61
N ILE B 352 -45.83 -24.89 15.62
CA ILE B 352 -45.81 -25.97 14.63
C ILE B 352 -45.80 -27.30 15.36
N LYS B 353 -46.72 -28.18 15.00
CA LYS B 353 -46.77 -29.51 15.57
C LYS B 353 -46.99 -30.54 14.47
N GLU B 354 -46.53 -31.75 14.73
CA GLU B 354 -46.76 -32.90 13.87
C GLU B 354 -47.81 -33.78 14.51
N ARG B 355 -48.88 -34.07 13.77
CA ARG B 355 -49.95 -34.94 14.23
C ARG B 355 -49.79 -36.28 13.53
N VAL B 356 -49.57 -37.34 14.32
CA VAL B 356 -49.25 -38.65 13.78
C VAL B 356 -50.36 -39.62 14.14
N LEU B 357 -50.83 -40.36 13.14
CA LEU B 357 -51.79 -41.43 13.35
C LEU B 357 -51.09 -42.78 13.49
N ARG B 358 -50.16 -43.06 12.58
CA ARG B 358 -49.34 -44.26 12.63
C ARG B 358 -47.89 -43.86 12.39
N ALA B 359 -47.03 -44.09 13.38
CA ALA B 359 -45.64 -43.69 13.26
C ALA B 359 -44.91 -44.57 12.25
N THR B 360 -43.84 -44.01 11.68
CA THR B 360 -43.05 -44.74 10.70
C THR B 360 -42.42 -45.97 11.33
N LYS B 361 -42.51 -47.10 10.64
CA LYS B 361 -41.93 -48.34 11.13
C LYS B 361 -41.57 -49.23 9.95
N PRO B 362 -40.49 -50.01 10.07
CA PRO B 362 -40.11 -50.91 8.98
C PRO B 362 -41.10 -52.07 8.87
N GLU B 363 -41.19 -52.61 7.66
CA GLU B 363 -42.01 -53.79 7.39
C GLU B 363 -41.24 -54.71 6.46
N ASN B 364 -41.17 -55.99 6.81
CA ASN B 364 -40.35 -56.95 6.08
C ASN B 364 -41.18 -58.12 5.59
N ASP B 365 -40.55 -58.96 4.78
CA ASP B 365 -41.18 -60.17 4.23
C ASP B 365 -42.41 -59.81 3.39
N ILE B 366 -42.16 -59.06 2.32
CA ILE B 366 -43.23 -58.57 1.45
C ILE B 366 -43.22 -59.25 0.08
N GLN B 367 -42.22 -60.06 -0.22
CA GLN B 367 -42.20 -60.76 -1.49
C GLN B 367 -43.36 -61.75 -1.59
N GLN B 368 -43.68 -62.14 -2.81
CA GLN B 368 -44.77 -63.09 -3.04
C GLN B 368 -44.44 -64.43 -2.39
N VAL B 369 -45.49 -65.16 -2.00
CA VAL B 369 -45.30 -66.42 -1.29
C VAL B 369 -44.56 -67.40 -2.19
N GLY B 370 -43.43 -67.89 -1.70
CA GLY B 370 -42.64 -68.83 -2.46
C GLY B 370 -41.71 -68.22 -3.48
N GLN B 371 -41.52 -66.91 -3.46
CA GLN B 371 -40.60 -66.26 -4.38
C GLN B 371 -39.20 -66.26 -3.80
N ASP B 372 -38.21 -66.31 -4.68
CA ASP B 372 -36.81 -66.42 -4.29
C ASP B 372 -36.17 -65.03 -4.26
N SER B 373 -36.70 -64.18 -3.38
CA SER B 373 -36.24 -62.80 -3.31
C SER B 373 -36.48 -62.25 -1.91
N ILE B 374 -36.04 -61.01 -1.71
CA ILE B 374 -36.18 -60.29 -0.46
C ILE B 374 -36.80 -58.94 -0.74
N LYS B 375 -37.81 -58.56 0.05
CA LYS B 375 -38.47 -57.27 -0.13
C LYS B 375 -38.84 -56.69 1.23
N GLY B 376 -38.75 -55.37 1.34
CA GLY B 376 -39.12 -54.66 2.55
C GLY B 376 -39.56 -53.25 2.20
N GLN B 377 -40.05 -52.53 3.21
CA GLN B 377 -40.58 -51.20 2.97
C GLN B 377 -40.66 -50.43 4.28
N TRP B 378 -40.91 -49.12 4.15
CA TRP B 378 -41.21 -48.23 5.26
C TRP B 378 -42.59 -47.63 5.04
N ILE B 379 -43.32 -47.37 6.12
CA ILE B 379 -44.70 -46.92 6.03
C ILE B 379 -45.01 -46.03 7.23
N GLY B 380 -45.81 -44.99 7.00
CA GLY B 380 -46.23 -44.12 8.09
C GLY B 380 -47.36 -43.22 7.65
N GLU B 381 -48.07 -42.68 8.64
CA GLU B 381 -49.21 -41.80 8.39
C GLU B 381 -49.19 -40.66 9.39
N PHE B 382 -49.11 -39.42 8.90
CA PHE B 382 -49.03 -38.25 9.76
C PHE B 382 -49.33 -37.01 8.93
N GLY B 383 -49.43 -35.87 9.63
CA GLY B 383 -49.76 -34.60 9.02
C GLY B 383 -49.19 -33.41 9.76
N LEU B 384 -49.61 -32.19 9.40
CA LEU B 384 -49.01 -30.97 9.90
C LEU B 384 -50.07 -30.00 10.42
N GLU B 385 -49.75 -29.32 11.52
CA GLU B 385 -50.62 -28.30 12.10
C GLU B 385 -49.82 -27.02 12.32
N VAL B 386 -50.38 -25.89 11.88
CA VAL B 386 -49.75 -24.58 12.02
C VAL B 386 -50.76 -23.65 12.69
N ASN B 387 -50.39 -23.08 13.83
CA ASN B 387 -51.39 -22.34 14.61
C ASN B 387 -51.52 -20.88 14.16
N HIS B 388 -50.50 -20.06 14.37
CA HIS B 388 -50.64 -18.61 14.19
C HIS B 388 -49.79 -18.19 13.00
N GLU B 389 -50.41 -18.12 11.83
CA GLU B 389 -49.65 -17.94 10.60
C GLU B 389 -49.13 -16.52 10.43
N GLU B 390 -49.71 -15.54 11.13
CA GLU B 390 -49.23 -14.17 10.97
C GLU B 390 -47.88 -13.96 11.63
N THR B 391 -47.48 -14.85 12.54
CA THR B 391 -46.16 -14.79 13.15
C THR B 391 -45.09 -15.46 12.30
N MET B 392 -45.41 -15.78 11.04
CA MET B 392 -44.50 -16.48 10.16
C MET B 392 -44.50 -15.81 8.80
N ALA B 393 -43.44 -16.05 8.02
CA ALA B 393 -43.33 -15.47 6.70
C ALA B 393 -42.59 -16.41 5.77
N PHE B 394 -42.80 -16.22 4.47
CA PHE B 394 -42.15 -17.00 3.44
C PHE B 394 -41.83 -16.09 2.26
N ALA B 395 -40.56 -16.11 1.83
CA ALA B 395 -40.09 -15.20 0.80
C ALA B 395 -39.42 -15.97 -0.33
N GLY B 396 -39.51 -15.41 -1.54
CA GLY B 396 -38.91 -16.02 -2.71
C GLY B 396 -38.11 -15.00 -3.49
N GLY B 397 -37.31 -15.51 -4.41
CA GLY B 397 -36.30 -14.69 -5.07
C GLY B 397 -35.14 -14.46 -4.13
N ILE B 398 -34.08 -13.89 -4.67
CA ILE B 398 -32.87 -13.75 -3.86
C ILE B 398 -33.21 -12.87 -2.66
N ALA B 399 -33.23 -13.48 -1.49
CA ALA B 399 -33.67 -12.79 -0.29
C ALA B 399 -32.56 -12.78 0.76
N ALA C 2 59.86 -4.64 -30.15
CA ALA C 2 60.58 -4.05 -29.04
C ALA C 2 59.86 -2.81 -28.52
N THR C 3 59.65 -2.74 -27.22
CA THR C 3 59.00 -1.60 -26.60
C THR C 3 60.03 -0.72 -25.91
N ILE C 4 60.02 0.57 -26.25
CA ILE C 4 60.96 1.53 -25.66
C ILE C 4 60.33 2.35 -24.55
N ALA C 5 59.01 2.31 -24.39
CA ALA C 5 58.33 3.21 -23.47
C ALA C 5 58.93 3.17 -22.06
N GLY C 6 59.73 2.15 -21.76
CA GLY C 6 60.34 2.04 -20.46
C GLY C 6 59.40 1.63 -19.37
N LEU C 7 58.10 1.52 -19.67
CA LEU C 7 57.10 1.09 -18.72
C LEU C 7 56.31 -0.03 -19.37
N ARG C 8 56.51 -1.25 -18.91
CA ARG C 8 55.64 -2.33 -19.32
C ARG C 8 54.27 -2.14 -18.70
N GLY C 9 53.24 -2.29 -19.53
CA GLY C 9 51.88 -2.14 -19.06
C GLY C 9 51.06 -3.36 -19.44
N THR C 10 49.79 -3.34 -19.04
CA THR C 10 48.90 -4.44 -19.37
C THR C 10 48.70 -4.56 -20.87
N GLY C 11 48.84 -3.44 -21.61
CA GLY C 11 48.67 -3.51 -23.05
C GLY C 11 49.87 -4.06 -23.78
N ASP C 12 51.04 -4.02 -23.14
CA ASP C 12 52.30 -4.38 -23.81
C ASP C 12 52.66 -5.84 -23.57
N TRP C 13 51.68 -6.72 -23.79
CA TRP C 13 51.88 -8.16 -23.66
C TRP C 13 51.40 -8.85 -24.93
N GLY C 14 51.68 -10.14 -25.02
CA GLY C 14 51.43 -10.90 -26.23
C GLY C 14 49.95 -11.17 -26.45
N ASN C 15 49.68 -11.99 -27.46
CA ASN C 15 48.30 -12.23 -27.88
C ASN C 15 47.48 -12.87 -26.78
N GLN C 16 47.97 -13.98 -26.22
CA GLN C 16 47.25 -14.67 -25.16
C GLN C 16 48.09 -14.82 -23.90
N GLU C 17 49.08 -13.93 -23.72
CA GLU C 17 49.89 -13.99 -22.52
C GLU C 17 49.11 -13.56 -21.28
N ARG C 18 48.07 -12.75 -21.46
CA ARG C 18 47.36 -12.14 -20.35
C ARG C 18 45.91 -12.61 -20.32
N PRO C 19 45.56 -13.54 -19.44
CA PRO C 19 44.15 -13.80 -19.18
C PRO C 19 43.58 -12.82 -18.18
N THR C 20 42.33 -12.45 -18.37
CA THR C 20 41.66 -11.59 -17.41
C THR C 20 41.20 -12.44 -16.22
N ASP C 21 40.38 -11.88 -15.36
CA ASP C 21 39.91 -12.57 -14.16
C ASP C 21 38.53 -13.14 -14.40
N PHE C 22 38.28 -14.33 -13.88
CA PHE C 22 37.00 -15.00 -14.02
C PHE C 22 36.58 -15.60 -12.69
N ARG C 23 35.27 -15.63 -12.46
CA ARG C 23 34.70 -16.29 -11.29
C ARG C 23 34.25 -17.68 -11.71
N GLU C 24 34.97 -18.69 -11.24
CA GLU C 24 34.85 -20.04 -11.80
C GLU C 24 33.66 -20.77 -11.14
N THR C 25 32.47 -20.34 -11.53
CA THR C 25 31.21 -20.95 -11.11
C THR C 25 30.09 -20.29 -11.89
N ILE C 26 28.88 -20.78 -11.70
CA ILE C 26 27.68 -20.24 -12.32
C ILE C 26 26.72 -19.81 -11.22
N LEU C 27 26.20 -18.59 -11.35
CA LEU C 27 25.19 -18.07 -10.43
C LEU C 27 23.82 -18.36 -11.02
N TRP C 28 23.02 -19.14 -10.29
CA TRP C 28 21.76 -19.67 -10.81
C TRP C 28 20.58 -18.81 -10.39
N MET C 29 19.59 -18.72 -11.27
CA MET C 29 18.33 -18.02 -11.03
C MET C 29 17.22 -19.05 -11.03
N GLU C 30 16.36 -19.01 -10.02
CA GLU C 30 15.29 -19.99 -9.93
C GLU C 30 13.95 -19.30 -9.69
N PRO C 31 12.85 -19.93 -10.10
CA PRO C 31 11.53 -19.38 -9.81
C PRO C 31 11.31 -19.29 -8.30
N ASN C 32 10.64 -18.22 -7.88
CA ASN C 32 10.46 -17.92 -6.47
C ASN C 32 8.97 -17.86 -6.14
N GLY C 33 8.60 -18.40 -4.99
CA GLY C 33 7.21 -18.41 -4.58
C GLY C 33 7.09 -18.94 -3.16
N GLN C 34 5.86 -18.87 -2.64
CA GLN C 34 5.61 -19.31 -1.27
C GLN C 34 5.58 -20.82 -1.16
N ALA C 35 5.04 -21.50 -2.17
CA ALA C 35 5.01 -22.94 -2.19
C ALA C 35 6.32 -23.51 -2.72
N PRO C 36 6.58 -24.80 -2.54
CA PRO C 36 7.76 -25.42 -3.16
C PRO C 36 7.65 -25.43 -4.67
N LEU C 37 8.73 -25.86 -5.33
CA LEU C 37 8.76 -25.90 -6.78
C LEU C 37 7.69 -26.83 -7.33
N GLN C 38 7.57 -28.03 -6.74
CA GLN C 38 6.51 -28.96 -7.11
C GLN C 38 5.35 -28.80 -6.13
N ALA C 39 4.65 -27.68 -6.27
CA ALA C 39 3.64 -27.29 -5.30
C ALA C 39 2.51 -28.30 -5.22
N LEU C 40 2.00 -28.73 -6.38
CA LEU C 40 0.91 -29.69 -6.37
C LEU C 40 1.34 -31.02 -5.78
N MET C 41 2.56 -31.47 -6.10
CA MET C 41 3.04 -32.75 -5.59
C MET C 41 3.21 -32.73 -4.08
N SER C 42 3.68 -31.62 -3.52
CA SER C 42 3.95 -31.57 -2.10
C SER C 42 2.67 -31.51 -1.26
N LYS C 43 1.58 -31.02 -1.84
CA LYS C 43 0.29 -30.98 -1.17
C LYS C 43 -0.60 -32.14 -1.62
N MET C 44 -0.03 -33.33 -1.75
CA MET C 44 -0.69 -34.47 -2.36
C MET C 44 -0.29 -35.74 -1.63
N SER C 45 -1.18 -36.72 -1.64
CA SER C 45 -0.87 -38.03 -1.07
C SER C 45 -0.34 -38.96 -2.15
N SER C 46 0.17 -40.11 -1.72
CA SER C 46 0.75 -41.10 -2.62
C SER C 46 0.30 -42.50 -2.22
N GLN C 47 -0.11 -43.29 -3.21
CA GLN C 47 -0.53 -44.66 -2.96
C GLN C 47 -0.12 -45.51 -4.16
N PRO C 48 0.43 -46.70 -3.94
CA PRO C 48 0.91 -47.52 -5.04
C PRO C 48 -0.24 -48.04 -5.91
N THR C 49 0.12 -48.46 -7.11
CA THR C 49 -0.81 -49.06 -8.06
C THR C 49 -0.22 -50.36 -8.58
N THR C 50 -1.09 -51.29 -8.96
CA THR C 50 -0.66 -52.58 -9.48
C THR C 50 -0.95 -52.75 -10.97
N ASP C 51 -1.52 -51.74 -11.62
CA ASP C 51 -1.85 -51.83 -13.03
C ASP C 51 -1.70 -50.45 -13.65
N PRO C 52 -1.40 -50.35 -14.94
CA PRO C 52 -1.33 -49.02 -15.56
C PRO C 52 -2.63 -48.25 -15.52
N GLU C 53 -3.76 -48.93 -15.34
CA GLU C 53 -5.06 -48.29 -15.27
C GLU C 53 -5.71 -48.57 -13.91
N PHE C 54 -6.34 -47.55 -13.34
CA PHE C 54 -7.03 -47.67 -12.06
C PHE C 54 -8.39 -46.98 -12.16
N SER C 55 -9.32 -47.40 -11.31
CA SER C 55 -10.68 -46.89 -11.36
C SER C 55 -11.25 -46.77 -9.94
N TRP C 56 -12.29 -45.95 -9.82
CA TRP C 56 -12.99 -45.76 -8.56
C TRP C 56 -14.44 -45.37 -8.85
N TRP C 57 -15.27 -45.42 -7.81
CA TRP C 57 -16.71 -45.19 -7.94
C TRP C 57 -17.16 -44.04 -7.04
N GLU C 58 -18.16 -43.29 -7.51
CA GLU C 58 -18.79 -42.25 -6.70
C GLU C 58 -20.30 -42.33 -6.87
N GLU C 59 -21.02 -41.84 -5.86
CA GLU C 59 -22.47 -41.75 -5.93
C GLU C 59 -22.93 -40.53 -5.17
N LYS C 60 -24.01 -39.91 -5.65
CA LYS C 60 -24.56 -38.70 -5.08
C LYS C 60 -25.94 -38.97 -4.51
N LEU C 61 -26.26 -38.28 -3.41
CA LEU C 61 -27.59 -38.29 -2.83
C LEU C 61 -28.18 -36.88 -2.98
N THR C 62 -29.20 -36.75 -3.82
CA THR C 62 -29.73 -35.45 -4.17
C THR C 62 -31.22 -35.58 -4.46
N HIS C 63 -31.79 -34.52 -5.04
CA HIS C 63 -33.20 -34.52 -5.41
C HIS C 63 -33.45 -35.45 -6.59
N ASN C 64 -34.72 -35.60 -6.92
CA ASN C 64 -35.15 -36.43 -8.05
C ASN C 64 -35.84 -35.52 -9.05
N ARG C 65 -35.07 -34.98 -10.00
CA ARG C 65 -35.56 -34.00 -10.95
C ARG C 65 -35.73 -34.63 -12.33
N LEU C 66 -36.82 -34.27 -13.00
CA LEU C 66 -37.09 -34.69 -14.36
C LEU C 66 -37.26 -33.47 -15.23
N GLU C 67 -36.98 -33.62 -16.53
CA GLU C 67 -37.09 -32.53 -17.48
C GLU C 67 -38.03 -32.93 -18.60
N VAL C 68 -39.02 -32.08 -18.88
CA VAL C 68 -40.01 -32.35 -19.91
C VAL C 68 -39.44 -31.89 -21.26
N LYS C 69 -39.28 -32.84 -22.18
CA LYS C 69 -38.61 -32.54 -23.44
C LYS C 69 -39.50 -31.76 -24.40
N THR C 70 -40.78 -32.11 -24.49
CA THR C 70 -41.67 -31.50 -25.45
C THR C 70 -42.83 -30.80 -24.74
N GLU C 71 -43.33 -29.74 -25.36
CA GLU C 71 -44.42 -28.98 -24.77
C GLU C 71 -45.66 -29.85 -24.63
N ALA C 72 -46.33 -29.73 -23.48
CA ALA C 72 -47.53 -30.49 -23.18
C ALA C 72 -48.64 -29.53 -22.82
N ALA C 73 -49.80 -29.70 -23.43
CA ALA C 73 -50.94 -28.85 -23.16
C ALA C 73 -51.52 -29.17 -21.77
N ALA C 74 -52.60 -28.48 -21.43
CA ALA C 74 -53.22 -28.70 -20.13
C ALA C 74 -53.92 -30.05 -20.07
N GLY C 75 -54.43 -30.53 -21.21
CA GLY C 75 -55.26 -31.73 -21.19
C GLY C 75 -54.47 -33.03 -21.20
N VAL C 76 -53.30 -33.04 -21.86
CA VAL C 76 -52.61 -34.29 -22.10
C VAL C 76 -52.17 -34.93 -20.78
N THR C 77 -52.14 -36.26 -20.78
CA THR C 77 -51.78 -37.03 -19.60
C THR C 77 -50.51 -37.86 -19.76
N THR C 78 -49.87 -37.79 -20.93
CA THR C 78 -48.61 -38.47 -21.16
C THR C 78 -47.52 -37.44 -21.39
N LEU C 79 -46.42 -37.58 -20.66
CA LEU C 79 -45.33 -36.63 -20.69
C LEU C 79 -44.07 -37.29 -21.24
N ALA C 80 -43.36 -36.58 -22.11
CA ALA C 80 -42.11 -37.04 -22.67
C ALA C 80 -40.96 -36.41 -21.90
N VAL C 81 -40.09 -37.25 -21.34
CA VAL C 81 -38.99 -36.76 -20.53
C VAL C 81 -37.68 -37.24 -21.12
N ASP C 82 -36.57 -36.89 -20.49
CA ASP C 82 -35.25 -37.28 -20.96
C ASP C 82 -35.07 -38.78 -20.84
N THR C 83 -34.11 -39.31 -21.59
CA THR C 83 -33.91 -40.75 -21.66
C THR C 83 -33.59 -41.34 -20.29
N ASP C 84 -34.23 -42.46 -19.98
CA ASP C 84 -34.03 -43.24 -18.76
C ASP C 84 -34.46 -42.50 -17.50
N GLN C 85 -35.01 -41.29 -17.62
CA GLN C 85 -35.41 -40.56 -16.42
C GLN C 85 -36.69 -41.11 -15.83
N ALA C 86 -37.55 -41.73 -16.64
CA ALA C 86 -38.82 -42.22 -16.13
C ALA C 86 -38.66 -43.46 -15.25
N TRP C 87 -37.56 -44.20 -15.39
CA TRP C 87 -37.38 -45.40 -14.59
C TRP C 87 -37.26 -45.10 -13.11
N ALA C 88 -36.97 -43.85 -12.75
CA ALA C 88 -36.79 -43.52 -11.33
C ALA C 88 -38.14 -43.41 -10.62
N CYS C 89 -39.18 -43.03 -11.32
CA CYS C 89 -40.48 -42.82 -10.70
C CYS C 89 -41.36 -44.06 -10.79
N VAL C 90 -42.21 -44.24 -9.78
CA VAL C 90 -43.14 -45.36 -9.71
C VAL C 90 -44.53 -44.81 -9.41
N LYS C 91 -45.51 -45.71 -9.44
CA LYS C 91 -46.88 -45.32 -9.15
C LYS C 91 -46.99 -44.79 -7.72
N GLY C 92 -47.76 -43.72 -7.55
CA GLY C 92 -47.97 -43.12 -6.26
C GLY C 92 -47.12 -41.90 -5.97
N ASP C 93 -46.16 -41.59 -6.83
CA ASP C 93 -45.30 -40.43 -6.61
C ASP C 93 -46.03 -39.14 -6.94
N ILE C 94 -45.74 -38.09 -6.17
CA ILE C 94 -46.33 -36.77 -6.34
C ILE C 94 -45.25 -35.84 -6.85
N LEU C 95 -45.50 -35.21 -8.00
CA LEU C 95 -44.54 -34.33 -8.63
C LEU C 95 -45.09 -32.92 -8.69
N MET C 96 -44.18 -31.95 -8.80
CA MET C 96 -44.57 -30.54 -8.85
C MET C 96 -43.79 -29.83 -9.94
N VAL C 97 -44.45 -28.90 -10.62
CA VAL C 97 -43.80 -28.09 -11.65
C VAL C 97 -42.98 -26.99 -11.00
N GLU C 98 -41.73 -26.84 -11.43
CA GLU C 98 -40.85 -25.85 -10.85
C GLU C 98 -41.11 -24.47 -11.44
N SER C 99 -40.58 -23.46 -10.77
CA SER C 99 -40.61 -22.08 -11.23
C SER C 99 -39.46 -21.33 -10.58
N VAL C 100 -39.16 -20.16 -11.14
CA VAL C 100 -38.04 -19.38 -10.63
C VAL C 100 -38.37 -18.84 -9.24
N GLY C 101 -37.39 -18.90 -8.34
CA GLY C 101 -37.59 -18.49 -6.96
C GLY C 101 -38.07 -19.64 -6.09
N GLY C 102 -38.19 -19.35 -4.80
CA GLY C 102 -38.60 -20.37 -3.85
C GLY C 102 -40.09 -20.60 -3.76
N LEU C 103 -40.90 -19.58 -4.00
CA LEU C 103 -42.35 -19.73 -3.95
C LEU C 103 -42.81 -20.65 -5.05
N TRP C 104 -43.18 -21.86 -4.67
CA TRP C 104 -43.73 -22.85 -5.58
C TRP C 104 -45.18 -23.07 -5.21
N ALA C 105 -46.09 -22.45 -5.97
CA ALA C 105 -47.52 -22.68 -5.87
C ALA C 105 -48.05 -23.13 -7.22
N ASN C 106 -47.30 -23.97 -7.90
CA ASN C 106 -47.57 -24.34 -9.28
C ASN C 106 -48.46 -25.58 -9.33
N GLU C 107 -48.58 -26.16 -10.52
CA GLU C 107 -49.39 -27.37 -10.68
C GLU C 107 -48.72 -28.56 -10.01
N ILE C 108 -49.54 -29.53 -9.61
CA ILE C 108 -49.06 -30.75 -8.96
C ILE C 108 -49.56 -31.93 -9.79
N LEU C 109 -48.66 -32.87 -10.07
CA LEU C 109 -48.96 -34.05 -10.86
C LEU C 109 -48.90 -35.29 -9.98
N LYS C 110 -49.47 -36.39 -10.48
CA LYS C 110 -49.40 -37.67 -9.80
C LYS C 110 -49.20 -38.77 -10.83
N VAL C 111 -48.25 -39.65 -10.57
CA VAL C 111 -47.98 -40.79 -11.44
C VAL C 111 -49.03 -41.87 -11.16
N VAL C 112 -49.78 -42.25 -12.19
CA VAL C 112 -50.91 -43.15 -11.99
C VAL C 112 -50.61 -44.61 -12.26
N GLU C 113 -49.52 -44.91 -12.95
CA GLU C 113 -49.16 -46.30 -13.22
C GLU C 113 -47.68 -46.36 -13.56
N ASP C 114 -47.14 -47.58 -13.56
CA ASP C 114 -45.71 -47.76 -13.69
C ASP C 114 -45.22 -47.27 -15.05
N PRO C 115 -44.08 -46.57 -15.11
CA PRO C 115 -43.70 -45.90 -16.36
C PRO C 115 -43.55 -46.81 -17.57
N THR C 116 -42.93 -47.97 -17.39
CA THR C 116 -42.78 -49.06 -18.36
C THR C 116 -42.24 -48.61 -19.72
N ALA C 117 -41.69 -47.41 -19.82
CA ALA C 117 -41.16 -46.94 -21.10
C ALA C 117 -39.74 -46.43 -21.04
N GLY C 118 -39.37 -45.72 -19.97
CA GLY C 118 -38.05 -45.15 -19.84
C GLY C 118 -37.95 -43.70 -20.26
N ASN C 119 -38.83 -43.23 -21.12
CA ASN C 119 -38.85 -41.82 -21.50
C ASN C 119 -40.25 -41.22 -21.52
N ALA C 120 -41.27 -41.96 -21.09
CA ALA C 120 -42.62 -41.45 -21.04
C ALA C 120 -43.22 -41.74 -19.66
N LEU C 121 -44.08 -40.82 -19.21
CA LEU C 121 -44.79 -40.98 -17.95
C LEU C 121 -46.28 -40.80 -18.19
N LYS C 122 -47.08 -41.46 -17.37
CA LYS C 122 -48.53 -41.33 -17.38
C LYS C 122 -48.94 -40.68 -16.07
N VAL C 123 -49.59 -39.52 -16.17
CA VAL C 123 -49.83 -38.68 -15.00
C VAL C 123 -51.29 -38.23 -14.97
N ALA C 124 -51.69 -37.72 -13.81
CA ALA C 124 -52.97 -37.05 -13.64
C ALA C 124 -52.70 -35.57 -13.43
N ARG C 125 -53.40 -34.72 -14.18
CA ARG C 125 -53.19 -33.30 -14.12
C ARG C 125 -54.15 -32.65 -13.12
N GLY C 126 -53.78 -31.48 -12.63
CA GLY C 126 -54.61 -30.76 -11.69
C GLY C 126 -54.85 -31.47 -10.38
N PHE C 127 -53.89 -32.28 -9.95
CA PHE C 127 -54.06 -33.07 -8.73
C PHE C 127 -54.01 -32.18 -7.50
N ALA C 128 -54.63 -32.67 -6.42
CA ALA C 128 -54.64 -32.00 -5.13
C ALA C 128 -55.27 -30.62 -5.19
N GLY C 129 -56.21 -30.42 -6.10
CA GLY C 129 -56.92 -29.16 -6.18
C GLY C 129 -56.22 -28.05 -6.92
N THR C 130 -55.04 -28.32 -7.50
CA THR C 130 -54.35 -27.30 -8.28
C THR C 130 -55.05 -27.13 -9.63
N THR C 131 -54.53 -26.21 -10.43
CA THR C 131 -55.10 -25.90 -11.74
C THR C 131 -54.08 -26.25 -12.81
N ALA C 132 -54.53 -26.98 -13.83
CA ALA C 132 -53.65 -27.39 -14.91
C ALA C 132 -53.23 -26.20 -15.76
N ALA C 133 -52.05 -26.30 -16.36
CA ALA C 133 -51.52 -25.24 -17.21
C ALA C 133 -50.53 -25.85 -18.19
N VAL C 134 -50.20 -25.08 -19.22
CA VAL C 134 -49.28 -25.55 -20.24
C VAL C 134 -47.88 -25.68 -19.66
N ILE C 135 -47.20 -26.77 -19.97
CA ILE C 135 -45.84 -27.05 -19.51
C ILE C 135 -44.91 -26.89 -20.71
N PRO C 136 -44.08 -25.84 -20.75
CA PRO C 136 -43.19 -25.64 -21.90
C PRO C 136 -42.12 -26.71 -21.97
N ALA C 137 -41.38 -26.69 -23.08
CA ALA C 137 -40.45 -27.76 -23.43
C ALA C 137 -39.14 -27.72 -22.66
N GLY C 138 -38.95 -26.76 -21.75
CA GLY C 138 -37.73 -26.72 -20.98
C GLY C 138 -37.94 -26.75 -19.49
N THR C 139 -39.13 -27.17 -19.06
CA THR C 139 -39.50 -27.11 -17.66
C THR C 139 -38.99 -28.34 -16.93
N PHE C 140 -38.65 -28.14 -15.65
CA PHE C 140 -38.22 -29.23 -14.78
C PHE C 140 -39.35 -29.64 -13.85
N ILE C 141 -39.33 -30.90 -13.44
CA ILE C 141 -40.31 -31.45 -12.51
C ILE C 141 -39.56 -32.11 -11.36
N ILE C 142 -40.06 -31.91 -10.15
CA ILE C 142 -39.40 -32.42 -8.95
C ILE C 142 -40.42 -33.18 -8.12
N ALA C 143 -39.92 -34.14 -7.32
CA ALA C 143 -40.76 -35.03 -6.54
C ALA C 143 -40.87 -34.50 -5.10
N ILE C 144 -42.10 -34.43 -4.60
CA ILE C 144 -42.35 -33.86 -3.28
C ILE C 144 -43.14 -34.82 -2.39
N GLY C 145 -42.98 -36.12 -2.59
CA GLY C 145 -43.55 -37.09 -1.69
C GLY C 145 -44.32 -38.16 -2.40
N THR C 146 -44.97 -39.02 -1.63
CA THR C 146 -45.77 -40.13 -2.12
C THR C 146 -47.11 -40.15 -1.43
N SER C 147 -48.14 -40.57 -2.16
CA SER C 147 -49.49 -40.65 -1.62
C SER C 147 -50.13 -41.96 -2.04
N PHE C 148 -50.71 -42.68 -1.07
CA PHE C 148 -51.29 -43.99 -1.32
C PHE C 148 -52.71 -44.02 -0.78
N ALA C 149 -53.58 -44.70 -1.51
CA ALA C 149 -54.95 -44.89 -1.07
C ALA C 149 -54.99 -45.78 0.18
N GLU C 150 -56.03 -45.61 0.96
CA GLU C 150 -56.17 -46.35 2.20
C GLU C 150 -56.32 -47.85 1.93
N GLY C 151 -55.56 -48.66 2.68
CA GLY C 151 -55.64 -50.10 2.56
C GLY C 151 -55.22 -50.68 1.21
N SER C 152 -54.09 -50.23 0.68
CA SER C 152 -53.61 -50.63 -0.63
C SER C 152 -52.40 -51.54 -0.50
N LEU C 153 -51.80 -51.88 -1.64
CA LEU C 153 -50.63 -52.74 -1.69
C LEU C 153 -49.34 -51.94 -1.61
N ALA C 154 -48.25 -52.65 -1.39
CA ALA C 154 -46.94 -52.03 -1.36
C ALA C 154 -46.52 -51.61 -2.78
N PRO C 155 -45.77 -50.51 -2.89
CA PRO C 155 -45.38 -50.03 -4.22
C PRO C 155 -44.23 -50.86 -4.79
N LYS C 156 -43.96 -50.63 -6.07
CA LYS C 156 -42.84 -51.26 -6.74
C LYS C 156 -41.53 -50.62 -6.31
N SER C 157 -40.46 -51.39 -6.41
CA SER C 157 -39.14 -50.95 -6.00
C SER C 157 -38.38 -50.32 -7.17
N ALA C 158 -37.36 -49.55 -6.82
CA ALA C 158 -36.46 -48.95 -7.79
C ALA C 158 -35.11 -48.74 -7.14
N THR C 159 -34.06 -48.62 -7.95
CA THR C 159 -32.72 -48.44 -7.44
C THR C 159 -31.83 -47.91 -8.56
N ARG C 160 -30.61 -47.54 -8.19
CA ARG C 160 -29.67 -46.94 -9.13
C ARG C 160 -28.27 -47.51 -8.88
N ASN C 161 -27.31 -47.04 -9.68
CA ASN C 161 -25.95 -47.53 -9.65
C ASN C 161 -24.98 -46.36 -9.60
N PRO C 162 -23.77 -46.57 -9.09
CA PRO C 162 -22.77 -45.51 -9.05
C PRO C 162 -22.21 -45.22 -10.44
N VAL C 163 -21.28 -44.27 -10.48
CA VAL C 163 -20.59 -43.88 -11.71
C VAL C 163 -19.12 -44.22 -11.57
N LYS C 164 -18.54 -44.77 -12.63
CA LYS C 164 -17.16 -45.19 -12.64
C LYS C 164 -16.27 -44.14 -13.29
N LEU C 165 -15.09 -43.94 -12.73
CA LEU C 165 -14.09 -43.02 -13.24
C LEU C 165 -12.75 -43.73 -13.30
N ASN C 166 -11.89 -43.32 -14.23
CA ASN C 166 -10.60 -43.99 -14.40
C ASN C 166 -9.59 -43.02 -14.98
N ASN C 167 -8.31 -43.44 -14.89
CA ASN C 167 -7.20 -42.66 -15.41
C ASN C 167 -6.07 -43.63 -15.76
N PHE C 168 -5.07 -43.13 -16.48
CA PHE C 168 -3.94 -43.92 -16.93
C PHE C 168 -2.65 -43.42 -16.31
N CYS C 169 -1.61 -44.23 -16.45
CA CYS C 169 -0.25 -43.86 -16.04
C CYS C 169 0.59 -43.53 -17.26
N GLN C 170 1.52 -42.60 -17.09
CA GLN C 170 2.33 -42.09 -18.19
C GLN C 170 3.80 -42.26 -17.86
N ILE C 171 4.60 -42.57 -18.88
CA ILE C 171 6.04 -42.78 -18.72
C ILE C 171 6.78 -41.48 -19.04
N PHE C 172 7.72 -41.09 -18.18
CA PHE C 172 8.50 -39.88 -18.35
C PHE C 172 9.98 -40.24 -18.49
N LYS C 173 10.67 -39.56 -19.39
CA LYS C 173 12.09 -39.79 -19.61
C LYS C 173 12.80 -38.48 -19.92
N LYS C 174 13.98 -38.29 -19.32
CA LYS C 174 14.85 -37.16 -19.61
C LYS C 174 16.28 -37.66 -19.64
N SER C 175 17.06 -37.20 -20.62
CA SER C 175 18.39 -37.75 -20.86
C SER C 175 19.43 -36.66 -20.99
N TYR C 176 20.68 -37.02 -20.69
CA TYR C 176 21.84 -36.15 -20.86
C TYR C 176 22.97 -36.93 -21.52
N GLU C 177 23.89 -36.20 -22.15
CA GLU C 177 24.92 -36.81 -22.98
C GLU C 177 26.13 -35.91 -23.03
N ILE C 178 27.32 -36.51 -23.05
CA ILE C 178 28.57 -35.76 -23.20
C ILE C 178 29.63 -36.69 -23.75
N THR C 179 30.51 -36.15 -24.59
CA THR C 179 31.62 -36.92 -25.14
C THR C 179 32.69 -37.12 -24.08
N LYS C 180 33.44 -38.21 -24.22
CA LYS C 180 34.47 -38.52 -23.24
C LYS C 180 35.61 -37.51 -23.27
N THR C 181 35.89 -36.95 -24.45
CA THR C 181 36.92 -35.92 -24.55
C THR C 181 36.51 -34.67 -23.79
N ALA C 182 35.26 -34.22 -23.96
CA ALA C 182 34.80 -33.04 -23.24
C ALA C 182 34.76 -33.28 -21.74
N ASP C 183 34.53 -34.52 -21.32
CA ASP C 183 34.56 -34.83 -19.89
C ASP C 183 35.95 -34.63 -19.31
N ALA C 184 36.98 -35.05 -20.04
CA ALA C 184 38.35 -34.90 -19.56
C ALA C 184 38.85 -33.47 -19.69
N THR C 185 38.31 -32.71 -20.64
CA THR C 185 38.74 -31.33 -20.82
C THR C 185 38.33 -30.47 -19.63
N LYS C 186 39.28 -29.73 -19.09
CA LYS C 186 38.99 -28.83 -17.98
C LYS C 186 38.58 -27.47 -18.53
N ALA C 187 37.46 -26.96 -18.04
CA ALA C 187 36.91 -25.70 -18.51
C ALA C 187 36.45 -24.87 -17.32
N ARG C 188 36.39 -23.56 -17.54
CA ARG C 188 35.76 -22.68 -16.57
C ARG C 188 34.29 -23.05 -16.43
N THR C 189 33.62 -22.44 -15.45
CA THR C 189 32.24 -22.74 -15.09
C THR C 189 32.06 -24.18 -14.61
N GLY C 190 33.13 -24.86 -14.23
CA GLY C 190 33.02 -26.18 -13.64
C GLY C 190 32.83 -27.28 -14.67
N SER C 191 32.61 -28.48 -14.15
CA SER C 191 32.41 -29.64 -15.01
C SER C 191 31.07 -29.54 -15.74
N ALA C 192 31.08 -29.93 -17.02
CA ALA C 192 29.88 -29.83 -17.81
C ALA C 192 28.86 -30.90 -17.45
N LEU C 193 29.32 -32.07 -17.03
CA LEU C 193 28.40 -33.17 -16.72
C LEU C 193 27.48 -32.82 -15.56
N ALA C 194 28.02 -32.24 -14.50
CA ALA C 194 27.19 -31.89 -13.34
C ALA C 194 26.17 -30.81 -13.69
N ASN C 195 26.58 -29.79 -14.44
CA ASN C 195 25.66 -28.75 -14.84
C ASN C 195 24.55 -29.31 -15.72
N ASP C 196 24.90 -30.19 -16.64
CA ASP C 196 23.89 -30.82 -17.49
C ASP C 196 22.92 -31.63 -16.65
N LYS C 197 23.42 -32.37 -15.67
CA LYS C 197 22.54 -33.14 -14.79
C LYS C 197 21.58 -32.22 -14.05
N LYS C 198 22.08 -31.11 -13.53
CA LYS C 198 21.23 -30.15 -12.83
C LYS C 198 20.12 -29.63 -13.75
N ARG C 199 20.49 -29.19 -14.95
CA ARG C 199 19.52 -28.65 -15.89
C ARG C 199 18.44 -29.68 -16.24
N ARG C 200 18.87 -30.89 -16.60
CA ARG C 200 17.91 -31.90 -17.03
C ARG C 200 17.03 -32.36 -15.87
N MET C 201 17.56 -32.39 -14.64
CA MET C 201 16.75 -32.80 -13.51
C MET C 201 15.65 -31.77 -13.25
N PHE C 202 16.00 -30.48 -13.35
CA PHE C 202 14.99 -29.44 -13.24
C PHE C 202 13.94 -29.59 -14.33
N ASP C 203 14.36 -29.88 -15.56
CA ASP C 203 13.41 -30.07 -16.65
C ASP C 203 12.46 -31.22 -16.36
N TYR C 204 12.98 -32.32 -15.81
CA TYR C 204 12.15 -33.47 -15.50
C TYR C 204 11.08 -33.12 -14.48
N TYR C 205 11.47 -32.44 -13.39
CA TYR C 205 10.47 -32.04 -12.40
C TYR C 205 9.43 -31.10 -12.97
N ARG C 206 9.87 -30.11 -13.76
CA ARG C 206 8.91 -29.18 -14.34
C ARG C 206 7.93 -29.89 -15.25
N ASP C 207 8.42 -30.84 -16.05
CA ASP C 207 7.54 -31.60 -16.93
C ASP C 207 6.51 -32.39 -16.14
N VAL C 208 6.93 -33.02 -15.04
CA VAL C 208 5.98 -33.79 -14.23
C VAL C 208 4.88 -32.89 -13.69
N GLU C 209 5.26 -31.72 -13.16
CA GLU C 209 4.28 -30.81 -12.58
C GLU C 209 3.29 -30.32 -13.65
N MET C 210 3.82 -29.86 -14.78
CA MET C 210 2.94 -29.39 -15.85
C MET C 210 2.05 -30.50 -16.38
N ALA C 211 2.54 -31.74 -16.38
CA ALA C 211 1.72 -32.85 -16.84
C ALA C 211 0.55 -33.09 -15.91
N PHE C 212 0.79 -33.08 -14.59
CA PHE C 212 -0.36 -33.22 -13.70
C PHE C 212 -1.26 -32.00 -13.66
N ILE C 213 -0.83 -30.85 -14.16
CA ILE C 213 -1.76 -29.71 -14.17
C ILE C 213 -2.55 -29.63 -15.47
N TYR C 214 -1.93 -29.85 -16.63
CA TYR C 214 -2.58 -29.61 -17.91
C TYR C 214 -2.62 -30.83 -18.82
N GLY C 215 -2.48 -32.04 -18.28
CA GLY C 215 -2.49 -33.21 -19.13
C GLY C 215 -3.88 -33.57 -19.62
N ARG C 216 -3.92 -34.48 -20.59
CA ARG C 216 -5.17 -35.04 -21.09
C ARG C 216 -5.04 -36.56 -21.22
N LYS C 217 -6.17 -37.24 -21.08
CA LYS C 217 -6.19 -38.69 -20.95
C LYS C 217 -6.44 -39.35 -22.31
N SER C 218 -5.59 -40.31 -22.67
CA SER C 218 -5.78 -41.06 -23.91
C SER C 218 -4.92 -42.31 -23.87
N GLU C 219 -5.24 -43.25 -24.76
CA GLU C 219 -4.46 -44.46 -24.93
C GLU C 219 -4.45 -44.82 -26.41
N THR C 220 -3.25 -44.98 -26.97
CA THR C 220 -3.08 -45.32 -28.38
C THR C 220 -2.01 -46.40 -28.49
N VAL C 221 -1.57 -46.65 -29.71
CA VAL C 221 -0.50 -47.61 -29.99
C VAL C 221 0.64 -46.87 -30.66
N GLY C 222 1.86 -47.13 -30.23
CA GLY C 222 3.02 -46.41 -30.69
C GLY C 222 3.58 -46.96 -31.98
N GLU C 223 4.76 -46.45 -32.34
CA GLU C 223 5.48 -47.01 -33.49
C GLU C 223 5.83 -48.47 -33.25
N ASN C 224 6.29 -48.78 -32.04
CA ASN C 224 6.30 -50.16 -31.58
C ASN C 224 4.87 -50.63 -31.34
N GLY C 225 4.66 -51.94 -31.43
CA GLY C 225 3.32 -52.47 -31.27
C GLY C 225 2.72 -52.25 -29.90
N LYS C 226 3.54 -51.90 -28.92
CA LYS C 226 3.06 -51.76 -27.55
C LYS C 226 2.24 -50.48 -27.38
N PRO C 227 1.38 -50.44 -26.37
CA PRO C 227 0.51 -49.26 -26.20
C PRO C 227 1.22 -48.08 -25.56
N GLU C 228 0.59 -46.92 -25.71
CA GLU C 228 1.09 -45.66 -25.17
C GLU C 228 -0.04 -44.95 -24.44
N ARG C 229 0.25 -44.44 -23.25
CA ARG C 229 -0.78 -43.86 -22.38
C ARG C 229 -0.36 -42.49 -21.88
N THR C 230 -1.32 -41.57 -21.80
CA THR C 230 -1.09 -40.24 -21.27
C THR C 230 -2.11 -39.96 -20.18
N THR C 231 -1.63 -39.47 -19.04
CA THR C 231 -2.50 -39.24 -17.89
C THR C 231 -3.27 -37.93 -18.05
N GLY C 232 -4.39 -37.84 -17.36
CA GLY C 232 -5.21 -36.64 -17.34
C GLY C 232 -4.86 -35.77 -16.15
N GLY C 233 -4.77 -34.47 -16.40
CA GLY C 233 -4.39 -33.52 -15.38
C GLY C 233 -5.57 -33.07 -14.53
N LEU C 234 -5.27 -32.12 -13.65
CA LEU C 234 -6.30 -31.60 -12.74
C LEU C 234 -7.43 -30.95 -13.51
N LEU C 235 -7.11 -30.17 -14.55
CA LEU C 235 -8.14 -29.51 -15.33
C LEU C 235 -8.97 -30.49 -16.14
N ASN C 236 -8.45 -31.68 -16.40
CA ASN C 236 -9.20 -32.68 -17.16
C ASN C 236 -10.43 -33.14 -16.39
N PHE C 237 -10.35 -33.18 -15.06
CA PHE C 237 -11.45 -33.67 -14.25
C PHE C 237 -12.39 -32.56 -13.79
N ILE C 238 -11.88 -31.35 -13.56
CA ILE C 238 -12.71 -30.22 -13.16
C ILE C 238 -13.44 -29.72 -14.40
N THR C 239 -14.70 -30.13 -14.57
CA THR C 239 -15.48 -29.75 -15.72
C THR C 239 -16.64 -28.83 -15.41
N THR C 240 -17.02 -28.67 -14.15
CA THR C 240 -18.18 -27.86 -13.79
C THR C 240 -17.80 -26.43 -13.45
N ASN C 241 -16.95 -26.26 -12.44
CA ASN C 241 -16.67 -24.94 -11.88
C ASN C 241 -15.41 -24.36 -12.52
N ARG C 242 -15.49 -24.10 -13.82
CA ARG C 242 -14.42 -23.43 -14.52
C ARG C 242 -14.98 -22.20 -15.22
N THR C 243 -14.39 -21.03 -14.94
CA THR C 243 -14.83 -19.79 -15.53
C THR C 243 -13.60 -19.00 -16.00
N GLN C 244 -13.83 -18.14 -16.97
CA GLN C 244 -12.78 -17.29 -17.53
C GLN C 244 -13.18 -15.83 -17.36
N PHE C 245 -12.31 -15.05 -16.72
CA PHE C 245 -12.55 -13.64 -16.49
C PHE C 245 -11.91 -12.81 -17.59
N GLY C 246 -12.45 -11.62 -17.80
CA GLY C 246 -11.92 -10.73 -18.81
C GLY C 246 -12.99 -9.79 -19.30
N THR C 247 -12.56 -8.86 -20.14
CA THR C 247 -13.44 -7.83 -20.69
C THR C 247 -13.91 -8.13 -22.10
N GLY C 248 -13.50 -9.25 -22.68
CA GLY C 248 -13.89 -9.61 -24.02
C GLY C 248 -15.28 -10.25 -24.05
N ALA C 249 -15.58 -10.83 -25.21
CA ALA C 249 -16.85 -11.52 -25.38
C ALA C 249 -16.79 -12.92 -24.79
N GLY C 250 -17.85 -13.30 -24.08
CA GLY C 250 -17.91 -14.60 -23.43
C GLY C 250 -17.19 -14.70 -22.11
N LYS C 251 -16.63 -13.60 -21.60
CA LYS C 251 -15.86 -13.61 -20.37
C LYS C 251 -16.59 -12.79 -19.32
N THR C 252 -16.67 -13.32 -18.10
CA THR C 252 -17.30 -12.60 -17.01
C THR C 252 -16.43 -11.45 -16.54
N GLU C 253 -17.06 -10.29 -16.35
CA GLU C 253 -16.37 -9.17 -15.74
C GLU C 253 -16.03 -9.48 -14.29
N LEU C 254 -14.86 -9.05 -13.86
CA LEU C 254 -14.38 -9.39 -12.52
C LEU C 254 -14.66 -8.25 -11.56
N THR C 255 -15.49 -8.52 -10.55
CA THR C 255 -15.71 -7.63 -9.43
C THR C 255 -15.61 -8.48 -8.17
N GLU C 256 -15.80 -7.83 -7.02
CA GLU C 256 -15.82 -8.58 -5.77
C GLU C 256 -16.97 -9.58 -5.74
N ASP C 257 -18.13 -9.16 -6.25
CA ASP C 257 -19.29 -10.05 -6.29
C ASP C 257 -19.02 -11.25 -7.21
N SER C 258 -18.30 -11.03 -8.31
CA SER C 258 -18.00 -12.14 -9.21
C SER C 258 -17.15 -13.20 -8.51
N LEU C 259 -16.13 -12.78 -7.76
CA LEU C 259 -15.36 -13.75 -7.00
C LEU C 259 -16.19 -14.44 -5.94
N ILE C 260 -17.04 -13.68 -5.23
CA ILE C 260 -17.86 -14.30 -4.20
C ILE C 260 -18.76 -15.37 -4.80
N ASP C 261 -19.37 -15.08 -5.95
CA ASP C 261 -20.19 -16.08 -6.62
C ASP C 261 -19.36 -17.27 -7.09
N PHE C 262 -18.16 -17.01 -7.60
CA PHE C 262 -17.31 -18.08 -8.10
C PHE C 262 -16.89 -19.02 -6.97
N PHE C 263 -16.61 -18.47 -5.80
CA PHE C 263 -16.20 -19.30 -4.67
C PHE C 263 -17.35 -20.13 -4.12
N ALA C 264 -18.57 -19.59 -4.15
CA ALA C 264 -19.67 -20.19 -3.42
C ALA C 264 -20.12 -21.53 -3.98
N ASN C 265 -19.68 -21.90 -5.19
CA ASN C 265 -20.18 -23.11 -5.82
C ASN C 265 -19.50 -24.38 -5.31
N VAL C 266 -18.44 -24.26 -4.51
CA VAL C 266 -17.67 -25.43 -4.11
C VAL C 266 -18.06 -25.97 -2.74
N PHE C 267 -19.10 -25.42 -2.11
CA PHE C 267 -19.47 -25.82 -0.75
C PHE C 267 -20.85 -26.46 -0.67
N ASN C 268 -21.51 -26.70 -1.80
CA ASN C 268 -22.87 -27.22 -1.75
C ASN C 268 -22.92 -28.67 -1.27
N TYR C 269 -21.89 -29.45 -1.56
CA TYR C 269 -21.84 -30.86 -1.19
C TYR C 269 -20.67 -31.10 -0.25
N ASP C 270 -20.85 -32.06 0.65
CA ASP C 270 -19.78 -32.46 1.56
C ASP C 270 -19.19 -33.77 1.05
N GLY C 271 -17.88 -33.77 0.84
CA GLY C 271 -17.19 -34.90 0.25
C GLY C 271 -16.81 -35.94 1.29
N GLN C 272 -15.76 -36.70 0.96
CA GLN C 272 -15.32 -37.77 1.85
C GLN C 272 -14.81 -37.22 3.17
N GLY C 273 -14.03 -36.14 3.13
CA GLY C 273 -13.57 -35.50 4.34
C GLY C 273 -13.45 -33.99 4.18
N ALA C 274 -13.89 -33.47 3.05
CA ALA C 274 -13.75 -32.05 2.76
C ALA C 274 -14.71 -31.25 3.64
N GLY C 275 -14.17 -30.43 4.53
CA GLY C 275 -15.00 -29.64 5.41
C GLY C 275 -15.43 -28.35 4.76
N ASN C 276 -15.16 -27.22 5.41
CA ASN C 276 -15.52 -25.92 4.87
C ASN C 276 -14.29 -25.06 4.59
N GLN C 277 -13.16 -25.68 4.27
CA GLN C 277 -11.92 -24.96 3.98
C GLN C 277 -11.31 -25.50 2.69
N ARG C 278 -10.69 -24.60 1.93
CA ARG C 278 -10.08 -24.98 0.66
C ARG C 278 -8.73 -24.29 0.53
N ILE C 279 -7.90 -24.82 -0.37
CA ILE C 279 -6.58 -24.28 -0.66
C ILE C 279 -6.59 -23.76 -2.09
N ALA C 280 -5.97 -22.60 -2.31
CA ALA C 280 -5.91 -22.00 -3.63
C ALA C 280 -4.47 -21.75 -4.03
N PHE C 281 -4.14 -22.04 -5.28
CA PHE C 281 -2.84 -21.75 -5.86
C PHE C 281 -3.00 -20.68 -6.91
N VAL C 282 -2.28 -19.57 -6.76
CA VAL C 282 -2.45 -18.39 -7.60
C VAL C 282 -1.09 -17.89 -8.04
N GLY C 283 -1.11 -17.05 -9.09
CA GLY C 283 0.07 -16.31 -9.49
C GLY C 283 0.15 -14.98 -8.80
N ASN C 284 1.28 -14.30 -9.01
CA ASN C 284 1.50 -13.01 -8.35
C ASN C 284 0.48 -11.98 -8.79
N THR C 285 0.16 -11.95 -10.09
CA THR C 285 -0.81 -10.98 -10.59
C THR C 285 -2.18 -11.19 -9.97
N ALA C 286 -2.61 -12.45 -9.84
CA ALA C 286 -3.90 -12.75 -9.21
C ALA C 286 -3.91 -12.30 -7.76
N LEU C 287 -2.84 -12.56 -7.02
CA LEU C 287 -2.80 -12.17 -5.62
C LEU C 287 -2.85 -10.65 -5.48
N THR C 288 -2.10 -9.93 -6.32
CA THR C 288 -2.11 -8.48 -6.27
C THR C 288 -3.51 -7.95 -6.59
N LYS C 289 -4.18 -8.54 -7.59
CA LYS C 289 -5.52 -8.07 -7.94
C LYS C 289 -6.50 -8.33 -6.80
N ILE C 290 -6.41 -9.48 -6.15
CA ILE C 290 -7.32 -9.78 -5.05
C ILE C 290 -7.10 -8.82 -3.89
N ASN C 291 -5.83 -8.55 -3.56
CA ASN C 291 -5.54 -7.58 -2.51
C ASN C 291 -6.08 -6.20 -2.86
N LYS C 292 -5.92 -5.79 -4.12
CA LYS C 292 -6.46 -4.49 -4.54
C LYS C 292 -7.97 -4.47 -4.43
N LEU C 293 -8.64 -5.56 -4.81
CA LEU C 293 -10.09 -5.62 -4.70
C LEU C 293 -10.53 -5.46 -3.26
N ALA C 294 -9.83 -6.11 -2.33
CA ALA C 294 -10.16 -5.92 -0.92
C ALA C 294 -9.91 -4.48 -0.48
N ARG C 295 -8.79 -3.89 -0.92
CA ARG C 295 -8.41 -2.57 -0.43
C ARG C 295 -9.31 -1.47 -1.01
N ASN C 296 -9.74 -1.62 -2.25
CA ASN C 296 -10.51 -0.58 -2.91
C ASN C 296 -12.00 -0.68 -2.65
N SER C 297 -12.42 -1.59 -1.78
CA SER C 297 -13.83 -1.69 -1.42
C SER C 297 -14.27 -0.41 -0.73
N PRO C 298 -15.50 0.06 -0.97
CA PRO C 298 -15.92 1.35 -0.40
C PRO C 298 -15.98 1.35 1.12
N SER C 299 -16.01 0.20 1.76
CA SER C 299 -16.19 0.11 3.21
C SER C 299 -14.95 -0.39 3.94
N THR C 300 -13.76 -0.16 3.38
CA THR C 300 -12.51 -0.59 3.99
C THR C 300 -11.70 0.64 4.37
N ARG C 301 -11.13 0.61 5.58
CA ARG C 301 -10.33 1.72 6.08
C ARG C 301 -9.09 1.19 6.77
N ILE C 302 -8.06 2.03 6.82
CA ILE C 302 -6.80 1.73 7.50
C ILE C 302 -6.52 2.85 8.48
N ASN C 303 -6.29 2.50 9.75
CA ASN C 303 -6.41 3.45 10.85
C ASN C 303 -5.10 3.61 11.60
N PHE C 304 -4.54 4.81 11.55
CA PHE C 304 -3.43 5.20 12.42
C PHE C 304 -3.96 6.04 13.56
N ASP C 305 -3.31 5.95 14.73
CA ASP C 305 -3.83 6.62 15.91
C ASP C 305 -3.66 8.13 15.81
N LYS C 306 -2.41 8.60 15.81
CA LYS C 306 -2.16 10.04 15.71
C LYS C 306 -1.12 10.40 14.67
N GLN C 307 -0.52 9.42 14.01
CA GLN C 307 0.59 9.64 13.10
C GLN C 307 0.86 8.35 12.36
N VAL C 308 1.18 8.46 11.07
CA VAL C 308 1.62 7.31 10.30
C VAL C 308 2.99 6.90 10.84
N THR C 309 3.04 5.70 11.44
CA THR C 309 4.09 5.40 12.41
C THR C 309 5.04 4.28 12.01
N GLN C 310 4.56 3.09 11.71
CA GLN C 310 5.46 1.96 11.57
C GLN C 310 5.48 1.35 10.19
N VAL C 311 4.32 1.00 9.63
CA VAL C 311 4.27 0.21 8.42
C VAL C 311 2.98 0.53 7.68
N TYR C 312 3.04 0.46 6.36
CA TYR C 312 1.87 0.63 5.50
C TYR C 312 1.97 -0.36 4.36
N GLY C 313 0.86 -1.00 4.02
CA GLY C 313 0.87 -1.95 2.92
C GLY C 313 -0.35 -2.86 2.98
N MET C 314 -0.23 -4.00 2.30
CA MET C 314 -1.35 -4.94 2.21
C MET C 314 -0.83 -6.31 1.81
N ASN C 315 -1.12 -7.32 2.64
CA ASN C 315 -0.94 -8.72 2.23
C ASN C 315 -1.83 -9.58 3.12
N PHE C 316 -2.95 -10.02 2.59
CA PHE C 316 -3.84 -10.92 3.30
C PHE C 316 -4.03 -12.19 2.48
N THR C 317 -4.06 -13.33 3.17
CA THR C 317 -4.05 -14.63 2.51
C THR C 317 -5.29 -15.45 2.78
N ARG C 318 -6.27 -14.93 3.51
CA ARG C 318 -7.48 -15.67 3.85
C ARG C 318 -8.70 -14.86 3.47
N TRP C 319 -9.63 -15.49 2.76
CA TRP C 319 -10.90 -14.89 2.40
C TRP C 319 -12.01 -15.66 3.11
N VAL C 320 -12.89 -14.98 3.82
CA VAL C 320 -14.03 -15.61 4.49
C VAL C 320 -15.34 -15.36 3.79
N LEU C 321 -16.18 -16.37 3.66
CA LEU C 321 -17.43 -16.26 2.94
C LEU C 321 -18.45 -16.75 3.90
N PRO C 322 -19.72 -16.50 3.64
CA PRO C 322 -20.69 -17.07 4.56
C PRO C 322 -20.62 -18.59 4.61
N GLN C 323 -20.48 -19.27 3.50
CA GLN C 323 -20.31 -20.72 3.45
C GLN C 323 -19.03 -21.34 3.99
N GLY C 324 -17.86 -20.74 3.78
CA GLY C 324 -16.58 -21.32 4.17
C GLY C 324 -15.42 -20.40 3.86
N GLU C 325 -14.18 -20.86 4.00
CA GLU C 325 -13.00 -20.05 3.75
C GLU C 325 -12.04 -20.51 2.67
N ILE C 326 -11.18 -19.60 2.18
CA ILE C 326 -10.19 -19.88 1.14
C ILE C 326 -8.83 -19.43 1.63
N PHE C 327 -7.83 -20.29 1.46
CA PHE C 327 -6.45 -19.96 1.79
C PHE C 327 -5.65 -19.85 0.50
N PHE C 328 -4.88 -18.78 0.36
CA PHE C 328 -4.15 -18.50 -0.87
C PHE C 328 -2.66 -18.79 -0.68
N LYS C 329 -2.03 -19.30 -1.74
CA LYS C 329 -0.60 -19.54 -1.75
C LYS C 329 -0.12 -19.49 -3.20
N THR C 330 1.06 -18.91 -3.40
CA THR C 330 1.56 -18.61 -4.75
C THR C 330 2.40 -19.77 -5.27
N HIS C 331 2.18 -20.13 -6.53
CA HIS C 331 2.91 -21.21 -7.17
C HIS C 331 4.15 -20.65 -7.86
N PRO C 332 5.35 -21.17 -7.57
CA PRO C 332 6.55 -20.64 -8.23
C PRO C 332 6.53 -20.74 -9.75
N LEU C 333 5.98 -21.83 -10.29
CA LEU C 333 5.93 -21.96 -11.74
C LEU C 333 4.94 -20.98 -12.36
N PHE C 334 3.96 -20.51 -11.59
CA PHE C 334 3.01 -19.54 -12.12
C PHE C 334 3.63 -18.16 -12.20
N ASN C 335 4.45 -17.80 -11.22
CA ASN C 335 4.96 -16.43 -11.14
C ASN C 335 5.86 -16.09 -12.31
N VAL C 336 6.59 -17.09 -12.82
CA VAL C 336 7.54 -16.83 -13.91
C VAL C 336 6.79 -16.53 -15.21
N HIS C 337 5.78 -17.33 -15.53
CA HIS C 337 5.11 -17.18 -16.81
C HIS C 337 4.17 -15.97 -16.78
N PRO C 338 4.08 -15.22 -17.88
CA PRO C 338 3.19 -14.06 -17.89
C PRO C 338 1.72 -14.42 -17.79
N GLU C 339 1.26 -15.37 -18.62
CA GLU C 339 -0.15 -15.73 -18.61
C GLU C 339 -0.51 -16.57 -17.39
N LEU C 340 0.39 -17.45 -16.95
CA LEU C 340 0.08 -18.32 -15.83
C LEU C 340 -0.01 -17.57 -14.51
N SER C 341 0.54 -16.36 -14.44
CA SER C 341 0.44 -15.58 -13.22
C SER C 341 -0.97 -15.06 -12.96
N LYS C 342 -1.88 -15.25 -13.91
CA LYS C 342 -3.27 -14.82 -13.81
C LYS C 342 -4.21 -16.02 -13.71
N ALA C 343 -3.81 -17.05 -12.96
CA ALA C 343 -4.60 -18.27 -12.86
C ALA C 343 -4.79 -18.65 -11.40
N MET C 344 -5.91 -19.33 -11.12
CA MET C 344 -6.25 -19.77 -9.77
C MET C 344 -6.74 -21.21 -9.80
N MET C 345 -6.36 -21.99 -8.79
CA MET C 345 -6.83 -23.36 -8.63
C MET C 345 -7.38 -23.52 -7.21
N VAL C 346 -8.70 -23.69 -7.11
CA VAL C 346 -9.33 -24.01 -5.84
C VAL C 346 -9.48 -25.52 -5.77
N LEU C 347 -8.88 -26.14 -4.76
CA LEU C 347 -8.82 -27.59 -4.71
C LEU C 347 -8.88 -28.08 -3.27
N ASN C 348 -9.36 -29.31 -3.12
CA ASN C 348 -9.49 -29.95 -1.83
C ASN C 348 -8.40 -31.00 -1.70
N PRO C 349 -7.42 -30.82 -0.81
CA PRO C 349 -6.27 -31.75 -0.78
C PRO C 349 -6.63 -33.17 -0.44
N LYS C 350 -7.71 -33.39 0.30
CA LYS C 350 -8.09 -34.77 0.67
C LYS C 350 -8.52 -35.57 -0.55
N GLY C 351 -9.06 -34.92 -1.57
CA GLY C 351 -9.58 -35.60 -2.73
C GLY C 351 -8.60 -35.83 -3.85
N ILE C 352 -7.31 -35.57 -3.63
CA ILE C 352 -6.28 -35.70 -4.67
C ILE C 352 -5.23 -36.68 -4.17
N LYS C 353 -4.94 -37.69 -4.98
CA LYS C 353 -3.90 -38.66 -4.68
C LYS C 353 -3.06 -38.90 -5.92
N GLU C 354 -1.83 -39.36 -5.69
CA GLU C 354 -0.91 -39.71 -6.75
C GLU C 354 -0.73 -41.21 -6.78
N ARG C 355 -0.98 -41.83 -7.93
CA ARG C 355 -0.90 -43.27 -8.08
C ARG C 355 0.41 -43.61 -8.79
N VAL C 356 1.23 -44.45 -8.17
CA VAL C 356 2.58 -44.71 -8.63
C VAL C 356 2.69 -46.18 -9.01
N LEU C 357 3.11 -46.44 -10.25
CA LEU C 357 3.43 -47.78 -10.70
C LEU C 357 4.92 -48.07 -10.63
N ARG C 358 5.75 -47.15 -11.10
CA ARG C 358 7.21 -47.25 -10.99
C ARG C 358 7.75 -45.92 -10.52
N ALA C 359 8.42 -45.91 -9.37
CA ALA C 359 8.95 -44.68 -8.83
C ALA C 359 10.12 -44.18 -9.67
N THR C 360 10.39 -42.89 -9.57
CA THR C 360 11.45 -42.27 -10.34
C THR C 360 12.81 -42.74 -9.83
N LYS C 361 13.64 -43.22 -10.75
CA LYS C 361 14.98 -43.67 -10.40
C LYS C 361 15.94 -43.37 -11.54
N PRO C 362 17.22 -43.19 -11.26
CA PRO C 362 18.19 -42.95 -12.33
C PRO C 362 18.56 -44.23 -13.06
N GLU C 363 19.06 -44.06 -14.28
CA GLU C 363 19.58 -45.16 -15.07
C GLU C 363 20.83 -44.68 -15.80
N ASN C 364 21.89 -45.48 -15.76
CA ASN C 364 23.20 -45.05 -16.23
C ASN C 364 23.74 -46.01 -17.27
N ASP C 365 24.71 -45.49 -18.04
CA ASP C 365 25.44 -46.28 -19.03
C ASP C 365 24.50 -46.82 -20.12
N ILE C 366 23.78 -45.91 -20.77
CA ILE C 366 22.82 -46.28 -21.80
C ILE C 366 23.25 -45.77 -23.18
N GLN C 367 24.53 -45.50 -23.36
CA GLN C 367 25.03 -45.13 -24.67
C GLN C 367 25.23 -46.38 -25.52
N GLN C 368 25.43 -46.17 -26.82
CA GLN C 368 25.66 -47.29 -27.72
C GLN C 368 26.97 -47.99 -27.39
N VAL C 369 27.02 -49.28 -27.69
CA VAL C 369 28.21 -50.08 -27.37
C VAL C 369 29.40 -49.56 -28.18
N GLY C 370 30.54 -49.42 -27.52
CA GLY C 370 31.75 -48.97 -28.16
C GLY C 370 31.90 -47.47 -28.27
N GLN C 371 30.84 -46.71 -28.03
CA GLN C 371 30.90 -45.27 -28.16
C GLN C 371 31.66 -44.64 -26.99
N ASP C 372 32.49 -43.65 -27.29
CA ASP C 372 33.23 -42.92 -26.26
C ASP C 372 32.38 -41.74 -25.78
N SER C 373 31.39 -42.08 -24.96
CA SER C 373 30.42 -41.11 -24.49
C SER C 373 29.86 -41.57 -23.16
N ILE C 374 29.17 -40.66 -22.48
CA ILE C 374 28.46 -40.97 -21.24
C ILE C 374 27.01 -40.54 -21.40
N LYS C 375 26.09 -41.45 -21.10
CA LYS C 375 24.67 -41.20 -21.21
C LYS C 375 23.94 -41.66 -19.96
N GLY C 376 22.94 -40.91 -19.55
CA GLY C 376 22.15 -41.25 -18.39
C GLY C 376 20.78 -40.63 -18.49
N GLN C 377 19.85 -41.13 -17.68
CA GLN C 377 18.48 -40.67 -17.78
C GLN C 377 17.74 -40.94 -16.48
N TRP C 378 16.57 -40.32 -16.36
CA TRP C 378 15.61 -40.60 -15.30
C TRP C 378 14.31 -41.10 -15.93
N ILE C 379 13.68 -42.08 -15.29
CA ILE C 379 12.47 -42.70 -15.83
C ILE C 379 11.50 -42.98 -14.69
N GLY C 380 10.21 -42.86 -14.98
CA GLY C 380 9.17 -43.17 -14.01
C GLY C 380 7.84 -43.39 -14.69
N GLU C 381 6.92 -44.01 -13.96
CA GLU C 381 5.58 -44.31 -14.45
C GLU C 381 4.57 -44.12 -13.34
N PHE C 382 3.64 -43.19 -13.52
CA PHE C 382 2.72 -42.80 -12.47
C PHE C 382 1.68 -41.83 -13.03
N GLY C 383 0.56 -41.71 -12.30
CA GLY C 383 -0.59 -40.94 -12.75
C GLY C 383 -1.37 -40.38 -11.58
N LEU C 384 -2.45 -39.66 -11.90
CA LEU C 384 -3.18 -38.84 -10.96
C LEU C 384 -4.62 -39.29 -10.82
N GLU C 385 -5.17 -39.13 -9.62
CA GLU C 385 -6.57 -39.45 -9.33
C GLU C 385 -7.22 -38.30 -8.58
N VAL C 386 -8.40 -37.87 -9.04
CA VAL C 386 -9.17 -36.80 -8.42
C VAL C 386 -10.53 -37.34 -8.05
N ASN C 387 -10.92 -37.21 -6.78
CA ASN C 387 -12.12 -37.89 -6.32
C ASN C 387 -13.40 -37.12 -6.66
N HIS C 388 -13.61 -35.96 -6.05
CA HIS C 388 -14.88 -35.25 -6.16
C HIS C 388 -14.65 -33.92 -6.85
N GLU C 389 -15.02 -33.82 -8.12
CA GLU C 389 -14.69 -32.64 -8.90
C GLU C 389 -15.62 -31.47 -8.65
N GLU C 390 -16.76 -31.67 -8.00
CA GLU C 390 -17.67 -30.58 -7.73
C GLU C 390 -17.24 -29.72 -6.55
N THR C 391 -16.27 -30.18 -5.76
CA THR C 391 -15.74 -29.41 -4.65
C THR C 391 -14.48 -28.65 -5.02
N MET C 392 -14.21 -28.50 -6.31
CA MET C 392 -13.00 -27.87 -6.81
C MET C 392 -13.36 -26.93 -7.94
N ALA C 393 -12.46 -25.98 -8.21
CA ALA C 393 -12.74 -24.98 -9.24
C ALA C 393 -11.44 -24.54 -9.89
N PHE C 394 -11.56 -23.99 -11.10
CA PHE C 394 -10.44 -23.46 -11.85
C PHE C 394 -10.85 -22.13 -12.45
N ALA C 395 -9.94 -21.16 -12.44
CA ALA C 395 -10.24 -19.83 -12.94
C ALA C 395 -9.14 -19.34 -13.86
N GLY C 396 -9.54 -18.56 -14.86
CA GLY C 396 -8.60 -17.94 -15.76
C GLY C 396 -8.84 -16.44 -15.81
N GLY C 397 -7.91 -15.75 -16.44
CA GLY C 397 -7.93 -14.30 -16.46
C GLY C 397 -7.44 -13.75 -15.14
N ILE C 398 -7.12 -12.45 -15.15
CA ILE C 398 -6.53 -11.83 -13.97
C ILE C 398 -7.39 -12.11 -12.76
N ALA C 399 -6.78 -12.59 -11.70
CA ALA C 399 -7.48 -12.99 -10.49
C ALA C 399 -8.63 -13.95 -10.77
N ALA D 2 52.67 57.06 21.56
CA ALA D 2 52.81 56.40 22.84
C ALA D 2 52.29 57.27 23.97
N THR D 3 51.69 58.41 23.61
CA THR D 3 51.15 59.35 24.56
C THR D 3 49.65 59.51 24.34
N ILE D 4 48.88 59.35 25.40
CA ILE D 4 47.42 59.42 25.35
C ILE D 4 46.97 60.50 26.32
N ALA D 5 46.11 61.39 25.85
CA ALA D 5 45.58 62.48 26.66
C ALA D 5 44.10 62.27 26.91
N GLY D 6 43.71 62.30 28.18
CA GLY D 6 42.31 62.13 28.54
C GLY D 6 41.98 60.72 28.97
N LEU D 7 40.75 60.28 28.70
CA LEU D 7 40.35 58.92 29.04
C LEU D 7 41.12 57.90 28.23
N ARG D 8 41.25 56.71 28.79
CA ARG D 8 41.79 55.57 28.09
C ARG D 8 40.65 54.61 27.78
N GLY D 9 40.47 54.30 26.49
CA GLY D 9 39.45 53.37 26.07
C GLY D 9 40.03 52.15 25.39
N THR D 10 39.16 51.30 24.84
CA THR D 10 39.66 50.10 24.16
C THR D 10 40.36 50.44 22.85
N GLY D 11 40.15 51.63 22.30
CA GLY D 11 40.83 52.07 21.12
C GLY D 11 42.10 52.85 21.38
N ASP D 12 42.64 52.80 22.60
CA ASP D 12 43.81 53.58 22.96
C ASP D 12 45.06 52.73 23.21
N TRP D 13 44.95 51.40 23.22
CA TRP D 13 46.15 50.59 23.28
C TRP D 13 46.95 50.73 21.99
N GLY D 14 48.23 50.37 22.08
CA GLY D 14 49.08 50.33 20.92
C GLY D 14 48.78 49.15 20.02
N ASN D 15 49.48 49.10 18.90
CA ASN D 15 49.29 48.03 17.94
C ASN D 15 49.63 46.69 18.57
N GLN D 16 48.77 45.69 18.33
CA GLN D 16 48.91 44.31 18.78
C GLN D 16 48.84 44.15 20.28
N GLU D 17 48.64 45.24 21.04
CA GLU D 17 48.58 45.10 22.50
C GLU D 17 47.28 44.46 22.95
N ARG D 18 46.19 44.70 22.23
CA ARG D 18 44.88 44.20 22.63
C ARG D 18 44.36 43.21 21.58
N PRO D 19 44.52 41.91 21.81
CA PRO D 19 43.82 40.94 20.97
C PRO D 19 42.36 40.86 21.36
N THR D 20 41.56 40.33 20.44
CA THR D 20 40.15 40.12 20.70
C THR D 20 39.96 38.73 21.29
N ASP D 21 38.72 38.27 21.39
CA ASP D 21 38.41 36.96 21.93
C ASP D 21 38.16 35.98 20.78
N PHE D 22 38.77 34.80 20.88
CA PHE D 22 38.70 33.80 19.82
C PHE D 22 38.35 32.44 20.40
N ARG D 23 37.60 31.65 19.63
CA ARG D 23 37.35 30.25 19.97
C ARG D 23 38.35 29.41 19.16
N GLU D 24 39.34 28.84 19.85
CA GLU D 24 40.47 28.17 19.18
C GLU D 24 40.07 26.77 18.74
N THR D 25 39.10 26.71 17.84
CA THR D 25 38.61 25.44 17.33
C THR D 25 37.73 25.70 16.12
N ILE D 26 37.87 24.83 15.12
CA ILE D 26 37.00 24.82 13.96
C ILE D 26 35.81 23.94 14.28
N LEU D 27 34.61 24.47 14.09
CA LEU D 27 33.39 23.67 14.23
C LEU D 27 33.04 23.09 12.87
N TRP D 28 33.13 21.77 12.74
CA TRP D 28 32.91 21.12 11.47
C TRP D 28 31.43 20.88 11.22
N MET D 29 31.06 20.88 9.95
CA MET D 29 29.68 20.78 9.53
C MET D 29 29.58 19.63 8.54
N GLU D 30 28.70 18.67 8.80
CA GLU D 30 28.71 17.41 8.07
C GLU D 30 27.33 17.02 7.59
N PRO D 31 27.24 16.28 6.49
CA PRO D 31 25.93 15.81 6.01
C PRO D 31 25.28 14.87 7.02
N ASN D 32 23.95 14.93 7.07
CA ASN D 32 23.16 14.13 7.99
C ASN D 32 22.31 13.11 7.24
N GLY D 33 22.15 11.95 7.83
CA GLY D 33 21.33 10.90 7.24
C GLY D 33 21.24 9.70 8.17
N GLN D 34 20.36 8.78 7.80
CA GLN D 34 20.11 7.58 8.59
C GLN D 34 21.07 6.44 8.27
N ALA D 35 21.98 6.65 7.35
CA ALA D 35 22.96 5.66 6.93
C ALA D 35 24.35 6.26 7.06
N PRO D 36 25.39 5.44 7.05
CA PRO D 36 26.76 5.98 7.04
C PRO D 36 27.01 6.84 5.81
N LEU D 37 28.15 7.54 5.84
CA LEU D 37 28.48 8.45 4.74
C LEU D 37 28.62 7.70 3.43
N GLN D 38 29.31 6.57 3.44
CA GLN D 38 29.40 5.70 2.27
C GLN D 38 28.33 4.62 2.43
N ALA D 39 27.10 4.98 2.06
CA ALA D 39 25.96 4.10 2.30
C ALA D 39 26.10 2.80 1.54
N LEU D 40 26.47 2.87 0.27
CA LEU D 40 26.56 1.67 -0.55
C LEU D 40 27.81 0.86 -0.21
N MET D 41 28.90 1.52 0.16
CA MET D 41 30.13 0.81 0.46
C MET D 41 29.95 -0.13 1.63
N SER D 42 29.24 0.30 2.66
CA SER D 42 29.08 -0.52 3.86
C SER D 42 28.29 -1.78 3.58
N LYS D 43 27.38 -1.74 2.62
CA LYS D 43 26.55 -2.91 2.34
C LYS D 43 27.29 -3.98 1.54
N MET D 44 28.28 -3.59 0.73
CA MET D 44 28.95 -4.57 -0.11
C MET D 44 29.92 -5.44 0.70
N SER D 45 30.45 -6.45 0.03
CA SER D 45 31.56 -7.23 0.51
C SER D 45 32.73 -7.08 -0.45
N SER D 46 33.93 -7.38 0.04
CA SER D 46 35.15 -7.23 -0.73
C SER D 46 35.70 -8.58 -1.12
N GLN D 47 36.32 -8.65 -2.31
CA GLN D 47 36.90 -9.88 -2.80
C GLN D 47 37.96 -9.54 -3.83
N PRO D 48 39.16 -10.10 -3.71
CA PRO D 48 40.27 -9.66 -4.55
C PRO D 48 40.09 -10.05 -6.02
N THR D 49 40.85 -9.37 -6.87
CA THR D 49 40.96 -9.69 -8.29
C THR D 49 42.43 -9.69 -8.69
N THR D 50 42.73 -10.42 -9.75
CA THR D 50 44.10 -10.50 -10.27
C THR D 50 44.24 -9.83 -11.62
N ASP D 51 43.31 -8.96 -12.01
CA ASP D 51 43.36 -8.29 -13.29
C ASP D 51 42.50 -7.04 -13.22
N PRO D 52 42.82 -5.99 -13.97
CA PRO D 52 41.92 -4.84 -14.03
C PRO D 52 40.56 -5.16 -14.62
N GLU D 53 40.40 -6.30 -15.29
CA GLU D 53 39.14 -6.72 -15.86
C GLU D 53 38.74 -8.07 -15.29
N PHE D 54 37.47 -8.20 -14.91
CA PHE D 54 36.94 -9.44 -14.34
C PHE D 54 35.61 -9.77 -14.99
N SER D 55 35.18 -11.02 -14.85
CA SER D 55 33.97 -11.52 -15.50
C SER D 55 33.28 -12.53 -14.62
N TRP D 56 31.99 -12.76 -14.91
CA TRP D 56 31.20 -13.76 -14.22
C TRP D 56 30.05 -14.21 -15.13
N TRP D 57 29.47 -15.36 -14.80
CA TRP D 57 28.41 -15.97 -15.60
C TRP D 57 27.14 -16.15 -14.77
N GLU D 58 26.00 -16.10 -15.44
CA GLU D 58 24.70 -16.30 -14.80
C GLU D 58 23.81 -17.14 -15.70
N GLU D 59 22.87 -17.85 -15.08
CA GLU D 59 21.91 -18.67 -15.80
C GLU D 59 20.61 -18.72 -15.03
N LYS D 60 19.50 -18.89 -15.76
CA LYS D 60 18.18 -18.95 -15.17
C LYS D 60 17.45 -20.22 -15.61
N LEU D 61 16.75 -20.85 -14.68
CA LEU D 61 15.94 -22.02 -14.96
C LEU D 61 14.48 -21.59 -15.05
N THR D 62 13.84 -21.91 -16.17
CA THR D 62 12.52 -21.38 -16.46
C THR D 62 11.79 -22.33 -17.41
N HIS D 63 10.65 -21.89 -17.93
CA HIS D 63 9.87 -22.68 -18.85
C HIS D 63 10.56 -22.77 -20.21
N ASN D 64 10.05 -23.67 -21.05
CA ASN D 64 10.53 -23.85 -22.41
C ASN D 64 9.42 -23.46 -23.36
N ARG D 65 9.50 -22.27 -23.94
CA ARG D 65 8.46 -21.73 -24.79
C ARG D 65 8.93 -21.66 -26.24
N LEU D 66 7.97 -21.87 -27.15
CA LEU D 66 8.21 -21.79 -28.59
C LEU D 66 7.25 -20.76 -29.17
N GLU D 67 7.71 -20.03 -30.19
CA GLU D 67 6.88 -19.03 -30.86
C GLU D 67 6.78 -19.39 -32.33
N VAL D 68 5.56 -19.71 -32.78
CA VAL D 68 5.32 -19.94 -34.19
C VAL D 68 5.52 -18.65 -34.96
N LYS D 69 5.95 -18.76 -36.22
CA LYS D 69 6.24 -17.59 -37.03
C LYS D 69 5.38 -17.46 -38.27
N THR D 70 4.73 -18.53 -38.71
CA THR D 70 3.81 -18.48 -39.83
C THR D 70 2.51 -19.16 -39.44
N GLU D 71 1.40 -18.68 -39.99
CA GLU D 71 0.11 -19.28 -39.69
C GLU D 71 0.08 -20.72 -40.19
N ALA D 72 -0.47 -21.61 -39.37
CA ALA D 72 -0.57 -23.02 -39.70
C ALA D 72 -2.03 -23.46 -39.61
N ALA D 73 -2.52 -24.14 -40.64
CA ALA D 73 -3.88 -24.64 -40.65
C ALA D 73 -3.97 -25.91 -39.81
N ALA D 74 -5.17 -26.50 -39.77
CA ALA D 74 -5.36 -27.70 -38.98
C ALA D 74 -4.76 -28.93 -39.65
N GLY D 75 -4.34 -28.81 -40.91
CA GLY D 75 -3.85 -29.98 -41.63
C GLY D 75 -2.34 -30.13 -41.57
N VAL D 76 -1.61 -29.02 -41.64
CA VAL D 76 -0.16 -29.08 -41.79
C VAL D 76 0.47 -29.68 -40.55
N THR D 77 1.40 -30.62 -40.75
CA THR D 77 2.11 -31.28 -39.66
C THR D 77 3.50 -30.72 -39.45
N THR D 78 3.87 -29.66 -40.18
CA THR D 78 5.18 -29.04 -40.05
C THR D 78 5.01 -27.60 -39.61
N LEU D 79 5.77 -27.20 -38.58
CA LEU D 79 5.64 -25.89 -37.97
C LEU D 79 6.94 -25.12 -38.12
N ALA D 80 6.83 -23.80 -38.24
CA ALA D 80 7.97 -22.90 -38.33
C ALA D 80 8.05 -22.08 -37.05
N VAL D 81 9.19 -22.14 -36.38
CA VAL D 81 9.38 -21.42 -35.13
C VAL D 81 10.48 -20.39 -35.30
N ASP D 82 10.73 -19.61 -34.25
CA ASP D 82 11.78 -18.61 -34.30
C ASP D 82 13.13 -19.29 -34.35
N THR D 83 14.15 -18.54 -34.78
CA THR D 83 15.45 -19.13 -35.08
C THR D 83 16.07 -19.78 -33.86
N ASP D 84 16.63 -20.97 -34.07
CA ASP D 84 17.35 -21.71 -33.04
C ASP D 84 16.48 -22.01 -31.83
N GLN D 85 15.19 -22.22 -32.07
CA GLN D 85 14.26 -22.56 -31.00
C GLN D 85 13.85 -24.02 -31.01
N ALA D 86 14.02 -24.72 -32.12
CA ALA D 86 13.61 -26.11 -32.21
C ALA D 86 14.65 -27.07 -31.65
N TRP D 87 15.87 -26.60 -31.37
CA TRP D 87 16.90 -27.49 -30.85
C TRP D 87 16.58 -27.96 -29.44
N ALA D 88 15.82 -27.16 -28.68
CA ALA D 88 15.49 -27.55 -27.30
C ALA D 88 14.57 -28.76 -27.27
N CYS D 89 13.64 -28.85 -28.21
CA CYS D 89 12.69 -29.96 -28.22
C CYS D 89 13.28 -31.18 -28.90
N VAL D 90 12.82 -32.36 -28.48
CA VAL D 90 13.25 -33.64 -29.03
C VAL D 90 12.02 -34.52 -29.21
N LYS D 91 12.24 -35.69 -29.80
CA LYS D 91 11.14 -36.61 -30.04
C LYS D 91 10.54 -37.08 -28.72
N GLY D 92 9.21 -37.19 -28.70
CA GLY D 92 8.50 -37.60 -27.50
C GLY D 92 8.00 -36.47 -26.62
N ASP D 93 8.32 -35.22 -26.94
CA ASP D 93 7.84 -34.11 -26.15
C ASP D 93 6.37 -33.83 -26.44
N ILE D 94 5.68 -33.28 -25.45
CA ILE D 94 4.27 -32.92 -25.56
C ILE D 94 4.16 -31.41 -25.43
N LEU D 95 3.47 -30.79 -26.37
CA LEU D 95 3.38 -29.34 -26.45
C LEU D 95 1.94 -28.90 -26.28
N MET D 96 1.78 -27.71 -25.71
CA MET D 96 0.48 -27.12 -25.42
C MET D 96 0.38 -25.76 -26.12
N VAL D 97 -0.75 -25.50 -26.77
CA VAL D 97 -0.98 -24.21 -27.40
C VAL D 97 -1.52 -23.24 -26.34
N GLU D 98 -0.85 -22.10 -26.18
CA GLU D 98 -1.23 -21.15 -25.16
C GLU D 98 -2.42 -20.30 -25.61
N SER D 99 -2.99 -19.60 -24.64
CA SER D 99 -4.03 -18.60 -24.89
C SER D 99 -4.00 -17.60 -23.75
N VAL D 100 -4.65 -16.45 -23.97
CA VAL D 100 -4.68 -15.40 -22.95
C VAL D 100 -5.38 -15.92 -21.71
N GLY D 101 -4.86 -15.53 -20.55
CA GLY D 101 -5.31 -16.10 -19.29
C GLY D 101 -4.53 -17.34 -18.93
N GLY D 102 -4.97 -17.98 -17.86
CA GLY D 102 -4.32 -19.17 -17.37
C GLY D 102 -5.00 -20.48 -17.63
N LEU D 103 -6.24 -20.46 -18.12
CA LEU D 103 -7.03 -21.68 -18.28
C LEU D 103 -6.82 -22.19 -19.70
N TRP D 104 -6.10 -23.31 -19.84
CA TRP D 104 -5.70 -23.84 -21.13
C TRP D 104 -6.37 -25.18 -21.36
N ALA D 105 -7.34 -25.22 -22.26
CA ALA D 105 -7.96 -26.44 -22.74
C ALA D 105 -7.86 -26.51 -24.25
N ASN D 106 -6.71 -26.11 -24.78
CA ASN D 106 -6.51 -25.91 -26.20
C ASN D 106 -5.97 -27.19 -26.83
N GLU D 107 -5.51 -27.08 -28.08
CA GLU D 107 -4.95 -28.22 -28.79
C GLU D 107 -3.62 -28.66 -28.18
N ILE D 108 -3.35 -29.96 -28.27
CA ILE D 108 -2.13 -30.56 -27.73
C ILE D 108 -1.38 -31.23 -28.88
N LEU D 109 -0.09 -31.01 -28.95
CA LEU D 109 0.75 -31.53 -30.02
C LEU D 109 1.79 -32.48 -29.46
N LYS D 110 2.35 -33.30 -30.34
CA LYS D 110 3.45 -34.19 -29.99
C LYS D 110 4.54 -34.11 -31.03
N VAL D 111 5.80 -34.04 -30.59
CA VAL D 111 6.94 -34.02 -31.49
C VAL D 111 7.26 -35.46 -31.87
N VAL D 112 7.00 -35.82 -33.13
CA VAL D 112 7.14 -37.19 -33.58
C VAL D 112 8.50 -37.50 -34.20
N GLU D 113 9.29 -36.49 -34.54
CA GLU D 113 10.57 -36.71 -35.18
C GLU D 113 11.60 -35.74 -34.61
N ASP D 114 12.84 -36.19 -34.56
CA ASP D 114 13.92 -35.33 -34.10
C ASP D 114 14.11 -34.16 -35.06
N PRO D 115 14.34 -32.96 -34.55
CA PRO D 115 14.49 -31.79 -35.44
C PRO D 115 15.82 -31.82 -36.18
N THR D 116 15.75 -31.75 -37.51
CA THR D 116 16.95 -31.65 -38.33
C THR D 116 17.36 -30.21 -38.61
N ALA D 117 16.50 -29.24 -38.27
CA ALA D 117 16.80 -27.83 -38.48
C ALA D 117 16.42 -27.07 -37.21
N GLY D 118 17.02 -25.89 -37.07
CA GLY D 118 16.81 -25.10 -35.86
C GLY D 118 15.53 -24.30 -35.82
N ASN D 119 14.72 -24.34 -36.88
CA ASN D 119 13.52 -23.51 -36.94
C ASN D 119 12.29 -24.26 -37.45
N ALA D 120 12.31 -25.58 -37.45
CA ALA D 120 11.18 -26.37 -37.93
C ALA D 120 10.93 -27.55 -37.00
N LEU D 121 9.67 -27.95 -36.89
CA LEU D 121 9.27 -29.09 -36.08
C LEU D 121 8.30 -29.96 -36.86
N LYS D 122 8.40 -31.27 -36.64
CA LYS D 122 7.49 -32.25 -37.20
C LYS D 122 6.59 -32.76 -36.07
N VAL D 123 5.30 -32.47 -36.18
CA VAL D 123 4.38 -32.70 -35.07
C VAL D 123 3.18 -33.51 -35.54
N ALA D 124 2.50 -34.10 -34.56
CA ALA D 124 1.22 -34.76 -34.77
C ALA D 124 0.14 -33.92 -34.12
N ARG D 125 -0.83 -33.49 -34.91
CA ARG D 125 -1.85 -32.58 -34.42
C ARG D 125 -3.04 -33.34 -33.84
N GLY D 126 -3.79 -32.66 -32.99
CA GLY D 126 -4.93 -33.28 -32.33
C GLY D 126 -4.56 -34.45 -31.45
N PHE D 127 -3.40 -34.39 -30.82
CA PHE D 127 -2.93 -35.50 -30.00
C PHE D 127 -3.73 -35.59 -28.71
N ALA D 128 -3.74 -36.80 -28.14
CA ALA D 128 -4.39 -37.07 -26.85
C ALA D 128 -5.89 -36.76 -26.88
N GLY D 129 -6.52 -36.94 -28.04
CA GLY D 129 -7.96 -36.80 -28.13
C GLY D 129 -8.46 -35.37 -28.29
N THR D 130 -7.58 -34.39 -28.37
CA THR D 130 -8.03 -33.02 -28.57
C THR D 130 -8.33 -32.78 -30.05
N THR D 131 -8.88 -31.60 -30.34
CA THR D 131 -9.25 -31.22 -31.68
C THR D 131 -8.25 -30.25 -32.28
N ALA D 132 -7.95 -30.42 -33.56
CA ALA D 132 -7.04 -29.52 -34.25
C ALA D 132 -7.72 -28.19 -34.55
N ALA D 133 -6.90 -27.15 -34.69
CA ALA D 133 -7.42 -25.83 -34.97
C ALA D 133 -6.32 -24.99 -35.61
N VAL D 134 -6.73 -23.87 -36.19
CA VAL D 134 -5.77 -22.97 -36.84
C VAL D 134 -4.92 -22.30 -35.77
N ILE D 135 -3.60 -22.28 -36.00
CA ILE D 135 -2.65 -21.64 -35.11
C ILE D 135 -2.26 -20.30 -35.73
N PRO D 136 -2.64 -19.17 -35.14
CA PRO D 136 -2.28 -17.87 -35.70
C PRO D 136 -0.77 -17.65 -35.73
N ALA D 137 -0.39 -16.50 -36.29
CA ALA D 137 1.01 -16.24 -36.56
C ALA D 137 1.83 -16.10 -35.29
N GLY D 138 1.32 -15.39 -34.29
CA GLY D 138 2.11 -15.07 -33.12
C GLY D 138 1.88 -15.94 -31.90
N THR D 139 1.30 -17.12 -32.11
CA THR D 139 0.93 -17.99 -30.99
C THR D 139 2.15 -18.62 -30.35
N PHE D 140 2.09 -18.80 -29.04
CA PHE D 140 3.16 -19.42 -28.27
C PHE D 140 2.83 -20.88 -28.00
N ILE D 141 3.86 -21.73 -27.98
CA ILE D 141 3.74 -23.15 -27.68
C ILE D 141 4.64 -23.48 -26.50
N ILE D 142 4.13 -24.25 -25.56
CA ILE D 142 4.83 -24.55 -24.32
C ILE D 142 4.81 -26.05 -24.06
N ALA D 143 5.92 -26.58 -23.55
CA ALA D 143 6.07 -28.00 -23.31
C ALA D 143 5.48 -28.40 -21.96
N ILE D 144 4.72 -29.49 -21.94
CA ILE D 144 4.04 -29.93 -20.73
C ILE D 144 4.32 -31.40 -20.45
N GLY D 145 5.43 -31.92 -20.93
CA GLY D 145 5.80 -33.28 -20.57
C GLY D 145 6.24 -34.16 -21.72
N THR D 146 6.51 -35.42 -21.42
CA THR D 146 6.96 -36.40 -22.41
C THR D 146 6.14 -37.68 -22.27
N SER D 147 6.03 -38.42 -23.36
CA SER D 147 5.26 -39.66 -23.38
C SER D 147 5.99 -40.71 -24.19
N PHE D 148 6.07 -41.92 -23.67
CA PHE D 148 6.76 -43.02 -24.33
C PHE D 148 5.92 -44.28 -24.24
N ALA D 149 6.17 -45.19 -25.17
CA ALA D 149 5.48 -46.47 -25.19
C ALA D 149 6.26 -47.53 -24.42
N GLU D 150 5.60 -48.65 -24.16
CA GLU D 150 6.24 -49.72 -23.41
C GLU D 150 7.39 -50.32 -24.22
N GLY D 151 8.48 -50.64 -23.52
CA GLY D 151 9.60 -51.28 -24.16
C GLY D 151 10.30 -50.47 -25.21
N SER D 152 10.14 -49.14 -25.20
CA SER D 152 10.74 -48.28 -26.20
C SER D 152 12.17 -47.91 -25.80
N LEU D 153 12.75 -46.97 -26.54
CA LEU D 153 14.13 -46.57 -26.34
C LEU D 153 14.22 -45.20 -25.68
N ALA D 154 15.39 -44.92 -25.12
CA ALA D 154 15.62 -43.65 -24.44
C ALA D 154 15.77 -42.53 -25.46
N PRO D 155 15.36 -41.31 -25.11
CA PRO D 155 15.47 -40.19 -26.04
C PRO D 155 16.87 -39.60 -26.06
N LYS D 156 17.06 -38.63 -26.95
CA LYS D 156 18.33 -37.94 -27.05
C LYS D 156 18.37 -36.76 -26.09
N SER D 157 19.45 -36.00 -26.12
CA SER D 157 19.74 -34.97 -25.14
C SER D 157 19.72 -33.58 -25.76
N ALA D 158 19.74 -32.57 -24.89
CA ALA D 158 19.85 -31.17 -25.29
C ALA D 158 20.24 -30.37 -24.06
N THR D 159 21.02 -29.30 -24.27
CA THR D 159 21.56 -28.51 -23.18
C THR D 159 21.52 -27.02 -23.53
N ARG D 160 22.13 -26.21 -22.67
CA ARG D 160 22.18 -24.77 -22.83
C ARG D 160 23.55 -24.26 -22.40
N ASN D 161 23.75 -22.95 -22.51
CA ASN D 161 24.95 -22.27 -22.08
C ASN D 161 24.58 -20.97 -21.38
N PRO D 162 25.39 -20.52 -20.43
CA PRO D 162 25.06 -19.30 -19.69
C PRO D 162 25.52 -18.02 -20.39
N VAL D 163 25.23 -16.87 -19.78
CA VAL D 163 25.60 -15.57 -20.33
C VAL D 163 26.71 -14.97 -19.48
N LYS D 164 27.40 -13.98 -20.05
CA LYS D 164 28.63 -13.45 -19.47
C LYS D 164 28.53 -11.94 -19.29
N LEU D 165 29.22 -11.43 -18.26
CA LEU D 165 29.28 -10.02 -17.95
C LEU D 165 30.69 -9.68 -17.49
N ASN D 166 31.03 -8.39 -17.53
CA ASN D 166 32.37 -7.97 -17.16
C ASN D 166 32.38 -6.51 -16.74
N ASN D 167 33.47 -6.10 -16.08
CA ASN D 167 33.66 -4.73 -15.63
C ASN D 167 35.15 -4.47 -15.47
N PHE D 168 35.50 -3.19 -15.32
CA PHE D 168 36.87 -2.73 -15.21
C PHE D 168 37.17 -2.22 -13.81
N CYS D 169 38.42 -1.79 -13.60
CA CYS D 169 38.88 -1.16 -12.38
C CYS D 169 39.28 0.29 -12.68
N GLN D 170 39.33 1.10 -11.62
CA GLN D 170 39.65 2.51 -11.75
C GLN D 170 40.65 2.90 -10.67
N ILE D 171 41.47 3.90 -10.97
CA ILE D 171 42.52 4.37 -10.07
C ILE D 171 42.11 5.72 -9.50
N PHE D 172 42.17 5.84 -8.17
CA PHE D 172 41.81 7.06 -7.46
C PHE D 172 43.02 7.59 -6.70
N LYS D 173 43.21 8.91 -6.73
CA LYS D 173 44.32 9.54 -6.04
C LYS D 173 43.88 10.88 -5.43
N LYS D 174 44.42 11.19 -4.26
CA LYS D 174 44.24 12.48 -3.60
C LYS D 174 45.50 12.80 -2.83
N SER D 175 45.85 14.08 -2.76
CA SER D 175 47.12 14.48 -2.16
C SER D 175 46.96 15.76 -1.36
N TYR D 176 47.90 15.95 -0.43
CA TYR D 176 47.99 17.16 0.38
C TYR D 176 49.46 17.54 0.50
N GLU D 177 49.73 18.81 0.75
CA GLU D 177 51.11 19.30 0.83
C GLU D 177 51.18 20.52 1.72
N ILE D 178 52.29 20.63 2.46
CA ILE D 178 52.51 21.75 3.37
C ILE D 178 54.00 21.97 3.54
N THR D 179 54.38 23.20 3.85
CA THR D 179 55.77 23.55 4.11
C THR D 179 56.13 23.24 5.56
N LYS D 180 57.38 22.81 5.77
CA LYS D 180 57.80 22.38 7.10
C LYS D 180 57.74 23.51 8.12
N THR D 181 58.05 24.74 7.71
CA THR D 181 57.92 25.86 8.64
C THR D 181 56.46 26.06 9.06
N ALA D 182 55.53 25.96 8.10
CA ALA D 182 54.13 26.08 8.44
C ALA D 182 53.66 24.92 9.31
N ASP D 183 54.29 23.75 9.17
CA ASP D 183 53.95 22.62 10.01
C ASP D 183 54.30 22.90 11.46
N ALA D 184 55.45 23.53 11.70
CA ALA D 184 55.87 23.81 13.08
C ALA D 184 55.10 25.00 13.66
N THR D 185 54.52 25.83 12.79
CA THR D 185 53.85 27.03 13.25
C THR D 185 52.56 26.67 14.00
N LYS D 186 52.29 27.42 15.06
CA LYS D 186 51.10 27.23 15.88
C LYS D 186 50.01 28.20 15.43
N ALA D 187 48.79 27.70 15.32
CA ALA D 187 47.67 28.48 14.81
C ALA D 187 46.47 28.29 15.71
N ARG D 188 45.58 29.28 15.69
CA ARG D 188 44.37 29.22 16.52
C ARG D 188 43.47 28.06 16.10
N THR D 189 43.35 27.83 14.79
CA THR D 189 42.48 26.78 14.28
C THR D 189 43.05 25.37 14.48
N GLY D 190 44.29 25.26 14.95
CA GLY D 190 44.91 23.96 15.13
C GLY D 190 45.99 23.72 14.09
N SER D 191 46.51 22.49 14.12
CA SER D 191 47.53 22.10 13.16
C SER D 191 46.94 22.01 11.77
N ALA D 192 47.60 22.63 10.79
CA ALA D 192 47.09 22.64 9.44
C ALA D 192 47.17 21.27 8.79
N LEU D 193 48.18 20.47 9.16
CA LEU D 193 48.36 19.16 8.54
C LEU D 193 47.16 18.26 8.81
N ALA D 194 46.69 18.22 10.05
CA ALA D 194 45.55 17.39 10.39
C ALA D 194 44.30 17.84 9.64
N ASN D 195 44.07 19.14 9.57
CA ASN D 195 42.90 19.65 8.86
C ASN D 195 42.95 19.29 7.38
N ASP D 196 44.12 19.45 6.75
CA ASP D 196 44.26 19.09 5.35
C ASP D 196 44.03 17.61 5.13
N LYS D 197 44.57 16.76 6.01
CA LYS D 197 44.36 15.33 5.86
C LYS D 197 42.89 14.97 6.01
N LYS D 198 42.20 15.59 6.95
CA LYS D 198 40.78 15.31 7.13
C LYS D 198 39.97 15.72 5.90
N ARG D 199 40.23 16.92 5.37
CA ARG D 199 39.52 17.38 4.19
C ARG D 199 39.76 16.46 3.00
N ARG D 200 41.02 16.09 2.77
CA ARG D 200 41.32 15.28 1.59
C ARG D 200 40.77 13.87 1.74
N MET D 201 40.80 13.30 2.95
CA MET D 201 40.20 11.99 3.13
C MET D 201 38.70 12.02 2.88
N PHE D 202 38.02 13.08 3.35
CA PHE D 202 36.60 13.20 3.05
C PHE D 202 36.36 13.28 1.55
N ASP D 203 37.17 14.08 0.85
CA ASP D 203 37.01 14.18 -0.60
C ASP D 203 37.21 12.84 -1.28
N TYR D 204 38.22 12.08 -0.86
CA TYR D 204 38.50 10.79 -1.45
C TYR D 204 37.32 9.83 -1.28
N TYR D 205 36.77 9.76 -0.06
CA TYR D 205 35.67 8.85 0.18
C TYR D 205 34.42 9.26 -0.59
N ARG D 206 34.13 10.56 -0.63
CA ARG D 206 32.99 11.03 -1.40
C ARG D 206 33.15 10.69 -2.88
N ASP D 207 34.35 10.87 -3.41
CA ASP D 207 34.59 10.54 -4.81
C ASP D 207 34.38 9.06 -5.08
N VAL D 208 34.86 8.20 -4.17
CA VAL D 208 34.68 6.76 -4.37
C VAL D 208 33.20 6.40 -4.41
N GLU D 209 32.42 6.93 -3.47
CA GLU D 209 31.00 6.60 -3.43
C GLU D 209 30.28 7.08 -4.69
N MET D 210 30.49 8.35 -5.05
CA MET D 210 29.81 8.88 -6.23
C MET D 210 30.27 8.16 -7.50
N ALA D 211 31.51 7.69 -7.55
CA ALA D 211 31.95 6.91 -8.70
C ALA D 211 31.22 5.58 -8.78
N PHE D 212 31.10 4.87 -7.65
CA PHE D 212 30.35 3.62 -7.70
C PHE D 212 28.86 3.80 -7.89
N ILE D 213 28.33 5.02 -7.81
CA ILE D 213 26.91 5.18 -8.14
C ILE D 213 26.71 5.57 -9.60
N TYR D 214 27.48 6.53 -10.12
CA TYR D 214 27.21 7.10 -11.44
C TYR D 214 28.34 6.87 -12.44
N GLY D 215 29.20 5.88 -12.22
CA GLY D 215 30.31 5.65 -13.11
C GLY D 215 29.87 5.02 -14.42
N ARG D 216 30.77 5.10 -15.41
CA ARG D 216 30.56 4.49 -16.71
C ARG D 216 31.78 3.65 -17.08
N LYS D 217 31.54 2.61 -17.87
CA LYS D 217 32.60 1.66 -18.23
C LYS D 217 33.24 2.07 -19.55
N SER D 218 34.56 2.23 -19.53
CA SER D 218 35.28 2.61 -20.73
C SER D 218 36.75 2.28 -20.57
N GLU D 219 37.46 2.27 -21.70
CA GLU D 219 38.90 2.10 -21.72
C GLU D 219 39.48 2.92 -22.86
N THR D 220 40.46 3.77 -22.55
CA THR D 220 41.12 4.60 -23.55
C THR D 220 42.63 4.59 -23.28
N VAL D 221 43.36 5.33 -24.08
CA VAL D 221 44.82 5.42 -23.98
C VAL D 221 45.18 6.74 -23.31
N GLY D 222 46.00 6.66 -22.27
CA GLY D 222 46.39 7.83 -21.53
C GLY D 222 47.36 8.72 -22.30
N GLU D 223 47.67 9.87 -21.69
CA GLU D 223 48.55 10.83 -22.35
C GLU D 223 49.97 10.31 -22.48
N ASN D 224 50.37 9.38 -21.61
CA ASN D 224 51.70 8.79 -21.71
C ASN D 224 51.70 7.50 -22.53
N GLY D 225 50.57 7.11 -23.09
CA GLY D 225 50.49 5.90 -23.90
C GLY D 225 50.05 4.67 -23.16
N LYS D 226 49.55 4.80 -21.96
CA LYS D 226 49.11 3.67 -21.15
C LYS D 226 47.59 3.65 -21.07
N PRO D 227 47.00 2.47 -20.86
CA PRO D 227 45.53 2.39 -20.79
C PRO D 227 44.97 3.20 -19.62
N GLU D 228 43.79 3.76 -19.85
CA GLU D 228 43.05 4.46 -18.81
C GLU D 228 41.65 3.89 -18.74
N ARG D 229 41.26 3.40 -17.57
CA ARG D 229 40.00 2.67 -17.41
C ARG D 229 39.13 3.36 -16.38
N THR D 230 37.81 3.28 -16.62
CA THR D 230 36.81 3.79 -15.69
C THR D 230 35.80 2.69 -15.42
N THR D 231 35.51 2.45 -14.14
CA THR D 231 34.59 1.40 -13.75
C THR D 231 33.14 1.85 -13.98
N GLY D 232 32.28 0.88 -14.24
CA GLY D 232 30.87 1.15 -14.46
C GLY D 232 30.12 1.17 -13.15
N GLY D 233 29.28 2.19 -12.98
CA GLY D 233 28.52 2.35 -11.74
C GLY D 233 27.30 1.46 -11.68
N LEU D 234 26.58 1.57 -10.57
CA LEU D 234 25.39 0.77 -10.37
C LEU D 234 24.32 1.08 -11.40
N LEU D 235 24.14 2.36 -11.72
CA LEU D 235 23.12 2.74 -12.70
C LEU D 235 23.42 2.16 -14.07
N ASN D 236 24.68 1.89 -14.37
CA ASN D 236 25.02 1.25 -15.63
C ASN D 236 24.42 -0.13 -15.75
N PHE D 237 24.46 -0.91 -14.66
CA PHE D 237 23.98 -2.28 -14.71
C PHE D 237 22.46 -2.38 -14.69
N ILE D 238 21.78 -1.42 -14.09
CA ILE D 238 20.32 -1.46 -13.99
C ILE D 238 19.74 -1.11 -15.35
N THR D 239 19.09 -2.05 -15.98
CA THR D 239 18.41 -1.80 -17.25
C THR D 239 16.96 -2.24 -17.25
N THR D 240 16.62 -3.32 -16.54
CA THR D 240 15.26 -3.82 -16.58
C THR D 240 14.30 -2.90 -15.85
N ASN D 241 14.65 -2.46 -14.65
CA ASN D 241 13.77 -1.67 -13.80
C ASN D 241 14.41 -0.31 -13.55
N ARG D 242 14.21 0.61 -14.48
CA ARG D 242 14.59 2.01 -14.28
C ARG D 242 13.51 2.88 -14.87
N THR D 243 13.10 3.90 -14.13
CA THR D 243 11.99 4.73 -14.58
C THR D 243 12.21 6.16 -14.12
N GLN D 244 11.60 7.08 -14.86
CA GLN D 244 11.66 8.51 -14.56
C GLN D 244 10.26 8.97 -14.21
N PHE D 245 10.12 9.57 -13.04
CA PHE D 245 8.82 10.03 -12.55
C PHE D 245 8.72 11.53 -12.73
N GLY D 246 7.58 11.99 -13.26
CA GLY D 246 7.39 13.40 -13.50
C GLY D 246 6.15 13.63 -14.34
N THR D 247 6.00 14.89 -14.74
CA THR D 247 4.83 15.28 -15.53
C THR D 247 5.14 15.42 -17.01
N GLY D 248 6.40 15.70 -17.36
CA GLY D 248 6.73 15.97 -18.74
C GLY D 248 6.63 14.74 -19.62
N ALA D 249 6.78 14.97 -20.92
CA ALA D 249 6.76 13.88 -21.88
C ALA D 249 7.92 12.92 -21.62
N GLY D 250 7.63 11.63 -21.68
CA GLY D 250 8.62 10.63 -21.36
C GLY D 250 8.80 10.35 -19.88
N LYS D 251 8.05 11.03 -19.02
CA LYS D 251 8.10 10.81 -17.59
C LYS D 251 6.82 10.14 -17.12
N THR D 252 6.95 9.06 -16.38
CA THR D 252 5.80 8.34 -15.84
C THR D 252 5.20 9.13 -14.67
N GLU D 253 3.89 9.32 -14.70
CA GLU D 253 3.22 10.02 -13.63
C GLU D 253 3.14 9.11 -12.41
N LEU D 254 3.42 9.67 -11.23
CA LEU D 254 3.59 8.88 -10.01
C LEU D 254 2.32 8.88 -9.18
N THR D 255 1.81 7.69 -8.89
CA THR D 255 0.73 7.48 -7.92
C THR D 255 1.15 6.33 -7.00
N GLU D 256 0.22 5.93 -6.12
CA GLU D 256 0.46 4.76 -5.30
C GLU D 256 0.53 3.50 -6.15
N ASP D 257 -0.39 3.37 -7.12
CA ASP D 257 -0.41 2.18 -7.97
C ASP D 257 0.84 2.09 -8.84
N SER D 258 1.31 3.23 -9.35
CA SER D 258 2.52 3.22 -10.15
C SER D 258 3.72 2.74 -9.33
N LEU D 259 3.81 3.20 -8.08
CA LEU D 259 4.88 2.75 -7.21
C LEU D 259 4.76 1.26 -6.91
N ILE D 260 3.53 0.76 -6.71
CA ILE D 260 3.34 -0.67 -6.48
C ILE D 260 3.79 -1.48 -7.69
N ASP D 261 3.42 -1.03 -8.88
CA ASP D 261 3.85 -1.73 -10.10
C ASP D 261 5.36 -1.68 -10.26
N PHE D 262 5.98 -0.58 -9.86
CA PHE D 262 7.43 -0.45 -9.99
C PHE D 262 8.16 -1.49 -9.15
N PHE D 263 7.54 -2.00 -8.10
CA PHE D 263 8.14 -2.98 -7.22
C PHE D 263 7.64 -4.40 -7.48
N ALA D 264 6.85 -4.62 -8.52
CA ALA D 264 6.22 -5.92 -8.71
C ALA D 264 7.22 -6.98 -9.15
N ASN D 265 8.09 -6.65 -10.12
CA ASN D 265 8.87 -7.66 -10.80
C ASN D 265 10.12 -8.11 -10.05
N VAL D 266 10.53 -7.39 -9.01
CA VAL D 266 11.82 -7.68 -8.40
C VAL D 266 11.80 -8.97 -7.58
N PHE D 267 10.64 -9.58 -7.38
CA PHE D 267 10.52 -10.76 -6.54
C PHE D 267 10.22 -12.03 -7.34
N ASN D 268 10.21 -11.96 -8.66
CA ASN D 268 9.83 -13.14 -9.46
C ASN D 268 10.83 -14.27 -9.31
N TYR D 269 12.12 -13.98 -9.45
CA TYR D 269 13.16 -14.99 -9.38
C TYR D 269 13.89 -14.90 -8.04
N ASP D 270 14.52 -16.01 -7.67
CA ASP D 270 15.12 -16.11 -6.34
C ASP D 270 16.52 -15.49 -6.31
N GLY D 271 17.44 -16.03 -7.09
CA GLY D 271 18.82 -15.65 -6.95
C GLY D 271 19.44 -16.35 -5.75
N GLN D 272 20.51 -15.76 -5.23
CA GLN D 272 21.20 -16.29 -4.06
C GLN D 272 20.85 -15.42 -2.86
N GLY D 273 20.34 -16.05 -1.80
CA GLY D 273 20.06 -15.40 -0.54
C GLY D 273 19.25 -14.12 -0.60
N ALA D 274 18.64 -13.84 -1.75
CA ALA D 274 17.94 -12.57 -1.92
C ALA D 274 16.74 -12.49 -0.98
N GLY D 275 15.98 -13.58 -0.86
CA GLY D 275 14.83 -13.56 0.01
C GLY D 275 13.73 -12.68 -0.55
N ASN D 276 12.79 -12.32 0.33
CA ASN D 276 11.65 -11.49 -0.03
C ASN D 276 11.74 -10.12 0.61
N GLN D 277 12.95 -9.61 0.81
CA GLN D 277 13.17 -8.30 1.39
C GLN D 277 14.17 -7.52 0.56
N ARG D 278 13.98 -6.21 0.51
CA ARG D 278 14.90 -5.32 -0.16
C ARG D 278 15.14 -4.10 0.73
N ILE D 279 16.25 -3.41 0.47
CA ILE D 279 16.58 -2.18 1.17
C ILE D 279 16.78 -1.09 0.13
N ALA D 280 16.22 0.09 0.39
CA ALA D 280 16.25 1.19 -0.55
C ALA D 280 16.89 2.41 0.10
N PHE D 281 17.73 3.10 -0.67
CA PHE D 281 18.36 4.35 -0.24
C PHE D 281 17.68 5.49 -0.96
N VAL D 282 17.20 6.47 -0.20
CA VAL D 282 16.40 7.56 -0.74
C VAL D 282 16.93 8.88 -0.20
N GLY D 283 16.50 9.97 -0.85
CA GLY D 283 16.69 11.29 -0.30
C GLY D 283 15.57 11.70 0.62
N ASN D 284 15.77 12.81 1.32
CA ASN D 284 14.74 13.30 2.22
C ASN D 284 13.47 13.66 1.48
N THR D 285 13.61 14.32 0.33
CA THR D 285 12.44 14.70 -0.46
C THR D 285 11.67 13.46 -0.93
N ALA D 286 12.38 12.43 -1.36
CA ALA D 286 11.73 11.21 -1.81
C ALA D 286 10.97 10.54 -0.67
N LEU D 287 11.59 10.48 0.52
CA LEU D 287 10.92 9.89 1.67
C LEU D 287 9.66 10.68 2.03
N THR D 288 9.75 12.00 2.02
CA THR D 288 8.57 12.81 2.30
C THR D 288 7.47 12.56 1.29
N LYS D 289 7.83 12.45 0.01
CA LYS D 289 6.83 12.18 -1.01
C LYS D 289 6.19 10.81 -0.82
N ILE D 290 6.97 9.81 -0.42
CA ILE D 290 6.41 8.47 -0.19
C ILE D 290 5.45 8.49 0.99
N ASN D 291 5.82 9.18 2.07
CA ASN D 291 4.91 9.32 3.20
C ASN D 291 3.63 10.04 2.78
N LYS D 292 3.75 11.07 1.96
CA LYS D 292 2.56 11.79 1.50
C LYS D 292 1.68 10.90 0.62
N LEU D 293 2.28 10.07 -0.22
CA LEU D 293 1.50 9.12 -0.99
C LEU D 293 0.74 8.17 -0.08
N ALA D 294 1.40 7.66 0.96
CA ALA D 294 0.70 6.77 1.88
C ALA D 294 -0.44 7.48 2.61
N ARG D 295 -0.20 8.70 3.07
CA ARG D 295 -1.20 9.41 3.86
C ARG D 295 -2.40 9.81 3.00
N ASN D 296 -2.17 10.21 1.77
CA ASN D 296 -3.24 10.73 0.92
C ASN D 296 -4.08 9.63 0.26
N SER D 297 -3.84 8.37 0.59
CA SER D 297 -4.64 7.30 0.03
C SER D 297 -6.09 7.42 0.50
N PRO D 298 -7.05 7.07 -0.35
CA PRO D 298 -8.46 7.20 0.04
C PRO D 298 -8.87 6.34 1.22
N SER D 299 -8.10 5.30 1.56
CA SER D 299 -8.47 4.36 2.59
C SER D 299 -7.76 4.59 3.92
N THR D 300 -7.08 5.71 4.08
CA THR D 300 -6.27 5.97 5.28
C THR D 300 -6.96 7.01 6.15
N ARG D 301 -7.02 6.74 7.45
CA ARG D 301 -7.59 7.67 8.42
C ARG D 301 -6.65 7.81 9.61
N ILE D 302 -6.65 9.01 10.22
CA ILE D 302 -5.91 9.29 11.44
C ILE D 302 -6.92 9.73 12.50
N ASN D 303 -6.92 9.04 13.64
CA ASN D 303 -8.06 9.05 14.55
C ASN D 303 -7.69 9.67 15.89
N PHE D 304 -8.26 10.83 16.19
CA PHE D 304 -8.20 11.41 17.52
C PHE D 304 -9.53 11.18 18.22
N ASP D 305 -9.46 10.91 19.53
CA ASP D 305 -10.67 10.57 20.27
C ASP D 305 -11.68 11.72 20.31
N LYS D 306 -11.34 12.81 20.99
CA LYS D 306 -12.25 13.93 21.06
C LYS D 306 -11.59 15.26 20.72
N GLN D 307 -10.27 15.29 20.56
CA GLN D 307 -9.54 16.52 20.31
C GLN D 307 -8.18 16.17 19.75
N VAL D 308 -7.66 17.05 18.89
CA VAL D 308 -6.30 16.92 18.38
C VAL D 308 -5.38 17.38 19.51
N THR D 309 -4.83 16.43 20.27
CA THR D 309 -4.33 16.75 21.59
C THR D 309 -2.82 16.61 21.76
N GLN D 310 -2.16 15.58 21.24
CA GLN D 310 -0.76 15.36 21.58
C GLN D 310 0.18 15.51 20.40
N VAL D 311 -0.01 14.73 19.34
CA VAL D 311 1.00 14.60 18.28
C VAL D 311 0.28 14.62 16.94
N TYR D 312 0.96 15.14 15.93
CA TYR D 312 0.52 15.04 14.55
C TYR D 312 1.74 14.93 13.65
N GLY D 313 1.64 14.14 12.59
CA GLY D 313 2.72 14.04 11.63
C GLY D 313 2.70 12.69 10.92
N MET D 314 3.82 12.41 10.25
CA MET D 314 3.98 11.20 9.47
C MET D 314 5.44 10.75 9.54
N ASN D 315 5.65 9.48 9.91
CA ASN D 315 7.02 8.94 9.96
C ASN D 315 6.91 7.42 9.91
N PHE D 316 7.17 6.83 8.74
CA PHE D 316 7.25 5.39 8.63
C PHE D 316 8.23 5.01 7.53
N THR D 317 8.80 3.81 7.65
CA THR D 317 9.91 3.40 6.79
C THR D 317 9.80 1.97 6.28
N ARG D 318 8.63 1.34 6.36
CA ARG D 318 8.46 -0.02 5.87
C ARG D 318 7.22 -0.09 4.99
N TRP D 319 7.36 -0.65 3.80
CA TRP D 319 6.26 -0.83 2.87
C TRP D 319 6.03 -2.32 2.64
N VAL D 320 4.79 -2.75 2.74
CA VAL D 320 4.42 -4.15 2.66
C VAL D 320 3.70 -4.40 1.33
N LEU D 321 4.14 -5.43 0.62
CA LEU D 321 3.53 -5.89 -0.61
C LEU D 321 3.20 -7.36 -0.47
N PRO D 322 2.28 -7.88 -1.30
CA PRO D 322 2.01 -9.32 -1.24
C PRO D 322 3.25 -10.17 -1.51
N GLN D 323 4.14 -9.72 -2.39
CA GLN D 323 5.35 -10.49 -2.67
C GLN D 323 6.39 -10.35 -1.57
N GLY D 324 6.55 -9.15 -1.02
CA GLY D 324 7.58 -8.94 -0.03
C GLY D 324 7.46 -7.57 0.60
N GLU D 325 8.57 -7.13 1.22
CA GLU D 325 8.62 -5.86 1.92
C GLU D 325 9.82 -5.05 1.46
N ILE D 326 9.71 -3.73 1.62
CA ILE D 326 10.76 -2.78 1.28
C ILE D 326 11.11 -1.97 2.51
N PHE D 327 12.40 -1.79 2.74
CA PHE D 327 12.90 -0.98 3.85
C PHE D 327 13.56 0.28 3.30
N PHE D 328 13.39 1.39 4.02
CA PHE D 328 13.85 2.70 3.55
C PHE D 328 14.91 3.26 4.49
N LYS D 329 16.00 3.76 3.91
CA LYS D 329 17.01 4.52 4.62
C LYS D 329 17.36 5.75 3.79
N THR D 330 17.85 6.78 4.47
CA THR D 330 18.19 8.03 3.81
C THR D 330 19.70 8.14 3.64
N HIS D 331 20.12 8.47 2.42
CA HIS D 331 21.54 8.58 2.10
C HIS D 331 22.03 9.98 2.45
N PRO D 332 23.05 10.12 3.31
CA PRO D 332 23.53 11.47 3.65
C PRO D 332 23.98 12.28 2.45
N LEU D 333 24.60 11.64 1.46
CA LEU D 333 25.05 12.38 0.28
C LEU D 333 23.88 12.80 -0.59
N PHE D 334 22.79 12.04 -0.59
CA PHE D 334 21.60 12.47 -1.33
C PHE D 334 20.92 13.64 -0.64
N ASN D 335 20.94 13.68 0.69
CA ASN D 335 20.19 14.70 1.42
C ASN D 335 20.73 16.09 1.14
N VAL D 336 22.04 16.25 1.03
CA VAL D 336 22.63 17.57 0.86
C VAL D 336 22.22 18.18 -0.47
N HIS D 337 22.30 17.41 -1.54
CA HIS D 337 22.02 17.94 -2.87
C HIS D 337 20.51 18.07 -3.08
N PRO D 338 20.06 19.12 -3.78
CA PRO D 338 18.63 19.25 -4.06
C PRO D 338 18.12 18.20 -5.04
N GLU D 339 18.81 18.04 -6.17
CA GLU D 339 18.33 17.12 -7.19
C GLU D 339 18.50 15.68 -6.76
N LEU D 340 19.61 15.34 -6.10
CA LEU D 340 19.84 13.97 -5.69
C LEU D 340 18.86 13.50 -4.62
N SER D 341 18.17 14.42 -3.94
CA SER D 341 17.23 14.04 -2.90
C SER D 341 15.91 13.55 -3.46
N LYS D 342 15.80 13.39 -4.79
CA LYS D 342 14.62 12.82 -5.42
C LYS D 342 14.91 11.46 -6.03
N ALA D 343 15.97 10.79 -5.59
CA ALA D 343 16.40 9.52 -6.17
C ALA D 343 16.15 8.39 -5.20
N MET D 344 16.10 7.17 -5.74
CA MET D 344 15.82 5.98 -4.95
C MET D 344 16.58 4.80 -5.53
N MET D 345 17.30 4.07 -4.67
CA MET D 345 18.08 2.90 -5.06
C MET D 345 17.60 1.71 -4.24
N VAL D 346 16.73 0.88 -4.81
CA VAL D 346 16.35 -0.37 -4.18
C VAL D 346 17.29 -1.46 -4.69
N LEU D 347 17.93 -2.17 -3.76
CA LEU D 347 19.03 -3.05 -4.13
C LEU D 347 19.08 -4.26 -3.21
N ASN D 348 19.70 -5.32 -3.70
CA ASN D 348 19.89 -6.55 -2.96
C ASN D 348 21.33 -6.61 -2.47
N PRO D 349 21.56 -6.54 -1.16
CA PRO D 349 22.95 -6.39 -0.67
C PRO D 349 23.85 -7.55 -1.02
N LYS D 350 23.33 -8.77 -1.15
CA LYS D 350 24.18 -9.90 -1.51
C LYS D 350 24.58 -9.87 -2.98
N GLY D 351 23.79 -9.22 -3.83
CA GLY D 351 24.12 -9.15 -5.24
C GLY D 351 25.33 -8.29 -5.52
N ILE D 352 25.47 -7.17 -4.82
CA ILE D 352 26.49 -6.19 -5.12
C ILE D 352 27.78 -6.54 -4.37
N LYS D 353 28.90 -6.38 -5.07
CA LYS D 353 30.21 -6.72 -4.52
C LYS D 353 31.26 -5.83 -5.15
N GLU D 354 32.35 -5.62 -4.44
CA GLU D 354 33.47 -4.82 -4.95
C GLU D 354 34.70 -5.70 -5.12
N ARG D 355 35.37 -5.54 -6.26
CA ARG D 355 36.56 -6.30 -6.59
C ARG D 355 37.76 -5.38 -6.53
N VAL D 356 38.74 -5.71 -5.70
CA VAL D 356 39.84 -4.82 -5.39
C VAL D 356 41.14 -5.40 -5.96
N LEU D 357 41.87 -4.58 -6.71
CA LEU D 357 43.17 -4.96 -7.24
C LEU D 357 44.29 -4.50 -6.32
N ARG D 358 44.33 -3.22 -5.99
CA ARG D 358 45.22 -2.69 -4.97
C ARG D 358 44.36 -2.01 -3.92
N ALA D 359 44.45 -2.47 -2.68
CA ALA D 359 43.68 -1.89 -1.59
C ALA D 359 44.18 -0.47 -1.31
N THR D 360 43.27 0.36 -0.81
CA THR D 360 43.59 1.75 -0.52
C THR D 360 44.61 1.82 0.62
N LYS D 361 45.78 2.39 0.32
CA LYS D 361 46.79 2.61 1.34
C LYS D 361 47.25 4.06 1.27
N PRO D 362 47.70 4.63 2.39
CA PRO D 362 48.27 5.97 2.35
C PRO D 362 49.74 5.93 1.96
N GLU D 363 50.12 6.83 1.06
CA GLU D 363 51.49 6.95 0.58
C GLU D 363 52.08 8.27 1.06
N ASN D 364 53.21 8.19 1.75
CA ASN D 364 53.85 9.35 2.34
C ASN D 364 55.20 9.60 1.67
N ASP D 365 55.74 10.79 1.92
CA ASP D 365 57.07 11.18 1.47
C ASP D 365 57.20 11.08 -0.04
N ILE D 366 56.40 11.87 -0.73
CA ILE D 366 56.41 11.92 -2.18
C ILE D 366 56.76 13.31 -2.69
N GLN D 367 57.39 14.12 -1.85
CA GLN D 367 57.84 15.43 -2.28
C GLN D 367 59.14 15.30 -3.09
N GLN D 368 59.52 16.39 -3.74
CA GLN D 368 60.75 16.39 -4.51
C GLN D 368 61.94 16.17 -3.58
N VAL D 369 62.97 15.50 -4.11
CA VAL D 369 64.12 15.15 -3.30
C VAL D 369 64.83 16.40 -2.84
N GLY D 370 65.05 16.51 -1.53
CA GLY D 370 65.70 17.66 -0.95
C GLY D 370 64.80 18.84 -0.66
N GLN D 371 63.51 18.75 -0.99
CA GLN D 371 62.60 19.85 -0.71
C GLN D 371 62.25 19.90 0.77
N ASP D 372 62.04 21.11 1.27
CA ASP D 372 61.74 21.34 2.67
C ASP D 372 60.23 21.39 2.91
N SER D 373 59.57 20.28 2.58
CA SER D 373 58.12 20.23 2.66
C SER D 373 57.69 18.78 2.85
N ILE D 374 56.39 18.60 3.09
CA ILE D 374 55.79 17.29 3.33
C ILE D 374 54.65 17.10 2.35
N LYS D 375 54.61 15.94 1.69
CA LYS D 375 53.53 15.62 0.76
C LYS D 375 53.07 14.19 1.00
N GLY D 376 51.75 13.99 0.93
CA GLY D 376 51.16 12.68 1.14
C GLY D 376 50.13 12.37 0.07
N GLN D 377 49.60 11.15 0.13
CA GLN D 377 48.70 10.71 -0.93
C GLN D 377 47.88 9.51 -0.44
N TRP D 378 46.71 9.35 -1.05
CA TRP D 378 45.87 8.17 -0.90
C TRP D 378 45.63 7.60 -2.29
N ILE D 379 45.83 6.29 -2.44
CA ILE D 379 45.78 5.65 -3.76
C ILE D 379 45.08 4.31 -3.64
N GLY D 380 44.26 3.98 -4.64
CA GLY D 380 43.60 2.69 -4.70
C GLY D 380 43.24 2.35 -6.12
N GLU D 381 42.82 1.09 -6.32
CA GLU D 381 42.45 0.61 -7.64
C GLU D 381 41.47 -0.55 -7.47
N PHE D 382 40.22 -0.34 -7.84
CA PHE D 382 39.17 -1.31 -7.60
C PHE D 382 37.94 -0.96 -8.43
N GLY D 383 37.01 -1.93 -8.50
CA GLY D 383 35.82 -1.80 -9.32
C GLY D 383 34.64 -2.51 -8.69
N LEU D 384 33.50 -2.46 -9.36
CA LEU D 384 32.23 -2.91 -8.83
C LEU D 384 31.66 -4.05 -9.64
N GLU D 385 31.02 -5.01 -8.96
CA GLU D 385 30.37 -6.14 -9.59
C GLU D 385 28.93 -6.25 -9.10
N VAL D 386 27.99 -6.42 -10.03
CA VAL D 386 26.57 -6.57 -9.73
C VAL D 386 26.08 -7.86 -10.39
N ASN D 387 25.36 -8.67 -9.63
CA ASN D 387 25.08 -10.03 -10.07
C ASN D 387 23.74 -10.18 -10.81
N HIS D 388 22.62 -9.92 -10.13
CA HIS D 388 21.31 -10.16 -10.71
C HIS D 388 20.55 -8.84 -10.77
N GLU D 389 20.70 -8.12 -11.89
CA GLU D 389 20.15 -6.78 -12.00
C GLU D 389 18.63 -6.77 -12.05
N GLU D 390 17.99 -7.86 -12.46
CA GLU D 390 16.53 -7.89 -12.50
C GLU D 390 15.92 -7.92 -11.11
N THR D 391 16.73 -8.16 -10.07
CA THR D 391 16.25 -8.12 -8.70
C THR D 391 16.44 -6.76 -8.06
N MET D 392 16.86 -5.76 -8.83
CA MET D 392 17.13 -4.42 -8.31
C MET D 392 16.45 -3.41 -9.22
N ALA D 393 16.30 -2.19 -8.72
CA ALA D 393 15.66 -1.14 -9.49
C ALA D 393 16.24 0.22 -9.10
N PHE D 394 16.01 1.20 -9.95
CA PHE D 394 16.48 2.56 -9.75
C PHE D 394 15.41 3.51 -10.26
N ALA D 395 15.14 4.57 -9.50
CA ALA D 395 14.15 5.55 -9.90
C ALA D 395 14.63 6.95 -9.54
N GLY D 396 14.22 7.92 -10.36
CA GLY D 396 14.51 9.30 -10.08
C GLY D 396 13.25 10.14 -10.22
N GLY D 397 13.35 11.40 -9.81
CA GLY D 397 12.24 12.32 -9.95
C GLY D 397 11.08 12.07 -9.01
N ILE D 398 11.32 11.44 -7.87
CA ILE D 398 10.26 11.19 -6.89
C ILE D 398 10.15 12.44 -6.02
N ALA D 399 9.17 13.29 -6.33
CA ALA D 399 9.00 14.53 -5.59
C ALA D 399 7.55 14.98 -5.64
N ALA E 2 -24.93 76.28 52.53
CA ALA E 2 -25.93 76.92 53.37
C ALA E 2 -27.29 76.99 52.68
N THR E 3 -27.49 78.06 51.92
CA THR E 3 -28.76 78.36 51.29
C THR E 3 -28.75 77.90 49.84
N ILE E 4 -29.57 76.90 49.54
CA ILE E 4 -29.78 76.39 48.20
C ILE E 4 -31.27 76.17 48.02
N ALA E 5 -31.77 76.52 46.84
CA ALA E 5 -33.20 76.45 46.56
C ALA E 5 -33.66 74.99 46.60
N GLY E 6 -34.45 74.66 47.60
CA GLY E 6 -34.96 73.30 47.73
C GLY E 6 -34.12 72.42 48.63
N LEU E 7 -34.46 71.14 48.61
CA LEU E 7 -33.78 70.17 49.46
C LEU E 7 -32.37 69.89 48.95
N ARG E 8 -31.53 69.38 49.85
CA ARG E 8 -30.14 69.14 49.53
C ARG E 8 -29.96 67.81 48.80
N GLY E 9 -29.11 67.80 47.78
CA GLY E 9 -28.77 66.60 47.06
C GLY E 9 -27.27 66.43 46.95
N THR E 10 -26.87 65.36 46.26
CA THR E 10 -25.45 65.06 46.12
C THR E 10 -24.74 66.07 45.21
N GLY E 11 -25.48 66.85 44.44
CA GLY E 11 -24.88 67.88 43.63
C GLY E 11 -24.87 69.26 44.25
N ASP E 12 -25.01 69.36 45.58
CA ASP E 12 -25.18 70.63 46.25
C ASP E 12 -24.02 71.02 47.16
N TRP E 13 -23.04 70.14 47.37
CA TRP E 13 -21.88 70.58 48.12
C TRP E 13 -21.04 71.55 47.29
N GLY E 14 -20.19 72.29 48.00
CA GLY E 14 -19.27 73.20 47.35
C GLY E 14 -18.07 72.46 46.79
N ASN E 15 -17.11 73.24 46.31
CA ASN E 15 -15.93 72.66 45.69
C ASN E 15 -15.15 71.81 46.68
N GLN E 16 -14.80 70.59 46.27
CA GLN E 16 -13.95 69.68 47.01
C GLN E 16 -14.55 69.19 48.32
N GLU E 17 -15.76 69.62 48.66
CA GLU E 17 -16.40 69.12 49.87
C GLU E 17 -16.72 67.64 49.76
N ARG E 18 -17.22 67.22 48.61
CA ARG E 18 -17.60 65.82 48.40
C ARG E 18 -16.59 65.15 47.50
N PRO E 19 -15.78 64.22 48.00
CA PRO E 19 -14.99 63.36 47.13
C PRO E 19 -15.78 62.10 46.78
N THR E 20 -15.43 61.52 45.64
CA THR E 20 -16.09 60.31 45.21
C THR E 20 -15.38 59.10 45.81
N ASP E 21 -15.73 57.90 45.36
CA ASP E 21 -15.16 56.67 45.90
C ASP E 21 -14.07 56.17 44.95
N PHE E 22 -12.94 55.76 45.52
CA PHE E 22 -11.78 55.33 44.75
C PHE E 22 -11.25 54.01 45.26
N ARG E 23 -10.77 53.18 44.33
CA ARG E 23 -9.98 52.01 44.68
C ARG E 23 -8.51 52.41 44.64
N GLU E 24 -7.89 52.48 45.82
CA GLU E 24 -6.59 53.13 45.96
C GLU E 24 -5.46 52.15 45.65
N THR E 25 -5.40 51.77 44.37
CA THR E 25 -4.34 50.90 43.87
C THR E 25 -4.39 50.92 42.35
N ILE E 26 -3.44 50.23 41.73
CA ILE E 26 -3.37 50.10 40.28
C ILE E 26 -3.47 48.63 39.92
N LEU E 27 -4.36 48.31 38.99
CA LEU E 27 -4.49 46.96 38.47
C LEU E 27 -3.61 46.84 37.23
N TRP E 28 -2.70 45.87 37.24
CA TRP E 28 -1.68 45.75 36.20
C TRP E 28 -2.07 44.69 35.18
N MET E 29 -1.88 45.02 33.91
CA MET E 29 -2.09 44.08 32.81
C MET E 29 -0.74 43.61 32.31
N GLU E 30 -0.55 42.30 32.23
CA GLU E 30 0.75 41.77 31.89
C GLU E 30 0.62 40.75 30.76
N PRO E 31 1.59 40.68 29.85
CA PRO E 31 1.48 39.75 28.73
C PRO E 31 1.39 38.30 29.19
N ASN E 32 0.60 37.52 28.48
CA ASN E 32 0.35 36.12 28.81
C ASN E 32 0.96 35.23 27.75
N GLY E 33 1.57 34.13 28.19
CA GLY E 33 2.15 33.18 27.26
C GLY E 33 2.65 31.96 28.00
N GLN E 34 2.99 30.93 27.22
CA GLN E 34 3.48 29.69 27.80
C GLN E 34 4.94 29.82 28.25
N ALA E 35 5.74 30.55 27.50
CA ALA E 35 7.14 30.72 27.83
C ALA E 35 7.33 31.88 28.82
N PRO E 36 8.48 31.94 29.48
CA PRO E 36 8.80 33.12 30.31
C PRO E 36 8.91 34.37 29.45
N LEU E 37 8.87 35.52 30.12
CA LEU E 37 8.89 36.79 29.39
C LEU E 37 10.16 36.94 28.57
N GLN E 38 11.31 36.59 29.15
CA GLN E 38 12.57 36.54 28.40
C GLN E 38 12.82 35.11 27.92
N ALA E 39 11.93 34.67 27.03
CA ALA E 39 11.95 33.27 26.61
C ALA E 39 13.26 32.89 25.94
N LEU E 40 13.74 33.73 25.02
CA LEU E 40 15.00 33.42 24.34
C LEU E 40 16.18 33.49 25.29
N MET E 41 16.15 34.40 26.26
CA MET E 41 17.21 34.48 27.25
C MET E 41 17.29 33.21 28.09
N SER E 42 16.13 32.63 28.41
CA SER E 42 16.10 31.48 29.32
C SER E 42 16.72 30.25 28.68
N LYS E 43 16.57 30.08 27.37
CA LYS E 43 17.05 28.87 26.72
C LYS E 43 18.57 28.84 26.60
N MET E 44 19.20 30.00 26.42
CA MET E 44 20.63 30.02 26.15
C MET E 44 21.44 29.72 27.40
N SER E 45 22.66 29.26 27.18
CA SER E 45 23.68 29.24 28.22
C SER E 45 24.54 30.49 28.10
N SER E 46 25.33 30.75 29.13
CA SER E 46 26.13 31.97 29.21
C SER E 46 27.60 31.63 29.37
N GLN E 47 28.45 32.39 28.68
CA GLN E 47 29.88 32.21 28.75
C GLN E 47 30.55 33.58 28.85
N PRO E 48 31.49 33.75 29.77
CA PRO E 48 32.15 35.05 29.90
C PRO E 48 32.99 35.39 28.67
N THR E 49 33.22 36.69 28.50
CA THR E 49 34.04 37.20 27.40
C THR E 49 35.08 38.16 27.97
N THR E 50 36.24 38.19 27.33
CA THR E 50 37.34 39.05 27.77
C THR E 50 37.57 40.22 26.83
N ASP E 51 36.61 40.54 25.96
CA ASP E 51 36.75 41.63 25.02
C ASP E 51 35.38 41.97 24.47
N PRO E 52 35.14 43.22 24.08
CA PRO E 52 33.87 43.56 23.42
C PRO E 52 33.64 42.81 22.12
N GLU E 53 34.69 42.27 21.50
CA GLU E 53 34.57 41.54 20.25
C GLU E 53 35.02 40.10 20.44
N PHE E 54 34.17 39.17 19.99
CA PHE E 54 34.46 37.73 20.06
C PHE E 54 34.21 37.10 18.71
N SER E 55 34.95 36.04 18.41
CA SER E 55 34.95 35.45 17.07
C SER E 55 35.08 33.93 17.15
N TRP E 56 34.65 33.28 16.07
CA TRP E 56 34.72 31.82 15.97
C TRP E 56 34.76 31.40 14.51
N TRP E 57 35.13 30.15 14.27
CA TRP E 57 35.33 29.62 12.92
C TRP E 57 34.44 28.41 12.68
N GLU E 58 34.05 28.23 11.41
CA GLU E 58 33.24 27.10 10.98
C GLU E 58 33.67 26.65 9.60
N GLU E 59 33.41 25.38 9.31
CA GLU E 59 33.65 24.82 7.98
C GLU E 59 32.67 23.69 7.74
N LYS E 60 32.28 23.51 6.48
CA LYS E 60 31.35 22.48 6.08
C LYS E 60 31.98 21.58 5.02
N LEU E 61 31.66 20.29 5.10
CA LEU E 61 32.12 19.31 4.13
C LEU E 61 30.92 18.91 3.27
N THR E 62 31.05 19.08 1.96
CA THR E 62 29.92 18.85 1.07
C THR E 62 30.45 18.52 -0.32
N HIS E 63 29.54 18.51 -1.29
CA HIS E 63 29.89 18.20 -2.67
C HIS E 63 30.75 19.31 -3.27
N ASN E 64 31.40 18.99 -4.38
CA ASN E 64 32.17 19.95 -5.17
C ASN E 64 31.40 20.24 -6.45
N ARG E 65 30.73 21.38 -6.49
CA ARG E 65 29.95 21.78 -7.65
C ARG E 65 30.53 23.04 -8.28
N LEU E 66 30.37 23.15 -9.58
CA LEU E 66 30.75 24.33 -10.34
C LEU E 66 29.60 24.73 -11.24
N GLU E 67 29.49 26.02 -11.50
CA GLU E 67 28.42 26.57 -12.33
C GLU E 67 29.02 27.17 -13.61
N VAL E 68 28.50 26.75 -14.74
CA VAL E 68 28.91 27.30 -16.02
C VAL E 68 28.24 28.67 -16.19
N LYS E 69 28.95 29.60 -16.82
CA LYS E 69 28.45 30.96 -16.97
C LYS E 69 28.21 31.37 -18.41
N THR E 70 28.39 30.47 -19.38
CA THR E 70 28.16 30.81 -20.77
C THR E 70 27.79 29.56 -21.54
N GLU E 71 27.10 29.75 -22.65
CA GLU E 71 26.73 28.64 -23.51
C GLU E 71 27.96 28.01 -24.13
N ALA E 72 28.03 26.68 -24.11
CA ALA E 72 29.16 25.96 -24.65
C ALA E 72 28.67 24.96 -25.69
N ALA E 73 29.31 24.94 -26.85
CA ALA E 73 28.93 24.00 -27.89
C ALA E 73 29.51 22.63 -27.60
N ALA E 74 29.10 21.65 -28.41
CA ALA E 74 29.55 20.27 -28.21
C ALA E 74 31.06 20.14 -28.40
N GLY E 75 31.60 20.83 -29.39
CA GLY E 75 33.02 20.70 -29.68
C GLY E 75 33.94 21.55 -28.84
N VAL E 76 33.39 22.53 -28.11
CA VAL E 76 34.22 23.45 -27.35
C VAL E 76 34.88 22.70 -26.19
N THR E 77 36.19 22.85 -26.07
CA THR E 77 36.98 22.14 -25.06
C THR E 77 37.43 23.04 -23.92
N THR E 78 36.93 24.28 -23.85
CA THR E 78 37.25 25.18 -22.76
C THR E 78 35.95 25.73 -22.18
N LEU E 79 35.86 25.73 -20.85
CA LEU E 79 34.65 26.13 -20.16
C LEU E 79 34.92 27.32 -19.26
N ALA E 80 33.95 28.23 -19.18
CA ALA E 80 34.03 29.40 -18.32
C ALA E 80 33.10 29.19 -17.13
N VAL E 81 33.66 29.23 -15.93
CA VAL E 81 32.90 28.98 -14.71
C VAL E 81 32.89 30.23 -13.84
N ASP E 82 32.21 30.16 -12.71
CA ASP E 82 32.12 31.30 -11.82
C ASP E 82 33.47 31.57 -11.15
N THR E 83 33.61 32.78 -10.63
CA THR E 83 34.89 33.21 -10.10
C THR E 83 35.33 32.36 -8.92
N ASP E 84 36.61 31.98 -8.92
CA ASP E 84 37.30 31.20 -7.89
C ASP E 84 36.82 29.76 -7.80
N GLN E 85 35.87 29.33 -8.62
CA GLN E 85 35.39 27.96 -8.53
C GLN E 85 36.36 26.97 -9.14
N ALA E 86 37.16 27.39 -10.12
CA ALA E 86 38.02 26.46 -10.83
C ALA E 86 39.22 26.00 -9.99
N TRP E 87 39.62 26.78 -8.99
CA TRP E 87 40.82 26.43 -8.23
C TRP E 87 40.67 25.11 -7.50
N ALA E 88 39.44 24.70 -7.21
CA ALA E 88 39.22 23.44 -6.49
C ALA E 88 39.68 22.25 -7.30
N CYS E 89 39.44 22.26 -8.61
CA CYS E 89 39.74 21.11 -9.44
C CYS E 89 41.20 21.09 -9.87
N VAL E 90 41.77 19.90 -9.93
CA VAL E 90 43.11 19.70 -10.45
C VAL E 90 43.03 18.74 -11.63
N LYS E 91 44.18 18.40 -12.22
CA LYS E 91 44.18 17.50 -13.34
C LYS E 91 43.76 16.10 -12.91
N GLY E 92 42.87 15.49 -13.67
CA GLY E 92 42.42 14.15 -13.40
C GLY E 92 41.09 14.03 -12.66
N ASP E 93 40.38 15.13 -12.46
CA ASP E 93 39.06 15.08 -11.84
C ASP E 93 38.00 14.85 -12.90
N ILE E 94 37.01 14.04 -12.56
CA ILE E 94 35.92 13.69 -13.46
C ILE E 94 34.68 14.47 -13.06
N LEU E 95 34.08 15.14 -14.03
CA LEU E 95 32.91 15.98 -13.80
C LEU E 95 31.74 15.47 -14.64
N MET E 96 30.53 15.69 -14.13
CA MET E 96 29.33 15.24 -14.84
C MET E 96 28.28 16.34 -14.82
N VAL E 97 27.49 16.41 -15.89
CA VAL E 97 26.49 17.45 -16.06
C VAL E 97 25.22 17.07 -15.31
N GLU E 98 24.75 17.95 -14.45
CA GLU E 98 23.54 17.69 -13.67
C GLU E 98 22.30 17.80 -14.55
N SER E 99 21.20 17.23 -14.05
CA SER E 99 19.91 17.31 -14.72
C SER E 99 18.82 17.16 -13.68
N VAL E 100 17.59 17.51 -14.08
CA VAL E 100 16.46 17.42 -13.16
C VAL E 100 16.21 15.97 -12.78
N GLY E 101 15.95 15.74 -11.50
CA GLY E 101 15.76 14.40 -10.98
C GLY E 101 17.09 13.76 -10.64
N GLY E 102 17.01 12.67 -9.87
CA GLY E 102 18.21 12.00 -9.41
C GLY E 102 18.85 11.04 -10.37
N LEU E 103 18.15 10.68 -11.45
CA LEU E 103 18.65 9.67 -12.38
C LEU E 103 19.49 10.38 -13.43
N TRP E 104 20.81 10.25 -13.31
CA TRP E 104 21.76 11.01 -14.12
C TRP E 104 22.45 10.07 -15.10
N ALA E 105 22.26 10.31 -16.39
CA ALA E 105 22.92 9.56 -17.45
C ALA E 105 23.39 10.51 -18.54
N ASN E 106 23.97 11.64 -18.15
CA ASN E 106 24.34 12.70 -19.06
C ASN E 106 25.81 12.59 -19.44
N GLU E 107 26.31 13.62 -20.12
CA GLU E 107 27.69 13.66 -20.59
C GLU E 107 28.66 13.73 -19.40
N ILE E 108 29.84 13.16 -19.60
CA ILE E 108 30.89 13.09 -18.59
C ILE E 108 32.12 13.82 -19.10
N LEU E 109 32.72 14.66 -18.24
CA LEU E 109 33.89 15.44 -18.59
C LEU E 109 35.08 15.04 -17.73
N LYS E 110 36.28 15.34 -18.21
CA LYS E 110 37.51 15.12 -17.48
C LYS E 110 38.39 16.35 -17.55
N VAL E 111 39.03 16.69 -16.44
CA VAL E 111 39.97 17.80 -16.40
C VAL E 111 41.31 17.31 -16.90
N VAL E 112 41.83 17.94 -17.95
CA VAL E 112 43.02 17.43 -18.63
C VAL E 112 44.29 18.21 -18.33
N GLU E 113 44.19 19.39 -17.72
CA GLU E 113 45.38 20.11 -17.31
C GLU E 113 45.05 20.97 -16.10
N ASP E 114 46.09 21.30 -15.33
CA ASP E 114 45.90 22.06 -14.12
C ASP E 114 45.44 23.48 -14.45
N PRO E 115 44.41 23.99 -13.78
CA PRO E 115 43.91 25.32 -14.10
C PRO E 115 44.94 26.40 -13.79
N THR E 116 44.91 27.46 -14.59
CA THR E 116 45.76 28.62 -14.39
C THR E 116 44.99 29.87 -14.01
N ALA E 117 43.68 29.90 -14.25
CA ALA E 117 42.83 31.01 -13.86
C ALA E 117 41.64 30.48 -13.08
N GLY E 118 41.12 31.31 -12.19
CA GLY E 118 40.06 30.86 -11.29
C GLY E 118 38.70 30.70 -11.92
N ASN E 119 38.53 31.10 -13.19
CA ASN E 119 37.23 31.06 -13.84
C ASN E 119 37.29 30.37 -15.20
N ALA E 120 38.32 29.56 -15.46
CA ALA E 120 38.43 28.84 -16.72
C ALA E 120 38.84 27.40 -16.45
N LEU E 121 38.25 26.48 -17.21
CA LEU E 121 38.54 25.06 -17.10
C LEU E 121 38.80 24.48 -18.47
N LYS E 122 39.78 23.59 -18.56
CA LYS E 122 40.11 22.87 -19.78
C LYS E 122 39.70 21.41 -19.60
N VAL E 123 38.75 20.94 -20.42
CA VAL E 123 38.13 19.65 -20.24
C VAL E 123 38.15 18.88 -21.55
N ALA E 124 37.84 17.59 -21.46
CA ALA E 124 37.69 16.72 -22.61
C ALA E 124 36.22 16.33 -22.72
N ARG E 125 35.63 16.57 -23.88
CA ARG E 125 34.20 16.35 -24.06
C ARG E 125 33.91 14.90 -24.45
N GLY E 126 32.74 14.43 -24.04
CA GLY E 126 32.32 13.08 -24.38
C GLY E 126 33.21 12.00 -23.80
N PHE E 127 33.67 12.18 -22.57
CA PHE E 127 34.57 11.22 -21.95
C PHE E 127 33.81 9.94 -21.60
N ALA E 128 34.57 8.85 -21.52
CA ALA E 128 34.06 7.54 -21.10
C ALA E 128 32.93 7.04 -21.99
N GLY E 129 32.98 7.37 -23.27
CA GLY E 129 31.99 6.87 -24.20
C GLY E 129 30.66 7.59 -24.19
N THR E 130 30.52 8.67 -23.43
CA THR E 130 29.28 9.43 -23.44
C THR E 130 29.23 10.34 -24.66
N THR E 131 28.04 10.89 -24.91
CA THR E 131 27.80 11.74 -26.07
C THR E 131 27.86 13.19 -25.67
N ALA E 132 28.62 13.99 -26.43
CA ALA E 132 28.75 15.41 -26.14
C ALA E 132 27.54 16.17 -26.68
N ALA E 133 27.13 17.19 -25.92
CA ALA E 133 26.02 18.04 -26.33
C ALA E 133 26.25 19.44 -25.80
N VAL E 134 25.39 20.37 -26.21
CA VAL E 134 25.51 21.75 -25.76
C VAL E 134 25.20 21.85 -24.28
N ILE E 135 25.95 22.68 -23.58
CA ILE E 135 25.76 22.94 -22.16
C ILE E 135 25.10 24.30 -22.00
N PRO E 136 23.84 24.37 -21.56
CA PRO E 136 23.16 25.67 -21.45
C PRO E 136 23.87 26.60 -20.49
N ALA E 137 23.38 27.85 -20.44
CA ALA E 137 24.12 28.92 -19.78
C ALA E 137 24.27 28.68 -18.28
N GLY E 138 23.20 28.27 -17.62
CA GLY E 138 23.24 28.18 -16.16
C GLY E 138 23.41 26.79 -15.60
N THR E 139 23.89 25.85 -16.42
CA THR E 139 23.94 24.45 -16.01
C THR E 139 25.01 24.21 -14.95
N PHE E 140 24.69 23.36 -13.99
CA PHE E 140 25.60 22.99 -12.92
C PHE E 140 26.43 21.77 -13.31
N ILE E 141 27.55 21.61 -12.60
CA ILE E 141 28.48 20.51 -12.83
C ILE E 141 28.95 19.98 -11.49
N ILE E 142 29.01 18.66 -11.36
CA ILE E 142 29.38 18.01 -10.11
C ILE E 142 30.49 16.99 -10.39
N ALA E 143 31.30 16.73 -9.36
CA ALA E 143 32.44 15.84 -9.47
C ALA E 143 32.08 14.46 -8.94
N ILE E 144 32.47 13.42 -9.69
CA ILE E 144 32.11 12.06 -9.33
C ILE E 144 33.33 11.13 -9.30
N GLY E 145 34.51 11.67 -9.08
CA GLY E 145 35.67 10.84 -8.86
C GLY E 145 36.87 11.35 -9.64
N THR E 146 37.94 10.56 -9.59
CA THR E 146 39.19 10.87 -10.27
C THR E 146 39.67 9.64 -11.04
N SER E 147 40.38 9.89 -12.13
CA SER E 147 40.91 8.83 -12.97
C SER E 147 42.36 9.13 -13.34
N PHE E 148 43.15 8.07 -13.49
CA PHE E 148 44.56 8.22 -13.85
C PHE E 148 44.97 7.05 -14.73
N ALA E 149 46.03 7.26 -15.51
CA ALA E 149 46.60 6.22 -16.33
C ALA E 149 47.45 5.28 -15.47
N GLU E 150 47.98 4.22 -16.09
CA GLU E 150 48.62 3.16 -15.33
C GLU E 150 49.89 3.63 -14.63
N GLY E 151 50.68 4.47 -15.29
CA GLY E 151 51.95 4.87 -14.70
C GLY E 151 52.11 6.37 -14.50
N SER E 152 51.04 7.04 -14.09
CA SER E 152 51.05 8.49 -13.96
C SER E 152 51.74 8.92 -12.67
N LEU E 153 51.88 10.23 -12.51
CA LEU E 153 52.46 10.81 -11.31
C LEU E 153 51.37 11.26 -10.35
N ALA E 154 51.79 11.62 -9.14
CA ALA E 154 50.84 12.06 -8.12
C ALA E 154 50.25 13.41 -8.50
N PRO E 155 49.00 13.66 -8.16
CA PRO E 155 48.35 14.92 -8.57
C PRO E 155 48.75 16.08 -7.69
N LYS E 156 48.30 17.26 -8.09
CA LYS E 156 48.53 18.49 -7.34
C LYS E 156 47.57 18.59 -6.16
N SER E 157 47.98 19.33 -5.14
CA SER E 157 47.17 19.50 -3.95
C SER E 157 46.29 20.74 -4.05
N ALA E 158 45.23 20.75 -3.24
CA ALA E 158 44.32 21.88 -3.14
C ALA E 158 43.67 21.86 -1.77
N THR E 159 43.51 23.04 -1.17
CA THR E 159 43.06 23.14 0.20
C THR E 159 42.25 24.42 0.36
N ARG E 160 41.36 24.43 1.36
CA ARG E 160 40.49 25.56 1.64
C ARG E 160 40.71 26.02 3.08
N ASN E 161 40.05 27.11 3.44
CA ASN E 161 40.15 27.69 4.77
C ASN E 161 38.76 27.93 5.34
N PRO E 162 38.61 27.90 6.67
CA PRO E 162 37.29 28.07 7.26
C PRO E 162 36.83 29.52 7.21
N VAL E 163 35.56 29.72 7.50
CA VAL E 163 34.93 31.05 7.51
C VAL E 163 34.96 31.58 8.93
N LYS E 164 35.11 32.90 9.05
CA LYS E 164 35.19 33.57 10.35
C LYS E 164 33.93 34.38 10.59
N LEU E 165 33.43 34.34 11.82
CA LEU E 165 32.27 35.10 12.24
C LEU E 165 32.60 35.83 13.54
N ASN E 166 31.97 36.99 13.73
CA ASN E 166 32.26 37.81 14.90
C ASN E 166 31.03 38.63 15.27
N ASN E 167 31.04 39.13 16.50
CA ASN E 167 29.95 39.96 16.99
C ASN E 167 30.47 40.88 18.09
N PHE E 168 29.68 41.90 18.40
CA PHE E 168 30.07 42.94 19.35
C PHE E 168 29.18 42.88 20.59
N CYS E 169 29.65 43.55 21.64
CA CYS E 169 28.86 43.74 22.85
C CYS E 169 28.21 45.12 22.82
N GLN E 170 27.09 45.24 23.55
CA GLN E 170 26.30 46.46 23.57
C GLN E 170 26.01 46.85 25.01
N ILE E 171 25.98 48.16 25.27
CA ILE E 171 25.73 48.68 26.61
C ILE E 171 24.29 49.14 26.70
N PHE E 172 23.55 48.62 27.68
CA PHE E 172 22.17 48.98 27.92
C PHE E 172 22.07 49.78 29.21
N LYS E 173 21.33 50.88 29.17
CA LYS E 173 21.15 51.73 30.35
C LYS E 173 19.72 52.24 30.41
N LYS E 174 19.16 52.27 31.61
CA LYS E 174 17.79 52.71 31.83
C LYS E 174 17.70 53.31 33.23
N SER E 175 17.15 54.52 33.33
CA SER E 175 17.17 55.27 34.58
C SER E 175 15.79 55.80 34.93
N TYR E 176 15.66 56.26 36.19
CA TYR E 176 14.45 56.87 36.70
C TYR E 176 14.82 58.00 37.65
N GLU E 177 13.98 59.03 37.70
CA GLU E 177 14.22 60.17 38.57
C GLU E 177 12.92 60.58 39.25
N ILE E 178 13.05 61.22 40.40
CA ILE E 178 11.90 61.76 41.13
C ILE E 178 12.40 62.88 42.03
N THR E 179 11.62 63.95 42.13
CA THR E 179 11.97 65.04 43.03
C THR E 179 11.63 64.67 44.46
N LYS E 180 12.47 65.13 45.39
CA LYS E 180 12.27 64.78 46.79
C LYS E 180 10.96 65.34 47.34
N THR E 181 10.48 66.43 46.76
CA THR E 181 9.15 66.92 47.12
C THR E 181 8.08 65.91 46.74
N ALA E 182 8.11 65.43 45.50
CA ALA E 182 7.12 64.48 45.05
C ALA E 182 7.21 63.15 45.79
N ASP E 183 8.40 62.81 46.27
CA ASP E 183 8.55 61.58 47.04
C ASP E 183 7.82 61.68 48.38
N ALA E 184 7.79 62.86 48.97
CA ALA E 184 7.15 63.03 50.27
C ALA E 184 5.63 63.08 50.14
N THR E 185 5.13 63.63 49.04
CA THR E 185 3.69 63.82 48.90
C THR E 185 2.97 62.50 48.72
N LYS E 186 1.75 62.43 49.27
CA LYS E 186 0.93 61.24 49.17
C LYS E 186 0.19 61.20 47.84
N ALA E 187 -0.18 60.00 47.42
CA ALA E 187 -0.97 59.82 46.21
C ALA E 187 -1.89 58.62 46.39
N ARG E 188 -2.98 58.61 45.63
CA ARG E 188 -3.96 57.55 45.73
C ARG E 188 -3.51 56.25 45.07
N THR E 189 -2.43 56.28 44.30
CA THR E 189 -1.97 55.11 43.59
C THR E 189 -0.68 54.52 44.17
N GLY E 190 -0.34 54.89 45.40
CA GLY E 190 0.89 54.41 46.01
C GLY E 190 2.06 55.34 45.72
N SER E 191 3.23 54.92 46.22
CA SER E 191 4.43 55.71 46.04
C SER E 191 4.84 55.73 44.56
N ALA E 192 5.25 56.91 44.09
CA ALA E 192 5.63 57.03 42.69
C ALA E 192 6.92 56.28 42.39
N LEU E 193 7.82 56.22 43.36
CA LEU E 193 9.12 55.59 43.14
C LEU E 193 9.00 54.11 42.79
N ALA E 194 8.17 53.36 43.52
CA ALA E 194 8.03 51.93 43.26
C ALA E 194 7.43 51.64 41.89
N ASN E 195 6.40 52.39 41.51
CA ASN E 195 5.80 52.19 40.19
C ASN E 195 6.79 52.51 39.08
N ASP E 196 7.56 53.58 39.24
CA ASP E 196 8.57 53.92 38.25
C ASP E 196 9.62 52.83 38.14
N LYS E 197 10.04 52.28 39.29
CA LYS E 197 11.01 51.20 39.27
C LYS E 197 10.47 49.99 38.51
N LYS E 198 9.21 49.63 38.78
CA LYS E 198 8.62 48.50 38.07
C LYS E 198 8.57 48.75 36.57
N ARG E 199 8.12 49.94 36.17
CA ARG E 199 8.01 50.25 34.75
C ARG E 199 9.37 50.19 34.08
N ARG E 200 10.39 50.78 34.71
CA ARG E 200 11.70 50.85 34.06
C ARG E 200 12.37 49.49 34.00
N MET E 201 12.19 48.65 35.02
CA MET E 201 12.74 47.30 34.94
C MET E 201 12.07 46.50 33.82
N PHE E 202 10.75 46.61 33.69
CA PHE E 202 10.08 45.93 32.60
C PHE E 202 10.59 46.42 31.25
N ASP E 203 10.77 47.74 31.11
CA ASP E 203 11.28 48.29 29.86
C ASP E 203 12.68 47.78 29.55
N TYR E 204 13.54 47.70 30.57
CA TYR E 204 14.89 47.22 30.38
C TYR E 204 14.91 45.78 29.87
N TYR E 205 14.13 44.91 30.52
CA TYR E 205 14.10 43.51 30.10
C TYR E 205 13.55 43.37 28.68
N ARG E 206 12.46 44.09 28.37
CA ARG E 206 11.89 43.99 27.04
C ARG E 206 12.88 44.48 25.99
N ASP E 207 13.60 45.56 26.27
CA ASP E 207 14.58 46.07 25.33
C ASP E 207 15.69 45.06 25.08
N VAL E 208 16.17 44.42 26.14
CA VAL E 208 17.25 43.44 25.97
C VAL E 208 16.77 42.29 25.09
N GLU E 209 15.57 41.78 25.36
CA GLU E 209 15.05 40.67 24.56
C GLU E 209 14.89 41.07 23.09
N MET E 210 14.25 42.21 22.84
CA MET E 210 14.00 42.62 21.46
C MET E 210 15.30 42.89 20.72
N ALA E 211 16.30 43.46 21.40
CA ALA E 211 17.59 43.66 20.78
C ALA E 211 18.23 42.33 20.41
N PHE E 212 18.13 41.35 21.30
CA PHE E 212 18.69 40.04 20.98
C PHE E 212 17.92 39.33 19.89
N ILE E 213 16.72 39.78 19.55
CA ILE E 213 16.01 39.17 18.42
C ILE E 213 16.24 39.95 17.13
N TYR E 214 16.13 41.28 17.14
CA TYR E 214 16.07 42.06 15.91
C TYR E 214 17.26 42.99 15.72
N GLY E 215 18.31 42.85 16.51
CA GLY E 215 19.41 43.79 16.42
C GLY E 215 20.29 43.59 15.20
N ARG E 216 21.14 44.59 14.95
CA ARG E 216 22.10 44.55 13.87
C ARG E 216 23.48 44.92 14.39
N LYS E 217 24.51 44.44 13.70
CA LYS E 217 25.89 44.57 14.15
C LYS E 217 26.54 45.77 13.49
N SER E 218 27.15 46.64 14.30
CA SER E 218 27.82 47.82 13.77
C SER E 218 28.75 48.39 14.83
N GLU E 219 29.70 49.20 14.36
CA GLU E 219 30.62 49.93 15.22
C GLU E 219 30.74 51.36 14.72
N THR E 220 30.80 52.31 15.66
CA THR E 220 30.87 53.72 15.30
C THR E 220 31.52 54.50 16.44
N VAL E 221 31.92 55.73 16.13
CA VAL E 221 32.58 56.60 17.09
C VAL E 221 31.53 57.48 17.77
N GLY E 222 31.55 57.48 19.10
CA GLY E 222 30.58 58.23 19.88
C GLY E 222 30.89 59.71 19.93
N GLU E 223 29.99 60.44 20.59
CA GLU E 223 30.14 61.89 20.69
C GLU E 223 31.38 62.27 21.48
N ASN E 224 31.69 61.52 22.54
CA ASN E 224 32.87 61.81 23.34
C ASN E 224 34.16 61.35 22.66
N GLY E 225 34.07 60.68 21.51
CA GLY E 225 35.24 60.18 20.83
C GLY E 225 35.58 58.74 21.15
N LYS E 226 34.68 58.01 21.79
CA LYS E 226 34.90 56.63 22.18
C LYS E 226 34.07 55.68 21.33
N PRO E 227 34.52 54.43 21.16
CA PRO E 227 33.77 53.49 20.32
C PRO E 227 32.38 53.23 20.88
N GLU E 228 31.41 53.09 19.97
CA GLU E 228 30.05 52.70 20.30
C GLU E 228 29.67 51.51 19.44
N ARG E 229 29.13 50.46 20.07
CA ARG E 229 28.90 49.20 19.40
C ARG E 229 27.46 48.76 19.62
N THR E 230 26.95 48.01 18.64
CA THR E 230 25.65 47.37 18.73
C THR E 230 25.78 45.91 18.34
N THR E 231 25.03 45.05 19.00
CA THR E 231 25.10 43.62 18.78
C THR E 231 24.09 43.19 17.73
N GLY E 232 24.45 42.14 16.99
CA GLY E 232 23.59 41.61 15.94
C GLY E 232 22.62 40.59 16.49
N GLY E 233 21.36 40.70 16.08
CA GLY E 233 20.30 39.88 16.60
C GLY E 233 20.29 38.49 15.95
N LEU E 234 19.31 37.70 16.40
CA LEU E 234 19.18 36.34 15.91
C LEU E 234 18.86 36.32 14.42
N LEU E 235 17.98 37.23 13.97
CA LEU E 235 17.67 37.31 12.55
C LEU E 235 18.86 37.74 11.72
N ASN E 236 19.83 38.42 12.33
CA ASN E 236 21.00 38.87 11.59
C ASN E 236 21.83 37.70 11.10
N PHE E 237 21.81 36.59 11.83
CA PHE E 237 22.63 35.44 11.47
C PHE E 237 21.89 34.46 10.56
N ILE E 238 20.57 34.36 10.70
CA ILE E 238 19.79 33.42 9.91
C ILE E 238 19.48 34.09 8.56
N THR E 239 20.11 33.60 7.50
CA THR E 239 19.95 34.21 6.19
C THR E 239 19.54 33.18 5.14
N THR E 240 19.91 31.92 5.35
CA THR E 240 19.61 30.89 4.37
C THR E 240 18.14 30.50 4.41
N ASN E 241 17.56 30.35 5.59
CA ASN E 241 16.20 29.84 5.77
C ASN E 241 15.30 30.98 6.24
N ARG E 242 14.79 31.75 5.29
CA ARG E 242 13.78 32.76 5.55
C ARG E 242 12.62 32.53 4.61
N THR E 243 11.40 32.69 5.11
CA THR E 243 10.22 32.52 4.29
C THR E 243 9.16 33.53 4.69
N GLN E 244 8.54 34.13 3.69
CA GLN E 244 7.42 35.05 3.88
C GLN E 244 6.17 34.41 3.30
N PHE E 245 5.24 34.05 4.17
CA PHE E 245 4.01 33.37 3.77
C PHE E 245 2.93 34.41 3.56
N GLY E 246 2.24 34.32 2.43
CA GLY E 246 1.20 35.28 2.12
C GLY E 246 0.64 35.01 0.74
N THR E 247 -0.41 35.76 0.41
CA THR E 247 -1.07 35.59 -0.88
C THR E 247 -0.49 36.50 -1.95
N GLY E 248 0.06 37.63 -1.56
CA GLY E 248 0.55 38.60 -2.53
C GLY E 248 1.78 38.12 -3.26
N ALA E 249 2.13 38.87 -4.31
CA ALA E 249 3.32 38.57 -5.08
C ALA E 249 4.57 38.76 -4.22
N GLY E 250 5.57 37.92 -4.45
CA GLY E 250 6.76 37.91 -3.63
C GLY E 250 6.63 37.14 -2.33
N LYS E 251 5.50 36.47 -2.11
CA LYS E 251 5.27 35.69 -0.90
C LYS E 251 4.82 34.30 -1.29
N THR E 252 5.03 33.35 -0.38
CA THR E 252 4.70 31.96 -0.61
C THR E 252 3.32 31.64 -0.05
N GLU E 253 2.48 31.03 -0.88
CA GLU E 253 1.17 30.59 -0.41
C GLU E 253 1.34 29.45 0.59
N LEU E 254 0.52 29.47 1.64
CA LEU E 254 0.70 28.58 2.78
C LEU E 254 -0.29 27.43 2.72
N THR E 255 0.24 26.21 2.64
CA THR E 255 -0.51 24.97 2.79
C THR E 255 0.24 24.06 3.73
N GLU E 256 -0.33 22.88 4.00
CA GLU E 256 0.38 21.91 4.83
C GLU E 256 1.68 21.47 4.18
N ASP E 257 1.66 21.27 2.87
CA ASP E 257 2.87 20.88 2.16
C ASP E 257 3.93 21.97 2.21
N SER E 258 3.53 23.23 2.08
CA SER E 258 4.48 24.32 2.20
C SER E 258 5.10 24.37 3.59
N LEU E 259 4.29 24.15 4.63
CA LEU E 259 4.83 24.12 5.98
C LEU E 259 5.82 22.99 6.16
N ILE E 260 5.50 21.80 5.63
CA ILE E 260 6.43 20.67 5.74
C ILE E 260 7.73 20.97 5.00
N ASP E 261 7.63 21.57 3.81
CA ASP E 261 8.83 21.89 3.04
C ASP E 261 9.67 22.93 3.77
N PHE E 262 9.03 23.90 4.42
CA PHE E 262 9.78 24.86 5.22
C PHE E 262 10.49 24.19 6.38
N PHE E 263 9.80 23.26 7.06
CA PHE E 263 10.41 22.60 8.21
C PHE E 263 11.55 21.67 7.81
N ALA E 264 11.48 21.10 6.61
CA ALA E 264 12.43 20.04 6.26
C ALA E 264 13.85 20.56 6.06
N ASN E 265 14.02 21.84 5.76
CA ASN E 265 15.32 22.34 5.34
C ASN E 265 16.33 22.45 6.47
N VAL E 266 15.92 22.28 7.73
CA VAL E 266 16.84 22.44 8.84
C VAL E 266 17.44 21.12 9.31
N PHE E 267 17.14 20.02 8.64
CA PHE E 267 17.61 18.70 9.05
C PHE E 267 18.60 18.08 8.07
N ASN E 268 19.07 18.84 7.08
CA ASN E 268 19.99 18.28 6.10
C ASN E 268 21.36 18.03 6.71
N TYR E 269 21.77 18.86 7.66
CA TYR E 269 23.08 18.78 8.28
C TYR E 269 22.95 18.50 9.77
N ASP E 270 23.90 17.74 10.31
CA ASP E 270 23.85 17.38 11.73
C ASP E 270 24.26 18.54 12.62
N GLY E 271 25.27 19.30 12.20
CA GLY E 271 25.70 20.46 12.97
C GLY E 271 26.42 20.06 14.26
N GLN E 272 26.31 20.93 15.25
CA GLN E 272 27.01 20.76 16.53
C GLN E 272 26.25 19.81 17.45
N GLY E 273 26.06 18.59 16.97
CA GLY E 273 25.27 17.62 17.72
C GLY E 273 23.86 18.09 17.96
N ALA E 274 23.27 18.76 16.97
CA ALA E 274 21.93 19.33 17.15
C ALA E 274 20.90 18.23 17.36
N GLY E 275 21.01 17.14 16.61
CA GLY E 275 20.05 16.07 16.73
C GLY E 275 18.87 16.24 15.80
N ASN E 276 17.80 15.54 16.12
CA ASN E 276 16.60 15.52 15.30
C ASN E 276 15.43 16.24 15.94
N GLN E 277 15.70 17.20 16.81
CA GLN E 277 14.67 17.96 17.51
C GLN E 277 14.97 19.44 17.46
N ARG E 278 13.92 20.26 17.44
CA ARG E 278 14.05 21.70 17.44
C ARG E 278 12.98 22.30 18.33
N ILE E 279 13.21 23.54 18.75
CA ILE E 279 12.27 24.29 19.58
C ILE E 279 11.74 25.46 18.76
N ALA E 280 10.42 25.66 18.80
CA ALA E 280 9.78 26.70 18.03
C ALA E 280 9.08 27.69 18.96
N PHE E 281 9.30 28.97 18.73
CA PHE E 281 8.62 30.04 19.45
C PHE E 281 7.69 30.74 18.48
N VAL E 282 6.40 30.80 18.83
CA VAL E 282 5.37 31.30 17.94
C VAL E 282 4.49 32.29 18.69
N GLY E 283 3.69 33.04 17.93
CA GLY E 283 2.59 33.78 18.48
C GLY E 283 1.33 32.94 18.53
N ASN E 284 0.29 33.52 19.12
CA ASN E 284 -0.98 32.80 19.24
C ASN E 284 -1.60 32.56 17.87
N THR E 285 -1.54 33.55 16.98
CA THR E 285 -2.15 33.40 15.67
C THR E 285 -1.49 32.27 14.86
N ALA E 286 -0.16 32.20 14.89
CA ALA E 286 0.53 31.15 14.15
C ALA E 286 0.20 29.77 14.70
N LEU E 287 0.17 29.63 16.02
CA LEU E 287 -0.17 28.34 16.61
C LEU E 287 -1.58 27.92 16.24
N THR E 288 -2.53 28.86 16.28
CA THR E 288 -3.89 28.54 15.90
C THR E 288 -3.97 28.12 14.43
N LYS E 289 -3.23 28.81 13.55
CA LYS E 289 -3.25 28.43 12.15
C LYS E 289 -2.65 27.04 11.95
N ILE E 290 -1.59 26.72 12.68
CA ILE E 290 -1.00 25.39 12.56
C ILE E 290 -1.98 24.32 12.99
N ASN E 291 -2.68 24.55 14.12
CA ASN E 291 -3.68 23.58 14.56
C ASN E 291 -4.80 23.44 13.53
N LYS E 292 -5.24 24.55 12.94
CA LYS E 292 -6.29 24.48 11.93
C LYS E 292 -5.82 23.70 10.71
N LEU E 293 -4.57 23.89 10.30
CA LEU E 293 -4.04 23.13 9.17
C LEU E 293 -4.01 21.64 9.48
N ALA E 294 -3.62 21.28 10.70
CA ALA E 294 -3.61 19.87 11.07
C ALA E 294 -5.03 19.30 11.07
N ARG E 295 -6.00 20.05 11.59
CA ARG E 295 -7.35 19.52 11.74
C ARG E 295 -8.08 19.41 10.40
N ASN E 296 -7.72 20.23 9.43
CA ASN E 296 -8.44 20.27 8.16
C ASN E 296 -7.88 19.31 7.14
N SER E 297 -6.92 18.48 7.50
CA SER E 297 -6.38 17.51 6.56
C SER E 297 -7.46 16.50 6.20
N PRO E 298 -7.52 16.04 4.95
CA PRO E 298 -8.62 15.18 4.52
C PRO E 298 -8.68 13.85 5.25
N SER E 299 -7.57 13.38 5.82
CA SER E 299 -7.53 12.08 6.47
C SER E 299 -7.65 12.16 7.99
N THR E 300 -7.93 13.34 8.54
CA THR E 300 -8.03 13.51 9.98
C THR E 300 -9.45 13.20 10.44
N ARG E 301 -9.56 12.51 11.57
CA ARG E 301 -10.86 12.12 12.12
C ARG E 301 -10.89 12.34 13.62
N ILE E 302 -12.02 12.82 14.12
CA ILE E 302 -12.28 12.94 15.55
C ILE E 302 -13.49 12.06 15.87
N ASN E 303 -13.32 11.14 16.82
CA ASN E 303 -14.24 10.02 16.98
C ASN E 303 -14.90 10.02 18.35
N PHE E 304 -16.16 10.43 18.40
CA PHE E 304 -16.99 10.20 19.58
C PHE E 304 -17.65 8.83 19.46
N ASP E 305 -17.95 8.22 20.61
CA ASP E 305 -18.47 6.86 20.58
C ASP E 305 -19.94 6.84 20.17
N LYS E 306 -20.83 7.36 21.00
CA LYS E 306 -22.25 7.31 20.68
C LYS E 306 -22.92 8.67 20.70
N GLN E 307 -22.26 9.70 21.18
CA GLN E 307 -22.86 11.02 21.31
C GLN E 307 -21.76 12.04 21.53
N VAL E 308 -21.87 13.19 20.87
CA VAL E 308 -20.94 14.28 21.12
C VAL E 308 -21.25 14.78 22.52
N THR E 309 -20.40 14.42 23.49
CA THR E 309 -20.85 14.51 24.87
C THR E 309 -19.97 15.34 25.80
N GLN E 310 -18.65 15.27 25.68
CA GLN E 310 -17.80 15.84 26.72
C GLN E 310 -16.98 17.04 26.24
N VAL E 311 -16.13 16.86 25.24
CA VAL E 311 -15.12 17.84 24.88
C VAL E 311 -15.04 17.92 23.36
N TYR E 312 -14.69 19.10 22.85
CA TYR E 312 -14.38 19.26 21.45
C TYR E 312 -13.32 20.35 21.33
N GLY E 313 -12.54 20.30 20.27
CA GLY E 313 -11.54 21.29 20.03
C GLY E 313 -10.22 20.67 19.63
N MET E 314 -9.16 21.46 19.74
CA MET E 314 -7.83 21.03 19.33
C MET E 314 -6.77 21.77 20.13
N ASN E 315 -5.78 21.04 20.63
CA ASN E 315 -4.64 21.66 21.31
C ASN E 315 -3.48 20.66 21.30
N PHE E 316 -2.53 20.84 20.39
CA PHE E 316 -1.34 20.00 20.35
C PHE E 316 -0.12 20.86 20.07
N THR E 317 1.05 20.35 20.48
CA THR E 317 2.28 21.11 20.41
C THR E 317 3.45 20.33 19.83
N ARG E 318 3.22 19.16 19.24
CA ARG E 318 4.30 18.37 18.63
C ARG E 318 3.94 18.06 17.19
N TRP E 319 4.87 18.32 16.28
CA TRP E 319 4.73 17.97 14.86
C TRP E 319 5.86 17.04 14.48
N VAL E 320 5.52 15.89 13.89
CA VAL E 320 6.49 14.86 13.55
C VAL E 320 6.72 14.88 12.05
N LEU E 321 7.99 14.81 11.67
CA LEU E 321 8.43 14.77 10.28
C LEU E 321 9.22 13.49 10.07
N PRO E 322 9.35 13.04 8.82
CA PRO E 322 10.21 11.88 8.56
C PRO E 322 11.67 12.12 8.94
N GLN E 323 12.10 13.38 9.02
CA GLN E 323 13.48 13.69 9.37
C GLN E 323 13.65 14.18 10.81
N GLY E 324 12.58 14.53 11.49
CA GLY E 324 12.71 15.06 12.84
C GLY E 324 11.36 15.46 13.39
N GLU E 325 11.40 16.24 14.47
CA GLU E 325 10.18 16.69 15.12
C GLU E 325 10.39 18.09 15.68
N ILE E 326 9.28 18.79 15.89
CA ILE E 326 9.28 20.18 16.33
C ILE E 326 8.41 20.31 17.57
N PHE E 327 8.88 21.07 18.56
CA PHE E 327 8.12 21.39 19.75
C PHE E 327 7.81 22.88 19.76
N PHE E 328 6.55 23.23 20.01
CA PHE E 328 6.10 24.61 19.95
C PHE E 328 5.95 25.19 21.36
N LYS E 329 6.00 26.51 21.43
CA LYS E 329 5.76 27.24 22.67
C LYS E 329 5.54 28.70 22.31
N THR E 330 4.56 29.32 22.96
CA THR E 330 4.15 30.68 22.61
C THR E 330 4.95 31.70 23.41
N HIS E 331 5.49 32.69 22.71
CA HIS E 331 6.27 33.78 23.28
C HIS E 331 5.35 34.90 23.76
N PRO E 332 5.46 35.31 25.02
CA PRO E 332 4.55 36.37 25.52
C PRO E 332 4.65 37.67 24.75
N LEU E 333 5.85 38.06 24.30
CA LEU E 333 5.98 39.31 23.57
C LEU E 333 5.36 39.23 22.19
N PHE E 334 5.40 38.05 21.55
CA PHE E 334 4.77 37.90 20.25
C PHE E 334 3.26 38.00 20.34
N ASN E 335 2.68 37.53 21.44
CA ASN E 335 1.23 37.51 21.57
C ASN E 335 0.64 38.91 21.56
N VAL E 336 1.31 39.85 22.24
CA VAL E 336 0.74 41.18 22.40
C VAL E 336 0.69 41.92 21.07
N HIS E 337 1.78 41.91 20.32
CA HIS E 337 1.85 42.69 19.09
C HIS E 337 0.96 42.06 18.03
N PRO E 338 0.20 42.86 17.27
CA PRO E 338 -0.64 42.28 16.21
C PRO E 338 0.14 41.56 15.13
N GLU E 339 1.28 42.09 14.72
CA GLU E 339 2.06 41.51 13.63
C GLU E 339 3.06 40.48 14.10
N LEU E 340 3.52 40.54 15.35
CA LEU E 340 4.45 39.54 15.84
C LEU E 340 3.77 38.23 16.15
N SER E 341 2.45 38.21 16.28
CA SER E 341 1.74 36.98 16.62
C SER E 341 1.73 35.97 15.48
N LYS E 342 2.11 36.38 14.27
CA LYS E 342 2.14 35.49 13.12
C LYS E 342 3.57 35.24 12.66
N ALA E 343 4.48 35.07 13.62
CA ALA E 343 5.89 34.82 13.34
C ALA E 343 6.33 33.54 14.05
N MET E 344 7.31 32.87 13.45
CA MET E 344 7.83 31.62 13.99
C MET E 344 9.36 31.65 14.02
N MET E 345 9.92 31.06 15.06
CA MET E 345 11.38 30.93 15.22
C MET E 345 11.72 29.47 15.47
N VAL E 346 12.55 28.90 14.62
CA VAL E 346 13.04 27.54 14.80
C VAL E 346 14.50 27.64 15.26
N LEU E 347 14.79 27.07 16.43
CA LEU E 347 16.07 27.26 17.06
C LEU E 347 16.68 25.92 17.49
N ASN E 348 18.00 25.89 17.53
CA ASN E 348 18.74 24.78 18.12
C ASN E 348 19.40 25.29 19.39
N PRO E 349 18.87 24.98 20.57
CA PRO E 349 19.34 25.63 21.80
C PRO E 349 20.81 25.39 22.10
N LYS E 350 21.37 24.26 21.70
CA LYS E 350 22.78 24.02 21.95
C LYS E 350 23.69 24.85 21.05
N GLY E 351 23.13 25.52 20.04
CA GLY E 351 23.90 26.33 19.13
C GLY E 351 23.89 27.82 19.37
N ILE E 352 23.17 28.30 20.38
CA ILE E 352 23.06 29.72 20.66
C ILE E 352 23.52 29.98 22.10
N LYS E 353 24.39 30.96 22.27
CA LYS E 353 24.99 31.27 23.55
C LYS E 353 24.97 32.77 23.77
N GLU E 354 25.01 33.16 25.04
CA GLU E 354 25.08 34.57 25.42
C GLU E 354 26.46 34.88 25.97
N ARG E 355 27.14 35.84 25.35
CA ARG E 355 28.46 36.26 25.79
C ARG E 355 28.33 37.52 26.64
N VAL E 356 28.85 37.46 27.86
CA VAL E 356 28.66 38.51 28.85
C VAL E 356 30.01 39.09 29.22
N LEU E 357 30.14 40.42 29.11
CA LEU E 357 31.30 41.14 29.59
C LEU E 357 31.09 41.74 30.97
N ARG E 358 29.96 42.42 31.16
CA ARG E 358 29.56 42.94 32.48
C ARG E 358 28.10 42.60 32.70
N ALA E 359 27.79 41.99 33.83
CA ALA E 359 26.42 41.60 34.14
C ALA E 359 25.62 42.80 34.62
N THR E 360 24.29 42.65 34.58
CA THR E 360 23.40 43.71 35.01
C THR E 360 23.61 44.03 36.48
N LYS E 361 23.70 45.33 36.79
CA LYS E 361 23.93 45.80 38.14
C LYS E 361 23.10 47.04 38.40
N PRO E 362 22.36 47.08 39.51
CA PRO E 362 21.74 48.34 39.93
C PRO E 362 22.79 49.37 40.29
N GLU E 363 22.46 50.64 40.07
CA GLU E 363 23.36 51.73 40.43
C GLU E 363 22.52 52.87 40.99
N ASN E 364 22.98 53.46 42.08
CA ASN E 364 22.21 54.42 42.84
C ASN E 364 22.99 55.71 43.03
N ASP E 365 22.26 56.77 43.39
CA ASP E 365 22.82 58.09 43.64
C ASP E 365 23.53 58.64 42.40
N ILE E 366 22.74 58.78 41.33
CA ILE E 366 23.24 59.31 40.06
C ILE E 366 22.90 60.79 39.91
N GLN E 367 22.05 61.33 40.76
CA GLN E 367 21.67 62.73 40.67
C GLN E 367 22.89 63.62 40.92
N GLN E 368 22.80 64.85 40.42
CA GLN E 368 23.89 65.81 40.57
C GLN E 368 24.13 66.15 42.02
N VAL E 369 25.36 66.53 42.33
CA VAL E 369 25.71 66.90 43.70
C VAL E 369 24.95 68.16 44.09
N GLY E 370 24.35 68.14 45.27
CA GLY E 370 23.57 69.27 45.73
C GLY E 370 22.19 69.39 45.11
N GLN E 371 21.73 68.38 44.39
CA GLN E 371 20.42 68.40 43.76
C GLN E 371 19.43 67.63 44.63
N ASP E 372 18.21 68.15 44.70
CA ASP E 372 17.19 67.62 45.61
C ASP E 372 16.29 66.63 44.86
N SER E 373 16.84 65.46 44.59
CA SER E 373 16.12 64.42 43.87
C SER E 373 16.79 63.07 44.13
N ILE E 374 16.19 62.02 43.59
CA ILE E 374 16.71 60.67 43.66
C ILE E 374 16.77 60.09 42.26
N LYS E 375 17.90 59.46 41.92
CA LYS E 375 18.09 58.88 40.60
C LYS E 375 18.77 57.53 40.72
N GLY E 376 18.30 56.56 39.93
CA GLY E 376 18.92 55.25 39.89
C GLY E 376 18.82 54.70 38.49
N GLN E 377 19.56 53.61 38.23
CA GLN E 377 19.64 53.10 36.88
C GLN E 377 20.08 51.64 36.89
N TRP E 378 19.95 51.00 35.73
CA TRP E 378 20.43 49.65 35.48
C TRP E 378 21.36 49.67 34.28
N ILE E 379 22.45 48.91 34.36
CA ILE E 379 23.49 48.93 33.33
C ILE E 379 24.02 47.52 33.13
N GLY E 380 24.34 47.18 31.87
CA GLY E 380 24.91 45.90 31.54
C GLY E 380 25.61 45.95 30.20
N GLU E 381 26.22 44.83 29.83
CA GLU E 381 26.90 44.71 28.54
C GLU E 381 26.92 43.26 28.11
N PHE E 382 26.19 42.94 27.04
CA PHE E 382 25.94 41.57 26.63
C PHE E 382 26.25 41.39 25.15
N GLY E 383 26.14 40.16 24.69
CA GLY E 383 26.35 39.83 23.29
C GLY E 383 25.76 38.46 22.98
N LEU E 384 25.62 38.17 21.70
CA LEU E 384 24.99 36.95 21.22
C LEU E 384 25.89 36.23 20.23
N GLU E 385 25.91 34.91 20.32
CA GLU E 385 26.65 34.06 19.40
C GLU E 385 25.76 32.94 18.89
N VAL E 386 25.70 32.77 17.58
CA VAL E 386 24.93 31.70 16.94
C VAL E 386 25.87 30.88 16.09
N ASN E 387 25.92 29.57 16.33
CA ASN E 387 26.94 28.75 15.69
C ASN E 387 26.55 28.31 14.28
N HIS E 388 25.51 27.50 14.13
CA HIS E 388 25.20 26.90 12.84
C HIS E 388 23.88 27.46 12.36
N GLU E 389 23.94 28.50 11.53
CA GLU E 389 22.73 29.22 11.13
C GLU E 389 21.88 28.46 10.14
N GLU E 390 22.43 27.42 9.51
CA GLU E 390 21.66 26.63 8.56
C GLU E 390 20.86 25.51 9.21
N THR E 391 21.03 25.28 10.52
CA THR E 391 20.16 24.38 11.25
C THR E 391 18.94 25.08 11.85
N MET E 392 18.78 26.39 11.60
CA MET E 392 17.70 27.18 12.16
C MET E 392 16.96 27.90 11.04
N ALA E 393 15.77 28.37 11.35
CA ALA E 393 14.92 29.01 10.36
C ALA E 393 14.11 30.12 10.99
N PHE E 394 13.60 31.02 10.14
CA PHE E 394 12.74 32.11 10.55
C PHE E 394 11.63 32.27 9.54
N ALA E 395 10.42 32.51 10.01
CA ALA E 395 9.27 32.66 9.13
C ALA E 395 8.38 33.78 9.64
N GLY E 396 7.62 34.37 8.72
CA GLY E 396 6.73 35.45 9.08
C GLY E 396 5.43 35.37 8.33
N GLY E 397 4.41 36.02 8.88
CA GLY E 397 3.11 36.09 8.25
C GLY E 397 2.42 34.75 8.08
N ILE E 398 2.50 33.87 9.07
CA ILE E 398 1.82 32.59 8.97
C ILE E 398 0.31 32.78 8.99
N ALA E 399 -0.18 33.58 9.94
CA ALA E 399 -1.59 33.93 10.03
C ALA E 399 -2.50 32.71 10.01
N ALA F 2 -88.59 27.19 40.00
CA ALA F 2 -89.21 26.47 38.88
C ALA F 2 -89.72 25.12 39.31
N THR F 3 -90.36 24.41 38.39
CA THR F 3 -90.90 23.09 38.66
C THR F 3 -90.29 22.09 37.69
N ILE F 4 -90.16 20.85 38.14
CA ILE F 4 -89.49 19.79 37.40
C ILE F 4 -90.43 18.61 37.27
N ALA F 5 -90.55 18.07 36.06
CA ALA F 5 -91.36 16.89 35.80
C ALA F 5 -90.46 15.72 35.44
N GLY F 6 -90.60 14.63 36.17
CA GLY F 6 -89.82 13.43 35.90
C GLY F 6 -88.59 13.29 36.75
N LEU F 7 -87.52 12.76 36.16
CA LEU F 7 -86.26 12.59 36.87
C LEU F 7 -85.64 13.94 37.22
N ARG F 8 -84.84 13.94 38.27
CA ARG F 8 -84.02 15.08 38.64
C ARG F 8 -82.59 14.80 38.19
N GLY F 9 -82.06 15.63 37.30
CA GLY F 9 -80.70 15.54 36.84
C GLY F 9 -79.87 16.72 37.30
N THR F 10 -78.58 16.66 36.94
CA THR F 10 -77.66 17.73 37.34
C THR F 10 -78.01 19.06 36.71
N GLY F 11 -78.79 19.07 35.64
CA GLY F 11 -79.20 20.31 35.01
C GLY F 11 -80.51 20.88 35.54
N ASP F 12 -81.00 20.40 36.68
CA ASP F 12 -82.29 20.81 37.19
C ASP F 12 -82.20 21.67 38.43
N TRP F 13 -81.01 21.88 38.99
CA TRP F 13 -80.91 22.78 40.13
C TRP F 13 -81.11 24.22 39.69
N GLY F 14 -81.40 25.07 40.67
CA GLY F 14 -81.50 26.49 40.42
C GLY F 14 -80.13 27.13 40.28
N ASN F 15 -80.14 28.42 39.96
CA ASN F 15 -78.91 29.15 39.77
C ASN F 15 -78.13 29.24 41.07
N GLN F 16 -76.82 28.98 40.99
CA GLN F 16 -75.87 29.00 42.10
C GLN F 16 -76.06 27.87 43.10
N GLU F 17 -77.05 26.99 42.89
CA GLU F 17 -77.23 25.87 43.82
C GLU F 17 -76.13 24.85 43.67
N ARG F 18 -75.72 24.56 42.44
CA ARG F 18 -74.74 23.53 42.18
C ARG F 18 -73.41 24.17 41.85
N PRO F 19 -72.43 24.13 42.73
CA PRO F 19 -71.10 24.63 42.38
C PRO F 19 -70.24 23.55 41.73
N THR F 20 -69.37 23.99 40.84
CA THR F 20 -68.46 23.09 40.15
C THR F 20 -67.30 22.72 41.08
N ASP F 21 -66.60 21.64 40.73
CA ASP F 21 -65.38 21.25 41.43
C ASP F 21 -64.23 22.13 40.97
N PHE F 22 -63.40 22.59 41.91
CA PHE F 22 -62.29 23.49 41.63
C PHE F 22 -61.04 23.03 42.33
N ARG F 23 -59.90 23.21 41.67
CA ARG F 23 -58.59 23.02 42.30
C ARG F 23 -58.15 24.37 42.84
N GLU F 24 -58.24 24.53 44.16
CA GLU F 24 -58.14 25.85 44.79
C GLU F 24 -56.67 26.22 45.03
N THR F 25 -55.98 26.55 43.93
CA THR F 25 -54.60 27.02 43.97
C THR F 25 -54.24 27.51 42.58
N ILE F 26 -53.00 27.95 42.42
CA ILE F 26 -52.45 28.38 41.14
C ILE F 26 -51.20 27.55 40.87
N LEU F 27 -51.09 27.03 39.66
CA LEU F 27 -49.92 26.28 39.23
C LEU F 27 -49.01 27.19 38.42
N TRP F 28 -47.81 27.42 38.92
CA TRP F 28 -46.92 28.45 38.39
C TRP F 28 -45.94 27.87 37.39
N MET F 29 -45.56 28.70 36.41
CA MET F 29 -44.56 28.35 35.41
C MET F 29 -43.39 29.31 35.55
N GLU F 30 -42.19 28.80 35.35
CA GLU F 30 -41.00 29.63 35.45
C GLU F 30 -40.01 29.27 34.35
N PRO F 31 -39.14 30.19 33.97
CA PRO F 31 -38.10 29.87 32.98
C PRO F 31 -37.19 28.75 33.47
N ASN F 32 -36.72 27.95 32.52
CA ASN F 32 -35.89 26.79 32.80
C ASN F 32 -34.49 27.00 32.23
N GLY F 33 -33.48 26.72 33.04
CA GLY F 33 -32.11 26.84 32.58
C GLY F 33 -31.16 26.22 33.58
N GLN F 34 -29.91 26.07 33.14
CA GLN F 34 -28.89 25.45 34.00
C GLN F 34 -28.41 26.39 35.09
N ALA F 35 -28.34 27.67 34.79
CA ALA F 35 -27.94 28.68 35.76
C ALA F 35 -29.15 29.18 36.54
N PRO F 36 -28.94 29.85 37.67
CA PRO F 36 -30.08 30.46 38.37
C PRO F 36 -30.70 31.59 37.56
N LEU F 37 -31.83 32.09 38.06
CA LEU F 37 -32.56 33.11 37.33
C LEU F 37 -31.72 34.37 37.13
N GLN F 38 -31.05 34.82 38.18
CA GLN F 38 -30.09 35.91 38.06
C GLN F 38 -28.69 35.33 37.91
N ALA F 39 -28.44 34.78 36.72
CA ALA F 39 -27.21 34.06 36.47
C ALA F 39 -25.99 34.94 36.63
N LEU F 40 -26.02 36.14 36.07
CA LEU F 40 -24.88 37.04 36.16
C LEU F 40 -24.61 37.45 37.60
N MET F 41 -25.68 37.73 38.36
CA MET F 41 -25.51 38.17 39.74
C MET F 41 -24.89 37.10 40.61
N SER F 42 -25.13 35.82 40.29
CA SER F 42 -24.59 34.74 41.10
C SER F 42 -23.06 34.69 41.02
N LYS F 43 -22.51 34.94 39.83
CA LYS F 43 -21.06 34.93 39.69
C LYS F 43 -20.42 36.16 40.31
N MET F 44 -21.17 37.25 40.41
CA MET F 44 -20.66 38.50 40.96
C MET F 44 -20.43 38.39 42.46
N SER F 45 -19.58 39.29 42.96
CA SER F 45 -19.42 39.53 44.38
C SER F 45 -19.86 40.97 44.69
N SER F 46 -19.92 41.30 45.98
CA SER F 46 -20.45 42.57 46.42
C SER F 46 -19.43 43.31 47.27
N GLN F 47 -19.51 44.64 47.25
CA GLN F 47 -18.61 45.49 47.99
C GLN F 47 -19.26 46.86 48.14
N PRO F 48 -19.31 47.41 49.34
CA PRO F 48 -19.99 48.70 49.55
C PRO F 48 -19.26 49.84 48.85
N THR F 49 -20.02 50.91 48.59
CA THR F 49 -19.48 52.16 48.09
C THR F 49 -20.02 53.32 48.92
N THR F 50 -19.21 54.35 49.07
CA THR F 50 -19.59 55.51 49.87
C THR F 50 -20.07 56.69 49.04
N ASP F 51 -20.17 56.53 47.72
CA ASP F 51 -20.63 57.58 46.84
C ASP F 51 -21.43 56.96 45.71
N PRO F 52 -22.37 57.71 45.12
CA PRO F 52 -23.04 57.23 43.90
C PRO F 52 -22.11 57.07 42.72
N GLU F 53 -20.85 57.51 42.83
CA GLU F 53 -19.86 57.34 41.78
C GLU F 53 -18.61 56.71 42.37
N PHE F 54 -18.06 55.72 41.66
CA PHE F 54 -16.85 55.03 42.07
C PHE F 54 -15.91 54.92 40.89
N SER F 55 -14.63 54.71 41.17
CA SER F 55 -13.61 54.75 40.15
C SER F 55 -12.46 53.81 40.49
N TRP F 56 -11.68 53.47 39.47
CA TRP F 56 -10.51 52.63 39.62
C TRP F 56 -9.51 52.92 38.52
N TRP F 57 -8.26 52.49 38.72
CA TRP F 57 -7.15 52.77 37.82
C TRP F 57 -6.57 51.46 37.30
N GLU F 58 -6.12 51.48 36.04
CA GLU F 58 -5.43 50.33 35.45
C GLU F 58 -4.28 50.79 34.56
N GLU F 59 -3.20 50.02 34.57
CA GLU F 59 -2.06 50.26 33.69
C GLU F 59 -1.62 48.95 33.09
N LYS F 60 -1.07 49.02 31.88
CA LYS F 60 -0.72 47.85 31.09
C LYS F 60 0.73 47.94 30.65
N LEU F 61 1.49 46.87 30.91
CA LEU F 61 2.89 46.81 30.49
C LEU F 61 2.97 46.14 29.12
N THR F 62 3.49 46.86 28.14
CA THR F 62 3.45 46.40 26.76
C THR F 62 4.58 47.05 25.98
N HIS F 63 4.53 46.93 24.66
CA HIS F 63 5.55 47.48 23.79
C HIS F 63 5.47 49.00 23.74
N ASN F 64 6.55 49.62 23.28
CA ASN F 64 6.61 51.06 23.05
C ASN F 64 6.55 51.31 21.55
N ARG F 65 5.39 51.77 21.08
CA ARG F 65 5.17 51.98 19.65
C ARG F 65 4.83 53.44 19.37
N LEU F 66 5.27 53.91 18.22
CA LEU F 66 4.98 55.26 17.76
C LEU F 66 4.47 55.19 16.34
N GLU F 67 3.55 56.08 16.00
CA GLU F 67 2.96 56.12 14.68
C GLU F 67 3.38 57.40 13.97
N VAL F 68 3.97 57.26 12.79
CA VAL F 68 4.32 58.41 11.97
C VAL F 68 3.03 59.06 11.46
N LYS F 69 3.09 60.37 11.23
CA LYS F 69 1.91 61.11 10.81
C LYS F 69 2.03 61.72 9.42
N THR F 70 3.21 62.15 9.01
CA THR F 70 3.42 62.68 7.67
C THR F 70 4.53 61.89 6.98
N GLU F 71 4.38 61.71 5.68
CA GLU F 71 5.39 60.98 4.91
C GLU F 71 6.74 61.66 5.02
N ALA F 72 7.79 60.85 5.21
CA ALA F 72 9.15 61.35 5.38
C ALA F 72 10.04 60.76 4.31
N ALA F 73 10.84 61.61 3.68
CA ALA F 73 11.76 61.16 2.65
C ALA F 73 12.89 60.34 3.28
N ALA F 74 13.78 59.84 2.44
CA ALA F 74 14.85 58.98 2.92
C ALA F 74 15.97 59.77 3.58
N GLY F 75 15.94 61.09 3.48
CA GLY F 75 17.03 61.89 4.01
C GLY F 75 16.63 62.97 4.99
N VAL F 76 15.44 62.87 5.59
CA VAL F 76 14.97 63.84 6.56
C VAL F 76 15.18 63.27 7.96
N THR F 77 15.76 64.08 8.85
CA THR F 77 16.14 63.62 10.18
C THR F 77 15.09 63.89 11.25
N THR F 78 14.02 64.60 10.93
CA THR F 78 12.96 64.90 11.88
C THR F 78 11.69 64.19 11.47
N LEU F 79 11.07 63.47 12.40
CA LEU F 79 9.88 62.69 12.13
C LEU F 79 8.70 63.27 12.90
N ALA F 80 7.54 63.30 12.25
CA ALA F 80 6.30 63.74 12.89
C ALA F 80 5.53 62.50 13.36
N VAL F 81 5.14 62.51 14.63
CA VAL F 81 4.43 61.40 15.24
C VAL F 81 3.17 61.94 15.88
N ASP F 82 2.34 61.03 16.40
CA ASP F 82 1.12 61.43 17.07
C ASP F 82 1.46 62.11 18.39
N THR F 83 0.51 62.89 18.90
CA THR F 83 0.78 63.74 20.05
C THR F 83 1.13 62.92 21.29
N ASP F 84 2.06 63.45 22.08
CA ASP F 84 2.53 62.91 23.36
C ASP F 84 3.33 61.63 23.19
N GLN F 85 3.45 61.07 21.99
CA GLN F 85 4.20 59.84 21.82
C GLN F 85 5.70 60.09 21.85
N ALA F 86 6.14 61.29 21.48
CA ALA F 86 7.58 61.57 21.44
C ALA F 86 8.20 61.63 22.83
N TRP F 87 7.39 61.84 23.87
CA TRP F 87 7.95 61.93 25.22
C TRP F 87 8.52 60.60 25.69
N ALA F 88 8.06 59.49 25.10
CA ALA F 88 8.48 58.17 25.58
C ALA F 88 9.96 57.93 25.30
N CYS F 89 10.48 58.45 24.20
CA CYS F 89 11.85 58.17 23.79
C CYS F 89 12.81 59.20 24.33
N VAL F 90 14.05 58.77 24.54
CA VAL F 90 15.13 59.64 24.99
C VAL F 90 16.36 59.38 24.12
N LYS F 91 17.39 60.17 24.34
CA LYS F 91 18.62 60.02 23.58
C LYS F 91 19.26 58.66 23.85
N GLY F 92 19.66 57.98 22.77
CA GLY F 92 20.25 56.66 22.87
C GLY F 92 19.32 55.52 22.53
N ASP F 93 18.04 55.79 22.26
CA ASP F 93 17.11 54.74 21.94
C ASP F 93 17.32 54.25 20.51
N ILE F 94 17.08 52.96 20.31
CA ILE F 94 17.16 52.32 19.00
C ILE F 94 15.75 51.93 18.58
N LEU F 95 15.31 52.42 17.43
CA LEU F 95 13.98 52.14 16.90
C LEU F 95 14.09 51.48 15.54
N MET F 96 13.04 50.74 15.18
CA MET F 96 13.04 50.01 13.92
C MET F 96 11.70 50.18 13.22
N VAL F 97 11.72 50.29 11.89
CA VAL F 97 10.51 50.44 11.12
C VAL F 97 9.73 49.12 11.09
N GLU F 98 8.43 49.21 11.34
CA GLU F 98 7.57 48.03 11.34
C GLU F 98 7.08 47.71 9.94
N SER F 99 6.92 46.43 9.67
CA SER F 99 6.36 45.96 8.40
C SER F 99 5.40 44.81 8.68
N VAL F 100 4.47 44.61 7.75
CA VAL F 100 3.48 43.56 7.92
C VAL F 100 4.16 42.19 7.90
N GLY F 101 3.78 41.34 8.85
CA GLY F 101 4.42 40.06 9.04
C GLY F 101 5.57 40.13 10.01
N GLY F 102 5.96 38.96 10.52
CA GLY F 102 6.97 38.90 11.56
C GLY F 102 8.39 39.19 11.10
N LEU F 103 8.72 38.90 9.85
CA LEU F 103 10.07 39.10 9.35
C LEU F 103 10.33 40.58 9.19
N TRP F 104 11.06 41.15 10.14
CA TRP F 104 11.43 42.56 10.13
C TRP F 104 12.92 42.64 9.83
N ALA F 105 13.26 43.14 8.65
CA ALA F 105 14.64 43.43 8.26
C ALA F 105 14.71 44.80 7.61
N ASN F 106 14.07 45.77 8.25
CA ASN F 106 13.86 47.09 7.66
C ASN F 106 14.93 48.06 8.14
N GLU F 107 14.74 49.33 7.85
CA GLU F 107 15.65 50.37 8.31
C GLU F 107 15.60 50.52 9.82
N ILE F 108 16.74 50.87 10.41
CA ILE F 108 16.87 51.08 11.85
C ILE F 108 17.22 52.53 12.10
N LEU F 109 16.54 53.14 13.07
CA LEU F 109 16.77 54.53 13.43
C LEU F 109 17.38 54.62 14.83
N LYS F 110 18.02 55.75 15.11
CA LYS F 110 18.56 56.02 16.44
C LYS F 110 18.23 57.45 16.84
N VAL F 111 17.74 57.62 18.06
CA VAL F 111 17.44 58.94 18.58
C VAL F 111 18.74 59.61 19.00
N VAL F 112 18.98 60.82 18.49
CA VAL F 112 20.25 61.50 18.69
C VAL F 112 20.17 62.66 19.67
N GLU F 113 18.96 63.09 20.07
CA GLU F 113 18.84 64.20 20.98
C GLU F 113 17.51 64.11 21.72
N ASP F 114 17.48 64.62 22.93
CA ASP F 114 16.31 64.48 23.79
C ASP F 114 15.15 65.32 23.28
N PRO F 115 13.98 64.73 23.03
CA PRO F 115 12.88 65.49 22.43
C PRO F 115 12.46 66.68 23.27
N THR F 116 12.11 67.77 22.60
CA THR F 116 11.60 68.98 23.25
C THR F 116 10.13 69.22 22.98
N ALA F 117 9.55 68.56 21.98
CA ALA F 117 8.14 68.70 21.66
C ALA F 117 7.48 67.33 21.71
N GLY F 118 6.17 67.33 21.96
CA GLY F 118 5.45 66.09 22.17
C GLY F 118 5.18 65.26 20.94
N ASN F 119 5.48 65.77 19.74
CA ASN F 119 5.19 65.05 18.52
C ASN F 119 6.31 65.11 17.50
N ALA F 120 7.53 65.45 17.91
CA ALA F 120 8.66 65.54 17.01
C ALA F 120 9.81 64.69 17.53
N LEU F 121 10.54 64.06 16.62
CA LEU F 121 11.71 63.25 16.96
C LEU F 121 12.82 63.53 15.97
N LYS F 122 14.02 63.78 16.49
CA LYS F 122 15.20 64.00 15.66
C LYS F 122 16.08 62.76 15.77
N VAL F 123 16.19 62.03 14.66
CA VAL F 123 16.86 60.73 14.64
C VAL F 123 17.84 60.68 13.48
N ALA F 124 18.71 59.68 13.53
CA ALA F 124 19.62 59.39 12.43
C ALA F 124 19.04 58.29 11.56
N ARG F 125 19.24 58.41 10.25
CA ARG F 125 18.70 57.48 9.27
C ARG F 125 19.79 56.52 8.81
N GLY F 126 19.37 55.30 8.48
CA GLY F 126 20.30 54.29 8.02
C GLY F 126 21.31 53.84 9.06
N PHE F 127 20.87 53.72 10.31
CA PHE F 127 21.78 53.33 11.38
C PHE F 127 22.12 51.84 11.29
N ALA F 128 23.24 51.48 11.92
CA ALA F 128 23.67 50.09 12.03
C ALA F 128 23.90 49.44 10.67
N GLY F 129 24.29 50.23 9.68
CA GLY F 129 24.58 49.70 8.37
C GLY F 129 23.37 49.40 7.51
N THR F 130 22.16 49.68 7.99
CA THR F 130 20.97 49.45 7.20
C THR F 130 20.84 50.51 6.11
N THR F 131 19.98 50.23 5.14
CA THR F 131 19.74 51.13 4.03
C THR F 131 18.49 51.97 4.30
N ALA F 132 18.59 53.27 4.06
CA ALA F 132 17.46 54.17 4.31
C ALA F 132 16.42 54.03 3.21
N ALA F 133 15.17 54.33 3.56
CA ALA F 133 14.06 54.25 2.63
C ALA F 133 12.96 55.20 3.08
N VAL F 134 12.04 55.48 2.16
CA VAL F 134 10.92 56.36 2.44
C VAL F 134 9.98 55.70 3.44
N ILE F 135 9.59 56.44 4.47
CA ILE F 135 8.62 55.98 5.46
C ILE F 135 7.24 56.52 5.07
N PRO F 136 6.28 55.67 4.74
CA PRO F 136 4.94 56.16 4.40
C PRO F 136 4.24 56.83 5.58
N ALA F 137 3.02 57.32 5.34
CA ALA F 137 2.37 58.17 6.33
C ALA F 137 1.96 57.40 7.58
N GLY F 138 1.33 56.25 7.42
CA GLY F 138 0.76 55.56 8.57
C GLY F 138 1.63 54.50 9.20
N THR F 139 2.94 54.55 8.91
CA THR F 139 3.83 53.50 9.36
C THR F 139 4.04 53.57 10.88
N PHE F 140 4.17 52.40 11.50
CA PHE F 140 4.47 52.30 12.91
C PHE F 140 5.98 52.15 13.12
N ILE F 141 6.42 52.43 14.34
CA ILE F 141 7.82 52.33 14.74
C ILE F 141 7.86 51.74 16.14
N ILE F 142 8.80 50.81 16.36
CA ILE F 142 8.92 50.11 17.63
C ILE F 142 10.34 50.23 18.14
N ALA F 143 10.49 50.16 19.46
CA ALA F 143 11.78 50.32 20.12
C ALA F 143 12.38 48.95 20.45
N ILE F 144 13.65 48.77 20.13
CA ILE F 144 14.31 47.47 20.30
C ILE F 144 15.49 47.50 21.24
N GLY F 145 15.92 48.67 21.72
CA GLY F 145 17.02 48.70 22.67
C GLY F 145 17.62 50.08 22.77
N THR F 146 18.72 50.15 23.51
CA THR F 146 19.46 51.38 23.73
C THR F 146 20.94 51.15 23.48
N SER F 147 21.61 52.18 22.98
CA SER F 147 23.03 52.11 22.64
C SER F 147 23.77 53.28 23.27
N PHE F 148 24.96 53.02 23.81
CA PHE F 148 25.75 54.04 24.46
C PHE F 148 27.23 53.82 24.16
N ALA F 149 28.01 54.88 24.31
CA ALA F 149 29.44 54.82 24.12
C ALA F 149 30.11 54.20 25.35
N GLU F 150 31.44 54.03 25.28
CA GLU F 150 32.15 53.27 26.30
C GLU F 150 32.13 53.97 27.65
N GLY F 151 32.34 55.28 27.68
CA GLY F 151 32.40 55.97 28.95
C GLY F 151 31.43 57.14 29.04
N SER F 152 30.22 56.96 28.50
CA SER F 152 29.26 58.03 28.46
C SER F 152 28.54 58.19 29.79
N LEU F 153 27.70 59.22 29.89
CA LEU F 153 26.97 59.52 31.09
C LEU F 153 25.66 58.73 31.14
N ALA F 154 24.95 58.85 32.26
CA ALA F 154 23.69 58.15 32.42
C ALA F 154 22.59 58.83 31.60
N PRO F 155 21.61 58.06 31.13
CA PRO F 155 20.57 58.63 30.28
C PRO F 155 19.50 59.37 31.06
N LYS F 156 18.69 60.11 30.32
CA LYS F 156 17.54 60.81 30.88
C LYS F 156 16.45 59.81 31.26
N SER F 157 15.48 60.27 32.04
CA SER F 157 14.40 59.42 32.51
C SER F 157 13.09 59.78 31.80
N ALA F 158 12.13 58.85 31.90
CA ALA F 158 10.80 59.04 31.36
C ALA F 158 9.82 58.21 32.17
N THR F 159 8.54 58.58 32.10
CA THR F 159 7.53 57.91 32.91
C THR F 159 6.17 58.06 32.24
N ARG F 160 5.18 57.36 32.80
CA ARG F 160 3.83 57.36 32.27
C ARG F 160 2.84 57.16 33.41
N ASN F 161 1.56 57.30 33.10
CA ASN F 161 0.49 57.29 34.08
C ASN F 161 -0.60 56.30 33.67
N PRO F 162 -1.40 55.82 34.64
CA PRO F 162 -2.46 54.86 34.32
C PRO F 162 -3.68 55.51 33.68
N VAL F 163 -4.74 54.72 33.48
CA VAL F 163 -6.02 55.21 32.97
C VAL F 163 -7.07 55.04 34.05
N LYS F 164 -8.15 55.80 33.93
CA LYS F 164 -9.20 55.83 34.93
C LYS F 164 -10.53 55.40 34.32
N LEU F 165 -11.37 54.78 35.13
CA LEU F 165 -12.68 54.29 34.70
C LEU F 165 -13.73 54.68 35.71
N ASN F 166 -14.99 54.73 35.26
CA ASN F 166 -16.07 55.26 36.07
C ASN F 166 -17.33 54.43 35.87
N ASN F 167 -18.24 54.54 36.85
CA ASN F 167 -19.59 54.04 36.73
C ASN F 167 -20.45 54.72 37.79
N PHE F 168 -21.77 54.61 37.62
CA PHE F 168 -22.72 55.27 38.49
C PHE F 168 -23.59 54.24 39.20
N CYS F 169 -24.39 54.74 40.14
CA CYS F 169 -25.40 53.95 40.82
C CYS F 169 -26.79 54.32 40.31
N GLN F 170 -27.70 53.36 40.36
CA GLN F 170 -29.05 53.54 39.85
C GLN F 170 -30.04 53.14 40.92
N ILE F 171 -31.21 53.79 40.91
CA ILE F 171 -32.26 53.54 41.89
C ILE F 171 -33.36 52.74 41.21
N PHE F 172 -33.78 51.65 41.86
CA PHE F 172 -34.84 50.79 41.38
C PHE F 172 -35.99 50.78 42.37
N LYS F 173 -37.22 50.84 41.85
CA LYS F 173 -38.42 50.85 42.69
C LYS F 173 -39.49 49.98 42.06
N LYS F 174 -40.20 49.23 42.90
CA LYS F 174 -41.36 48.46 42.47
C LYS F 174 -42.37 48.43 43.59
N SER F 175 -43.64 48.65 43.26
CA SER F 175 -44.68 48.79 44.27
C SER F 175 -45.90 47.95 43.91
N TYR F 176 -46.73 47.71 44.93
CA TYR F 176 -47.97 46.98 44.79
C TYR F 176 -49.03 47.63 45.67
N GLU F 177 -50.29 47.58 45.23
CA GLU F 177 -51.38 48.19 45.96
C GLU F 177 -52.64 47.34 45.85
N ILE F 178 -53.47 47.39 46.89
CA ILE F 178 -54.72 46.65 46.92
C ILE F 178 -55.68 47.39 47.85
N THR F 179 -56.97 47.34 47.52
CA THR F 179 -57.97 47.97 48.37
C THR F 179 -58.17 47.15 49.64
N LYS F 180 -58.62 47.82 50.70
CA LYS F 180 -58.85 47.14 51.96
C LYS F 180 -60.03 46.19 51.87
N THR F 181 -61.03 46.52 51.05
CA THR F 181 -62.16 45.62 50.88
C THR F 181 -61.73 44.31 50.22
N ALA F 182 -60.89 44.39 49.19
CA ALA F 182 -60.44 43.17 48.51
C ALA F 182 -59.56 42.33 49.41
N ASP F 183 -58.92 42.93 50.40
CA ASP F 183 -58.07 42.17 51.31
C ASP F 183 -58.91 41.25 52.19
N ALA F 184 -60.12 41.68 52.56
CA ALA F 184 -60.99 40.85 53.38
C ALA F 184 -61.69 39.75 52.60
N THR F 185 -61.88 39.93 51.29
CA THR F 185 -62.61 38.97 50.50
C THR F 185 -61.84 37.67 50.33
N LYS F 186 -62.55 36.56 50.34
CA LYS F 186 -61.96 35.24 50.14
C LYS F 186 -62.09 34.81 48.69
N ALA F 187 -61.01 34.29 48.13
CA ALA F 187 -60.97 33.87 46.74
C ALA F 187 -60.48 32.43 46.64
N ARG F 188 -60.94 31.74 45.60
CA ARG F 188 -60.56 30.34 45.42
C ARG F 188 -59.06 30.21 45.14
N THR F 189 -58.50 31.14 44.36
CA THR F 189 -57.08 31.04 44.02
C THR F 189 -56.20 31.23 45.24
N GLY F 190 -56.56 32.14 46.13
CA GLY F 190 -55.81 32.37 47.33
C GLY F 190 -55.74 33.85 47.64
N SER F 191 -54.89 34.21 48.59
CA SER F 191 -54.78 35.59 49.03
C SER F 191 -54.25 36.46 47.91
N ALA F 192 -55.01 37.49 47.54
CA ALA F 192 -54.62 38.34 46.42
C ALA F 192 -53.36 39.13 46.75
N LEU F 193 -53.24 39.60 47.98
CA LEU F 193 -52.06 40.39 48.36
C LEU F 193 -50.79 39.55 48.26
N ALA F 194 -50.83 38.31 48.72
CA ALA F 194 -49.65 37.46 48.67
C ALA F 194 -49.28 37.11 47.24
N ASN F 195 -50.27 36.92 46.37
CA ASN F 195 -49.98 36.59 44.98
C ASN F 195 -49.29 37.75 44.27
N ASP F 196 -49.72 38.98 44.54
CA ASP F 196 -49.16 40.13 43.84
C ASP F 196 -47.68 40.32 44.17
N LYS F 197 -47.32 40.14 45.44
CA LYS F 197 -45.94 40.36 45.84
C LYS F 197 -44.99 39.41 45.12
N LYS F 198 -45.43 38.17 44.87
CA LYS F 198 -44.61 37.23 44.12
C LYS F 198 -44.32 37.75 42.72
N ARG F 199 -45.36 38.22 42.02
CA ARG F 199 -45.18 38.76 40.69
C ARG F 199 -44.26 39.97 40.71
N ARG F 200 -44.42 40.85 41.69
CA ARG F 200 -43.62 42.08 41.69
C ARG F 200 -42.16 41.79 42.04
N MET F 201 -41.90 40.83 42.93
CA MET F 201 -40.53 40.38 43.14
C MET F 201 -39.92 39.83 41.87
N PHE F 202 -40.66 39.01 41.14
CA PHE F 202 -40.11 38.49 39.89
C PHE F 202 -39.75 39.62 38.94
N ASP F 203 -40.66 40.60 38.82
CA ASP F 203 -40.40 41.72 37.92
C ASP F 203 -39.18 42.52 38.37
N TYR F 204 -39.06 42.76 39.67
CA TYR F 204 -37.94 43.54 40.20
C TYR F 204 -36.61 42.86 39.91
N TYR F 205 -36.52 41.56 40.19
CA TYR F 205 -35.27 40.84 39.95
C TYR F 205 -34.94 40.81 38.46
N ARG F 206 -35.95 40.57 37.61
CA ARG F 206 -35.72 40.55 36.18
C ARG F 206 -35.20 41.90 35.70
N ASP F 207 -35.77 42.99 36.22
CA ASP F 207 -35.32 44.32 35.81
C ASP F 207 -33.87 44.57 36.23
N VAL F 208 -33.50 44.15 37.44
CA VAL F 208 -32.12 44.33 37.87
C VAL F 208 -31.17 43.58 36.95
N GLU F 209 -31.50 42.33 36.63
CA GLU F 209 -30.66 41.53 35.74
C GLU F 209 -30.50 42.20 34.38
N MET F 210 -31.62 42.60 33.78
CA MET F 210 -31.56 43.22 32.46
C MET F 210 -30.76 44.52 32.48
N ALA F 211 -30.90 45.30 33.56
CA ALA F 211 -30.14 46.53 33.67
C ALA F 211 -28.64 46.26 33.72
N PHE F 212 -28.22 45.28 34.53
CA PHE F 212 -26.79 44.99 34.51
C PHE F 212 -26.32 44.28 33.25
N ILE F 213 -27.21 43.83 32.38
CA ILE F 213 -26.70 43.27 31.12
C ILE F 213 -26.68 44.33 30.02
N TYR F 214 -27.76 45.10 29.86
CA TYR F 214 -27.89 45.99 28.71
C TYR F 214 -27.97 47.48 29.09
N GLY F 215 -27.52 47.85 30.28
CA GLY F 215 -27.62 49.23 30.68
C GLY F 215 -26.56 50.13 30.05
N ARG F 216 -26.84 51.43 30.05
CA ARG F 216 -25.93 52.43 29.54
C ARG F 216 -25.74 53.53 30.57
N LYS F 217 -24.53 54.06 30.64
CA LYS F 217 -24.15 55.03 31.67
C LYS F 217 -24.53 56.45 31.26
N SER F 218 -25.19 57.16 32.17
CA SER F 218 -25.56 58.55 31.91
C SER F 218 -25.92 59.23 33.22
N GLU F 219 -25.95 60.56 33.18
CA GLU F 219 -26.37 61.38 34.30
C GLU F 219 -27.06 62.62 33.79
N THR F 220 -28.26 62.90 34.31
CA THR F 220 -29.05 64.04 33.89
C THR F 220 -29.73 64.66 35.10
N VAL F 221 -30.49 65.71 34.84
CA VAL F 221 -31.25 66.39 35.88
C VAL F 221 -32.70 65.95 35.81
N GLY F 222 -33.25 65.49 36.93
CA GLY F 222 -34.59 64.98 36.97
C GLY F 222 -35.64 66.08 36.93
N GLU F 223 -36.90 65.65 36.98
CA GLU F 223 -38.01 66.58 36.91
C GLU F 223 -38.11 67.47 38.14
N ASN F 224 -37.49 67.09 39.25
CA ASN F 224 -37.45 67.92 40.45
C ASN F 224 -36.13 68.65 40.61
N GLY F 225 -35.29 68.67 39.57
CA GLY F 225 -34.02 69.37 39.64
C GLY F 225 -32.90 68.60 40.29
N LYS F 226 -33.10 67.33 40.60
CA LYS F 226 -32.11 66.51 41.26
C LYS F 226 -31.49 65.52 40.27
N PRO F 227 -30.26 65.07 40.50
CA PRO F 227 -29.58 64.21 39.53
C PRO F 227 -30.29 62.88 39.34
N GLU F 228 -30.30 62.40 38.11
CA GLU F 228 -30.80 61.09 37.75
C GLU F 228 -29.68 60.30 37.07
N ARG F 229 -29.43 59.09 37.54
CA ARG F 229 -28.26 58.34 37.11
C ARG F 229 -28.67 56.93 36.68
N THR F 230 -27.97 56.40 35.68
CA THR F 230 -28.15 55.03 35.22
C THR F 230 -26.79 54.36 35.06
N THR F 231 -26.70 53.11 35.50
CA THR F 231 -25.45 52.38 35.43
C THR F 231 -25.32 51.67 34.08
N GLY F 232 -24.08 51.33 33.74
CA GLY F 232 -23.77 50.68 32.47
C GLY F 232 -23.47 49.20 32.69
N GLY F 233 -23.98 48.36 31.78
CA GLY F 233 -23.83 46.93 31.89
C GLY F 233 -22.56 46.42 31.23
N LEU F 234 -22.48 45.09 31.10
CA LEU F 234 -21.31 44.48 30.48
C LEU F 234 -21.15 44.95 29.04
N LEU F 235 -22.24 45.02 28.29
CA LEU F 235 -22.15 45.44 26.89
C LEU F 235 -21.58 46.85 26.77
N ASN F 236 -21.84 47.70 27.77
CA ASN F 236 -21.25 49.04 27.77
C ASN F 236 -19.74 48.99 27.90
N PHE F 237 -19.22 48.13 28.78
CA PHE F 237 -17.78 48.08 29.01
C PHE F 237 -17.06 47.26 27.96
N ILE F 238 -17.70 46.25 27.40
CA ILE F 238 -17.06 45.39 26.40
C ILE F 238 -17.12 46.07 25.05
N THR F 239 -15.97 46.57 24.59
CA THR F 239 -15.88 47.29 23.33
C THR F 239 -14.90 46.68 22.35
N THR F 240 -13.81 46.09 22.82
CA THR F 240 -12.83 45.51 21.92
C THR F 240 -13.37 44.24 21.25
N ASN F 241 -13.94 43.35 22.05
CA ASN F 241 -14.34 42.02 21.58
C ASN F 241 -15.86 41.95 21.56
N ARG F 242 -16.46 42.40 20.47
CA ARG F 242 -17.88 42.22 20.27
C ARG F 242 -18.15 42.11 18.78
N THR F 243 -18.97 41.13 18.40
CA THR F 243 -19.21 40.86 16.99
C THR F 243 -20.66 40.43 16.79
N GLN F 244 -21.13 40.60 15.57
CA GLN F 244 -22.48 40.23 15.18
C GLN F 244 -22.40 39.22 14.05
N PHE F 245 -22.78 37.98 14.32
CA PHE F 245 -22.80 36.95 13.30
C PHE F 245 -24.11 37.00 12.55
N GLY F 246 -24.06 36.67 11.27
CA GLY F 246 -25.25 36.65 10.45
C GLY F 246 -24.89 36.79 8.98
N THR F 247 -25.93 36.97 8.17
CA THR F 247 -25.79 37.15 6.73
C THR F 247 -26.26 38.55 6.38
N GLY F 248 -25.41 39.32 5.71
CA GLY F 248 -25.74 40.69 5.35
C GLY F 248 -24.60 41.64 5.61
N ALA F 249 -24.82 42.92 5.33
CA ALA F 249 -23.77 43.92 5.51
C ALA F 249 -23.51 44.16 6.99
N GLY F 250 -22.24 44.17 7.37
CA GLY F 250 -21.83 44.41 8.74
C GLY F 250 -21.87 43.19 9.64
N LYS F 251 -22.29 42.03 9.13
CA LYS F 251 -22.40 40.82 9.92
C LYS F 251 -21.46 39.77 9.38
N THR F 252 -20.72 39.11 10.27
CA THR F 252 -19.78 38.08 9.89
C THR F 252 -20.49 36.76 9.70
N GLU F 253 -20.12 36.04 8.64
CA GLU F 253 -20.65 34.69 8.45
C GLU F 253 -20.12 33.76 9.53
N LEU F 254 -20.99 32.92 10.07
CA LEU F 254 -20.64 32.05 11.18
C LEU F 254 -20.17 30.70 10.65
N THR F 255 -18.91 30.38 10.90
CA THR F 255 -18.34 29.07 10.63
C THR F 255 -17.56 28.64 11.85
N GLU F 256 -17.03 27.42 11.82
CA GLU F 256 -16.21 26.94 12.93
C GLU F 256 -14.97 27.79 13.08
N ASP F 257 -14.32 28.14 11.97
CA ASP F 257 -13.10 28.94 12.02
C ASP F 257 -13.38 30.33 12.57
N SER F 258 -14.49 30.94 12.16
CA SER F 258 -14.82 32.27 12.67
C SER F 258 -15.06 32.23 14.18
N LEU F 259 -15.77 31.20 14.65
CA LEU F 259 -15.98 31.06 16.09
C LEU F 259 -14.67 30.87 16.82
N ILE F 260 -13.75 30.10 16.25
CA ILE F 260 -12.45 29.91 16.89
C ILE F 260 -11.69 31.22 16.95
N ASP F 261 -11.72 32.00 15.87
CA ASP F 261 -11.03 33.29 15.87
C ASP F 261 -11.65 34.24 16.89
N PHE F 262 -12.97 34.17 17.07
CA PHE F 262 -13.62 35.04 18.03
C PHE F 262 -13.12 34.79 19.45
N PHE F 263 -12.91 33.53 19.80
CA PHE F 263 -12.50 33.17 21.16
C PHE F 263 -11.04 33.43 21.44
N ALA F 264 -10.21 33.60 20.42
CA ALA F 264 -8.76 33.63 20.64
C ALA F 264 -8.30 34.95 21.25
N ASN F 265 -9.08 36.02 21.09
CA ASN F 265 -8.61 37.34 21.49
C ASN F 265 -8.60 37.51 23.01
N VAL F 266 -9.41 36.76 23.74
CA VAL F 266 -9.60 37.00 25.17
C VAL F 266 -8.46 36.46 26.02
N PHE F 267 -7.41 35.91 25.41
CA PHE F 267 -6.35 35.24 26.16
C PHE F 267 -4.98 35.90 25.97
N ASN F 268 -4.94 37.11 25.42
CA ASN F 268 -3.65 37.74 25.13
C ASN F 268 -2.97 38.24 26.40
N TYR F 269 -3.74 38.80 27.33
CA TYR F 269 -3.21 39.40 28.53
C TYR F 269 -3.64 38.60 29.75
N ASP F 270 -2.70 38.36 30.66
CA ASP F 270 -3.01 37.60 31.87
C ASP F 270 -3.90 38.40 32.79
N GLY F 271 -3.63 39.69 32.95
CA GLY F 271 -4.39 40.48 33.90
C GLY F 271 -4.16 39.98 35.32
N GLN F 272 -5.27 39.77 36.03
CA GLN F 272 -5.21 39.26 37.40
C GLN F 272 -6.24 38.14 37.56
N GLY F 273 -5.78 37.01 38.07
CA GLY F 273 -6.64 35.88 38.36
C GLY F 273 -7.38 35.28 37.17
N ALA F 274 -7.16 35.84 35.98
CA ALA F 274 -7.92 35.40 34.81
C ALA F 274 -7.64 33.95 34.46
N GLY F 275 -6.37 33.54 34.52
CA GLY F 275 -6.04 32.18 34.17
C GLY F 275 -6.23 31.91 32.69
N ASN F 276 -6.64 30.68 32.37
CA ASN F 276 -6.85 30.26 30.99
C ASN F 276 -8.21 29.60 30.79
N GLN F 277 -9.19 29.89 31.64
CA GLN F 277 -10.53 29.36 31.50
C GLN F 277 -11.53 30.51 31.57
N ARG F 278 -12.67 30.32 30.92
CA ARG F 278 -13.73 31.31 30.90
C ARG F 278 -15.08 30.61 31.01
N ILE F 279 -16.09 31.38 31.39
CA ILE F 279 -17.46 30.90 31.52
C ILE F 279 -18.32 31.69 30.57
N ALA F 280 -19.17 31.00 29.80
CA ALA F 280 -20.02 31.63 28.81
C ALA F 280 -21.49 31.35 29.12
N PHE F 281 -22.32 32.37 28.99
CA PHE F 281 -23.76 32.25 29.17
C PHE F 281 -24.43 32.34 27.81
N VAL F 282 -25.27 31.35 27.49
CA VAL F 282 -25.86 31.22 26.16
C VAL F 282 -27.34 30.93 26.30
N GLY F 283 -28.06 31.10 25.19
CA GLY F 283 -29.41 30.60 25.07
C GLY F 283 -29.42 29.22 24.45
N ASN F 284 -30.62 28.61 24.44
CA ASN F 284 -30.73 27.26 23.91
C ASN F 284 -30.42 27.20 22.42
N THR F 285 -30.85 28.22 21.67
CA THR F 285 -30.58 28.24 20.24
C THR F 285 -29.08 28.29 19.95
N ALA F 286 -28.35 29.11 20.70
CA ALA F 286 -26.91 29.22 20.48
C ALA F 286 -26.20 27.92 20.83
N LEU F 287 -26.57 27.29 21.94
CA LEU F 287 -25.95 26.03 22.32
C LEU F 287 -26.24 24.94 21.29
N THR F 288 -27.48 24.90 20.80
CA THR F 288 -27.82 23.95 19.75
C THR F 288 -27.00 24.21 18.50
N LYS F 289 -26.82 25.48 18.13
CA LYS F 289 -26.01 25.79 16.95
C LYS F 289 -24.57 25.36 17.13
N ILE F 290 -24.01 25.56 18.33
CA ILE F 290 -22.63 25.16 18.58
C ILE F 290 -22.50 23.63 18.48
N ASN F 291 -23.45 22.91 19.07
CA ASN F 291 -23.42 21.46 18.95
C ASN F 291 -23.54 21.00 17.51
N LYS F 292 -24.38 21.67 16.73
CA LYS F 292 -24.50 21.32 15.32
C LYS F 292 -23.22 21.61 14.55
N LEU F 293 -22.56 22.73 14.88
CA LEU F 293 -21.29 23.05 14.24
C LEU F 293 -20.25 21.98 14.51
N ALA F 294 -20.20 21.51 15.75
CA ALA F 294 -19.29 20.41 16.07
C ALA F 294 -19.68 19.13 15.34
N ARG F 295 -20.98 18.85 15.25
CA ARG F 295 -21.43 17.58 14.69
C ARG F 295 -21.31 17.55 13.17
N ASN F 296 -21.59 18.69 12.52
CA ASN F 296 -21.57 18.73 11.06
C ASN F 296 -20.18 18.92 10.50
N SER F 297 -19.15 18.95 11.33
CA SER F 297 -17.80 19.12 10.84
C SER F 297 -17.40 17.94 9.96
N PRO F 298 -16.65 18.17 8.88
CA PRO F 298 -16.33 17.05 7.97
C PRO F 298 -15.51 15.95 8.61
N SER F 299 -14.81 16.23 9.71
CA SER F 299 -13.90 15.27 10.30
C SER F 299 -14.41 14.68 11.61
N THR F 300 -15.72 14.73 11.86
CA THR F 300 -16.30 14.22 13.09
C THR F 300 -17.17 12.99 12.78
N ARG F 301 -16.99 11.93 13.56
CA ARG F 301 -17.78 10.71 13.39
C ARG F 301 -18.22 10.16 14.74
N ILE F 302 -19.30 9.39 14.69
CA ILE F 302 -19.88 8.71 15.84
C ILE F 302 -19.87 7.22 15.56
N ASN F 303 -19.33 6.43 16.49
CA ASN F 303 -18.92 5.07 16.21
C ASN F 303 -19.75 4.06 17.01
N PHE F 304 -20.38 3.13 16.30
CA PHE F 304 -21.09 2.03 16.93
C PHE F 304 -20.42 0.71 16.58
N ASP F 305 -20.52 -0.26 17.49
CA ASP F 305 -19.96 -1.58 17.27
C ASP F 305 -21.04 -2.54 16.81
N LYS F 306 -21.06 -2.81 15.50
CA LYS F 306 -21.84 -3.87 14.88
C LYS F 306 -23.33 -3.58 14.85
N GLN F 307 -23.79 -2.55 15.56
CA GLN F 307 -25.21 -2.25 15.66
C GLN F 307 -25.42 -0.95 16.40
N VAL F 308 -26.42 -0.19 15.94
CA VAL F 308 -26.84 1.00 16.66
C VAL F 308 -27.64 0.56 17.89
N THR F 309 -27.21 1.01 19.07
CA THR F 309 -27.84 0.53 20.28
C THR F 309 -27.72 1.59 21.39
N GLN F 310 -28.58 1.45 22.39
CA GLN F 310 -28.58 2.24 23.63
C GLN F 310 -29.00 3.69 23.45
N VAL F 311 -28.13 4.54 22.89
CA VAL F 311 -28.34 5.98 22.95
C VAL F 311 -27.78 6.61 21.68
N TYR F 312 -28.29 7.80 21.36
CA TYR F 312 -27.80 8.60 20.25
C TYR F 312 -28.15 10.06 20.51
N GLY F 313 -27.30 10.95 20.03
CA GLY F 313 -27.56 12.38 20.17
C GLY F 313 -26.29 13.15 20.38
N MET F 314 -26.42 14.31 21.02
CA MET F 314 -25.27 15.19 21.25
C MET F 314 -25.59 16.19 22.36
N ASN F 315 -24.68 16.30 23.32
CA ASN F 315 -24.66 17.43 24.25
C ASN F 315 -23.30 17.60 24.90
N PHE F 316 -22.50 18.55 24.42
CA PHE F 316 -21.23 18.87 25.05
C PHE F 316 -21.19 20.35 25.39
N THR F 317 -20.49 20.67 26.48
CA THR F 317 -20.48 22.02 27.02
C THR F 317 -19.10 22.60 27.19
N ARG F 318 -18.06 21.94 26.68
CA ARG F 318 -16.68 22.34 26.90
C ARG F 318 -15.94 22.41 25.57
N TRP F 319 -15.34 23.57 25.29
CA TRP F 319 -14.59 23.79 24.06
C TRP F 319 -13.13 24.05 24.41
N VAL F 320 -12.23 23.36 23.73
CA VAL F 320 -10.79 23.42 24.00
C VAL F 320 -10.10 24.12 22.84
N LEU F 321 -9.22 25.06 23.16
CA LEU F 321 -8.46 25.83 22.20
C LEU F 321 -6.99 25.81 22.60
N PRO F 322 -6.09 26.11 21.66
CA PRO F 322 -4.66 26.17 22.04
C PRO F 322 -4.37 27.19 23.11
N GLN F 323 -5.12 28.29 23.15
CA GLN F 323 -4.85 29.34 24.14
C GLN F 323 -5.54 29.03 25.47
N GLY F 324 -6.77 28.52 25.43
CA GLY F 324 -7.53 28.34 26.64
C GLY F 324 -8.68 27.39 26.47
N GLU F 325 -9.74 27.64 27.26
CA GLU F 325 -10.86 26.72 27.36
C GLU F 325 -12.11 27.47 27.76
N ILE F 326 -13.25 27.03 27.25
CA ILE F 326 -14.53 27.72 27.46
C ILE F 326 -15.55 26.72 28.02
N PHE F 327 -16.32 27.16 29.00
CA PHE F 327 -17.41 26.36 29.56
C PHE F 327 -18.73 27.07 29.29
N PHE F 328 -19.77 26.29 29.00
CA PHE F 328 -21.06 26.83 28.58
C PHE F 328 -22.14 26.50 29.60
N LYS F 329 -22.97 27.49 29.92
CA LYS F 329 -24.18 27.29 30.69
C LYS F 329 -25.29 28.13 30.06
N THR F 330 -26.53 27.71 30.26
CA THR F 330 -27.67 28.40 29.68
C THR F 330 -28.29 29.36 30.69
N HIS F 331 -28.75 30.50 30.19
CA HIS F 331 -29.37 31.52 31.03
C HIS F 331 -30.87 31.40 30.93
N PRO F 332 -31.58 31.18 32.04
CA PRO F 332 -33.04 31.01 31.94
C PRO F 332 -33.76 32.19 31.32
N LEU F 333 -33.27 33.42 31.55
CA LEU F 333 -33.92 34.57 30.94
C LEU F 333 -33.61 34.65 29.45
N PHE F 334 -32.53 34.02 29.00
CA PHE F 334 -32.24 33.99 27.56
C PHE F 334 -33.12 32.99 26.84
N ASN F 335 -33.38 31.84 27.46
CA ASN F 335 -34.10 30.76 26.79
C ASN F 335 -35.51 31.19 26.40
N VAL F 336 -36.17 31.96 27.26
CA VAL F 336 -37.56 32.31 27.03
C VAL F 336 -37.71 33.21 25.81
N HIS F 337 -36.87 34.23 25.71
CA HIS F 337 -36.98 35.17 24.61
C HIS F 337 -36.48 34.55 23.31
N PRO F 338 -37.10 34.86 22.17
CA PRO F 338 -36.63 34.32 20.90
C PRO F 338 -35.26 34.85 20.49
N GLU F 339 -35.09 36.17 20.49
CA GLU F 339 -33.83 36.76 20.06
C GLU F 339 -32.73 36.64 21.09
N LEU F 340 -33.05 36.71 22.38
CA LEU F 340 -32.04 36.57 23.41
C LEU F 340 -31.45 35.17 23.48
N SER F 341 -32.10 34.17 22.89
CA SER F 341 -31.55 32.83 22.86
C SER F 341 -30.40 32.69 21.89
N LYS F 342 -30.13 33.71 21.08
CA LYS F 342 -29.00 33.73 20.15
C LYS F 342 -27.86 34.59 20.68
N ALA F 343 -27.61 34.60 21.98
CA ALA F 343 -26.59 35.45 22.55
C ALA F 343 -25.58 34.61 23.32
N MET F 344 -24.36 35.12 23.40
CA MET F 344 -23.28 34.42 24.09
C MET F 344 -22.42 35.44 24.83
N MET F 345 -22.11 35.13 26.08
CA MET F 345 -21.50 36.07 27.01
C MET F 345 -20.34 35.39 27.70
N VAL F 346 -19.12 35.62 27.22
CA VAL F 346 -17.93 35.03 27.81
C VAL F 346 -17.26 36.05 28.70
N LEU F 347 -16.85 35.62 29.89
CA LEU F 347 -16.40 36.53 30.93
C LEU F 347 -15.65 35.77 32.00
N ASN F 348 -14.87 36.48 32.81
CA ASN F 348 -14.19 35.89 33.96
C ASN F 348 -14.72 36.51 35.23
N PRO F 349 -15.23 35.71 36.18
CA PRO F 349 -15.93 36.27 37.33
C PRO F 349 -15.07 37.13 38.24
N LYS F 350 -13.74 36.96 38.22
CA LYS F 350 -12.90 37.74 39.12
C LYS F 350 -12.86 39.22 38.75
N GLY F 351 -13.23 39.56 37.53
CA GLY F 351 -13.19 40.94 37.08
C GLY F 351 -14.47 41.72 37.19
N ILE F 352 -15.50 41.18 37.84
CA ILE F 352 -16.79 41.86 37.97
C ILE F 352 -17.20 41.87 39.44
N LYS F 353 -17.66 43.03 39.91
CA LYS F 353 -18.13 43.19 41.28
C LYS F 353 -19.34 44.11 41.29
N GLU F 354 -20.12 44.01 42.36
CA GLU F 354 -21.32 44.83 42.55
C GLU F 354 -21.05 45.86 43.63
N ARG F 355 -21.15 47.13 43.28
CA ARG F 355 -20.94 48.22 44.22
C ARG F 355 -22.30 48.76 44.64
N VAL F 356 -22.60 48.67 45.94
CA VAL F 356 -23.93 48.95 46.46
C VAL F 356 -23.85 50.12 47.43
N LEU F 357 -24.71 51.13 47.20
CA LEU F 357 -24.84 52.26 48.11
C LEU F 357 -25.94 52.03 49.14
N ARG F 358 -27.06 51.45 48.71
CA ARG F 358 -28.15 51.09 49.61
C ARG F 358 -28.70 49.74 49.17
N ALA F 359 -28.67 48.77 50.07
CA ALA F 359 -29.16 47.44 49.73
C ALA F 359 -30.67 47.43 49.59
N THR F 360 -31.18 46.40 48.94
CA THR F 360 -32.62 46.26 48.74
C THR F 360 -33.34 46.18 50.08
N LYS F 361 -34.48 46.84 50.18
CA LYS F 361 -35.17 46.99 51.44
C LYS F 361 -36.67 47.14 51.18
N PRO F 362 -37.51 46.48 51.96
CA PRO F 362 -38.96 46.71 51.84
C PRO F 362 -39.35 48.03 52.48
N GLU F 363 -40.47 48.58 52.01
CA GLU F 363 -41.01 49.82 52.54
C GLU F 363 -42.53 49.74 52.52
N ASN F 364 -43.16 50.10 53.63
CA ASN F 364 -44.58 49.86 53.83
C ASN F 364 -45.31 51.15 54.18
N ASP F 365 -46.64 51.10 54.05
CA ASP F 365 -47.54 52.18 54.47
C ASP F 365 -47.27 53.47 53.71
N ILE F 366 -47.23 53.37 52.38
CA ILE F 366 -46.94 54.51 51.52
C ILE F 366 -48.18 54.96 50.75
N GLN F 367 -49.36 54.45 51.10
CA GLN F 367 -50.58 54.91 50.47
C GLN F 367 -50.92 56.32 50.95
N GLN F 368 -51.75 57.01 50.16
CA GLN F 368 -52.15 58.36 50.50
C GLN F 368 -52.87 58.39 51.83
N VAL F 369 -52.66 59.46 52.59
CA VAL F 369 -53.24 59.57 53.92
C VAL F 369 -54.76 59.64 53.81
N GLY F 370 -55.44 58.83 54.61
CA GLY F 370 -56.88 58.77 54.56
C GLY F 370 -57.46 57.90 53.47
N GLN F 371 -56.64 57.12 52.78
CA GLN F 371 -57.12 56.25 51.71
C GLN F 371 -57.32 54.84 52.23
N ASP F 372 -58.33 54.16 51.69
CA ASP F 372 -58.73 52.83 52.16
C ASP F 372 -58.05 51.76 51.30
N SER F 373 -56.74 51.63 51.48
CA SER F 373 -55.97 50.68 50.71
C SER F 373 -54.67 50.36 51.43
N ILE F 374 -53.95 49.37 50.91
CA ILE F 374 -52.65 48.97 51.42
C ILE F 374 -51.65 49.01 50.29
N LYS F 375 -50.48 49.59 50.54
CA LYS F 375 -49.45 49.73 49.52
C LYS F 375 -48.09 49.36 50.08
N GLY F 376 -47.26 48.76 49.22
CA GLY F 376 -45.91 48.39 49.61
C GLY F 376 -44.95 48.69 48.48
N GLN F 377 -43.66 48.50 48.76
CA GLN F 377 -42.63 48.89 47.80
C GLN F 377 -41.32 48.18 48.10
N TRP F 378 -40.46 48.10 47.09
CA TRP F 378 -39.07 47.67 47.23
C TRP F 378 -38.17 48.72 46.59
N ILE F 379 -37.05 49.02 47.23
CA ILE F 379 -36.18 50.10 46.80
C ILE F 379 -34.72 49.72 47.06
N GLY F 380 -33.84 50.09 46.12
CA GLY F 380 -32.41 49.87 46.28
C GLY F 380 -31.62 50.72 45.32
N GLU F 381 -30.35 50.94 45.66
CA GLU F 381 -29.44 51.75 44.87
C GLU F 381 -28.08 51.09 44.83
N PHE F 382 -27.59 50.77 43.63
CA PHE F 382 -26.40 49.95 43.46
C PHE F 382 -26.02 49.88 41.98
N GLY F 383 -24.77 49.47 41.73
CA GLY F 383 -24.17 49.54 40.41
C GLY F 383 -23.19 48.42 40.07
N LEU F 384 -22.49 48.55 38.94
CA LEU F 384 -21.67 47.50 38.39
C LEU F 384 -20.25 47.97 38.10
N GLU F 385 -19.27 47.11 38.35
CA GLU F 385 -17.87 47.40 38.08
C GLU F 385 -17.23 46.27 37.29
N VAL F 386 -16.55 46.62 36.19
CA VAL F 386 -15.89 45.65 35.32
C VAL F 386 -14.45 46.10 35.14
N ASN F 387 -13.50 45.18 35.32
CA ASN F 387 -12.10 45.60 35.39
C ASN F 387 -11.36 45.50 34.06
N HIS F 388 -11.14 44.30 33.55
CA HIS F 388 -10.28 44.12 32.38
C HIS F 388 -11.14 43.63 31.21
N GLU F 389 -11.62 44.58 30.41
CA GLU F 389 -12.55 44.24 29.34
C GLU F 389 -11.89 43.46 28.22
N GLU F 390 -10.56 43.53 28.10
CA GLU F 390 -9.88 42.79 27.04
C GLU F 390 -9.97 41.28 27.25
N THR F 391 -10.33 40.85 28.44
CA THR F 391 -10.46 39.43 28.76
C THR F 391 -11.90 38.94 28.63
N MET F 392 -12.79 39.74 28.07
CA MET F 392 -14.21 39.40 27.98
C MET F 392 -14.70 39.70 26.58
N ALA F 393 -15.75 39.00 26.16
CA ALA F 393 -16.30 39.19 24.83
C ALA F 393 -17.80 38.95 24.85
N PHE F 394 -18.48 39.55 23.87
CA PHE F 394 -19.93 39.46 23.73
C PHE F 394 -20.24 39.19 22.27
N ALA F 395 -21.11 38.21 22.03
CA ALA F 395 -21.40 37.77 20.67
C ALA F 395 -22.89 37.80 20.41
N GLY F 396 -23.25 38.17 19.18
CA GLY F 396 -24.62 38.12 18.73
C GLY F 396 -24.71 37.33 17.44
N GLY F 397 -25.93 36.97 17.08
CA GLY F 397 -26.15 36.04 15.99
C GLY F 397 -26.30 34.63 16.52
N ILE F 398 -26.65 33.72 15.60
CA ILE F 398 -27.21 32.42 16.02
C ILE F 398 -26.28 31.67 16.96
N ALA F 399 -25.01 32.08 17.05
CA ALA F 399 -24.13 31.52 18.06
C ALA F 399 -23.04 32.52 18.42
N ALA G 2 47.59 -104.69 -33.10
CA ALA G 2 48.30 -103.94 -34.13
C ALA G 2 49.03 -104.89 -35.08
N THR G 3 48.65 -104.85 -36.36
CA THR G 3 49.17 -105.76 -37.37
C THR G 3 50.50 -105.23 -37.90
N ILE G 4 51.57 -105.50 -37.17
CA ILE G 4 52.91 -105.07 -37.55
C ILE G 4 53.83 -106.29 -37.49
N ALA G 5 54.63 -106.48 -38.54
CA ALA G 5 55.60 -107.55 -38.60
C ALA G 5 56.97 -107.01 -38.20
N GLY G 6 57.61 -107.67 -37.25
CA GLY G 6 58.89 -107.21 -36.75
C GLY G 6 58.77 -106.17 -35.67
N LEU G 7 59.90 -105.56 -35.35
CA LEU G 7 59.96 -104.57 -34.29
C LEU G 7 59.17 -103.32 -34.66
N ARG G 8 58.61 -102.68 -33.64
CA ARG G 8 57.85 -101.46 -33.83
C ARG G 8 58.79 -100.29 -34.14
N GLY G 9 58.34 -99.41 -35.04
CA GLY G 9 59.13 -98.26 -35.43
C GLY G 9 58.38 -96.96 -35.29
N THR G 10 59.01 -95.87 -35.75
CA THR G 10 58.39 -94.55 -35.62
C THR G 10 57.18 -94.41 -36.54
N GLY G 11 57.22 -95.05 -37.70
CA GLY G 11 56.13 -94.98 -38.64
C GLY G 11 55.05 -96.04 -38.47
N ASP G 12 55.09 -96.82 -37.40
CA ASP G 12 54.17 -97.94 -37.25
C ASP G 12 52.91 -97.60 -36.46
N TRP G 13 52.79 -96.41 -35.89
CA TRP G 13 51.54 -96.03 -35.26
C TRP G 13 50.46 -95.73 -36.28
N GLY G 14 49.22 -95.67 -35.81
CA GLY G 14 48.08 -95.39 -36.65
C GLY G 14 47.88 -93.90 -36.86
N ASN G 15 46.72 -93.58 -37.43
CA ASN G 15 46.43 -92.20 -37.80
C ASN G 15 46.24 -91.33 -36.56
N GLN G 16 46.95 -90.20 -36.53
CA GLN G 16 46.85 -89.19 -35.47
C GLN G 16 47.26 -89.73 -34.12
N GLU G 17 47.75 -90.97 -34.08
CA GLU G 17 48.20 -91.55 -32.83
C GLU G 17 49.53 -90.98 -32.38
N ARG G 18 50.36 -90.53 -33.32
CA ARG G 18 51.65 -89.93 -33.01
C ARG G 18 51.60 -88.43 -33.25
N PRO G 19 51.58 -87.61 -32.21
CA PRO G 19 51.73 -86.17 -32.43
C PRO G 19 53.18 -85.74 -32.41
N THR G 20 53.61 -85.00 -33.43
CA THR G 20 54.99 -84.54 -33.45
C THR G 20 55.19 -83.39 -32.47
N ASP G 21 56.45 -83.07 -32.20
CA ASP G 21 56.79 -82.02 -31.26
C ASP G 21 56.52 -80.64 -31.86
N PHE G 22 56.24 -79.69 -30.98
CA PHE G 22 55.97 -78.31 -31.39
C PHE G 22 56.45 -77.36 -30.31
N ARG G 23 56.71 -76.12 -30.71
CA ARG G 23 57.06 -75.05 -29.79
C ARG G 23 55.84 -74.16 -29.60
N GLU G 24 55.45 -73.97 -28.33
CA GLU G 24 54.17 -73.31 -28.05
C GLU G 24 54.21 -71.82 -28.36
N THR G 25 55.28 -71.14 -27.97
CA THR G 25 55.35 -69.70 -28.20
C THR G 25 55.60 -69.39 -29.67
N ILE G 26 55.21 -68.17 -30.07
CA ILE G 26 55.45 -67.68 -31.42
C ILE G 26 56.62 -66.70 -31.37
N LEU G 27 57.64 -66.95 -32.18
CA LEU G 27 58.81 -66.08 -32.16
C LEU G 27 58.60 -64.86 -33.03
N TRP G 28 58.41 -63.71 -32.42
CA TRP G 28 58.15 -62.49 -33.16
C TRP G 28 59.36 -61.84 -33.80
N MET G 29 59.25 -61.39 -35.04
CA MET G 29 60.41 -60.84 -35.75
C MET G 29 60.81 -59.51 -35.20
N GLU G 30 59.93 -58.90 -34.42
CA GLU G 30 60.31 -57.65 -33.76
C GLU G 30 59.93 -57.72 -32.31
N PRO G 31 60.62 -58.55 -31.54
CA PRO G 31 60.16 -58.71 -30.15
C PRO G 31 60.29 -57.45 -29.31
N ASN G 32 61.43 -56.77 -29.41
CA ASN G 32 61.67 -55.58 -28.63
C ASN G 32 61.79 -54.58 -29.70
N GLY G 33 61.16 -54.88 -30.83
CA GLY G 33 61.19 -53.95 -31.93
C GLY G 33 60.15 -52.92 -31.58
N GLN G 34 60.33 -52.31 -30.41
CA GLN G 34 59.45 -51.25 -30.00
C GLN G 34 59.88 -50.11 -30.85
N ALA G 35 58.98 -49.17 -31.07
CA ALA G 35 59.35 -48.04 -31.83
C ALA G 35 60.41 -47.37 -31.02
N PRO G 36 61.54 -47.06 -31.64
CA PRO G 36 62.58 -46.51 -30.79
C PRO G 36 62.23 -45.13 -30.29
N LEU G 37 61.53 -44.37 -31.10
CA LEU G 37 61.24 -43.01 -30.69
C LEU G 37 60.20 -42.98 -29.57
N GLN G 38 59.25 -43.93 -29.59
CA GLN G 38 58.33 -44.08 -28.48
C GLN G 38 58.98 -44.76 -27.28
N ALA G 39 60.09 -45.48 -27.49
CA ALA G 39 60.87 -45.94 -26.34
C ALA G 39 61.46 -44.76 -25.59
N LEU G 40 61.90 -43.74 -26.31
CA LEU G 40 62.14 -42.43 -25.71
C LEU G 40 60.81 -41.81 -25.32
N MET G 41 60.87 -40.57 -24.84
CA MET G 41 59.70 -39.76 -24.52
C MET G 41 58.94 -40.29 -23.32
N SER G 42 59.36 -41.42 -22.75
CA SER G 42 58.70 -42.02 -21.60
C SER G 42 59.49 -41.82 -20.31
N LYS G 43 60.58 -41.06 -20.34
CA LYS G 43 61.38 -40.76 -19.16
C LYS G 43 61.23 -39.27 -18.88
N MET G 44 60.17 -38.92 -18.16
CA MET G 44 59.82 -37.57 -17.75
C MET G 44 59.45 -36.69 -18.93
N SER G 45 59.58 -37.17 -20.16
CA SER G 45 59.26 -36.40 -21.35
C SER G 45 57.80 -36.51 -21.74
N SER G 46 56.97 -37.13 -20.89
CA SER G 46 55.53 -37.18 -21.09
C SER G 46 54.85 -36.43 -19.95
N GLN G 47 54.05 -35.43 -20.30
CA GLN G 47 53.35 -34.63 -19.31
C GLN G 47 51.90 -34.47 -19.71
N PRO G 48 50.99 -34.37 -18.74
CA PRO G 48 49.57 -34.30 -19.08
C PRO G 48 49.19 -32.93 -19.65
N THR G 49 48.04 -32.91 -20.32
CA THR G 49 47.41 -31.68 -20.77
C THR G 49 45.95 -31.71 -20.37
N THR G 50 45.39 -30.53 -20.12
CA THR G 50 44.00 -30.41 -19.72
C THR G 50 43.08 -30.05 -20.88
N ASP G 51 43.61 -29.91 -22.08
CA ASP G 51 42.83 -29.51 -23.24
C ASP G 51 43.38 -30.23 -24.46
N PRO G 52 42.53 -30.51 -25.46
CA PRO G 52 43.04 -31.08 -26.72
C PRO G 52 43.99 -30.16 -27.46
N GLU G 53 44.02 -28.87 -27.15
CA GLU G 53 44.93 -27.92 -27.77
C GLU G 53 45.85 -27.34 -26.71
N PHE G 54 47.16 -27.41 -26.96
CA PHE G 54 48.16 -26.96 -26.00
C PHE G 54 49.16 -26.05 -26.71
N SER G 55 49.75 -25.13 -25.93
CA SER G 55 50.62 -24.10 -26.48
C SER G 55 51.81 -23.85 -25.56
N TRP G 56 52.86 -23.26 -26.11
CA TRP G 56 54.06 -22.93 -25.37
C TRP G 56 54.75 -21.73 -26.01
N TRP G 57 55.69 -21.14 -25.26
CA TRP G 57 56.37 -19.92 -25.67
C TRP G 57 57.88 -20.15 -25.69
N GLU G 58 58.55 -19.53 -26.67
CA GLU G 58 60.00 -19.60 -26.81
C GLU G 58 60.57 -18.20 -27.01
N GLU G 59 61.78 -17.98 -26.52
CA GLU G 59 62.45 -16.69 -26.64
C GLU G 59 63.91 -16.90 -27.00
N LYS G 60 64.41 -16.06 -27.91
CA LYS G 60 65.79 -16.11 -28.35
C LYS G 60 66.55 -14.89 -27.83
N LEU G 61 67.83 -15.08 -27.56
CA LEU G 61 68.73 -13.99 -27.20
C LEU G 61 69.58 -13.63 -28.40
N THR G 62 69.63 -12.34 -28.72
CA THR G 62 70.25 -11.90 -29.97
C THR G 62 71.06 -10.63 -29.72
N HIS G 63 71.90 -10.31 -30.69
CA HIS G 63 72.70 -9.09 -30.64
C HIS G 63 71.83 -7.87 -30.92
N ASN G 64 72.40 -6.70 -30.66
CA ASN G 64 71.78 -5.42 -31.00
C ASN G 64 72.53 -4.87 -32.20
N ARG G 65 72.05 -5.21 -33.39
CA ARG G 65 72.74 -4.90 -34.64
C ARG G 65 71.91 -3.92 -35.45
N LEU G 66 72.54 -2.87 -35.95
CA LEU G 66 71.88 -1.83 -36.71
C LEU G 66 72.55 -1.68 -38.07
N GLU G 67 71.74 -1.33 -39.07
CA GLU G 67 72.23 -1.11 -40.43
C GLU G 67 71.98 0.35 -40.80
N VAL G 68 73.01 1.02 -41.29
CA VAL G 68 72.92 2.43 -41.65
C VAL G 68 72.50 2.53 -43.10
N LYS G 69 71.30 3.06 -43.34
CA LYS G 69 70.75 3.11 -44.70
C LYS G 69 71.40 4.22 -45.52
N THR G 70 71.69 5.36 -44.90
CA THR G 70 72.20 6.53 -45.59
C THR G 70 73.66 6.74 -45.24
N GLU G 71 74.50 6.94 -46.27
CA GLU G 71 75.92 7.17 -46.05
C GLU G 71 76.15 8.44 -45.25
N ALA G 72 77.03 8.36 -44.26
CA ALA G 72 77.39 9.50 -43.43
C ALA G 72 78.90 9.67 -43.42
N ALA G 73 79.35 10.90 -43.66
CA ALA G 73 80.77 11.20 -43.63
C ALA G 73 81.23 11.42 -42.19
N ALA G 74 82.54 11.54 -42.03
CA ALA G 74 83.10 11.86 -40.72
C ALA G 74 82.66 13.26 -40.30
N GLY G 75 82.25 13.38 -39.03
CA GLY G 75 81.75 14.64 -38.52
C GLY G 75 80.24 14.79 -38.52
N VAL G 76 79.50 13.73 -38.79
CA VAL G 76 78.04 13.75 -38.76
C VAL G 76 77.57 13.09 -37.48
N THR G 77 76.73 13.79 -36.73
CA THR G 77 76.26 13.30 -35.43
C THR G 77 74.92 12.58 -35.50
N THR G 78 74.28 12.52 -36.67
CA THR G 78 72.98 11.89 -36.81
C THR G 78 73.05 10.82 -37.90
N LEU G 79 72.56 9.63 -37.57
CA LEU G 79 72.58 8.50 -38.49
C LEU G 79 71.18 8.00 -38.75
N ALA G 80 70.96 7.50 -39.97
CA ALA G 80 69.69 6.94 -40.38
C ALA G 80 69.79 5.42 -40.41
N VAL G 81 68.86 4.75 -39.75
CA VAL G 81 68.89 3.29 -39.68
C VAL G 81 67.60 2.73 -40.26
N ASP G 82 67.48 1.40 -40.25
CA ASP G 82 66.26 0.77 -40.74
C ASP G 82 65.10 1.05 -39.80
N THR G 83 63.90 0.71 -40.26
CA THR G 83 62.68 1.04 -39.53
C THR G 83 62.67 0.37 -38.15
N ASP G 84 62.33 1.15 -37.13
CA ASP G 84 62.14 0.70 -35.75
C ASP G 84 63.39 0.09 -35.14
N GLN G 85 64.55 0.22 -35.79
CA GLN G 85 65.76 -0.37 -35.24
C GLN G 85 66.33 0.46 -34.09
N ALA G 86 66.12 1.78 -34.11
CA ALA G 86 66.72 2.64 -33.10
C ALA G 86 66.06 2.54 -31.74
N TRP G 87 64.91 1.88 -31.63
CA TRP G 87 64.22 1.82 -30.35
C TRP G 87 65.03 1.05 -29.31
N ALA G 88 65.78 0.03 -29.73
CA ALA G 88 66.53 -0.78 -28.78
C ALA G 88 67.60 0.03 -28.07
N CYS G 89 68.30 0.90 -28.80
CA CYS G 89 69.38 1.68 -28.22
C CYS G 89 68.83 2.81 -27.35
N VAL G 90 69.57 3.11 -26.27
CA VAL G 90 69.25 4.21 -25.39
C VAL G 90 70.53 5.01 -25.13
N LYS G 91 70.43 6.01 -24.26
CA LYS G 91 71.59 6.81 -23.91
C LYS G 91 72.63 5.96 -23.18
N GLY G 92 73.89 6.10 -23.58
CA GLY G 92 74.99 5.44 -22.93
C GLY G 92 75.50 4.19 -23.62
N ASP G 93 74.79 3.66 -24.61
CA ASP G 93 75.27 2.48 -25.30
C ASP G 93 76.48 2.81 -26.17
N ILE G 94 77.37 1.84 -26.29
CA ILE G 94 78.61 1.97 -27.06
C ILE G 94 78.46 1.12 -28.31
N LEU G 95 78.51 1.76 -29.47
CA LEU G 95 78.38 1.09 -30.76
C LEU G 95 79.70 1.19 -31.51
N MET G 96 80.04 0.14 -32.24
CA MET G 96 81.29 0.12 -32.98
C MET G 96 81.06 -0.43 -34.39
N VAL G 97 81.71 0.19 -35.37
CA VAL G 97 81.55 -0.20 -36.76
C VAL G 97 82.18 -1.57 -36.97
N GLU G 98 81.46 -2.45 -37.66
CA GLU G 98 81.91 -3.83 -37.87
C GLU G 98 82.59 -3.98 -39.23
N SER G 99 83.39 -5.05 -39.33
CA SER G 99 84.15 -5.33 -40.54
C SER G 99 83.94 -6.78 -40.94
N VAL G 100 84.38 -7.10 -42.16
CA VAL G 100 84.09 -8.41 -42.75
C VAL G 100 84.87 -9.51 -42.05
N GLY G 101 86.14 -9.26 -41.71
CA GLY G 101 87.02 -10.34 -41.27
C GLY G 101 86.57 -10.99 -39.98
N GLY G 102 86.23 -10.18 -38.96
CA GLY G 102 85.91 -10.65 -37.64
C GLY G 102 86.80 -10.08 -36.55
N LEU G 103 88.09 -9.93 -36.84
CA LEU G 103 89.01 -9.22 -35.94
C LEU G 103 88.80 -7.73 -36.22
N TRP G 104 88.03 -7.08 -35.36
CA TRP G 104 87.58 -5.72 -35.60
C TRP G 104 88.37 -4.73 -34.76
N ALA G 105 88.99 -3.76 -35.43
CA ALA G 105 89.61 -2.60 -34.79
C ALA G 105 89.21 -1.38 -35.62
N ASN G 106 88.05 -0.80 -35.29
CA ASN G 106 87.45 0.25 -36.11
C ASN G 106 86.93 1.35 -35.19
N GLU G 107 86.15 2.26 -35.77
CA GLU G 107 85.64 3.39 -35.02
C GLU G 107 84.63 2.95 -33.98
N ILE G 108 84.67 3.60 -32.82
CA ILE G 108 83.75 3.33 -31.72
C ILE G 108 82.89 4.56 -31.52
N LEU G 109 81.58 4.35 -31.39
CA LEU G 109 80.61 5.44 -31.31
C LEU G 109 79.75 5.29 -30.05
N LYS G 110 79.26 6.42 -29.55
CA LYS G 110 78.45 6.46 -28.35
C LYS G 110 77.15 7.20 -28.63
N VAL G 111 76.06 6.68 -28.09
CA VAL G 111 74.74 7.31 -28.22
C VAL G 111 74.66 8.42 -27.18
N VAL G 112 74.41 9.65 -27.64
CA VAL G 112 74.47 10.79 -26.73
C VAL G 112 73.12 11.05 -26.07
N GLU G 113 72.02 10.88 -26.81
CA GLU G 113 70.70 11.16 -26.26
C GLU G 113 69.74 10.05 -26.62
N ASP G 114 68.65 9.98 -25.86
CA ASP G 114 67.65 8.94 -26.06
C ASP G 114 66.95 9.15 -27.40
N PRO G 115 66.74 8.10 -28.18
CA PRO G 115 66.06 8.27 -29.48
C PRO G 115 64.63 8.73 -29.31
N THR G 116 64.16 9.49 -30.30
CA THR G 116 62.77 9.92 -30.35
C THR G 116 62.04 9.40 -31.58
N ALA G 117 62.75 8.87 -32.57
CA ALA G 117 62.15 8.27 -33.75
C ALA G 117 62.77 6.89 -33.96
N GLY G 118 62.03 6.02 -34.63
CA GLY G 118 62.51 4.66 -34.83
C GLY G 118 63.62 4.54 -35.84
N ASN G 119 63.76 5.50 -36.74
CA ASN G 119 64.73 5.41 -37.83
C ASN G 119 65.89 6.39 -37.69
N ALA G 120 65.86 7.28 -36.71
CA ALA G 120 66.90 8.27 -36.52
C ALA G 120 67.63 8.01 -35.20
N LEU G 121 68.90 8.42 -35.16
CA LEU G 121 69.74 8.19 -33.99
C LEU G 121 70.83 9.24 -33.95
N LYS G 122 71.05 9.81 -32.76
CA LYS G 122 72.07 10.83 -32.56
C LYS G 122 73.26 10.20 -31.84
N VAL G 123 74.45 10.43 -32.38
CA VAL G 123 75.64 9.69 -31.98
C VAL G 123 76.82 10.66 -31.83
N ALA G 124 77.82 10.23 -31.08
CA ALA G 124 79.10 10.91 -30.99
C ALA G 124 80.16 10.11 -31.73
N ARG G 125 81.07 10.81 -32.39
CA ARG G 125 82.04 10.20 -33.30
C ARG G 125 83.43 10.16 -32.68
N GLY G 126 84.21 9.16 -33.10
CA GLY G 126 85.58 9.03 -32.64
C GLY G 126 85.72 8.80 -31.15
N PHE G 127 84.79 8.05 -30.56
CA PHE G 127 84.84 7.81 -29.13
C PHE G 127 85.99 6.90 -28.77
N ALA G 128 86.43 7.01 -27.52
CA ALA G 128 87.49 6.15 -26.96
C ALA G 128 88.78 6.23 -27.77
N GLY G 129 89.09 7.42 -28.27
CA GLY G 129 90.33 7.64 -28.99
C GLY G 129 90.47 6.84 -30.26
N THR G 130 89.44 6.83 -31.10
CA THR G 130 89.45 6.13 -32.37
C THR G 130 89.31 7.13 -33.50
N THR G 131 89.91 6.79 -34.65
CA THR G 131 89.83 7.66 -35.82
C THR G 131 88.43 7.59 -36.43
N ALA G 132 87.88 8.76 -36.75
CA ALA G 132 86.57 8.84 -37.39
C ALA G 132 86.74 8.79 -38.90
N ALA G 133 85.92 7.96 -39.54
CA ALA G 133 85.99 7.79 -40.99
C ALA G 133 84.58 7.71 -41.55
N VAL G 134 84.49 7.86 -42.88
CA VAL G 134 83.19 7.81 -43.55
C VAL G 134 82.59 6.41 -43.42
N ILE G 135 81.28 6.35 -43.23
CA ILE G 135 80.54 5.10 -43.10
C ILE G 135 79.76 4.89 -44.39
N PRO G 136 80.04 3.84 -45.16
CA PRO G 136 79.26 3.57 -46.38
C PRO G 136 77.81 3.24 -46.05
N ALA G 137 76.99 3.21 -47.11
CA ALA G 137 75.56 3.05 -46.97
C ALA G 137 75.13 1.61 -46.68
N GLY G 138 76.04 0.66 -46.70
CA GLY G 138 75.72 -0.72 -46.41
C GLY G 138 76.32 -1.27 -45.13
N THR G 139 76.85 -0.42 -44.26
CA THR G 139 77.61 -0.88 -43.10
C THR G 139 76.68 -1.20 -41.94
N PHE G 140 77.06 -2.21 -41.17
CA PHE G 140 76.32 -2.61 -39.97
C PHE G 140 77.01 -2.07 -38.72
N ILE G 141 76.21 -1.81 -37.69
CA ILE G 141 76.68 -1.27 -36.43
C ILE G 141 76.20 -2.19 -35.32
N ILE G 142 77.08 -2.50 -34.37
CA ILE G 142 76.76 -3.43 -33.29
C ILE G 142 77.15 -2.80 -31.96
N ALA G 143 76.47 -3.24 -30.89
CA ALA G 143 76.66 -2.69 -29.56
C ALA G 143 77.63 -3.56 -28.77
N ILE G 144 78.61 -2.92 -28.12
CA ILE G 144 79.66 -3.62 -27.43
C ILE G 144 79.80 -3.23 -25.96
N GLY G 145 78.84 -2.49 -25.41
CA GLY G 145 78.88 -2.17 -24.01
C GLY G 145 78.17 -0.87 -23.72
N THR G 146 78.25 -0.46 -22.45
CA THR G 146 77.67 0.78 -21.96
C THR G 146 78.72 1.52 -21.14
N SER G 147 78.64 2.85 -21.16
CA SER G 147 79.60 3.68 -20.45
C SER G 147 78.88 4.85 -19.81
N PHE G 148 79.25 5.14 -18.55
CA PHE G 148 78.70 6.28 -17.83
C PHE G 148 79.83 6.95 -17.05
N ALA G 149 79.65 8.24 -16.80
CA ALA G 149 80.58 8.99 -15.96
C ALA G 149 80.19 8.85 -14.50
N GLU G 150 81.10 9.22 -13.62
CA GLU G 150 80.83 9.13 -12.19
C GLU G 150 79.72 10.10 -11.80
N GLY G 151 78.78 9.64 -10.99
CA GLY G 151 77.69 10.48 -10.54
C GLY G 151 76.61 10.72 -11.57
N SER G 152 76.53 9.92 -12.61
CA SER G 152 75.51 10.10 -13.63
C SER G 152 74.18 9.49 -13.19
N LEU G 153 73.14 9.74 -13.98
CA LEU G 153 71.82 9.20 -13.70
C LEU G 153 71.61 7.86 -14.40
N ALA G 154 70.66 7.08 -13.89
CA ALA G 154 70.36 5.79 -14.47
C ALA G 154 69.71 5.95 -15.84
N PRO G 155 69.90 4.98 -16.74
CA PRO G 155 69.38 5.14 -18.10
C PRO G 155 67.94 4.68 -18.27
N LYS G 156 67.45 4.74 -19.50
CA LYS G 156 66.11 4.29 -19.83
C LYS G 156 66.08 2.76 -19.92
N SER G 157 64.87 2.21 -20.04
CA SER G 157 64.67 0.77 -20.06
C SER G 157 63.85 0.35 -21.28
N ALA G 158 64.04 -0.91 -21.68
CA ALA G 158 63.33 -1.48 -22.82
C ALA G 158 63.21 -2.98 -22.64
N THR G 159 62.32 -3.60 -23.39
CA THR G 159 62.04 -5.02 -23.24
C THR G 159 61.39 -5.54 -24.52
N ARG G 160 60.96 -6.81 -24.48
CA ARG G 160 60.42 -7.49 -25.65
C ARG G 160 59.46 -8.58 -25.20
N ASN G 161 58.96 -9.35 -26.16
CA ASN G 161 58.00 -10.42 -25.94
C ASN G 161 58.43 -11.68 -26.68
N PRO G 162 58.00 -12.85 -26.21
CA PRO G 162 58.32 -14.11 -26.92
C PRO G 162 57.38 -14.42 -28.06
N VAL G 163 57.55 -15.61 -28.65
CA VAL G 163 56.66 -16.10 -29.71
C VAL G 163 55.93 -17.33 -29.20
N LYS G 164 54.82 -17.66 -29.85
CA LYS G 164 53.89 -18.69 -29.39
C LYS G 164 53.74 -19.78 -30.44
N LEU G 165 53.62 -21.02 -29.97
CA LEU G 165 53.42 -22.18 -30.82
C LEU G 165 52.40 -23.10 -30.17
N ASN G 166 51.72 -23.91 -30.98
CA ASN G 166 50.67 -24.78 -30.46
C ASN G 166 50.56 -26.03 -31.34
N ASN G 167 49.83 -27.01 -30.81
CA ASN G 167 49.58 -28.26 -31.52
C ASN G 167 48.25 -28.84 -31.02
N PHE G 168 47.89 -30.00 -31.54
CA PHE G 168 46.62 -30.66 -31.23
C PHE G 168 46.85 -32.07 -30.73
N CYS G 169 45.77 -32.68 -30.23
CA CYS G 169 45.77 -34.07 -29.80
C CYS G 169 44.88 -34.89 -30.73
N GLN G 170 45.25 -36.15 -30.93
CA GLN G 170 44.60 -37.03 -31.88
C GLN G 170 44.17 -38.31 -31.19
N ILE G 171 43.04 -38.88 -31.64
CA ILE G 171 42.48 -40.10 -31.07
C ILE G 171 42.89 -41.28 -31.91
N PHE G 172 43.40 -42.33 -31.27
CA PHE G 172 43.81 -43.57 -31.93
C PHE G 172 43.00 -44.72 -31.38
N LYS G 173 42.57 -45.62 -32.27
CA LYS G 173 41.81 -46.80 -31.88
C LYS G 173 42.28 -48.01 -32.66
N LYS G 174 42.33 -49.16 -31.99
CA LYS G 174 42.71 -50.42 -32.63
C LYS G 174 41.99 -51.54 -31.89
N SER G 175 41.14 -52.28 -32.58
CA SER G 175 40.24 -53.23 -31.94
C SER G 175 40.53 -54.65 -32.40
N TYR G 176 40.15 -55.61 -31.55
CA TYR G 176 40.29 -57.04 -31.81
C TYR G 176 39.02 -57.75 -31.38
N GLU G 177 38.66 -58.81 -32.10
CA GLU G 177 37.43 -59.54 -31.82
C GLU G 177 37.66 -61.03 -32.01
N ILE G 178 37.00 -61.83 -31.17
CA ILE G 178 37.13 -63.29 -31.22
C ILE G 178 35.83 -63.90 -30.70
N THR G 179 35.45 -65.04 -31.27
CA THR G 179 34.30 -65.78 -30.79
C THR G 179 34.63 -66.48 -29.48
N LYS G 180 33.58 -66.73 -28.69
CA LYS G 180 33.79 -67.39 -27.40
C LYS G 180 34.19 -68.83 -27.56
N THR G 181 33.69 -69.51 -28.60
CA THR G 181 34.10 -70.89 -28.85
C THR G 181 35.59 -70.98 -29.13
N ALA G 182 36.11 -70.08 -29.97
CA ALA G 182 37.55 -70.05 -30.24
C ALA G 182 38.34 -69.67 -29.00
N ASP G 183 37.76 -68.84 -28.12
CA ASP G 183 38.42 -68.51 -26.87
C ASP G 183 38.56 -69.75 -26.00
N ALA G 184 37.51 -70.58 -25.94
CA ALA G 184 37.54 -71.74 -25.07
C ALA G 184 38.52 -72.80 -25.57
N THR G 185 38.74 -72.89 -26.87
CA THR G 185 39.60 -73.92 -27.43
C THR G 185 41.07 -73.65 -27.09
N LYS G 186 41.87 -74.72 -27.15
CA LYS G 186 43.30 -74.64 -26.91
C LYS G 186 44.05 -74.80 -28.22
N ALA G 187 44.99 -73.89 -28.48
CA ALA G 187 45.81 -73.93 -29.67
C ALA G 187 47.29 -74.00 -29.29
N ARG G 188 48.08 -74.64 -30.14
CA ARG G 188 49.49 -74.82 -29.85
C ARG G 188 50.21 -73.49 -29.77
N THR G 189 49.81 -72.52 -30.61
CA THR G 189 50.48 -71.22 -30.60
C THR G 189 50.19 -70.45 -29.33
N GLY G 190 49.22 -70.89 -28.54
CA GLY G 190 48.86 -70.26 -27.29
C GLY G 190 47.44 -69.76 -27.32
N SER G 191 47.10 -68.94 -26.33
CA SER G 191 45.77 -68.34 -26.30
C SER G 191 45.60 -67.38 -27.47
N ALA G 192 44.47 -67.47 -28.16
CA ALA G 192 44.26 -66.63 -29.33
C ALA G 192 44.04 -65.17 -28.96
N LEU G 193 43.30 -64.92 -27.87
CA LEU G 193 42.98 -63.55 -27.49
C LEU G 193 44.23 -62.75 -27.14
N ALA G 194 45.17 -63.36 -26.41
CA ALA G 194 46.39 -62.65 -26.05
C ALA G 194 47.22 -62.34 -27.30
N ASN G 195 47.30 -63.29 -28.23
CA ASN G 195 48.05 -63.04 -29.47
C ASN G 195 47.42 -61.91 -30.27
N ASP G 196 46.09 -61.89 -30.36
CA ASP G 196 45.42 -60.81 -31.08
C ASP G 196 45.68 -59.47 -30.40
N LYS G 197 45.63 -59.45 -29.06
CA LYS G 197 45.91 -58.21 -28.34
C LYS G 197 47.32 -57.72 -28.63
N LYS G 198 48.30 -58.62 -28.62
CA LYS G 198 49.67 -58.22 -28.89
C LYS G 198 49.84 -57.69 -30.30
N ARG G 199 49.25 -58.37 -31.29
CA ARG G 199 49.36 -57.92 -32.67
C ARG G 199 48.74 -56.54 -32.84
N ARG G 200 47.56 -56.32 -32.26
CA ARG G 200 46.90 -55.05 -32.46
C ARG G 200 47.60 -53.94 -31.69
N MET G 201 48.25 -54.27 -30.57
CA MET G 201 49.08 -53.29 -29.88
C MET G 201 50.28 -52.88 -30.73
N PHE G 202 50.91 -53.85 -31.39
CA PHE G 202 52.00 -53.52 -32.30
C PHE G 202 51.53 -52.60 -33.41
N ASP G 203 50.36 -52.90 -33.99
CA ASP G 203 49.82 -52.03 -35.04
C ASP G 203 49.54 -50.63 -34.50
N TYR G 204 48.97 -50.55 -33.30
CA TYR G 204 48.70 -49.27 -32.66
C TYR G 204 49.96 -48.44 -32.52
N TYR G 205 51.03 -49.05 -32.01
CA TYR G 205 52.27 -48.30 -31.78
C TYR G 205 52.92 -47.90 -33.10
N ARG G 206 52.87 -48.78 -34.11
CA ARG G 206 53.40 -48.40 -35.41
C ARG G 206 52.66 -47.20 -35.99
N ASP G 207 51.33 -47.20 -35.87
CA ASP G 207 50.55 -46.08 -36.37
C ASP G 207 50.90 -44.80 -35.62
N VAL G 208 51.08 -44.90 -34.30
CA VAL G 208 51.43 -43.71 -33.52
C VAL G 208 52.78 -43.16 -33.96
N GLU G 209 53.76 -44.04 -34.19
CA GLU G 209 55.07 -43.62 -34.66
C GLU G 209 54.97 -42.88 -36.00
N MET G 210 54.28 -43.50 -36.97
CA MET G 210 54.17 -42.87 -38.28
C MET G 210 53.42 -41.54 -38.20
N ALA G 211 52.42 -41.46 -37.33
CA ALA G 211 51.71 -40.20 -37.16
C ALA G 211 52.62 -39.12 -36.59
N PHE G 212 53.44 -39.47 -35.59
CA PHE G 212 54.34 -38.48 -35.00
C PHE G 212 55.37 -38.01 -36.02
N ILE G 213 55.75 -38.86 -36.97
CA ILE G 213 56.77 -38.43 -37.92
C ILE G 213 56.15 -37.64 -39.07
N TYR G 214 55.08 -38.15 -39.70
CA TYR G 214 54.55 -37.57 -40.92
C TYR G 214 53.19 -36.91 -40.74
N GLY G 215 52.77 -36.64 -39.52
CA GLY G 215 51.48 -36.03 -39.31
C GLY G 215 51.46 -34.56 -39.66
N ARG G 216 50.24 -34.03 -39.79
CA ARG G 216 50.03 -32.60 -40.07
C ARG G 216 48.86 -32.10 -39.24
N LYS G 217 48.96 -30.84 -38.78
CA LYS G 217 47.91 -30.24 -37.98
C LYS G 217 46.64 -30.04 -38.80
N SER G 218 45.50 -30.28 -38.17
CA SER G 218 44.22 -30.01 -38.80
C SER G 218 43.13 -29.98 -37.74
N GLU G 219 42.01 -29.37 -38.09
CA GLU G 219 40.81 -29.40 -37.27
C GLU G 219 39.61 -29.33 -38.18
N THR G 220 38.75 -30.35 -38.13
CA THR G 220 37.64 -30.46 -39.05
C THR G 220 36.44 -31.06 -38.32
N VAL G 221 35.25 -30.74 -38.80
CA VAL G 221 34.02 -31.28 -38.22
C VAL G 221 33.83 -32.70 -38.74
N GLY G 222 33.57 -33.63 -37.82
CA GLY G 222 33.37 -35.02 -38.17
C GLY G 222 31.97 -35.29 -38.70
N GLU G 223 31.74 -36.57 -39.03
CA GLU G 223 30.46 -36.96 -39.61
C GLU G 223 29.31 -36.80 -38.61
N ASN G 224 29.57 -37.11 -37.33
CA ASN G 224 28.54 -36.91 -36.31
C ASN G 224 28.31 -35.44 -36.00
N GLY G 225 29.13 -34.54 -36.52
CA GLY G 225 29.00 -33.13 -36.24
C GLY G 225 29.92 -32.61 -35.16
N LYS G 226 30.84 -33.42 -34.67
CA LYS G 226 31.77 -33.04 -33.62
C LYS G 226 33.17 -32.88 -34.20
N PRO G 227 34.02 -32.05 -33.59
CA PRO G 227 35.33 -31.77 -34.17
C PRO G 227 36.21 -33.01 -34.25
N GLU G 228 36.99 -33.08 -35.32
CA GLU G 228 38.01 -34.12 -35.50
C GLU G 228 39.34 -33.47 -35.76
N ARG G 229 40.34 -33.80 -34.94
CA ARG G 229 41.64 -33.16 -34.98
C ARG G 229 42.74 -34.18 -35.29
N THR G 230 43.75 -33.73 -36.01
CA THR G 230 44.93 -34.54 -36.31
C THR G 230 46.17 -33.80 -35.81
N THR G 231 47.06 -34.51 -35.15
CA THR G 231 48.24 -33.90 -34.59
C THR G 231 49.23 -33.52 -35.68
N GLY G 232 50.10 -32.56 -35.37
CA GLY G 232 51.14 -32.13 -36.28
C GLY G 232 52.41 -32.93 -36.04
N GLY G 233 52.93 -33.51 -37.12
CA GLY G 233 54.04 -34.42 -37.00
C GLY G 233 55.36 -33.72 -36.74
N LEU G 234 56.40 -34.54 -36.56
CA LEU G 234 57.74 -34.01 -36.33
C LEU G 234 58.25 -33.22 -37.51
N LEU G 235 58.03 -33.72 -38.73
CA LEU G 235 58.51 -33.04 -39.92
C LEU G 235 57.75 -31.73 -40.17
N ASN G 236 56.59 -31.55 -39.54
CA ASN G 236 55.87 -30.29 -39.64
C ASN G 236 56.65 -29.15 -39.00
N PHE G 237 57.30 -29.40 -37.87
CA PHE G 237 57.98 -28.33 -37.15
C PHE G 237 59.39 -28.09 -37.65
N ILE G 238 60.08 -29.13 -38.12
CA ILE G 238 61.44 -28.98 -38.60
C ILE G 238 61.40 -28.39 -40.00
N THR G 239 61.79 -27.12 -40.13
CA THR G 239 61.73 -26.42 -41.41
C THR G 239 63.07 -25.80 -41.76
N THR G 240 63.85 -25.44 -40.75
CA THR G 240 65.12 -24.76 -41.01
C THR G 240 66.11 -25.66 -41.75
N ASN G 241 66.24 -26.91 -41.33
CA ASN G 241 67.24 -27.82 -41.89
C ASN G 241 66.52 -29.02 -42.52
N ARG G 242 66.12 -28.87 -43.77
CA ARG G 242 65.57 -29.97 -44.56
C ARG G 242 66.35 -30.02 -45.86
N THR G 243 66.90 -31.19 -46.17
CA THR G 243 67.77 -31.35 -47.32
C THR G 243 67.35 -32.57 -48.14
N GLN G 244 67.33 -32.40 -49.45
CA GLN G 244 67.06 -33.49 -50.38
C GLN G 244 68.35 -33.83 -51.12
N PHE G 245 68.91 -35.00 -50.84
CA PHE G 245 70.17 -35.41 -51.41
C PHE G 245 69.92 -36.14 -52.72
N GLY G 246 70.63 -35.73 -53.75
CA GLY G 246 70.49 -36.35 -55.05
C GLY G 246 71.08 -35.46 -56.13
N THR G 247 70.79 -35.82 -57.37
CA THR G 247 71.23 -35.06 -58.53
C THR G 247 70.01 -34.49 -59.26
N GLY G 248 70.20 -33.32 -59.85
CA GLY G 248 69.13 -32.60 -60.51
C GLY G 248 68.85 -31.28 -59.81
N ALA G 249 67.92 -30.53 -60.38
CA ALA G 249 67.57 -29.22 -59.85
C ALA G 249 66.74 -29.38 -58.58
N GLY G 250 67.02 -28.53 -57.59
CA GLY G 250 66.33 -28.59 -56.32
C GLY G 250 66.88 -29.61 -55.35
N LYS G 251 67.99 -30.27 -55.67
CA LYS G 251 68.59 -31.28 -54.82
C LYS G 251 70.05 -30.94 -54.59
N THR G 252 70.60 -31.48 -53.51
CA THR G 252 71.98 -31.25 -53.12
C THR G 252 72.83 -32.46 -53.47
N GLU G 253 73.94 -32.23 -54.17
CA GLU G 253 74.84 -33.31 -54.53
C GLU G 253 75.42 -33.96 -53.29
N LEU G 254 75.48 -35.28 -53.29
CA LEU G 254 75.92 -36.05 -52.13
C LEU G 254 77.43 -36.22 -52.17
N THR G 255 78.12 -35.56 -51.24
CA THR G 255 79.55 -35.73 -51.05
C THR G 255 79.83 -35.66 -49.56
N GLU G 256 81.08 -35.92 -49.18
CA GLU G 256 81.46 -35.87 -47.77
C GLU G 256 81.30 -34.46 -47.22
N ASP G 257 81.66 -33.45 -48.00
CA ASP G 257 81.57 -32.07 -47.51
C ASP G 257 80.12 -31.70 -47.22
N SER G 258 79.20 -32.09 -48.09
CA SER G 258 77.79 -31.80 -47.85
C SER G 258 77.30 -32.47 -46.57
N LEU G 259 77.73 -33.71 -46.33
CA LEU G 259 77.34 -34.41 -45.12
C LEU G 259 77.89 -33.73 -43.88
N ILE G 260 79.15 -33.28 -43.93
CA ILE G 260 79.74 -32.59 -42.79
C ILE G 260 78.99 -31.29 -42.51
N ASP G 261 78.67 -30.53 -43.55
CA ASP G 261 77.91 -29.30 -43.35
C ASP G 261 76.54 -29.59 -42.76
N PHE G 262 75.86 -30.62 -43.28
CA PHE G 262 74.54 -30.96 -42.78
C PHE G 262 74.58 -31.34 -41.32
N PHE G 263 75.58 -32.13 -40.92
CA PHE G 263 75.64 -32.57 -39.53
C PHE G 263 76.11 -31.46 -38.60
N ALA G 264 76.96 -30.55 -39.09
CA ALA G 264 77.44 -29.47 -38.25
C ALA G 264 76.46 -28.31 -38.15
N ASN G 265 75.45 -28.26 -39.02
CA ASN G 265 74.48 -27.17 -38.95
C ASN G 265 73.65 -27.22 -37.67
N VAL G 266 73.32 -28.42 -37.19
CA VAL G 266 72.43 -28.54 -36.04
C VAL G 266 73.08 -28.07 -34.74
N PHE G 267 74.40 -27.95 -34.70
CA PHE G 267 75.09 -27.52 -33.49
C PHE G 267 75.25 -26.02 -33.40
N ASN G 268 74.63 -25.27 -34.31
CA ASN G 268 74.79 -23.81 -34.30
C ASN G 268 74.23 -23.20 -33.03
N TYR G 269 73.07 -23.66 -32.59
CA TYR G 269 72.46 -23.21 -31.35
C TYR G 269 72.54 -24.35 -30.34
N ASP G 270 73.17 -24.09 -29.19
CA ASP G 270 73.13 -25.05 -28.11
C ASP G 270 71.70 -25.24 -27.60
N GLY G 271 70.96 -24.14 -27.47
CA GLY G 271 69.59 -24.23 -27.01
C GLY G 271 69.51 -24.83 -25.63
N GLN G 272 68.66 -25.85 -25.49
CA GLN G 272 68.51 -26.57 -24.23
C GLN G 272 69.33 -27.85 -24.20
N GLY G 273 69.84 -28.29 -25.35
CA GLY G 273 70.63 -29.50 -25.39
C GLY G 273 71.85 -29.42 -24.50
N ALA G 274 71.92 -30.31 -23.51
CA ALA G 274 72.99 -30.30 -22.52
C ALA G 274 74.03 -31.34 -22.90
N GLY G 275 75.30 -30.94 -22.81
CA GLY G 275 76.40 -31.81 -23.20
C GLY G 275 76.67 -31.86 -24.69
N ASN G 276 75.92 -31.12 -25.49
CA ASN G 276 76.09 -31.11 -26.94
C ASN G 276 75.94 -32.52 -27.51
N GLN G 277 74.79 -33.14 -27.23
CA GLN G 277 74.51 -34.49 -27.67
C GLN G 277 73.25 -34.52 -28.52
N ARG G 278 73.29 -35.32 -29.58
CA ARG G 278 72.15 -35.49 -30.47
C ARG G 278 71.96 -36.98 -30.74
N ILE G 279 70.72 -37.34 -31.09
CA ILE G 279 70.35 -38.72 -31.36
C ILE G 279 69.94 -38.82 -32.83
N ALA G 280 70.53 -39.78 -33.53
CA ALA G 280 70.28 -39.95 -34.96
C ALA G 280 69.61 -41.29 -35.21
N PHE G 281 68.46 -41.27 -35.89
CA PHE G 281 67.77 -42.47 -36.34
C PHE G 281 67.82 -42.49 -37.85
N VAL G 282 68.53 -43.46 -38.40
CA VAL G 282 68.82 -43.51 -39.83
C VAL G 282 68.45 -44.87 -40.39
N GLY G 283 68.21 -44.91 -41.70
CA GLY G 283 67.96 -46.17 -42.37
C GLY G 283 69.24 -46.95 -42.61
N ASN G 284 69.08 -48.26 -42.84
CA ASN G 284 70.22 -49.12 -43.05
C ASN G 284 70.96 -48.75 -44.35
N THR G 285 70.20 -48.48 -45.41
CA THR G 285 70.81 -48.14 -46.68
C THR G 285 71.60 -46.84 -46.59
N ALA G 286 71.02 -45.84 -45.91
CA ALA G 286 71.71 -44.55 -45.79
C ALA G 286 72.99 -44.69 -44.98
N LEU G 287 72.96 -45.45 -43.88
CA LEU G 287 74.15 -45.64 -43.08
C LEU G 287 75.23 -46.38 -43.87
N THR G 288 74.82 -47.40 -44.64
CA THR G 288 75.80 -48.11 -45.46
C THR G 288 76.39 -47.20 -46.52
N LYS G 289 75.57 -46.35 -47.12
CA LYS G 289 76.08 -45.41 -48.13
C LYS G 289 77.06 -44.43 -47.52
N ILE G 290 76.77 -43.96 -46.31
CA ILE G 290 77.70 -43.07 -45.61
C ILE G 290 79.02 -43.77 -45.33
N ASN G 291 78.95 -45.04 -44.90
CA ASN G 291 80.16 -45.81 -44.66
C ASN G 291 80.97 -45.97 -45.94
N LYS G 292 80.29 -46.19 -47.07
CA LYS G 292 81.00 -46.29 -48.35
C LYS G 292 81.64 -44.96 -48.73
N LEU G 293 80.93 -43.85 -48.55
CA LEU G 293 81.46 -42.55 -48.95
C LEU G 293 82.65 -42.14 -48.08
N ALA G 294 82.67 -42.57 -46.82
CA ALA G 294 83.80 -42.21 -45.97
C ALA G 294 85.10 -42.86 -46.41
N ARG G 295 85.04 -43.88 -47.27
CA ARG G 295 86.25 -44.61 -47.63
C ARG G 295 87.12 -43.83 -48.61
N ASN G 296 86.51 -43.10 -49.54
CA ASN G 296 87.28 -42.46 -50.60
C ASN G 296 88.15 -41.33 -50.08
N SER G 297 87.80 -40.75 -48.93
CA SER G 297 88.53 -39.59 -48.44
C SER G 297 89.93 -40.00 -47.97
N PRO G 298 90.95 -39.17 -48.22
CA PRO G 298 92.27 -39.46 -47.66
C PRO G 298 92.26 -39.50 -46.14
N SER G 299 91.45 -38.67 -45.50
CA SER G 299 91.17 -38.75 -44.08
C SER G 299 89.67 -38.90 -43.90
N THR G 300 89.26 -39.97 -43.21
CA THR G 300 87.85 -40.33 -43.20
C THR G 300 86.98 -39.26 -42.57
N ARG G 301 87.44 -38.67 -41.46
CA ARG G 301 86.72 -37.62 -40.74
C ARG G 301 85.37 -38.11 -40.22
N ILE G 302 85.08 -39.39 -40.43
CA ILE G 302 83.86 -40.03 -39.93
C ILE G 302 84.32 -41.32 -39.24
N ASN G 303 84.18 -41.37 -37.92
CA ASN G 303 84.65 -42.50 -37.14
C ASN G 303 83.57 -42.96 -36.19
N PHE G 304 83.42 -44.28 -36.07
CA PHE G 304 82.44 -44.90 -35.20
C PHE G 304 83.15 -45.81 -34.22
N ASP G 305 82.79 -45.70 -32.94
CA ASP G 305 83.40 -46.50 -31.89
C ASP G 305 82.33 -46.95 -30.91
N LYS G 306 82.48 -48.19 -30.42
CA LYS G 306 81.53 -48.76 -29.47
C LYS G 306 82.10 -48.62 -28.06
N GLN G 307 81.98 -47.42 -27.50
CA GLN G 307 82.23 -47.18 -26.09
C GLN G 307 80.99 -46.63 -25.40
N VAL G 308 79.82 -46.82 -25.98
CA VAL G 308 78.58 -46.24 -25.48
C VAL G 308 77.80 -47.32 -24.74
N THR G 309 77.35 -46.99 -23.53
CA THR G 309 76.48 -47.87 -22.76
C THR G 309 75.03 -47.52 -23.07
N GLN G 310 74.10 -48.03 -22.25
CA GLN G 310 72.68 -47.79 -22.44
C GLN G 310 72.38 -46.35 -22.03
N VAL G 311 72.68 -45.42 -22.94
CA VAL G 311 72.46 -44.01 -22.65
C VAL G 311 70.98 -43.71 -22.49
N TYR G 312 70.13 -44.39 -23.27
CA TYR G 312 68.69 -44.25 -23.11
C TYR G 312 68.02 -45.62 -23.15
N GLY G 313 68.68 -46.65 -22.64
CA GLY G 313 68.14 -47.99 -22.69
C GLY G 313 68.32 -48.70 -24.00
N MET G 314 69.03 -48.12 -24.96
CA MET G 314 69.25 -48.72 -26.25
C MET G 314 70.71 -48.61 -26.65
N ASN G 315 71.16 -49.55 -27.48
CA ASN G 315 72.53 -49.53 -27.95
C ASN G 315 72.72 -48.47 -29.04
N PHE G 316 73.88 -47.83 -29.02
CA PHE G 316 74.19 -46.76 -29.96
C PHE G 316 75.66 -46.85 -30.34
N THR G 317 75.99 -46.21 -31.46
CA THR G 317 77.37 -46.05 -31.90
C THR G 317 77.72 -44.57 -31.88
N ARG G 318 78.97 -44.26 -31.57
CA ARG G 318 79.39 -42.90 -31.26
C ARG G 318 80.19 -42.29 -32.40
N TRP G 319 79.83 -41.07 -32.78
CA TRP G 319 80.64 -40.23 -33.65
C TRP G 319 80.87 -38.91 -32.93
N VAL G 320 82.12 -38.53 -32.77
CA VAL G 320 82.51 -37.35 -31.99
C VAL G 320 82.95 -36.28 -32.98
N LEU G 321 82.08 -35.32 -33.23
CA LEU G 321 82.47 -34.12 -33.96
C LEU G 321 83.21 -33.16 -33.03
N PRO G 322 83.99 -32.24 -33.59
CA PRO G 322 84.56 -31.18 -32.74
C PRO G 322 83.49 -30.34 -32.06
N GLN G 323 82.33 -30.14 -32.69
CA GLN G 323 81.28 -29.35 -32.08
C GLN G 323 80.54 -30.10 -30.98
N GLY G 324 80.31 -31.39 -31.18
CA GLY G 324 79.53 -32.14 -30.21
C GLY G 324 79.63 -33.63 -30.41
N GLU G 325 78.58 -34.32 -30.00
CA GLU G 325 78.54 -35.77 -29.98
C GLU G 325 77.21 -36.27 -30.53
N ILE G 326 77.26 -37.31 -31.37
CA ILE G 326 76.08 -37.88 -32.00
C ILE G 326 76.08 -39.38 -31.81
N PHE G 327 74.92 -39.94 -31.47
CA PHE G 327 74.73 -41.37 -31.35
C PHE G 327 73.86 -41.87 -32.48
N PHE G 328 74.17 -43.05 -33.00
CA PHE G 328 73.54 -43.58 -34.20
C PHE G 328 72.78 -44.86 -33.91
N LYS G 329 71.67 -45.06 -34.62
CA LYS G 329 70.86 -46.26 -34.52
C LYS G 329 70.02 -46.38 -35.78
N THR G 330 69.58 -47.61 -36.06
CA THR G 330 68.76 -47.88 -37.24
C THR G 330 67.31 -48.05 -36.82
N HIS G 331 66.41 -47.37 -37.52
CA HIS G 331 64.99 -47.44 -37.21
C HIS G 331 64.40 -48.71 -37.81
N PRO G 332 63.76 -49.57 -37.01
CA PRO G 332 63.17 -50.79 -37.57
C PRO G 332 62.11 -50.51 -38.63
N LEU G 333 61.33 -49.45 -38.46
CA LEU G 333 60.31 -49.14 -39.45
C LEU G 333 60.91 -48.65 -40.75
N PHE G 334 62.05 -47.96 -40.68
CA PHE G 334 62.68 -47.45 -41.89
C PHE G 334 63.28 -48.56 -42.73
N ASN G 335 63.84 -49.57 -42.08
CA ASN G 335 64.60 -50.60 -42.79
C ASN G 335 63.71 -51.42 -43.72
N VAL G 336 62.50 -51.74 -43.26
CA VAL G 336 61.65 -52.66 -44.02
C VAL G 336 61.17 -52.02 -45.32
N HIS G 337 60.89 -50.73 -45.31
CA HIS G 337 60.30 -50.06 -46.47
C HIS G 337 61.39 -49.64 -47.43
N PRO G 338 61.25 -49.89 -48.73
CA PRO G 338 62.34 -49.55 -49.67
C PRO G 338 62.68 -48.07 -49.72
N GLU G 339 61.70 -47.18 -49.59
CA GLU G 339 61.97 -45.76 -49.73
C GLU G 339 62.42 -45.14 -48.41
N LEU G 340 61.79 -45.53 -47.30
CA LEU G 340 62.13 -44.96 -46.01
C LEU G 340 63.53 -45.34 -45.56
N SER G 341 64.13 -46.36 -46.15
CA SER G 341 65.50 -46.72 -45.79
C SER G 341 66.48 -45.62 -46.16
N LYS G 342 66.13 -44.79 -47.14
CA LYS G 342 66.96 -43.64 -47.52
C LYS G 342 66.47 -42.39 -46.80
N ALA G 343 66.61 -42.41 -45.48
CA ALA G 343 66.16 -41.31 -44.66
C ALA G 343 67.03 -41.23 -43.41
N MET G 344 67.01 -40.06 -42.77
CA MET G 344 67.82 -39.82 -41.59
C MET G 344 67.17 -38.72 -40.76
N MET G 345 67.14 -38.92 -39.44
CA MET G 345 66.59 -37.96 -38.49
C MET G 345 67.63 -37.63 -37.44
N VAL G 346 67.81 -36.34 -37.16
CA VAL G 346 68.70 -35.86 -36.12
C VAL G 346 67.86 -35.13 -35.09
N LEU G 347 67.86 -35.62 -33.85
CA LEU G 347 66.94 -35.15 -32.83
C LEU G 347 67.68 -34.72 -31.58
N ASN G 348 67.10 -33.75 -30.88
CA ASN G 348 67.59 -33.32 -29.58
C ASN G 348 66.71 -33.95 -28.52
N PRO G 349 67.21 -34.89 -27.73
CA PRO G 349 66.32 -35.66 -26.84
C PRO G 349 65.55 -34.81 -25.85
N LYS G 350 66.08 -33.65 -25.46
CA LYS G 350 65.38 -32.78 -24.52
C LYS G 350 64.35 -31.89 -25.21
N GLY G 351 64.22 -31.96 -26.53
CA GLY G 351 63.30 -31.13 -27.26
C GLY G 351 61.99 -31.77 -27.68
N ILE G 352 61.79 -33.06 -27.43
CA ILE G 352 60.58 -33.75 -27.80
C ILE G 352 59.82 -34.13 -26.55
N LYS G 353 58.54 -33.79 -26.49
CA LYS G 353 57.68 -34.15 -25.37
C LYS G 353 56.33 -34.60 -25.88
N GLU G 354 55.67 -35.45 -25.12
CA GLU G 354 54.35 -35.97 -25.45
C GLU G 354 53.34 -35.47 -24.44
N ARG G 355 52.29 -34.82 -24.93
CA ARG G 355 51.22 -34.30 -24.09
C ARG G 355 50.04 -35.27 -24.15
N VAL G 356 49.63 -35.77 -23.00
CA VAL G 356 48.62 -36.82 -22.90
C VAL G 356 47.36 -36.22 -22.30
N LEU G 357 46.24 -36.34 -23.02
CA LEU G 357 44.95 -35.97 -22.47
C LEU G 357 44.23 -37.19 -21.90
N ARG G 358 44.22 -38.29 -22.64
CA ARG G 358 43.73 -39.57 -22.15
C ARG G 358 44.83 -40.60 -22.40
N ALA G 359 45.25 -41.28 -21.35
CA ALA G 359 46.33 -42.25 -21.48
C ALA G 359 45.86 -43.48 -22.24
N THR G 360 46.82 -44.18 -22.85
CA THR G 360 46.51 -45.41 -23.57
C THR G 360 46.15 -46.51 -22.59
N LYS G 361 45.03 -47.19 -22.84
CA LYS G 361 44.60 -48.28 -21.99
C LYS G 361 43.73 -49.22 -22.82
N PRO G 362 43.60 -50.48 -22.42
CA PRO G 362 42.65 -51.37 -23.09
C PRO G 362 41.24 -51.15 -22.57
N GLU G 363 40.28 -51.20 -23.49
CA GLU G 363 38.86 -51.11 -23.15
C GLU G 363 38.19 -52.40 -23.55
N ASN G 364 37.37 -52.96 -22.66
CA ASN G 364 36.81 -54.28 -22.83
C ASN G 364 35.28 -54.23 -22.89
N ASP G 365 34.70 -55.34 -23.36
CA ASP G 365 33.26 -55.52 -23.42
C ASP G 365 32.59 -54.47 -24.32
N ILE G 366 32.97 -54.47 -25.59
CA ILE G 366 32.42 -53.54 -26.56
C ILE G 366 31.75 -54.25 -27.72
N GLN G 367 31.38 -55.51 -27.54
CA GLN G 367 30.69 -56.25 -28.58
C GLN G 367 29.19 -55.97 -28.52
N GLN G 368 28.48 -56.37 -29.58
CA GLN G 368 27.04 -56.18 -29.62
C GLN G 368 26.35 -57.01 -28.55
N VAL G 369 25.18 -56.54 -28.12
CA VAL G 369 24.46 -57.22 -27.05
C VAL G 369 24.00 -58.59 -27.54
N GLY G 370 24.28 -59.62 -26.74
CA GLY G 370 23.86 -60.96 -27.05
C GLY G 370 24.74 -61.70 -28.04
N GLN G 371 25.77 -61.07 -28.59
CA GLN G 371 26.63 -61.74 -29.54
C GLN G 371 27.61 -62.63 -28.82
N ASP G 372 27.78 -63.86 -29.33
CA ASP G 372 28.62 -64.87 -28.70
C ASP G 372 30.09 -64.65 -29.05
N SER G 373 30.60 -63.48 -28.67
CA SER G 373 31.96 -63.11 -29.03
C SER G 373 32.48 -62.10 -28.01
N ILE G 374 33.80 -61.90 -28.03
CA ILE G 374 34.49 -60.98 -27.13
C ILE G 374 35.20 -59.94 -27.98
N LYS G 375 35.03 -58.67 -27.65
CA LYS G 375 35.66 -57.58 -28.36
C LYS G 375 36.29 -56.60 -27.38
N GLY G 376 37.44 -56.04 -27.78
CA GLY G 376 38.12 -55.03 -27.00
C GLY G 376 39.04 -54.23 -27.90
N GLN G 377 39.44 -53.06 -27.42
CA GLN G 377 40.21 -52.16 -28.25
C GLN G 377 41.26 -51.42 -27.43
N TRP G 378 42.27 -50.93 -28.12
CA TRP G 378 43.26 -50.01 -27.57
C TRP G 378 42.84 -48.60 -27.94
N ILE G 379 42.81 -47.70 -26.96
CA ILE G 379 42.36 -46.33 -27.19
C ILE G 379 43.25 -45.37 -26.42
N GLY G 380 43.45 -44.18 -26.99
CA GLY G 380 44.22 -43.14 -26.32
C GLY G 380 44.11 -41.85 -27.08
N GLU G 381 44.56 -40.78 -26.44
CA GLU G 381 44.52 -39.45 -27.04
C GLU G 381 45.71 -38.64 -26.54
N PHE G 382 46.54 -38.17 -27.45
CA PHE G 382 47.74 -37.41 -27.09
C PHE G 382 48.24 -36.67 -28.33
N GLY G 383 49.30 -35.89 -28.15
CA GLY G 383 49.89 -35.10 -29.22
C GLY G 383 51.37 -34.92 -28.98
N LEU G 384 52.01 -34.15 -29.87
CA LEU G 384 53.45 -34.00 -29.88
C LEU G 384 53.84 -32.54 -29.68
N GLU G 385 54.95 -32.32 -28.98
CA GLU G 385 55.50 -30.98 -28.75
C GLU G 385 56.98 -30.98 -29.09
N VAL G 386 57.41 -29.94 -29.81
CA VAL G 386 58.79 -29.74 -30.19
C VAL G 386 59.23 -28.36 -29.74
N ASN G 387 60.38 -28.28 -29.09
CA ASN G 387 60.78 -27.02 -28.46
C ASN G 387 61.66 -26.15 -29.36
N HIS G 388 62.84 -26.64 -29.73
CA HIS G 388 63.78 -25.86 -30.52
C HIS G 388 64.08 -26.62 -31.80
N GLU G 389 63.50 -26.17 -32.91
CA GLU G 389 63.68 -26.86 -34.18
C GLU G 389 64.98 -26.52 -34.87
N GLU G 390 65.68 -25.47 -34.43
CA GLU G 390 66.96 -25.14 -35.05
C GLU G 390 68.02 -26.18 -34.73
N THR G 391 67.83 -26.95 -33.67
CA THR G 391 68.76 -27.98 -33.27
C THR G 391 68.44 -29.34 -33.88
N MET G 392 67.54 -29.39 -34.86
CA MET G 392 67.06 -30.63 -35.43
C MET G 392 67.16 -30.57 -36.95
N ALA G 393 67.25 -31.74 -37.57
CA ALA G 393 67.36 -31.80 -39.02
C ALA G 393 66.73 -33.08 -39.54
N PHE G 394 66.37 -33.05 -40.82
CA PHE G 394 65.81 -34.21 -41.50
C PHE G 394 66.45 -34.32 -42.87
N ALA G 395 66.70 -35.55 -43.32
CA ALA G 395 67.42 -35.79 -44.55
C ALA G 395 66.61 -36.68 -45.48
N GLY G 396 66.61 -36.32 -46.76
CA GLY G 396 65.96 -37.14 -47.77
C GLY G 396 66.94 -37.47 -48.89
N GLY G 397 66.73 -38.63 -49.47
CA GLY G 397 67.65 -39.16 -50.46
C GLY G 397 68.46 -40.31 -49.90
N ILE G 398 69.35 -40.83 -50.75
CA ILE G 398 70.07 -42.07 -50.42
C ILE G 398 70.86 -41.92 -49.13
N ALA G 399 71.24 -40.70 -48.76
CA ALA G 399 71.94 -40.49 -47.50
C ALA G 399 71.64 -39.11 -46.93
N MET H 1 78.18 -31.76 -59.81
CA MET H 1 78.88 -31.11 -60.91
C MET H 1 77.89 -30.49 -61.89
N LEU H 2 76.76 -30.05 -61.36
CA LEU H 2 75.73 -29.36 -62.14
C LEU H 2 75.64 -27.93 -61.62
N VAL H 3 75.71 -26.97 -62.53
CA VAL H 3 75.75 -25.56 -62.17
C VAL H 3 74.35 -24.95 -62.15
N HIS H 4 73.58 -25.12 -63.22
CA HIS H 4 72.26 -24.53 -63.29
C HIS H 4 71.38 -25.35 -64.22
N TYR H 5 70.08 -25.38 -63.91
CA TYR H 5 69.09 -26.09 -64.72
C TYR H 5 67.93 -25.15 -65.00
N GLY H 6 67.70 -24.85 -66.27
CA GLY H 6 66.52 -24.08 -66.64
C GLY H 6 66.74 -22.92 -67.59
N LYS H 7 66.18 -21.76 -67.24
CA LYS H 7 66.18 -20.60 -68.11
C LYS H 7 67.59 -20.11 -68.39
N LEU H 8 67.83 -19.75 -69.66
CA LEU H 8 69.12 -19.17 -70.02
C LEU H 8 69.34 -17.84 -69.31
N SER H 9 68.27 -17.05 -69.15
CA SER H 9 68.39 -15.82 -68.38
C SER H 9 68.74 -16.12 -66.92
N ASP H 10 68.42 -17.31 -66.45
CA ASP H 10 68.70 -17.70 -65.07
C ASP H 10 70.09 -18.31 -64.90
N MET H 11 70.88 -18.38 -65.97
CA MET H 11 72.26 -18.79 -65.82
C MET H 11 73.00 -17.78 -64.95
N PRO H 12 73.65 -18.20 -63.87
CA PRO H 12 74.37 -17.24 -63.03
C PRO H 12 75.47 -16.55 -63.81
N THR H 13 75.64 -15.25 -63.55
CA THR H 13 76.64 -14.47 -64.27
C THR H 13 78.05 -14.87 -63.84
N VAL H 14 78.19 -15.40 -62.63
CA VAL H 14 79.47 -15.84 -62.11
C VAL H 14 79.29 -17.20 -61.43
N VAL H 15 80.25 -18.09 -61.61
CA VAL H 15 80.20 -19.43 -61.06
C VAL H 15 81.51 -19.73 -60.36
N ASP H 16 81.42 -20.30 -59.15
CA ASP H 16 82.58 -20.72 -58.39
C ASP H 16 82.96 -22.14 -58.81
N VAL H 17 84.12 -22.27 -59.45
CA VAL H 17 84.61 -23.57 -59.89
C VAL H 17 85.78 -24.04 -59.05
N ASN H 18 86.16 -23.28 -58.02
CA ASN H 18 87.19 -23.73 -57.11
C ASN H 18 86.67 -24.85 -56.24
N THR H 19 87.31 -26.01 -56.30
CA THR H 19 86.83 -27.21 -55.62
C THR H 19 87.95 -27.78 -54.75
N THR H 20 87.59 -28.25 -53.57
CA THR H 20 88.52 -28.90 -52.66
C THR H 20 88.29 -30.41 -52.78
N MET H 21 89.06 -31.05 -53.64
CA MET H 21 88.92 -32.47 -53.91
C MET H 21 90.29 -33.13 -53.80
N GLY H 22 90.27 -34.42 -53.45
CA GLY H 22 91.51 -35.16 -53.30
C GLY H 22 92.34 -34.58 -52.17
N THR H 23 93.62 -34.39 -52.45
CA THR H 23 94.56 -33.87 -51.46
C THR H 23 94.59 -32.34 -51.53
N ASP H 24 95.56 -31.74 -50.86
CA ASP H 24 95.69 -30.28 -50.89
C ASP H 24 96.16 -29.78 -52.24
N VAL H 25 96.58 -30.68 -53.13
CA VAL H 25 96.99 -30.27 -54.47
C VAL H 25 95.77 -29.70 -55.22
N PRO H 26 95.87 -28.52 -55.81
CA PRO H 26 94.72 -27.97 -56.55
C PRO H 26 94.47 -28.74 -57.83
N GLU H 27 93.23 -28.62 -58.32
CA GLU H 27 92.86 -29.28 -59.57
C GLU H 27 93.53 -28.59 -60.75
N ASP H 28 93.82 -29.36 -61.79
CA ASP H 28 94.51 -28.85 -62.97
C ASP H 28 93.80 -29.22 -64.27
N LEU H 29 92.53 -29.61 -64.21
CA LEU H 29 91.76 -29.94 -65.39
C LEU H 29 90.38 -29.31 -65.27
N LEU H 30 89.87 -28.81 -66.40
CA LEU H 30 88.56 -28.15 -66.44
C LEU H 30 87.89 -28.47 -67.76
N GLU H 31 86.72 -29.08 -67.70
CA GLU H 31 85.97 -29.46 -68.89
C GLU H 31 84.50 -29.15 -68.66
N ILE H 32 83.83 -28.62 -69.70
CA ILE H 32 82.46 -28.14 -69.59
C ILE H 32 81.58 -28.94 -70.55
N TYR H 33 80.44 -29.41 -70.04
CA TYR H 33 79.45 -30.12 -70.85
C TYR H 33 78.17 -29.29 -70.89
N VAL H 34 77.64 -29.08 -72.09
CA VAL H 34 76.42 -28.31 -72.30
C VAL H 34 75.42 -29.19 -73.02
N GLY H 35 74.21 -29.30 -72.45
CA GLY H 35 73.15 -30.07 -73.08
C GLY H 35 71.86 -29.28 -73.19
N CYS H 36 71.30 -29.24 -74.40
CA CYS H 36 70.08 -28.48 -74.65
C CYS H 36 68.88 -29.42 -74.73
N TYR H 37 67.69 -28.84 -74.56
CA TYR H 37 66.45 -29.59 -74.55
C TYR H 37 65.44 -28.92 -75.48
N ALA H 38 64.28 -29.56 -75.61
CA ALA H 38 63.16 -28.95 -76.31
C ALA H 38 62.41 -28.00 -75.37
N ALA H 39 61.21 -27.60 -75.80
CA ALA H 39 60.37 -26.78 -74.94
C ALA H 39 60.07 -27.49 -73.64
N ASP H 40 59.74 -28.79 -73.71
CA ASP H 40 59.61 -29.58 -72.50
C ASP H 40 61.00 -29.90 -71.94
N GLY H 41 61.12 -29.88 -70.62
CA GLY H 41 62.42 -30.07 -70.00
C GLY H 41 62.97 -31.47 -70.20
N LYS H 42 62.10 -32.48 -70.16
CA LYS H 42 62.57 -33.86 -70.21
C LYS H 42 63.13 -34.22 -71.59
N THR H 43 62.40 -33.92 -72.65
CA THR H 43 62.82 -34.33 -73.98
C THR H 43 63.96 -33.43 -74.50
N PRO H 44 65.00 -34.03 -75.07
CA PRO H 44 66.13 -33.24 -75.58
C PRO H 44 65.91 -32.74 -77.00
N ALA H 45 66.52 -31.61 -77.34
CA ALA H 45 66.45 -31.08 -78.69
C ALA H 45 67.57 -30.06 -78.87
N ALA H 46 67.55 -29.37 -80.01
CA ALA H 46 68.56 -28.38 -80.34
C ALA H 46 68.18 -27.01 -79.80
N GLY H 47 69.08 -26.05 -80.02
CA GLY H 47 68.86 -24.69 -79.58
C GLY H 47 69.51 -23.71 -80.53
N THR H 48 69.19 -22.42 -80.33
CA THR H 48 69.70 -21.40 -81.23
C THR H 48 70.84 -20.61 -80.59
N GLY H 49 70.89 -20.55 -79.26
CA GLY H 49 71.85 -19.70 -78.60
C GLY H 49 73.28 -20.21 -78.70
N VAL H 50 74.21 -19.35 -78.28
CA VAL H 50 75.63 -19.68 -78.22
C VAL H 50 76.15 -19.27 -76.85
N LEU H 51 76.92 -20.15 -76.22
CA LEU H 51 77.47 -19.93 -74.88
C LEU H 51 78.97 -19.69 -74.98
N THR H 52 79.46 -18.75 -74.19
CA THR H 52 80.88 -18.44 -74.12
C THR H 52 81.31 -18.46 -72.66
N PHE H 53 82.44 -19.10 -72.38
CA PHE H 53 82.95 -19.26 -71.02
C PHE H 53 84.32 -18.62 -70.87
N HIS H 54 84.54 -17.98 -69.73
CA HIS H 54 85.82 -17.40 -69.38
C HIS H 54 86.18 -17.79 -67.96
N GLY H 55 87.47 -17.95 -67.70
CA GLY H 55 87.95 -18.35 -66.39
C GLY H 55 89.00 -17.40 -65.86
N SER H 56 88.98 -17.20 -64.55
CA SER H 56 89.89 -16.29 -63.87
C SER H 56 90.62 -17.02 -62.76
N TRP H 57 91.94 -16.87 -62.72
CA TRP H 57 92.72 -17.42 -61.62
C TRP H 57 92.59 -16.57 -60.36
N ASN H 58 92.44 -15.25 -60.53
CA ASN H 58 92.35 -14.34 -59.40
C ASN H 58 91.00 -13.66 -59.26
N GLY H 59 90.04 -13.97 -60.13
CA GLY H 59 88.70 -13.44 -60.02
C GLY H 59 88.46 -12.14 -60.75
N VAL H 60 89.50 -11.51 -61.29
CA VAL H 60 89.32 -10.27 -62.06
C VAL H 60 89.96 -10.32 -63.44
N HIS H 61 90.96 -11.18 -63.67
CA HIS H 61 91.59 -11.32 -64.97
C HIS H 61 91.06 -12.57 -65.64
N LYS H 62 90.38 -12.41 -66.76
CA LYS H 62 89.70 -13.49 -67.44
C LYS H 62 90.56 -14.05 -68.56
N ARG H 63 90.43 -15.35 -68.80
CA ARG H 63 91.13 -16.03 -69.88
C ARG H 63 90.13 -16.86 -70.67
N LEU H 64 90.18 -16.76 -71.99
CA LEU H 64 89.20 -17.44 -72.83
C LEU H 64 89.36 -18.95 -72.75
N ILE H 65 88.25 -19.65 -72.57
CA ILE H 65 88.23 -21.09 -72.48
C ILE H 65 87.67 -21.73 -73.74
N GLY H 66 86.50 -21.29 -74.18
CA GLY H 66 85.92 -21.83 -75.40
C GLY H 66 84.48 -21.36 -75.55
N THR H 67 83.84 -21.88 -76.59
CA THR H 67 82.46 -21.55 -76.90
C THR H 67 81.72 -22.80 -77.35
N VAL H 68 80.42 -22.84 -77.06
CA VAL H 68 79.56 -23.95 -77.43
C VAL H 68 78.31 -23.40 -78.08
N ASP H 69 77.92 -23.96 -79.22
CA ASP H 69 76.71 -23.57 -79.92
C ASP H 69 75.62 -24.59 -79.64
N LEU H 70 74.46 -24.10 -79.18
CA LEU H 70 73.36 -24.99 -78.85
C LEU H 70 72.77 -25.68 -80.06
N ALA H 71 73.13 -25.24 -81.27
CA ALA H 71 72.67 -25.91 -82.48
C ALA H 71 73.20 -27.34 -82.53
N ALA H 72 74.47 -27.53 -82.18
CA ALA H 72 75.04 -28.88 -82.18
C ALA H 72 74.54 -29.69 -81.00
N ALA H 73 74.07 -29.02 -79.94
CA ALA H 73 73.57 -29.72 -78.77
C ALA H 73 72.34 -30.54 -79.12
N GLY H 74 72.27 -31.75 -78.58
CA GLY H 74 71.15 -32.63 -78.87
C GLY H 74 71.35 -33.97 -78.20
N GLU H 75 70.62 -34.97 -78.70
CA GLU H 75 70.77 -36.31 -78.17
C GLU H 75 72.18 -36.84 -78.39
N VAL H 76 72.72 -36.62 -79.58
CA VAL H 76 74.10 -36.95 -79.90
C VAL H 76 74.83 -35.65 -80.24
N ILE H 77 75.85 -35.32 -79.45
CA ILE H 77 76.54 -34.06 -79.65
C ILE H 77 77.52 -34.18 -80.81
N ALA H 78 77.84 -33.03 -81.40
CA ALA H 78 78.83 -32.96 -82.47
C ALA H 78 79.96 -31.99 -82.18
N TYR H 79 79.81 -31.15 -81.15
CA TYR H 79 80.85 -30.19 -80.81
C TYR H 79 81.90 -30.83 -79.90
N ASN H 80 82.95 -30.06 -79.63
CA ASN H 80 84.02 -30.49 -78.75
C ASN H 80 83.96 -29.71 -77.45
N PRO H 81 83.86 -30.38 -76.30
CA PRO H 81 83.77 -29.68 -75.02
C PRO H 81 85.01 -28.84 -74.77
N PRO H 82 84.85 -27.67 -74.15
CA PRO H 82 86.03 -26.86 -73.82
C PRO H 82 86.93 -27.57 -72.82
N LEU H 83 88.23 -27.34 -72.96
CA LEU H 83 89.23 -27.97 -72.11
C LEU H 83 90.30 -26.95 -71.76
N MET H 84 90.62 -26.85 -70.47
CA MET H 84 91.62 -25.90 -69.99
C MET H 84 92.48 -26.54 -68.92
N PHE H 85 93.79 -26.31 -69.00
CA PHE H 85 94.73 -26.76 -67.98
C PHE H 85 95.24 -25.56 -67.20
N GLY H 86 95.20 -25.64 -65.89
CA GLY H 86 95.65 -24.55 -65.05
C GLY H 86 94.76 -24.43 -63.83
N GLY H 87 95.00 -23.35 -63.08
CA GLY H 87 94.22 -23.08 -61.89
C GLY H 87 93.19 -22.00 -62.09
N CYS H 88 91.91 -22.36 -61.91
CA CYS H 88 90.81 -21.43 -62.08
C CYS H 88 89.95 -21.47 -60.82
N LYS H 89 89.60 -20.28 -60.31
CA LYS H 89 88.73 -20.17 -59.16
C LYS H 89 87.31 -19.76 -59.54
N LYS H 90 87.15 -19.02 -60.63
CA LYS H 90 85.85 -18.50 -61.02
C LYS H 90 85.61 -18.78 -62.50
N LEU H 91 84.33 -18.87 -62.87
CA LEU H 91 83.92 -19.10 -64.24
C LEU H 91 82.92 -18.04 -64.66
N PHE H 92 83.13 -17.45 -65.83
CA PHE H 92 82.24 -16.44 -66.38
C PHE H 92 81.56 -17.00 -67.62
N VAL H 93 80.23 -16.94 -67.65
CA VAL H 93 79.44 -17.48 -68.75
C VAL H 93 78.54 -16.38 -69.30
N SER H 94 78.51 -16.26 -70.63
CA SER H 94 77.68 -15.29 -71.32
C SER H 94 76.95 -15.99 -72.47
N TYR H 95 75.65 -15.74 -72.59
CA TYR H 95 74.82 -16.37 -73.60
C TYR H 95 74.37 -15.35 -74.63
N THR H 96 74.30 -15.78 -75.90
CA THR H 96 73.81 -14.94 -77.00
C THR H 96 72.76 -15.75 -77.74
N GLY H 97 71.51 -15.67 -77.28
CA GLY H 97 70.43 -16.42 -77.88
C GLY H 97 69.09 -15.82 -77.49
N VAL H 98 68.04 -16.41 -78.03
CA VAL H 98 66.68 -15.93 -77.76
C VAL H 98 66.31 -16.15 -76.31
N GLY H 99 66.78 -17.25 -75.73
CA GLY H 99 66.39 -17.61 -74.38
C GLY H 99 65.11 -18.40 -74.36
N THR H 100 64.68 -18.74 -73.14
CA THR H 100 63.51 -19.58 -72.89
C THR H 100 63.72 -21.00 -73.44
N GLN H 101 64.87 -21.60 -73.11
CA GLN H 101 65.09 -23.03 -73.29
C GLN H 101 65.59 -23.63 -71.99
N ILE H 102 65.27 -24.90 -71.78
CA ILE H 102 65.84 -25.65 -70.68
C ILE H 102 67.16 -26.24 -71.13
N VAL H 103 68.23 -25.96 -70.38
CA VAL H 103 69.58 -26.32 -70.78
C VAL H 103 70.29 -27.01 -69.62
N ASP H 104 71.29 -27.82 -69.95
CA ASP H 104 72.16 -28.47 -68.97
C ASP H 104 73.56 -27.91 -69.08
N VAL H 105 74.15 -27.58 -67.95
CA VAL H 105 75.55 -27.18 -67.86
C VAL H 105 76.22 -28.03 -66.79
N TYR H 106 77.35 -28.64 -67.15
CA TYR H 106 78.09 -29.53 -66.25
C TYR H 106 79.56 -29.14 -66.30
N VAL H 107 80.21 -29.17 -65.14
CA VAL H 107 81.63 -28.85 -65.01
C VAL H 107 82.34 -30.06 -64.46
N HIS H 108 83.40 -30.49 -65.14
CA HIS H 108 84.20 -31.64 -64.72
C HIS H 108 85.62 -31.17 -64.42
N ARG H 109 86.15 -31.60 -63.29
CA ARG H 109 87.47 -31.20 -62.82
C ARG H 109 88.30 -32.44 -62.53
N GLY H 110 89.62 -32.30 -62.64
CA GLY H 110 90.52 -33.40 -62.39
C GLY H 110 91.73 -32.94 -61.59
N GLU H 111 92.27 -33.87 -60.80
CA GLU H 111 93.46 -33.62 -60.01
C GLU H 111 94.65 -33.31 -60.91
#